data_7BJC
#
_entry.id   7BJC
#
_cell.length_a   117.746
_cell.length_b   141.804
_cell.length_c   169.318
_cell.angle_alpha   90.000
_cell.angle_beta   97.540
_cell.angle_gamma   90.000
#
_symmetry.space_group_name_H-M   'P 1 21 1'
#
loop_
_entity.id
_entity.type
_entity.pdbx_description
1 polymer Levansucrase
2 branched beta-D-fructofuranose-(2-1)-alpha-D-glucopyranose
#
_entity_poly.entity_id   1
_entity_poly.type   'polypeptide(L)'
_entity_poly.pdbx_seq_one_letter_code
;MTPEHSGRATPRWTREHASKIERTDETVVPIIYPPREDAAPEINGWDTWFLRERDGSIATVGGWRVIFSLTAPADLLPGK
RHDVAEIRYFYSRDGETWFDGGPVFEGGTRGSRQWAGSALLDDDGRLYVFYTASGRAGEAEITYEQRLAVGSGGSVVADD
DGVRIEGPFAHGVLLEPDGERYEREEQSRGMIYTFRDPWFFEDPRSGKTYLLFEANTPIPEGAGACGDPVWEEFNGSVGI
AHSPTGDPTDWELCDPLLEGICVNQELERPHVVVRNGFYYLFVSSHDHTFAPGLEGPDGLYGFVADSLRGEYRPLNGSGL
VLTNPANAPYQAYSWVAFSHREELLVSGFFNYYDLGGLTLDDVATLSPDEQRAKFGGTLAPTVRVALSGDRTRITGTLSH
GRIPLESEELPDLPEERLAHREETRRGY
;
_entity_poly.pdbx_strand_id   A,B,C,D,E,F,G,H,I,J
#
# COMPACT_ATOMS: atom_id res chain seq x y z
N ALA A 9 59.25 -5.59 2.84
CA ALA A 9 58.31 -4.52 3.29
C ALA A 9 56.86 -4.96 3.02
N THR A 10 56.50 -6.19 3.45
CA THR A 10 55.24 -6.89 3.04
C THR A 10 54.03 -6.13 3.58
N PRO A 11 53.02 -5.82 2.73
CA PRO A 11 51.83 -5.11 3.18
C PRO A 11 51.13 -5.87 4.31
N ARG A 12 50.67 -5.15 5.33
CA ARG A 12 50.12 -5.76 6.57
C ARG A 12 48.69 -5.25 6.81
N TRP A 13 47.78 -6.20 7.02
CA TRP A 13 46.48 -5.99 7.70
C TRP A 13 46.78 -5.84 9.20
N THR A 14 46.64 -4.62 9.72
CA THR A 14 47.11 -4.22 11.07
C THR A 14 45.97 -4.38 12.08
N ARG A 15 46.32 -4.39 13.37
CA ARG A 15 45.34 -4.42 14.48
C ARG A 15 44.54 -3.11 14.49
N GLU A 16 45.15 -1.99 14.06
CA GLU A 16 44.46 -0.69 13.95
C GLU A 16 43.30 -0.82 12.95
N HIS A 17 43.47 -1.63 11.89
CA HIS A 17 42.42 -1.93 10.89
C HIS A 17 41.32 -2.77 11.56
N ALA A 18 41.70 -3.93 12.10
CA ALA A 18 40.78 -4.92 12.69
C ALA A 18 39.94 -4.27 13.82
N SER A 19 40.53 -3.33 14.56
CA SER A 19 39.85 -2.58 15.64
C SER A 19 38.57 -1.92 15.13
N LYS A 20 38.55 -1.54 13.85
CA LYS A 20 37.43 -0.77 13.24
C LYS A 20 36.35 -1.70 12.67
N ILE A 21 36.59 -3.02 12.64
CA ILE A 21 35.64 -4.02 12.09
C ILE A 21 34.28 -3.84 12.77
N GLU A 22 33.21 -3.88 11.99
CA GLU A 22 31.84 -3.52 12.47
C GLU A 22 30.83 -3.84 11.35
N ARG A 23 29.76 -4.57 11.68
CA ARG A 23 28.63 -4.82 10.74
C ARG A 23 28.01 -3.48 10.33
N THR A 24 27.76 -3.28 9.04
CA THR A 24 27.04 -2.11 8.49
C THR A 24 26.04 -2.58 7.43
N ASP A 25 25.06 -1.73 7.08
CA ASP A 25 24.04 -2.04 6.05
C ASP A 25 24.73 -2.44 4.74
N GLU A 26 25.94 -1.94 4.51
CA GLU A 26 26.68 -2.11 3.23
C GLU A 26 27.46 -3.43 3.21
N THR A 27 27.57 -4.15 4.33
CA THR A 27 28.42 -5.38 4.44
C THR A 27 27.60 -6.60 4.86
N VAL A 28 26.34 -6.44 5.27
CA VAL A 28 25.54 -7.55 5.85
C VAL A 28 24.61 -8.11 4.77
N VAL A 29 24.71 -9.41 4.52
CA VAL A 29 23.92 -10.15 3.49
C VAL A 29 22.54 -10.39 4.08
N PRO A 30 21.47 -10.54 3.26
CA PRO A 30 20.17 -10.99 3.78
C PRO A 30 20.24 -12.40 4.36
N ILE A 31 19.22 -12.76 5.14
CA ILE A 31 19.05 -14.13 5.71
C ILE A 31 18.99 -15.13 4.55
N ILE A 32 19.73 -16.22 4.68
CA ILE A 32 19.73 -17.34 3.71
C ILE A 32 18.71 -18.36 4.21
N TYR A 33 17.74 -18.70 3.37
CA TYR A 33 16.71 -19.73 3.62
C TYR A 33 17.04 -20.93 2.74
N PRO A 34 16.80 -22.18 3.23
CA PRO A 34 17.16 -23.37 2.47
C PRO A 34 16.43 -23.39 1.14
N PRO A 35 17.07 -23.94 0.07
CA PRO A 35 16.44 -24.03 -1.24
C PRO A 35 15.30 -25.07 -1.23
N ARG A 36 14.35 -24.93 -2.15
CA ARG A 36 13.07 -25.67 -2.20
C ARG A 36 13.32 -27.18 -2.36
N GLU A 37 14.32 -27.58 -3.17
CA GLU A 37 14.78 -28.98 -3.29
C GLU A 37 16.31 -28.99 -3.26
N ASP A 38 16.95 -30.15 -3.05
CA ASP A 38 18.43 -30.32 -3.08
C ASP A 38 18.81 -30.98 -4.42
N ALA A 39 19.78 -30.41 -5.13
CA ALA A 39 20.32 -30.90 -6.43
C ALA A 39 20.87 -32.32 -6.24
N ALA A 40 21.51 -32.58 -5.09
CA ALA A 40 21.95 -33.91 -4.62
C ALA A 40 21.59 -34.05 -3.14
N PRO A 41 20.42 -34.63 -2.80
CA PRO A 41 20.06 -34.87 -1.41
C PRO A 41 21.09 -35.74 -0.69
N GLU A 42 21.83 -36.55 -1.45
CA GLU A 42 22.79 -37.57 -0.95
C GLU A 42 24.14 -36.91 -0.62
N ILE A 43 24.36 -35.64 -1.00
CA ILE A 43 25.69 -35.00 -0.92
C ILE A 43 25.59 -33.62 -0.26
N ASN A 44 26.49 -33.33 0.67
CA ASN A 44 26.71 -31.97 1.22
C ASN A 44 27.91 -31.37 0.47
N GLY A 45 27.76 -30.12 0.01
CA GLY A 45 28.74 -29.42 -0.84
C GLY A 45 29.11 -28.08 -0.25
N TRP A 46 30.39 -27.74 -0.26
CA TRP A 46 30.90 -26.42 0.23
C TRP A 46 32.12 -26.03 -0.59
N ASP A 47 32.76 -24.91 -0.23
CA ASP A 47 34.03 -24.40 -0.83
C ASP A 47 34.04 -24.67 -2.34
N THR A 48 33.26 -23.90 -3.08
CA THR A 48 33.02 -24.09 -4.54
C THR A 48 33.89 -23.11 -5.31
N TRP A 49 34.42 -23.51 -6.47
CA TRP A 49 35.24 -22.66 -7.37
C TRP A 49 34.88 -22.92 -8.83
N PHE A 50 35.22 -21.99 -9.72
CA PHE A 50 34.77 -22.00 -11.14
C PHE A 50 35.89 -22.51 -12.04
N LEU A 51 35.50 -23.27 -13.07
CA LEU A 51 36.37 -23.53 -14.24
C LEU A 51 36.53 -22.23 -15.00
N ARG A 52 37.72 -21.64 -14.98
CA ARG A 52 38.06 -20.35 -15.64
C ARG A 52 38.95 -20.61 -16.86
N GLU A 53 38.87 -19.72 -17.85
CA GLU A 53 39.87 -19.59 -18.93
C GLU A 53 41.12 -18.95 -18.32
N ARG A 54 42.15 -18.73 -19.13
CA ARG A 54 43.46 -18.24 -18.66
C ARG A 54 43.32 -16.82 -18.09
N ASP A 55 42.54 -15.94 -18.72
CA ASP A 55 42.38 -14.53 -18.28
C ASP A 55 41.67 -14.47 -16.93
N GLY A 56 40.85 -15.49 -16.62
CA GLY A 56 40.11 -15.60 -15.36
C GLY A 56 38.60 -15.61 -15.58
N SER A 57 38.13 -15.23 -16.77
CA SER A 57 36.68 -15.26 -17.16
C SER A 57 36.15 -16.69 -16.97
N ILE A 58 34.85 -16.82 -16.65
CA ILE A 58 34.19 -18.14 -16.45
C ILE A 58 34.29 -18.89 -17.79
N ALA A 59 34.86 -20.08 -17.78
CA ALA A 59 35.01 -20.93 -18.99
C ALA A 59 33.64 -21.43 -19.41
N THR A 60 33.47 -21.58 -20.72
CA THR A 60 32.23 -22.07 -21.38
C THR A 60 32.64 -23.10 -22.43
N VAL A 61 32.22 -24.36 -22.25
CA VAL A 61 32.47 -25.48 -23.19
C VAL A 61 31.13 -25.94 -23.76
N GLY A 62 30.93 -25.75 -25.07
CA GLY A 62 29.69 -26.15 -25.77
C GLY A 62 28.44 -25.62 -25.09
N GLY A 63 28.52 -24.44 -24.47
CA GLY A 63 27.38 -23.75 -23.85
C GLY A 63 27.23 -24.07 -22.37
N TRP A 64 28.12 -24.89 -21.81
CA TRP A 64 28.10 -25.31 -20.39
C TRP A 64 29.15 -24.54 -19.58
N ARG A 65 28.79 -24.10 -18.38
CA ARG A 65 29.75 -23.67 -17.34
C ARG A 65 30.05 -24.89 -16.48
N VAL A 66 31.27 -24.98 -15.96
CA VAL A 66 31.67 -26.06 -15.01
C VAL A 66 32.08 -25.38 -13.69
N ILE A 67 31.68 -25.97 -12.57
CA ILE A 67 32.11 -25.57 -11.21
C ILE A 67 32.58 -26.82 -10.46
N PHE A 68 33.40 -26.62 -9.43
CA PHE A 68 33.95 -27.69 -8.57
C PHE A 68 33.58 -27.36 -7.12
N SER A 69 33.26 -28.40 -6.35
CA SER A 69 32.89 -28.30 -4.92
C SER A 69 33.64 -29.36 -4.12
N LEU A 70 34.03 -29.03 -2.89
CA LEU A 70 34.34 -30.03 -1.84
C LEU A 70 33.01 -30.69 -1.46
N THR A 71 33.00 -32.03 -1.37
CA THR A 71 31.77 -32.81 -1.10
C THR A 71 32.09 -33.90 -0.08
N ALA A 72 31.07 -34.24 0.71
CA ALA A 72 31.05 -35.41 1.61
C ALA A 72 29.64 -36.00 1.56
N PRO A 73 29.47 -37.28 1.95
CA PRO A 73 28.14 -37.88 2.11
C PRO A 73 27.27 -37.04 3.07
N ALA A 74 26.00 -36.86 2.73
CA ALA A 74 25.03 -36.05 3.51
C ALA A 74 24.82 -36.63 4.90
N ASP A 75 24.81 -37.96 5.03
CA ASP A 75 24.55 -38.67 6.31
C ASP A 75 25.73 -38.48 7.27
N LEU A 76 26.88 -37.98 6.79
CA LEU A 76 28.09 -37.77 7.62
C LEU A 76 27.93 -36.51 8.47
N LEU A 77 28.52 -36.50 9.66
CA LEU A 77 28.45 -35.35 10.60
C LEU A 77 29.14 -34.16 9.95
N PRO A 78 28.53 -32.95 9.96
CA PRO A 78 29.14 -31.77 9.35
C PRO A 78 30.57 -31.50 9.84
N GLY A 79 30.77 -31.51 11.16
CA GLY A 79 32.08 -31.18 11.78
C GLY A 79 33.22 -32.05 11.27
N LYS A 80 32.93 -33.20 10.67
CA LYS A 80 33.95 -34.20 10.25
C LYS A 80 34.13 -34.23 8.72
N ARG A 81 33.34 -33.46 7.96
CA ARG A 81 33.37 -33.48 6.47
C ARG A 81 34.80 -33.19 5.97
N HIS A 82 35.59 -32.41 6.71
CA HIS A 82 36.94 -31.95 6.30
C HIS A 82 37.91 -33.13 6.20
N ASP A 83 37.64 -34.24 6.89
CA ASP A 83 38.56 -35.40 6.97
C ASP A 83 38.40 -36.29 5.74
N VAL A 84 37.30 -36.17 4.99
CA VAL A 84 36.96 -37.08 3.85
C VAL A 84 36.53 -36.27 2.62
N ALA A 85 36.95 -35.00 2.52
CA ALA A 85 36.55 -34.08 1.43
C ALA A 85 36.99 -34.68 0.08
N GLU A 86 36.09 -34.69 -0.89
CA GLU A 86 36.33 -35.20 -2.26
C GLU A 86 35.82 -34.15 -3.25
N ILE A 87 36.59 -33.89 -4.31
CA ILE A 87 36.24 -32.88 -5.33
C ILE A 87 35.27 -33.50 -6.33
N ARG A 88 34.04 -32.99 -6.38
CA ARG A 88 33.06 -33.29 -7.46
C ARG A 88 32.96 -32.06 -8.37
N TYR A 89 32.59 -32.29 -9.63
CA TYR A 89 32.31 -31.21 -10.61
C TYR A 89 30.82 -31.24 -10.95
N PHE A 90 30.29 -30.05 -11.22
CA PHE A 90 28.88 -29.82 -11.66
C PHE A 90 28.92 -28.95 -12.91
N TYR A 91 27.94 -29.12 -13.79
CA TYR A 91 27.82 -28.37 -15.06
C TYR A 91 26.40 -27.81 -15.18
N SER A 92 26.26 -26.66 -15.84
CA SER A 92 24.97 -25.96 -16.03
C SER A 92 24.98 -25.19 -17.34
N ARG A 93 23.82 -25.13 -18.02
CA ARG A 93 23.64 -24.36 -19.28
C ARG A 93 23.25 -22.92 -18.95
N ASP A 94 22.46 -22.70 -17.89
CA ASP A 94 21.86 -21.38 -17.56
C ASP A 94 22.67 -20.68 -16.48
N GLY A 95 23.06 -21.36 -15.40
CA GLY A 95 23.78 -20.74 -14.27
C GLY A 95 23.12 -21.03 -12.95
N GLU A 96 21.93 -21.63 -12.99
CA GLU A 96 21.04 -21.88 -11.82
C GLU A 96 20.87 -23.38 -11.58
N THR A 97 20.49 -24.13 -12.62
CA THR A 97 20.16 -25.59 -12.52
C THR A 97 21.43 -26.39 -12.82
N TRP A 98 22.17 -26.78 -11.78
CA TRP A 98 23.45 -27.53 -11.88
C TRP A 98 23.16 -29.03 -11.87
N PHE A 99 23.88 -29.78 -12.73
CA PHE A 99 23.85 -31.26 -12.79
C PHE A 99 25.12 -31.80 -12.14
N ASP A 100 24.97 -32.81 -11.29
CA ASP A 100 26.09 -33.52 -10.62
C ASP A 100 26.86 -34.30 -11.69
N GLY A 101 28.15 -33.98 -11.88
CA GLY A 101 29.05 -34.69 -12.81
C GLY A 101 29.80 -35.82 -12.13
N GLY A 102 29.67 -35.95 -10.80
CA GLY A 102 30.36 -36.98 -10.02
C GLY A 102 31.77 -36.55 -9.63
N PRO A 103 32.58 -37.43 -9.02
CA PRO A 103 33.96 -37.10 -8.66
C PRO A 103 34.79 -36.76 -9.91
N VAL A 104 35.72 -35.81 -9.74
CA VAL A 104 36.59 -35.30 -10.84
C VAL A 104 37.69 -36.33 -11.09
N PHE A 105 38.21 -36.94 -10.02
CA PHE A 105 39.38 -37.84 -10.06
C PHE A 105 38.95 -39.28 -9.83
N GLU A 106 39.49 -40.18 -10.66
CA GLU A 106 39.17 -41.63 -10.66
C GLU A 106 40.37 -42.41 -10.08
N GLY A 107 41.48 -41.73 -9.73
CA GLY A 107 42.80 -42.39 -9.61
C GLY A 107 43.61 -41.82 -8.48
N GLY A 108 44.95 -41.85 -8.63
CA GLY A 108 45.93 -41.51 -7.59
C GLY A 108 45.90 -40.03 -7.23
N THR A 109 44.86 -39.61 -6.52
CA THR A 109 44.76 -38.23 -5.95
C THR A 109 45.74 -38.11 -4.78
N ARG A 110 46.38 -36.95 -4.65
CA ARG A 110 47.38 -36.67 -3.59
C ARG A 110 46.66 -36.37 -2.27
N GLY A 111 47.23 -36.82 -1.15
CA GLY A 111 46.69 -36.56 0.20
C GLY A 111 45.61 -37.55 0.60
N SER A 112 45.43 -37.73 1.90
CA SER A 112 44.34 -38.55 2.50
C SER A 112 42.98 -38.00 2.05
N ARG A 113 42.86 -36.68 1.89
CA ARG A 113 41.67 -36.02 1.28
C ARG A 113 42.11 -34.75 0.55
N GLN A 114 41.21 -34.14 -0.22
CA GLN A 114 41.49 -32.95 -1.07
C GLN A 114 40.73 -31.75 -0.52
N TRP A 115 41.42 -30.62 -0.35
CA TRP A 115 40.82 -29.31 0.07
C TRP A 115 40.82 -28.35 -1.12
N ALA A 116 40.18 -27.18 -0.95
CA ALA A 116 39.78 -26.28 -2.05
C ALA A 116 41.00 -25.86 -2.87
N GLY A 117 40.77 -25.48 -4.13
CA GLY A 117 41.77 -24.89 -5.02
C GLY A 117 41.14 -24.01 -6.09
N SER A 118 41.41 -24.32 -7.36
CA SER A 118 40.92 -23.58 -8.55
C SER A 118 41.00 -24.51 -9.77
N ALA A 119 40.52 -24.02 -10.91
CA ALA A 119 40.42 -24.80 -12.16
C ALA A 119 40.75 -23.90 -13.35
N LEU A 120 41.58 -24.42 -14.26
CA LEU A 120 42.05 -23.70 -15.46
C LEU A 120 41.79 -24.57 -16.70
N LEU A 121 41.03 -24.05 -17.65
CA LEU A 121 40.96 -24.57 -19.04
C LEU A 121 41.91 -23.72 -19.89
N ASP A 122 43.12 -24.22 -20.12
CA ASP A 122 44.20 -23.45 -20.79
C ASP A 122 43.77 -23.19 -22.24
N ASP A 123 44.47 -22.29 -22.93
CA ASP A 123 44.24 -21.96 -24.36
C ASP A 123 44.42 -23.24 -25.20
N ASP A 124 45.36 -24.11 -24.83
CA ASP A 124 45.69 -25.36 -25.56
C ASP A 124 44.61 -26.43 -25.35
N GLY A 125 43.64 -26.19 -24.45
CA GLY A 125 42.51 -27.10 -24.21
C GLY A 125 42.78 -28.07 -23.07
N ARG A 126 43.99 -28.04 -22.51
CA ARG A 126 44.40 -28.92 -21.37
C ARG A 126 43.69 -28.42 -20.11
N LEU A 127 43.23 -29.35 -19.27
CA LEU A 127 42.54 -29.02 -17.99
C LEU A 127 43.52 -29.23 -16.83
N TYR A 128 43.62 -28.21 -15.97
CA TYR A 128 44.39 -28.22 -14.70
C TYR A 128 43.41 -27.96 -13.56
N VAL A 129 43.27 -28.93 -12.64
CA VAL A 129 42.43 -28.76 -11.41
C VAL A 129 43.38 -28.68 -10.21
N PHE A 130 43.73 -27.46 -9.81
CA PHE A 130 44.56 -27.18 -8.61
C PHE A 130 43.75 -27.50 -7.36
N TYR A 131 44.35 -28.20 -6.40
CA TYR A 131 43.70 -28.58 -5.13
C TYR A 131 44.76 -28.64 -4.03
N THR A 132 44.30 -28.69 -2.78
CA THR A 132 45.16 -28.88 -1.59
C THR A 132 45.16 -30.39 -1.24
N ALA A 133 46.34 -31.00 -1.22
CA ALA A 133 46.57 -32.36 -0.70
C ALA A 133 46.70 -32.28 0.82
N SER A 134 45.65 -32.65 1.56
CA SER A 134 45.63 -32.71 3.04
C SER A 134 45.96 -34.14 3.49
N GLY A 135 46.91 -34.25 4.42
CA GLY A 135 47.51 -35.53 4.82
C GLY A 135 48.27 -36.18 3.69
N ARG A 136 48.49 -37.50 3.80
CA ARG A 136 49.13 -38.34 2.75
C ARG A 136 48.23 -39.55 2.50
N ALA A 137 48.12 -40.01 1.25
CA ALA A 137 47.21 -41.10 0.82
C ALA A 137 47.47 -42.35 1.69
N GLY A 138 46.41 -42.94 2.23
CA GLY A 138 46.45 -44.19 3.02
C GLY A 138 47.23 -44.05 4.32
N GLU A 139 47.24 -42.86 4.93
CA GLU A 139 47.84 -42.61 6.26
C GLU A 139 47.03 -43.35 7.34
N ALA A 140 47.69 -43.74 8.43
CA ALA A 140 47.11 -44.53 9.56
C ALA A 140 46.11 -43.67 10.33
N GLU A 141 46.61 -42.60 10.98
CA GLU A 141 45.84 -41.55 11.68
C GLU A 141 45.84 -40.29 10.81
N ILE A 142 44.74 -39.51 10.82
CA ILE A 142 44.64 -38.27 10.00
C ILE A 142 45.72 -37.27 10.44
N THR A 143 46.50 -36.75 9.49
CA THR A 143 47.47 -35.64 9.68
C THR A 143 46.89 -34.38 9.04
N TYR A 144 47.43 -33.20 9.39
CA TYR A 144 46.96 -31.89 8.83
C TYR A 144 48.09 -31.25 8.01
N GLU A 145 48.84 -32.09 7.29
CA GLU A 145 49.90 -31.67 6.34
C GLU A 145 49.23 -31.23 5.04
N GLN A 146 49.50 -30.00 4.59
CA GLN A 146 48.84 -29.37 3.42
C GLN A 146 49.93 -29.04 2.39
N ARG A 147 49.72 -29.45 1.13
CA ARG A 147 50.65 -29.15 0.00
C ARG A 147 49.80 -28.80 -1.22
N LEU A 148 50.24 -27.82 -2.01
CA LEU A 148 49.51 -27.37 -3.22
C LEU A 148 49.81 -28.36 -4.34
N ALA A 149 48.79 -29.07 -4.83
CA ALA A 149 48.90 -30.13 -5.86
C ALA A 149 48.06 -29.74 -7.07
N VAL A 150 48.21 -30.45 -8.18
CA VAL A 150 47.34 -30.28 -9.39
C VAL A 150 47.05 -31.64 -10.01
N GLY A 151 45.82 -31.84 -10.49
CA GLY A 151 45.45 -32.93 -11.41
C GLY A 151 45.46 -32.46 -12.86
N SER A 152 46.63 -32.50 -13.51
CA SER A 152 46.83 -32.00 -14.90
C SER A 152 46.46 -33.08 -15.92
N GLY A 153 46.35 -32.66 -17.19
CA GLY A 153 46.16 -33.56 -18.35
C GLY A 153 44.74 -34.09 -18.46
N GLY A 154 43.76 -33.36 -17.95
CA GLY A 154 42.33 -33.71 -18.06
C GLY A 154 41.79 -33.31 -19.41
N SER A 155 40.69 -33.97 -19.82
CA SER A 155 39.90 -33.61 -21.03
C SER A 155 38.46 -33.31 -20.60
N VAL A 156 37.90 -32.21 -21.11
CA VAL A 156 36.49 -31.77 -20.83
C VAL A 156 35.69 -31.93 -22.12
N VAL A 157 34.82 -32.94 -22.18
CA VAL A 157 33.98 -33.28 -23.36
C VAL A 157 32.55 -32.81 -23.04
N ALA A 158 31.93 -32.05 -23.95
CA ALA A 158 30.55 -31.55 -23.79
C ALA A 158 29.73 -31.94 -25.02
N ASP A 159 28.71 -32.78 -24.83
CA ASP A 159 27.66 -33.05 -25.85
C ASP A 159 26.49 -32.09 -25.55
N ASP A 160 25.34 -32.28 -26.19
CA ASP A 160 24.11 -31.51 -25.89
C ASP A 160 23.39 -32.13 -24.69
N ASP A 161 23.88 -33.27 -24.19
CA ASP A 161 23.28 -34.06 -23.08
C ASP A 161 23.94 -33.72 -21.75
N GLY A 162 25.22 -33.35 -21.75
CA GLY A 162 25.92 -32.96 -20.51
C GLY A 162 27.40 -32.75 -20.70
N VAL A 163 28.16 -32.82 -19.60
CA VAL A 163 29.64 -32.65 -19.59
C VAL A 163 30.23 -33.81 -18.82
N ARG A 164 31.23 -34.48 -19.41
CA ARG A 164 32.04 -35.53 -18.76
C ARG A 164 33.50 -35.04 -18.74
N ILE A 165 34.17 -35.19 -17.59
CA ILE A 165 35.63 -34.94 -17.47
C ILE A 165 36.34 -36.29 -17.55
N GLU A 166 37.07 -36.52 -18.64
CA GLU A 166 37.56 -37.86 -19.05
C GLU A 166 39.07 -37.82 -19.21
N GLY A 167 39.64 -38.97 -19.55
CA GLY A 167 41.07 -39.14 -19.86
C GLY A 167 41.84 -39.53 -18.60
N PRO A 168 43.16 -39.83 -18.76
CA PRO A 168 44.02 -40.11 -17.62
C PRO A 168 44.38 -38.82 -16.88
N PHE A 169 44.39 -38.85 -15.55
CA PHE A 169 44.79 -37.69 -14.72
C PHE A 169 46.22 -37.88 -14.19
N ALA A 170 47.04 -36.83 -14.32
CA ALA A 170 48.43 -36.80 -13.82
C ALA A 170 48.51 -35.88 -12.61
N HIS A 171 48.78 -36.46 -11.43
CA HIS A 171 48.72 -35.81 -10.10
C HIS A 171 50.14 -35.58 -9.59
N GLY A 172 50.47 -34.34 -9.21
CA GLY A 172 51.79 -33.99 -8.67
C GLY A 172 51.70 -32.84 -7.70
N VAL A 173 52.51 -32.89 -6.64
CA VAL A 173 52.68 -31.74 -5.68
C VAL A 173 53.38 -30.61 -6.44
N LEU A 174 52.87 -29.39 -6.31
CA LEU A 174 53.43 -28.17 -6.95
C LEU A 174 54.29 -27.42 -5.94
N LEU A 175 53.79 -27.18 -4.72
CA LEU A 175 54.49 -26.33 -3.73
C LEU A 175 54.29 -26.87 -2.32
N GLU A 176 55.37 -26.80 -1.53
CA GLU A 176 55.39 -27.01 -0.06
C GLU A 176 56.11 -25.82 0.58
N PRO A 177 55.74 -25.42 1.81
CA PRO A 177 56.25 -24.18 2.39
C PRO A 177 57.79 -24.19 2.52
N ASP A 178 58.42 -23.05 2.21
CA ASP A 178 59.89 -22.92 2.14
C ASP A 178 60.49 -22.96 3.56
N GLY A 179 59.87 -22.25 4.52
CA GLY A 179 60.36 -22.18 5.91
C GLY A 179 60.88 -20.80 6.27
N GLU A 180 61.01 -19.90 5.29
CA GLU A 180 61.51 -18.51 5.47
C GLU A 180 60.35 -17.53 5.28
N ARG A 181 59.70 -17.56 4.11
CA ARG A 181 58.58 -16.65 3.77
C ARG A 181 57.23 -17.32 4.13
N TYR A 182 57.16 -18.66 4.13
CA TYR A 182 55.90 -19.41 4.42
C TYR A 182 56.15 -20.51 5.45
N GLU A 183 55.40 -20.44 6.56
CA GLU A 183 55.53 -21.29 7.76
C GLU A 183 55.26 -22.75 7.38
N ARG A 184 56.10 -23.67 7.85
CA ARG A 184 55.96 -25.14 7.70
C ARG A 184 55.22 -25.71 8.92
N GLU A 185 54.70 -26.94 8.83
CA GLU A 185 53.98 -27.63 9.93
C GLU A 185 54.85 -27.67 11.19
N GLU A 186 56.16 -27.94 11.05
CA GLU A 186 57.15 -28.01 12.16
C GLU A 186 57.16 -26.69 12.93
N GLN A 187 57.16 -25.56 12.21
CA GLN A 187 57.31 -24.19 12.78
C GLN A 187 56.01 -23.74 13.45
N SER A 188 54.90 -24.46 13.22
CA SER A 188 53.53 -24.05 13.62
C SER A 188 53.46 -23.85 15.15
N ARG A 189 53.31 -22.61 15.58
CA ARG A 189 52.97 -22.23 16.97
C ARG A 189 51.46 -21.90 16.99
N GLY A 190 50.84 -21.93 18.17
CA GLY A 190 49.40 -21.68 18.35
C GLY A 190 48.57 -22.69 17.59
N MET A 191 47.70 -22.22 16.67
CA MET A 191 46.79 -23.10 15.90
C MET A 191 47.54 -23.75 14.74
N ILE A 192 46.89 -24.72 14.09
CA ILE A 192 47.46 -25.53 12.96
C ILE A 192 47.85 -24.57 11.82
N TYR A 193 49.01 -24.80 11.22
CA TYR A 193 49.54 -24.01 10.07
C TYR A 193 48.60 -24.16 8.87
N THR A 194 48.71 -23.21 7.94
CA THR A 194 47.94 -23.19 6.68
C THR A 194 48.93 -23.16 5.51
N PHE A 195 48.65 -23.94 4.47
CA PHE A 195 49.37 -23.90 3.17
C PHE A 195 48.48 -24.56 2.10
N ARG A 196 47.44 -23.85 1.69
CA ARG A 196 46.31 -24.45 0.94
C ARG A 196 45.65 -23.42 0.02
N ASP A 197 44.61 -23.87 -0.69
CA ASP A 197 43.69 -23.03 -1.49
C ASP A 197 44.49 -22.37 -2.62
N PRO A 198 45.10 -23.16 -3.52
CA PRO A 198 45.83 -22.61 -4.67
C PRO A 198 44.86 -22.05 -5.71
N TRP A 199 44.98 -20.75 -5.99
CA TRP A 199 44.09 -20.03 -6.94
C TRP A 199 44.93 -19.52 -8.12
N PHE A 200 44.68 -20.04 -9.33
CA PHE A 200 45.40 -19.64 -10.56
C PHE A 200 44.95 -18.24 -10.97
N PHE A 201 45.88 -17.43 -11.46
CA PHE A 201 45.64 -16.01 -11.83
C PHE A 201 46.69 -15.52 -12.83
N GLU A 202 46.23 -15.12 -14.02
CA GLU A 202 47.05 -14.41 -15.04
C GLU A 202 46.81 -12.91 -14.87
N ASP A 203 47.88 -12.15 -14.62
CA ASP A 203 47.84 -10.66 -14.51
C ASP A 203 47.50 -10.11 -15.90
N PRO A 204 46.33 -9.46 -16.08
CA PRO A 204 45.92 -8.96 -17.39
C PRO A 204 46.85 -7.85 -17.90
N ARG A 205 47.63 -7.23 -17.02
CA ARG A 205 48.60 -6.17 -17.37
C ARG A 205 49.92 -6.79 -17.82
N SER A 206 50.64 -7.45 -16.91
CA SER A 206 51.99 -8.02 -17.18
C SER A 206 51.89 -9.19 -18.18
N GLY A 207 50.79 -9.95 -18.15
CA GLY A 207 50.68 -11.23 -18.88
C GLY A 207 51.36 -12.37 -18.13
N LYS A 208 52.04 -12.05 -17.02
CA LYS A 208 52.74 -13.06 -16.18
C LYS A 208 51.71 -13.95 -15.50
N THR A 209 52.07 -15.20 -15.22
CA THR A 209 51.17 -16.23 -14.64
C THR A 209 51.54 -16.41 -13.16
N TYR A 210 50.57 -16.31 -12.26
CA TYR A 210 50.76 -16.44 -10.79
C TYR A 210 49.80 -17.49 -10.24
N LEU A 211 50.13 -18.00 -9.05
CA LEU A 211 49.29 -18.90 -8.24
C LEU A 211 49.25 -18.37 -6.81
N LEU A 212 48.10 -17.84 -6.39
CA LEU A 212 47.88 -17.37 -5.00
C LEU A 212 47.54 -18.57 -4.12
N PHE A 213 47.80 -18.45 -2.83
CA PHE A 213 47.47 -19.49 -1.82
C PHE A 213 47.41 -18.84 -0.43
N GLU A 214 46.72 -19.50 0.48
CA GLU A 214 46.73 -19.17 1.93
C GLU A 214 47.92 -19.85 2.58
N ALA A 215 48.69 -19.10 3.35
CA ALA A 215 49.85 -19.61 4.12
C ALA A 215 49.89 -18.88 5.46
N ASN A 216 50.91 -19.22 6.26
CA ASN A 216 51.31 -18.48 7.47
C ASN A 216 52.76 -18.03 7.25
N THR A 217 53.12 -16.83 7.72
CA THR A 217 54.51 -16.32 7.66
C THR A 217 55.18 -16.61 9.00
N PRO A 218 56.31 -17.35 9.03
CA PRO A 218 56.91 -17.78 10.28
C PRO A 218 57.36 -16.56 11.10
N ILE A 219 57.08 -16.59 12.41
CA ILE A 219 57.57 -15.58 13.39
C ILE A 219 58.38 -16.33 14.45
N PRO A 220 59.72 -16.10 14.53
CA PRO A 220 60.55 -16.73 15.54
C PRO A 220 60.01 -16.43 16.96
N GLU A 221 60.20 -17.38 17.89
CA GLU A 221 59.85 -17.19 19.31
C GLU A 221 60.75 -16.07 19.86
N GLY A 222 60.16 -15.17 20.63
CA GLY A 222 60.88 -14.04 21.26
C GLY A 222 61.35 -13.01 20.25
N ALA A 223 60.88 -13.12 19.00
CA ALA A 223 61.14 -12.15 17.91
C ALA A 223 60.73 -10.72 18.33
N GLY A 224 59.73 -10.60 19.21
CA GLY A 224 59.09 -9.32 19.55
C GLY A 224 58.43 -8.72 18.33
N ALA A 225 58.13 -9.54 17.32
CA ALA A 225 57.52 -9.15 16.02
C ALA A 225 56.13 -8.56 16.27
N CYS A 226 55.63 -8.72 17.49
CA CYS A 226 54.28 -8.25 17.91
C CYS A 226 54.34 -7.60 19.29
N GLY A 227 53.38 -6.72 19.58
CA GLY A 227 53.23 -6.02 20.88
C GLY A 227 52.73 -6.95 21.99
N ASP A 228 52.63 -8.25 21.70
CA ASP A 228 52.33 -9.33 22.68
C ASP A 228 52.77 -10.66 22.07
N PRO A 229 53.66 -11.43 22.75
CA PRO A 229 54.11 -12.72 22.22
C PRO A 229 53.00 -13.69 21.75
N VAL A 230 51.84 -13.72 22.41
CA VAL A 230 50.74 -14.66 22.05
C VAL A 230 50.18 -14.27 20.68
N TRP A 231 50.05 -12.97 20.41
CA TRP A 231 49.49 -12.44 19.15
C TRP A 231 50.28 -12.98 17.95
N GLU A 232 51.59 -13.22 18.11
CA GLU A 232 52.46 -13.64 16.97
C GLU A 232 52.11 -15.05 16.51
N GLU A 233 51.29 -15.80 17.25
CA GLU A 233 50.80 -17.15 16.84
C GLU A 233 49.83 -17.03 15.66
N PHE A 234 49.18 -15.88 15.54
CA PHE A 234 48.21 -15.53 14.46
C PHE A 234 48.98 -14.85 13.32
N ASN A 235 49.55 -15.66 12.43
CA ASN A 235 50.48 -15.19 11.36
C ASN A 235 49.93 -15.60 9.99
N GLY A 236 48.64 -15.39 9.77
CA GLY A 236 47.97 -15.65 8.48
C GLY A 236 48.50 -14.74 7.39
N SER A 237 48.59 -15.24 6.16
CA SER A 237 49.18 -14.48 5.02
C SER A 237 48.64 -15.02 3.69
N VAL A 238 48.60 -14.17 2.68
CA VAL A 238 48.28 -14.54 1.28
C VAL A 238 49.61 -14.65 0.54
N GLY A 239 50.05 -15.88 0.30
CA GLY A 239 51.26 -16.18 -0.47
C GLY A 239 50.95 -16.17 -1.96
N ILE A 240 51.98 -16.01 -2.78
CA ILE A 240 51.88 -16.04 -4.27
C ILE A 240 53.13 -16.70 -4.83
N ALA A 241 52.98 -17.47 -5.90
CA ALA A 241 54.08 -18.08 -6.69
C ALA A 241 53.96 -17.60 -8.12
N HIS A 242 55.07 -17.63 -8.86
CA HIS A 242 55.17 -17.17 -10.27
C HIS A 242 55.62 -18.35 -11.14
N SER A 243 55.09 -18.44 -12.36
CA SER A 243 55.59 -19.34 -13.43
C SER A 243 56.29 -18.49 -14.49
N PRO A 244 57.63 -18.54 -14.59
CA PRO A 244 58.35 -17.80 -15.63
C PRO A 244 57.92 -18.24 -17.04
N THR A 245 57.75 -19.56 -17.22
CA THR A 245 57.36 -20.22 -18.49
C THR A 245 55.86 -20.01 -18.78
N GLY A 246 55.04 -19.76 -17.76
CA GLY A 246 53.57 -19.69 -17.90
C GLY A 246 52.93 -21.07 -17.86
N ASP A 247 53.74 -22.14 -17.93
CA ASP A 247 53.34 -23.53 -17.65
C ASP A 247 52.59 -23.57 -16.32
N PRO A 248 51.32 -24.03 -16.29
CA PRO A 248 50.56 -24.12 -15.03
C PRO A 248 51.07 -25.17 -14.02
N THR A 249 52.24 -25.78 -14.25
CA THR A 249 52.80 -26.86 -13.38
C THR A 249 54.21 -26.49 -12.88
N ASP A 250 54.77 -25.36 -13.29
CA ASP A 250 56.13 -24.91 -12.92
C ASP A 250 56.01 -23.59 -12.16
N TRP A 251 56.29 -23.60 -10.85
CA TRP A 251 56.08 -22.42 -9.95
C TRP A 251 57.34 -22.17 -9.11
N GLU A 252 57.61 -20.89 -8.85
CA GLU A 252 58.67 -20.43 -7.92
C GLU A 252 58.01 -19.51 -6.89
N LEU A 253 58.28 -19.72 -5.61
CA LEU A 253 57.67 -18.93 -4.51
C LEU A 253 58.12 -17.48 -4.64
N CYS A 254 57.21 -16.53 -4.44
CA CYS A 254 57.49 -15.08 -4.34
C CYS A 254 57.19 -14.62 -2.91
N ASP A 255 57.47 -13.36 -2.58
CA ASP A 255 57.14 -12.76 -1.26
C ASP A 255 55.62 -12.67 -1.15
N PRO A 256 55.05 -12.81 0.06
CA PRO A 256 53.60 -12.81 0.24
C PRO A 256 53.00 -11.44 -0.12
N LEU A 257 51.77 -11.45 -0.65
CA LEU A 257 51.05 -10.24 -1.10
C LEU A 257 50.63 -9.42 0.12
N LEU A 258 50.22 -10.09 1.20
CA LEU A 258 49.63 -9.44 2.38
C LEU A 258 49.75 -10.36 3.59
N GLU A 259 50.00 -9.78 4.77
CA GLU A 259 50.17 -10.52 6.05
C GLU A 259 49.17 -10.01 7.08
N GLY A 260 48.49 -10.91 7.79
CA GLY A 260 47.61 -10.56 8.91
C GLY A 260 48.26 -10.95 10.23
N ILE A 261 49.54 -10.63 10.42
CA ILE A 261 50.28 -11.04 11.64
C ILE A 261 49.75 -10.18 12.80
N CYS A 262 49.49 -10.82 13.95
CA CYS A 262 48.91 -10.18 15.15
C CYS A 262 47.41 -9.92 14.96
N VAL A 263 46.80 -10.41 13.87
CA VAL A 263 45.37 -10.11 13.56
C VAL A 263 44.59 -11.41 13.33
N ASN A 264 45.03 -12.30 12.43
CA ASN A 264 44.25 -13.52 12.09
C ASN A 264 45.19 -14.63 11.62
N GLN A 265 44.83 -15.89 11.92
CA GLN A 265 45.63 -17.10 11.57
C GLN A 265 45.23 -17.59 10.17
N GLU A 266 43.94 -17.53 9.83
CA GLU A 266 43.40 -18.10 8.57
C GLU A 266 42.90 -16.98 7.66
N LEU A 267 43.69 -16.66 6.62
CA LEU A 267 43.27 -15.78 5.48
C LEU A 267 42.88 -16.68 4.31
N GLU A 268 41.67 -17.23 4.34
CA GLU A 268 41.28 -18.42 3.53
C GLU A 268 40.86 -18.01 2.11
N ARG A 269 41.02 -18.96 1.18
CA ARG A 269 40.59 -18.90 -0.24
C ARG A 269 40.87 -17.50 -0.77
N PRO A 270 42.16 -17.11 -0.87
CA PRO A 270 42.53 -15.80 -1.40
C PRO A 270 42.36 -15.83 -2.91
N HIS A 271 41.96 -14.69 -3.49
CA HIS A 271 41.71 -14.52 -4.93
C HIS A 271 41.71 -13.03 -5.24
N VAL A 272 42.04 -12.68 -6.50
CA VAL A 272 42.15 -11.29 -6.99
C VAL A 272 41.09 -11.09 -8.07
N VAL A 273 40.34 -10.00 -7.96
CA VAL A 273 39.48 -9.47 -9.05
C VAL A 273 40.10 -8.15 -9.49
N VAL A 274 40.44 -8.05 -10.78
CA VAL A 274 40.98 -6.80 -11.39
C VAL A 274 39.79 -6.04 -11.98
N ARG A 275 39.64 -4.78 -11.61
CA ARG A 275 38.46 -3.96 -12.00
C ARG A 275 38.96 -2.59 -12.44
N ASN A 276 38.68 -2.25 -13.70
CA ASN A 276 39.16 -1.04 -14.40
C ASN A 276 40.68 -1.03 -14.30
N GLY A 277 41.26 -0.41 -13.27
CA GLY A 277 42.72 -0.28 -13.14
C GLY A 277 43.26 -0.84 -11.83
N PHE A 278 42.41 -1.47 -11.02
CA PHE A 278 42.74 -1.77 -9.61
C PHE A 278 42.64 -3.26 -9.35
N TYR A 279 43.49 -3.72 -8.43
CA TYR A 279 43.59 -5.12 -7.95
C TYR A 279 42.91 -5.21 -6.58
N TYR A 280 41.76 -5.88 -6.53
CA TYR A 280 41.03 -6.20 -5.28
C TYR A 280 41.43 -7.61 -4.85
N LEU A 281 42.04 -7.73 -3.67
CA LEU A 281 42.42 -9.03 -3.05
C LEU A 281 41.40 -9.37 -1.97
N PHE A 282 40.74 -10.52 -2.11
CA PHE A 282 39.67 -10.99 -1.21
C PHE A 282 40.14 -12.26 -0.49
N VAL A 283 39.84 -12.33 0.82
CA VAL A 283 40.08 -13.52 1.68
C VAL A 283 38.87 -13.71 2.58
N SER A 284 38.44 -14.95 2.74
CA SER A 284 37.41 -15.39 3.73
C SER A 284 38.12 -15.67 5.05
N SER A 285 37.53 -15.29 6.19
CA SER A 285 38.13 -15.52 7.52
C SER A 285 37.04 -15.80 8.57
N HIS A 286 37.43 -16.46 9.65
CA HIS A 286 36.53 -16.85 10.77
C HIS A 286 36.61 -15.83 11.90
N ASP A 287 35.63 -15.85 12.80
CA ASP A 287 35.63 -15.02 14.04
C ASP A 287 36.60 -15.65 15.04
N HIS A 288 36.70 -16.99 15.05
CA HIS A 288 37.50 -17.76 16.04
C HIS A 288 38.98 -17.70 15.69
N THR A 289 39.35 -17.27 14.48
CA THR A 289 40.75 -17.23 13.99
C THR A 289 41.34 -15.83 14.22
N PHE A 290 40.59 -14.92 14.86
CA PHE A 290 41.08 -13.57 15.22
C PHE A 290 41.95 -13.66 16.48
N ALA A 291 43.05 -12.90 16.49
CA ALA A 291 43.95 -12.73 17.65
C ALA A 291 43.15 -12.16 18.81
N PRO A 292 43.55 -12.44 20.07
CA PRO A 292 42.87 -11.85 21.23
C PRO A 292 42.93 -10.32 21.20
N GLY A 293 41.92 -9.67 21.78
CA GLY A 293 41.77 -8.19 21.77
C GLY A 293 41.03 -7.72 20.54
N LEU A 294 40.82 -8.59 19.55
CA LEU A 294 40.09 -8.29 18.30
C LEU A 294 38.80 -9.10 18.24
N GLU A 295 37.72 -8.48 17.76
CA GLU A 295 36.39 -9.12 17.60
C GLU A 295 35.89 -8.82 16.18
N GLY A 296 35.94 -9.82 15.29
CA GLY A 296 35.42 -9.72 13.92
C GLY A 296 34.55 -10.93 13.60
N PRO A 297 33.55 -10.80 12.70
CA PRO A 297 32.69 -11.93 12.31
C PRO A 297 33.29 -12.81 11.20
N ASP A 298 32.81 -14.05 11.11
CA ASP A 298 32.91 -14.86 9.86
C ASP A 298 32.54 -13.94 8.70
N GLY A 299 33.44 -13.71 7.74
CA GLY A 299 33.16 -12.77 6.64
C GLY A 299 34.20 -12.82 5.54
N LEU A 300 33.88 -12.18 4.41
CA LEU A 300 34.83 -11.88 3.33
C LEU A 300 35.48 -10.53 3.62
N TYR A 301 36.80 -10.53 3.77
CA TYR A 301 37.62 -9.30 3.94
C TYR A 301 38.37 -9.02 2.64
N GLY A 302 38.65 -7.75 2.39
CA GLY A 302 39.11 -7.28 1.07
C GLY A 302 40.09 -6.13 1.17
N PHE A 303 41.02 -6.09 0.23
CA PHE A 303 42.08 -5.06 0.12
C PHE A 303 42.23 -4.67 -1.34
N VAL A 304 42.78 -3.48 -1.58
CA VAL A 304 42.88 -2.91 -2.94
C VAL A 304 44.24 -2.23 -3.11
N ALA A 305 44.81 -2.34 -4.30
CA ALA A 305 46.10 -1.72 -4.69
C ALA A 305 46.06 -1.42 -6.19
N ASP A 306 46.99 -0.57 -6.65
CA ASP A 306 47.13 -0.16 -8.06
C ASP A 306 47.93 -1.22 -8.84
N SER A 307 48.52 -2.20 -8.16
CA SER A 307 49.36 -3.27 -8.74
C SER A 307 49.07 -4.60 -8.04
N LEU A 308 49.30 -5.73 -8.71
CA LEU A 308 49.06 -7.08 -8.15
C LEU A 308 49.89 -7.25 -6.88
N ARG A 309 51.16 -6.84 -6.90
CA ARG A 309 52.11 -7.00 -5.77
C ARG A 309 52.32 -5.63 -5.10
N GLY A 310 51.28 -4.81 -5.07
CA GLY A 310 51.34 -3.41 -4.61
C GLY A 310 51.09 -3.28 -3.12
N GLU A 311 50.99 -2.04 -2.65
CA GLU A 311 50.71 -1.67 -1.23
C GLU A 311 49.20 -1.79 -1.01
N TYR A 312 48.74 -3.01 -0.71
CA TYR A 312 47.33 -3.32 -0.41
C TYR A 312 46.88 -2.53 0.82
N ARG A 313 45.69 -1.91 0.71
CA ARG A 313 45.03 -1.19 1.83
C ARG A 313 43.64 -1.79 2.00
N PRO A 314 43.13 -1.87 3.25
CA PRO A 314 41.86 -2.56 3.50
C PRO A 314 40.67 -1.77 2.97
N LEU A 315 39.71 -2.48 2.37
CA LEU A 315 38.41 -1.92 1.91
C LEU A 315 37.59 -1.49 3.13
N ASN A 316 36.85 -0.38 2.99
CA ASN A 316 35.92 0.15 4.04
C ASN A 316 36.70 0.44 5.33
N GLY A 317 38.01 0.68 5.24
CA GLY A 317 38.86 1.09 6.38
C GLY A 317 39.28 -0.09 7.25
N SER A 318 38.36 -1.01 7.55
CA SER A 318 38.56 -2.18 8.47
C SER A 318 38.98 -3.42 7.68
N GLY A 319 38.53 -3.54 6.44
CA GLY A 319 38.78 -4.71 5.57
C GLY A 319 37.53 -5.54 5.39
N LEU A 320 36.54 -5.41 6.26
CA LEU A 320 35.27 -6.18 6.17
C LEU A 320 34.51 -5.72 4.93
N VAL A 321 34.26 -6.65 4.01
CA VAL A 321 33.54 -6.39 2.72
C VAL A 321 32.12 -6.95 2.83
N LEU A 322 31.98 -8.14 3.39
CA LEU A 322 30.73 -8.92 3.33
C LEU A 322 30.68 -9.84 4.54
N THR A 323 29.53 -9.94 5.22
CA THR A 323 29.36 -10.80 6.43
C THR A 323 27.90 -11.19 6.59
N ASN A 324 27.66 -12.14 7.49
CA ASN A 324 26.31 -12.68 7.83
C ASN A 324 25.68 -11.77 8.87
N PRO A 325 24.32 -11.74 8.96
CA PRO A 325 23.64 -10.97 10.00
C PRO A 325 23.92 -11.54 11.39
N ALA A 326 23.81 -10.69 12.41
CA ALA A 326 24.07 -11.03 13.84
C ALA A 326 23.25 -12.25 14.26
N ASN A 327 21.99 -12.34 13.80
CA ASN A 327 21.00 -13.37 14.24
C ASN A 327 21.09 -14.62 13.36
N ALA A 328 22.10 -14.74 12.48
CA ALA A 328 22.42 -15.98 11.73
C ALA A 328 23.89 -15.96 11.31
N PRO A 329 24.82 -15.82 12.27
CA PRO A 329 26.17 -15.34 11.96
C PRO A 329 27.07 -16.33 11.23
N TYR A 330 26.63 -17.59 11.07
CA TYR A 330 27.45 -18.65 10.42
C TYR A 330 26.71 -19.21 9.19
N GLN A 331 25.78 -18.45 8.62
CA GLN A 331 24.86 -18.96 7.56
C GLN A 331 25.63 -19.19 6.25
N ALA A 332 26.74 -18.49 6.02
CA ALA A 332 27.56 -18.65 4.79
C ALA A 332 29.04 -18.51 5.12
N TYR A 333 29.88 -19.08 4.25
CA TYR A 333 31.36 -18.96 4.31
C TYR A 333 31.97 -19.30 2.94
N SER A 334 33.29 -19.11 2.82
CA SER A 334 34.11 -19.51 1.65
C SER A 334 33.63 -18.77 0.40
N TRP A 335 33.52 -17.45 0.51
CA TRP A 335 33.07 -16.56 -0.58
C TRP A 335 34.17 -16.42 -1.64
N VAL A 336 33.77 -16.46 -2.91
CA VAL A 336 34.62 -16.17 -4.10
C VAL A 336 33.97 -15.04 -4.89
N ALA A 337 34.71 -13.94 -5.07
CA ALA A 337 34.26 -12.74 -5.83
C ALA A 337 34.70 -12.91 -7.30
N PHE A 338 33.87 -12.44 -8.23
CA PHE A 338 34.13 -12.48 -9.68
C PHE A 338 33.34 -11.36 -10.35
N SER A 339 33.90 -10.78 -11.42
CA SER A 339 33.37 -9.57 -12.11
C SER A 339 32.23 -9.97 -13.06
N HIS A 340 31.16 -9.19 -13.05
CA HIS A 340 30.06 -9.27 -14.05
C HIS A 340 29.72 -7.86 -14.53
N ARG A 341 30.29 -7.46 -15.66
CA ARG A 341 30.06 -6.17 -16.35
C ARG A 341 30.53 -5.05 -15.42
N GLU A 342 29.59 -4.45 -14.67
CA GLU A 342 29.85 -3.27 -13.81
C GLU A 342 29.65 -3.65 -12.34
N GLU A 343 29.21 -4.88 -12.07
CA GLU A 343 28.99 -5.41 -10.70
C GLU A 343 30.14 -6.34 -10.31
N LEU A 344 30.22 -6.63 -9.01
CA LEU A 344 30.98 -7.78 -8.44
C LEU A 344 29.96 -8.76 -7.88
N LEU A 345 30.02 -10.02 -8.31
CA LEU A 345 29.21 -11.12 -7.76
C LEU A 345 30.08 -11.94 -6.80
N VAL A 346 29.46 -12.46 -5.74
CA VAL A 346 30.16 -13.16 -4.63
C VAL A 346 29.35 -14.43 -4.31
N SER A 347 29.95 -15.61 -4.50
CA SER A 347 29.32 -16.93 -4.26
C SER A 347 30.03 -17.62 -3.09
N GLY A 348 29.33 -17.77 -1.97
CA GLY A 348 29.74 -18.65 -0.86
C GLY A 348 28.91 -19.92 -0.87
N PHE A 349 28.96 -20.67 0.23
CA PHE A 349 28.12 -21.89 0.42
C PHE A 349 27.28 -21.70 1.68
N PHE A 350 26.15 -22.41 1.75
CA PHE A 350 25.16 -22.31 2.85
C PHE A 350 25.64 -23.18 4.01
N ASN A 351 26.11 -22.56 5.08
CA ASN A 351 26.96 -23.20 6.13
C ASN A 351 26.08 -23.69 7.30
N TYR A 352 25.82 -22.83 8.30
CA TYR A 352 25.18 -23.23 9.59
C TYR A 352 24.08 -22.23 9.93
N TYR A 353 22.85 -22.72 10.07
CA TYR A 353 21.65 -21.88 10.29
C TYR A 353 20.78 -22.48 11.40
N ASP A 354 19.88 -21.66 11.94
CA ASP A 354 18.88 -22.07 12.97
C ASP A 354 19.62 -22.52 14.24
N LEU A 355 20.73 -21.87 14.58
CA LEU A 355 21.55 -22.22 15.77
C LEU A 355 20.84 -21.73 17.04
N GLY A 356 20.01 -20.69 16.92
CA GLY A 356 19.28 -20.08 18.04
C GLY A 356 20.19 -19.35 19.02
N GLY A 357 21.49 -19.27 18.72
CA GLY A 357 22.48 -18.57 19.56
C GLY A 357 23.77 -19.36 19.72
N LEU A 358 23.72 -20.68 19.47
CA LEU A 358 24.82 -21.64 19.76
C LEU A 358 26.09 -21.26 19.00
N THR A 359 27.25 -21.47 19.62
CA THR A 359 28.59 -21.33 18.98
C THR A 359 28.90 -22.62 18.23
N LEU A 360 29.94 -22.62 17.39
CA LEU A 360 30.25 -23.77 16.50
C LEU A 360 30.65 -24.97 17.35
N ASP A 361 31.41 -24.75 18.41
CA ASP A 361 31.85 -25.82 19.34
C ASP A 361 30.62 -26.46 19.98
N ASP A 362 29.58 -25.66 20.27
CA ASP A 362 28.31 -26.13 20.90
C ASP A 362 27.55 -27.06 19.94
N VAL A 363 27.68 -26.84 18.63
CA VAL A 363 26.93 -27.63 17.60
C VAL A 363 27.35 -29.10 17.72
N ALA A 364 28.64 -29.36 17.93
CA ALA A 364 29.22 -30.71 18.09
C ALA A 364 28.50 -31.50 19.20
N THR A 365 27.89 -30.81 20.17
CA THR A 365 27.17 -31.45 21.32
C THR A 365 25.93 -32.18 20.82
N LEU A 366 25.21 -31.60 19.85
CA LEU A 366 23.84 -32.01 19.44
C LEU A 366 23.87 -33.43 18.85
N SER A 367 22.71 -34.09 18.82
CA SER A 367 22.51 -35.43 18.21
C SER A 367 22.91 -35.36 16.74
N PRO A 368 23.35 -36.47 16.12
CA PRO A 368 23.67 -36.48 14.70
C PRO A 368 22.59 -35.86 13.81
N ASP A 369 21.32 -36.22 14.02
CA ASP A 369 20.16 -35.68 13.27
C ASP A 369 20.09 -34.16 13.46
N GLU A 370 20.24 -33.68 14.70
CA GLU A 370 20.12 -32.24 15.03
C GLU A 370 21.29 -31.47 14.40
N GLN A 371 22.44 -32.10 14.19
CA GLN A 371 23.62 -31.46 13.55
C GLN A 371 23.40 -31.35 12.03
N ARG A 372 23.01 -32.45 11.39
CA ARG A 372 22.58 -32.44 9.96
C ARG A 372 21.26 -31.68 10.02
N ALA A 373 20.85 -30.94 9.00
CA ALA A 373 19.59 -30.15 9.07
C ALA A 373 19.78 -28.89 9.93
N LYS A 374 20.97 -28.64 10.52
CA LYS A 374 21.45 -27.25 10.79
C LYS A 374 22.59 -26.88 9.84
N PHE A 375 22.78 -27.68 8.80
CA PHE A 375 23.83 -27.52 7.76
C PHE A 375 23.16 -27.55 6.39
N GLY A 376 23.38 -26.49 5.61
CA GLY A 376 22.87 -26.36 4.23
C GLY A 376 23.53 -27.39 3.33
N GLY A 377 24.82 -27.17 3.02
CA GLY A 377 25.59 -28.03 2.11
C GLY A 377 25.18 -27.81 0.66
N THR A 378 24.84 -26.57 0.32
CA THR A 378 24.49 -26.12 -1.06
C THR A 378 25.16 -24.77 -1.29
N LEU A 379 24.96 -24.20 -2.48
CA LEU A 379 25.46 -22.84 -2.79
C LEU A 379 24.51 -21.80 -2.16
N ALA A 380 25.08 -20.77 -1.55
CA ALA A 380 24.37 -19.61 -1.00
C ALA A 380 23.86 -18.74 -2.14
N PRO A 381 22.77 -17.95 -1.94
CA PRO A 381 22.34 -16.97 -2.93
C PRO A 381 23.48 -16.00 -3.24
N THR A 382 23.91 -15.92 -4.50
CA THR A 382 25.12 -15.15 -4.88
C THR A 382 24.80 -13.67 -4.72
N VAL A 383 25.68 -12.96 -4.04
CA VAL A 383 25.47 -11.54 -3.62
C VAL A 383 25.96 -10.65 -4.76
N ARG A 384 25.21 -9.60 -5.05
CA ARG A 384 25.60 -8.52 -5.98
C ARG A 384 26.14 -7.37 -5.13
N VAL A 385 27.39 -6.96 -5.39
CA VAL A 385 28.03 -5.82 -4.67
C VAL A 385 28.56 -4.84 -5.73
N ALA A 386 28.73 -3.59 -5.31
CA ALA A 386 29.27 -2.49 -6.12
C ALA A 386 30.55 -1.98 -5.45
N LEU A 387 31.67 -2.00 -6.18
CA LEU A 387 32.98 -1.45 -5.73
C LEU A 387 33.07 0.01 -6.16
N SER A 388 33.64 0.84 -5.29
CA SER A 388 33.74 2.32 -5.46
C SER A 388 35.10 2.78 -4.91
N GLY A 389 36.19 2.36 -5.55
CA GLY A 389 37.54 2.63 -5.02
C GLY A 389 37.85 1.69 -3.86
N ASP A 390 38.08 2.22 -2.66
CA ASP A 390 38.38 1.41 -1.45
C ASP A 390 37.10 1.19 -0.64
N ARG A 391 35.92 1.41 -1.24
CA ARG A 391 34.60 1.30 -0.56
C ARG A 391 33.73 0.29 -1.30
N THR A 392 32.96 -0.52 -0.57
CA THR A 392 32.04 -1.54 -1.14
C THR A 392 30.63 -1.35 -0.57
N ARG A 393 29.63 -1.91 -1.26
CA ARG A 393 28.20 -1.83 -0.86
C ARG A 393 27.47 -3.03 -1.45
N ILE A 394 26.74 -3.79 -0.61
CA ILE A 394 25.81 -4.86 -1.04
C ILE A 394 24.65 -4.21 -1.79
N THR A 395 24.37 -4.65 -3.00
CA THR A 395 23.32 -4.06 -3.89
C THR A 395 22.10 -5.00 -3.96
N GLY A 396 22.30 -6.31 -3.79
CA GLY A 396 21.20 -7.28 -3.79
C GLY A 396 21.71 -8.70 -3.82
N THR A 397 20.85 -9.65 -4.18
CA THR A 397 21.20 -11.09 -4.31
C THR A 397 20.52 -11.68 -5.54
N LEU A 398 20.95 -12.88 -5.93
CA LEU A 398 20.35 -13.70 -7.00
C LEU A 398 19.89 -15.02 -6.39
N SER A 399 19.37 -15.93 -7.22
CA SER A 399 19.00 -17.30 -6.82
C SER A 399 20.22 -18.00 -6.20
N HIS A 400 19.97 -19.08 -5.47
CA HIS A 400 21.02 -19.93 -4.82
C HIS A 400 22.03 -20.34 -5.88
N GLY A 401 23.31 -20.06 -5.63
CA GLY A 401 24.43 -20.48 -6.50
C GLY A 401 24.18 -20.17 -7.96
N ARG A 402 23.73 -18.96 -8.27
CA ARG A 402 23.67 -18.49 -9.68
C ARG A 402 25.05 -17.94 -10.04
N ILE A 403 25.73 -18.59 -11.00
CA ILE A 403 27.02 -18.08 -11.56
C ILE A 403 26.76 -17.71 -13.01
N PRO A 404 26.45 -16.43 -13.31
CA PRO A 404 26.20 -16.00 -14.69
C PRO A 404 27.46 -15.58 -15.45
N LEU A 405 27.42 -15.68 -16.78
CA LEU A 405 28.45 -15.12 -17.70
C LEU A 405 28.18 -13.63 -17.89
N GLU A 406 29.17 -12.90 -18.39
CA GLU A 406 29.07 -11.45 -18.68
C GLU A 406 28.07 -11.23 -19.81
N SER A 407 27.85 -12.25 -20.65
CA SER A 407 26.90 -12.24 -21.79
C SER A 407 25.44 -12.21 -21.30
N GLU A 408 25.19 -12.39 -20.00
CA GLU A 408 23.82 -12.54 -19.44
C GLU A 408 23.42 -11.31 -18.64
N GLU A 409 22.21 -10.80 -18.90
CA GLU A 409 21.65 -9.59 -18.25
C GLU A 409 21.00 -10.02 -16.93
N LEU A 410 21.31 -9.32 -15.84
CA LEU A 410 20.73 -9.58 -14.50
C LEU A 410 19.52 -8.70 -14.26
N PRO A 411 18.61 -9.10 -13.36
CA PRO A 411 17.47 -8.28 -12.98
C PRO A 411 17.84 -6.87 -12.49
N ASP A 412 16.93 -5.89 -12.71
CA ASP A 412 17.18 -4.46 -12.45
C ASP A 412 17.00 -4.16 -10.96
N LEU A 413 17.47 -2.99 -10.52
CA LEU A 413 17.36 -2.50 -9.13
C LEU A 413 16.51 -1.24 -9.10
N ALA B 9 -23.69 62.97 -6.10
CA ALA B 9 -25.04 62.46 -6.50
C ALA B 9 -24.91 61.03 -7.01
N THR B 10 -24.30 60.14 -6.20
CA THR B 10 -24.03 58.71 -6.53
C THR B 10 -25.36 57.97 -6.72
N PRO B 11 -25.53 57.21 -7.82
CA PRO B 11 -26.77 56.48 -8.07
C PRO B 11 -27.07 55.51 -6.92
N ARG B 12 -28.34 55.43 -6.49
CA ARG B 12 -28.73 54.64 -5.31
C ARG B 12 -29.80 53.61 -5.68
N TRP B 13 -29.57 52.37 -5.29
CA TRP B 13 -30.59 51.31 -5.12
C TRP B 13 -31.37 51.64 -3.85
N THR B 14 -32.63 52.06 -4.01
CA THR B 14 -33.47 52.65 -2.93
C THR B 14 -34.32 51.56 -2.29
N ARG B 15 -34.85 51.84 -1.11
CA ARG B 15 -35.80 50.95 -0.38
C ARG B 15 -37.10 50.83 -1.19
N GLU B 16 -37.48 51.89 -1.93
CA GLU B 16 -38.68 51.86 -2.80
C GLU B 16 -38.50 50.77 -3.87
N HIS B 17 -37.26 50.59 -4.36
CA HIS B 17 -36.90 49.52 -5.32
C HIS B 17 -37.03 48.16 -4.63
N ALA B 18 -36.29 47.96 -3.54
CA ALA B 18 -36.19 46.68 -2.81
C ALA B 18 -37.58 46.21 -2.35
N SER B 19 -38.47 47.15 -2.02
CA SER B 19 -39.87 46.86 -1.59
C SER B 19 -40.59 46.02 -2.64
N LYS B 20 -40.22 46.19 -3.92
CA LYS B 20 -40.92 45.56 -5.07
C LYS B 20 -40.31 44.18 -5.39
N ILE B 21 -39.19 43.81 -4.76
CA ILE B 21 -38.50 42.51 -5.01
C ILE B 21 -39.50 41.38 -4.80
N GLU B 22 -39.50 40.40 -5.70
CA GLU B 22 -40.53 39.33 -5.78
C GLU B 22 -40.11 38.30 -6.82
N ARG B 23 -40.14 37.02 -6.47
CA ARG B 23 -39.91 35.89 -7.41
C ARG B 23 -40.95 35.96 -8.53
N THR B 24 -40.51 35.83 -9.79
CA THR B 24 -41.39 35.74 -10.98
C THR B 24 -40.87 34.63 -11.91
N ASP B 25 -41.70 34.18 -12.84
CA ASP B 25 -41.34 33.13 -13.83
C ASP B 25 -40.08 33.55 -14.58
N GLU B 26 -39.86 34.87 -14.72
CA GLU B 26 -38.76 35.44 -15.54
C GLU B 26 -37.46 35.53 -14.74
N THR B 27 -37.45 35.29 -13.42
CA THR B 27 -36.26 35.48 -12.56
C THR B 27 -35.87 34.18 -11.83
N VAL B 28 -36.70 33.13 -11.88
CA VAL B 28 -36.47 31.92 -11.04
C VAL B 28 -35.83 30.83 -11.90
N VAL B 29 -34.67 30.33 -11.48
CA VAL B 29 -33.88 29.28 -12.19
C VAL B 29 -34.53 27.93 -11.88
N PRO B 30 -34.41 26.90 -12.74
CA PRO B 30 -34.85 25.56 -12.39
C PRO B 30 -34.06 24.98 -11.20
N ILE B 31 -34.60 23.92 -10.59
CA ILE B 31 -33.92 23.16 -9.50
C ILE B 31 -32.59 22.63 -10.04
N ILE B 32 -31.52 22.80 -9.26
CA ILE B 32 -30.16 22.28 -9.58
C ILE B 32 -30.04 20.93 -8.90
N TYR B 33 -29.73 19.90 -9.69
CA TYR B 33 -29.47 18.52 -9.22
C TYR B 33 -27.97 18.26 -9.34
N PRO B 34 -27.36 17.50 -8.39
CA PRO B 34 -25.93 17.28 -8.39
C PRO B 34 -25.48 16.60 -9.69
N PRO B 35 -24.28 16.93 -10.21
CA PRO B 35 -23.75 16.26 -11.40
C PRO B 35 -23.38 14.80 -11.09
N ARG B 36 -23.38 13.95 -12.12
CA ARG B 36 -23.27 12.48 -12.00
C ARG B 36 -21.89 12.09 -11.43
N GLU B 37 -20.83 12.82 -11.82
CA GLU B 37 -19.47 12.65 -11.24
C GLU B 37 -18.90 14.03 -10.90
N ASP B 38 -17.87 14.07 -10.05
CA ASP B 38 -17.15 15.32 -9.65
C ASP B 38 -15.81 15.37 -10.40
N ALA B 39 -15.51 16.51 -11.04
CA ALA B 39 -14.25 16.77 -11.79
C ALA B 39 -13.05 16.60 -10.84
N ALA B 40 -13.20 17.05 -9.59
CA ALA B 40 -12.25 16.83 -8.47
C ALA B 40 -13.05 16.42 -7.23
N PRO B 41 -13.22 15.11 -6.96
CA PRO B 41 -13.90 14.65 -5.74
C PRO B 41 -13.19 15.17 -4.48
N GLU B 42 -11.90 15.49 -4.58
CA GLU B 42 -11.02 15.91 -3.47
C GLU B 42 -11.24 17.39 -3.12
N ILE B 43 -11.94 18.16 -3.97
CA ILE B 43 -11.96 19.64 -3.89
C ILE B 43 -13.40 20.15 -4.01
N ASN B 44 -13.77 21.09 -3.13
CA ASN B 44 -15.02 21.89 -3.25
C ASN B 44 -14.62 23.23 -3.87
N GLY B 45 -15.39 23.67 -4.88
CA GLY B 45 -15.10 24.87 -5.69
C GLY B 45 -16.30 25.80 -5.72
N TRP B 46 -16.06 27.10 -5.58
CA TRP B 46 -17.12 28.14 -5.66
C TRP B 46 -16.52 29.42 -6.25
N ASP B 47 -17.31 30.50 -6.31
CA ASP B 47 -16.90 31.85 -6.76
C ASP B 47 -15.90 31.73 -7.91
N THR B 48 -16.39 31.38 -9.09
CA THR B 48 -15.57 31.08 -10.30
C THR B 48 -15.58 32.31 -11.21
N TRP B 49 -14.46 32.61 -11.86
CA TRP B 49 -14.31 33.73 -12.83
C TRP B 49 -13.48 33.28 -14.04
N PHE B 50 -13.59 34.00 -15.15
CA PHE B 50 -13.01 33.58 -16.46
C PHE B 50 -11.72 34.35 -16.73
N LEU B 51 -10.75 33.66 -17.32
CA LEU B 51 -9.60 34.30 -17.98
C LEU B 51 -10.13 35.03 -19.21
N ARG B 52 -10.11 36.36 -19.19
CA ARG B 52 -10.61 37.23 -20.29
C ARG B 52 -9.43 37.91 -20.98
N GLU B 53 -9.60 38.23 -22.27
CA GLU B 53 -8.75 39.21 -23.00
C GLU B 53 -9.09 40.61 -22.48
N ARG B 54 -8.42 41.63 -23.02
CA ARG B 54 -8.54 43.02 -22.53
C ARG B 54 -9.98 43.53 -22.75
N ASP B 55 -10.59 43.23 -23.90
CA ASP B 55 -11.95 43.72 -24.26
C ASP B 55 -12.99 43.09 -23.32
N GLY B 56 -12.69 41.91 -22.76
CA GLY B 56 -13.57 41.19 -21.82
C GLY B 56 -14.01 39.84 -22.37
N SER B 57 -13.84 39.58 -23.66
CA SER B 57 -14.16 38.28 -24.32
C SER B 57 -13.39 37.16 -23.62
N ILE B 58 -13.95 35.95 -23.59
CA ILE B 58 -13.31 34.76 -22.96
C ILE B 58 -12.01 34.49 -23.71
N ALA B 59 -10.89 34.49 -22.98
CA ALA B 59 -9.55 34.23 -23.56
C ALA B 59 -9.47 32.76 -23.97
N THR B 60 -8.73 32.51 -25.05
CA THR B 60 -8.55 31.19 -25.70
C THR B 60 -7.05 31.07 -26.02
N VAL B 61 -6.36 30.05 -25.52
CA VAL B 61 -4.90 29.89 -25.76
C VAL B 61 -4.59 28.89 -26.88
N GLY B 62 -4.44 27.60 -26.59
CA GLY B 62 -4.25 26.58 -27.63
C GLY B 62 -5.56 25.99 -28.11
N GLY B 63 -6.66 26.76 -28.07
CA GLY B 63 -8.03 26.19 -28.18
C GLY B 63 -8.67 25.86 -26.83
N TRP B 64 -7.92 26.12 -25.75
CA TRP B 64 -8.36 25.94 -24.34
C TRP B 64 -8.83 27.28 -23.74
N ARG B 65 -9.94 27.20 -23.01
CA ARG B 65 -10.46 28.28 -22.16
C ARG B 65 -9.92 28.04 -20.77
N VAL B 66 -9.63 29.08 -20.00
CA VAL B 66 -9.16 28.95 -18.60
C VAL B 66 -10.17 29.65 -17.68
N ILE B 67 -10.46 29.02 -16.55
CA ILE B 67 -11.30 29.61 -15.46
C ILE B 67 -10.55 29.46 -14.14
N PHE B 68 -10.93 30.29 -13.18
CA PHE B 68 -10.37 30.30 -11.80
C PHE B 68 -11.51 30.10 -10.81
N SER B 69 -11.25 29.35 -9.75
CA SER B 69 -12.23 29.08 -8.67
C SER B 69 -11.55 29.27 -7.32
N LEU B 70 -12.30 29.77 -6.33
CA LEU B 70 -11.96 29.59 -4.90
C LEU B 70 -12.17 28.10 -4.58
N THR B 71 -11.22 27.50 -3.89
CA THR B 71 -11.23 26.05 -3.58
C THR B 71 -10.83 25.83 -2.13
N ALA B 72 -11.37 24.76 -1.55
CA ALA B 72 -10.96 24.20 -0.25
C ALA B 72 -11.02 22.67 -0.36
N PRO B 73 -10.31 21.95 0.53
CA PRO B 73 -10.46 20.50 0.62
C PRO B 73 -11.93 20.09 0.83
N ALA B 74 -12.38 19.04 0.16
CA ALA B 74 -13.77 18.53 0.19
C ALA B 74 -14.14 18.07 1.61
N ASP B 75 -13.20 17.48 2.35
CA ASP B 75 -13.43 16.91 3.71
C ASP B 75 -13.60 18.06 4.72
N LEU B 76 -13.30 19.31 4.34
CA LEU B 76 -13.45 20.49 5.23
C LEU B 76 -14.92 20.90 5.35
N LEU B 77 -15.33 21.42 6.50
CA LEU B 77 -16.72 21.89 6.76
C LEU B 77 -17.02 23.03 5.80
N PRO B 78 -18.19 23.03 5.12
CA PRO B 78 -18.54 24.10 4.18
C PRO B 78 -18.46 25.50 4.80
N GLY B 79 -19.05 25.69 5.98
CA GLY B 79 -19.16 27.00 6.65
C GLY B 79 -17.79 27.63 6.91
N LYS B 80 -16.71 26.84 6.89
CA LYS B 80 -15.34 27.31 7.23
C LYS B 80 -14.45 27.46 5.99
N ARG B 81 -14.93 27.11 4.79
CA ARG B 81 -14.11 27.13 3.55
C ARG B 81 -13.52 28.53 3.33
N HIS B 82 -14.21 29.58 3.77
CA HIS B 82 -13.82 31.00 3.55
C HIS B 82 -12.50 31.33 4.24
N ASP B 83 -12.13 30.58 5.28
CA ASP B 83 -10.93 30.88 6.12
C ASP B 83 -9.67 30.32 5.45
N VAL B 84 -9.79 29.40 4.50
CA VAL B 84 -8.63 28.69 3.88
C VAL B 84 -8.76 28.68 2.35
N ALA B 85 -9.50 29.62 1.77
CA ALA B 85 -9.76 29.70 0.31
C ALA B 85 -8.43 29.83 -0.45
N GLU B 86 -8.25 29.01 -1.48
CA GLU B 86 -7.05 29.00 -2.34
C GLU B 86 -7.51 29.05 -3.80
N ILE B 87 -6.87 29.87 -4.63
CA ILE B 87 -7.24 30.01 -6.07
C ILE B 87 -6.60 28.86 -6.85
N ARG B 88 -7.43 27.99 -7.43
CA ARG B 88 -7.01 26.99 -8.44
C ARG B 88 -7.49 27.46 -9.82
N TYR B 89 -6.82 27.01 -10.87
CA TYR B 89 -7.25 27.24 -12.28
C TYR B 89 -7.64 25.89 -12.89
N PHE B 90 -8.61 25.95 -13.80
CA PHE B 90 -9.11 24.80 -14.59
C PHE B 90 -9.11 25.21 -16.06
N TYR B 91 -8.92 24.24 -16.95
CA TYR B 91 -8.89 24.46 -18.42
C TYR B 91 -9.80 23.45 -19.10
N SER B 92 -10.39 23.83 -20.23
CA SER B 92 -11.33 22.99 -21.01
C SER B 92 -11.22 23.34 -22.50
N ARG B 93 -11.34 22.32 -23.35
CA ARG B 93 -11.32 22.49 -24.83
C ARG B 93 -12.73 22.75 -25.34
N ASP B 94 -13.77 22.17 -24.73
CA ASP B 94 -15.18 22.24 -25.22
C ASP B 94 -15.95 23.33 -24.45
N GLY B 95 -15.86 23.37 -23.12
CA GLY B 95 -16.62 24.34 -22.31
C GLY B 95 -17.35 23.64 -21.19
N GLU B 96 -17.35 22.30 -21.19
CA GLU B 96 -18.15 21.44 -20.28
C GLU B 96 -17.22 20.61 -19.40
N THR B 97 -16.25 19.90 -19.99
CA THR B 97 -15.34 18.96 -19.28
C THR B 97 -14.07 19.71 -18.85
N TRP B 98 -14.05 20.21 -17.62
CA TRP B 98 -12.92 21.00 -17.06
C TRP B 98 -11.89 20.08 -16.40
N PHE B 99 -10.60 20.36 -16.62
CA PHE B 99 -9.45 19.66 -15.99
C PHE B 99 -8.86 20.55 -14.91
N ASP B 100 -8.57 19.96 -13.74
CA ASP B 100 -7.92 20.66 -12.59
C ASP B 100 -6.47 20.98 -12.98
N GLY B 101 -6.11 22.26 -13.00
CA GLY B 101 -4.74 22.73 -13.27
C GLY B 101 -3.93 22.89 -12.00
N GLY B 102 -4.57 22.73 -10.83
CA GLY B 102 -3.91 22.89 -9.52
C GLY B 102 -3.90 24.35 -9.08
N PRO B 103 -3.23 24.67 -7.95
CA PRO B 103 -3.15 26.06 -7.49
C PRO B 103 -2.46 26.95 -8.52
N VAL B 104 -2.93 28.21 -8.61
CA VAL B 104 -2.40 29.20 -9.58
C VAL B 104 -1.08 29.74 -9.07
N PHE B 105 -0.97 29.92 -7.75
CA PHE B 105 0.23 30.54 -7.10
C PHE B 105 1.04 29.48 -6.36
N GLU B 106 2.36 29.50 -6.56
CA GLU B 106 3.34 28.60 -5.90
C GLU B 106 4.14 29.39 -4.85
N GLY B 107 3.86 30.69 -4.68
CA GLY B 107 4.79 31.64 -4.04
C GLY B 107 4.10 32.56 -3.05
N GLY B 108 4.65 33.77 -2.85
CA GLY B 108 4.25 34.70 -1.79
C GLY B 108 2.89 35.33 -2.07
N THR B 109 1.80 34.56 -1.92
CA THR B 109 0.42 35.09 -2.11
C THR B 109 0.05 35.98 -0.91
N ARG B 110 -0.65 37.07 -1.16
CA ARG B 110 -0.99 38.10 -0.14
C ARG B 110 -2.19 37.62 0.68
N GLY B 111 -2.21 37.92 1.98
CA GLY B 111 -3.33 37.60 2.91
C GLY B 111 -3.22 36.18 3.44
N SER B 112 -3.86 35.92 4.60
CA SER B 112 -3.98 34.59 5.22
C SER B 112 -4.67 33.62 4.24
N ARG B 113 -5.63 34.12 3.45
CA ARG B 113 -6.25 33.36 2.33
C ARG B 113 -6.66 34.34 1.21
N GLN B 114 -7.06 33.83 0.06
CA GLN B 114 -7.39 34.61 -1.15
C GLN B 114 -8.89 34.47 -1.45
N TRP B 115 -9.57 35.60 -1.68
CA TRP B 115 -11.01 35.67 -2.06
C TRP B 115 -11.12 36.10 -3.52
N ALA B 116 -12.34 36.08 -4.07
CA ALA B 116 -12.60 36.13 -5.54
C ALA B 116 -12.02 37.41 -6.13
N GLY B 117 -11.74 37.37 -7.44
CA GLY B 117 -11.32 38.53 -8.23
C GLY B 117 -11.67 38.38 -9.70
N SER B 118 -10.66 38.47 -10.57
CA SER B 118 -10.80 38.37 -12.04
C SER B 118 -9.43 38.01 -12.63
N ALA B 119 -9.37 37.81 -13.95
CA ALA B 119 -8.16 37.35 -14.67
C ALA B 119 -8.09 38.06 -16.01
N LEU B 120 -6.90 38.55 -16.36
CA LEU B 120 -6.63 39.28 -17.62
C LEU B 120 -5.42 38.66 -18.30
N LEU B 121 -5.61 38.22 -19.54
CA LEU B 121 -4.50 37.91 -20.49
C LEU B 121 -4.35 39.13 -21.40
N ASP B 122 -3.39 40.00 -21.08
CA ASP B 122 -3.21 41.31 -21.75
C ASP B 122 -2.83 41.05 -23.21
N ASP B 123 -2.88 42.08 -24.05
CA ASP B 123 -2.49 42.01 -25.49
C ASP B 123 -1.01 41.58 -25.59
N ASP B 124 -0.18 42.02 -24.64
CA ASP B 124 1.29 41.75 -24.62
C ASP B 124 1.57 40.30 -24.18
N GLY B 125 0.55 39.55 -23.74
CA GLY B 125 0.67 38.13 -23.36
C GLY B 125 0.95 37.95 -21.87
N ARG B 126 1.11 39.06 -21.12
CA ARG B 126 1.32 39.04 -19.65
C ARG B 126 0.01 38.63 -18.97
N LEU B 127 0.09 37.79 -17.93
CA LEU B 127 -1.09 37.32 -17.16
C LEU B 127 -1.18 38.10 -15.84
N TYR B 128 -2.35 38.65 -15.56
CA TYR B 128 -2.70 39.33 -14.29
C TYR B 128 -3.88 38.57 -13.67
N VAL B 129 -3.69 38.01 -12.47
CA VAL B 129 -4.78 37.36 -11.70
C VAL B 129 -5.10 38.24 -10.48
N PHE B 130 -6.11 39.10 -10.62
CA PHE B 130 -6.63 39.98 -9.54
C PHE B 130 -7.36 39.12 -8.52
N TYR B 131 -7.09 39.33 -7.24
CA TYR B 131 -7.72 38.58 -6.13
C TYR B 131 -7.84 39.49 -4.91
N THR B 132 -8.64 39.05 -3.93
CA THR B 132 -8.78 39.72 -2.61
C THR B 132 -7.83 39.04 -1.62
N ALA B 133 -6.93 39.81 -1.02
CA ALA B 133 -6.09 39.39 0.12
C ALA B 133 -6.91 39.55 1.40
N SER B 134 -7.42 38.44 1.95
CA SER B 134 -8.17 38.39 3.22
C SER B 134 -7.21 38.04 4.36
N GLY B 135 -7.25 38.82 5.44
CA GLY B 135 -6.28 38.77 6.55
C GLY B 135 -4.89 39.16 6.08
N ARG B 136 -3.88 38.75 6.84
CA ARG B 136 -2.44 38.93 6.52
C ARG B 136 -1.74 37.57 6.67
N ALA B 137 -0.77 37.29 5.78
CA ALA B 137 -0.06 35.98 5.72
C ALA B 137 0.51 35.62 7.10
N GLY B 138 0.23 34.39 7.57
CA GLY B 138 0.77 33.83 8.83
C GLY B 138 0.28 34.57 10.06
N GLU B 139 -0.94 35.13 10.02
CA GLU B 139 -1.60 35.77 11.20
C GLU B 139 -1.94 34.69 12.23
N ALA B 140 -1.97 35.07 13.51
CA ALA B 140 -2.19 34.17 14.67
C ALA B 140 -3.66 33.70 14.67
N GLU B 141 -4.60 34.63 14.86
CA GLU B 141 -6.06 34.42 14.75
C GLU B 141 -6.54 35.05 13.43
N ILE B 142 -7.54 34.44 12.78
CA ILE B 142 -8.09 34.93 11.47
C ILE B 142 -8.66 36.34 11.66
N THR B 143 -8.23 37.29 10.81
CA THR B 143 -8.80 38.66 10.70
C THR B 143 -9.64 38.73 9.41
N TYR B 144 -10.49 39.73 9.27
CA TYR B 144 -11.37 39.91 8.08
C TYR B 144 -10.98 41.20 7.34
N GLU B 145 -9.68 41.50 7.31
CA GLU B 145 -9.09 42.65 6.56
C GLU B 145 -8.99 42.26 5.10
N GLN B 146 -9.59 43.05 4.21
CA GLN B 146 -9.69 42.76 2.76
C GLN B 146 -8.98 43.87 1.99
N ARG B 147 -8.08 43.52 1.07
CA ARG B 147 -7.35 44.47 0.19
C ARG B 147 -7.27 43.88 -1.22
N LEU B 148 -7.42 44.71 -2.25
CA LEU B 148 -7.37 44.27 -3.67
C LEU B 148 -5.90 44.08 -4.05
N ALA B 149 -5.52 42.85 -4.38
CA ALA B 149 -4.14 42.50 -4.77
C ALA B 149 -4.14 41.93 -6.20
N VAL B 150 -2.96 41.74 -6.78
CA VAL B 150 -2.80 41.05 -8.11
C VAL B 150 -1.54 40.17 -8.07
N GLY B 151 -1.62 39.00 -8.68
CA GLY B 151 -0.46 38.17 -9.04
C GLY B 151 -0.04 38.37 -10.49
N SER B 152 0.78 39.37 -10.77
CA SER B 152 1.21 39.76 -12.15
C SER B 152 2.41 38.91 -12.60
N GLY B 153 2.71 38.98 -13.91
CA GLY B 153 3.92 38.40 -14.54
C GLY B 153 3.80 36.90 -14.73
N GLY B 154 2.59 36.38 -14.88
CA GLY B 154 2.36 34.95 -15.18
C GLY B 154 2.55 34.65 -16.67
N SER B 155 2.82 33.38 -16.99
CA SER B 155 2.91 32.85 -18.38
C SER B 155 1.91 31.68 -18.53
N VAL B 156 1.17 31.65 -19.63
CA VAL B 156 0.15 30.59 -19.94
C VAL B 156 0.67 29.76 -21.13
N VAL B 157 1.09 28.53 -20.86
CA VAL B 157 1.57 27.55 -21.88
C VAL B 157 0.46 26.54 -22.13
N ALA B 158 0.10 26.30 -23.39
CA ALA B 158 -0.90 25.27 -23.80
C ALA B 158 -0.29 24.32 -24.83
N ASP B 159 -0.16 23.04 -24.49
CA ASP B 159 0.17 21.96 -25.45
C ASP B 159 -1.16 21.34 -25.91
N ASP B 160 -1.13 20.21 -26.61
CA ASP B 160 -2.37 19.47 -26.99
C ASP B 160 -2.82 18.58 -25.81
N ASP B 161 -2.02 18.53 -24.73
CA ASP B 161 -2.23 17.64 -23.56
C ASP B 161 -2.89 18.41 -22.42
N GLY B 162 -2.69 19.73 -22.34
CA GLY B 162 -3.37 20.56 -21.32
C GLY B 162 -2.83 21.98 -21.27
N VAL B 163 -3.03 22.65 -20.14
CA VAL B 163 -2.59 24.05 -19.90
C VAL B 163 -1.86 24.09 -18.56
N ARG B 164 -0.68 24.70 -18.54
CA ARG B 164 0.12 24.97 -17.31
C ARG B 164 0.29 26.48 -17.21
N ILE B 165 0.10 27.03 -16.01
CA ILE B 165 0.43 28.46 -15.69
C ILE B 165 1.79 28.46 -15.01
N GLU B 166 2.80 29.02 -15.69
CA GLU B 166 4.23 28.86 -15.29
C GLU B 166 4.86 30.24 -15.09
N GLY B 167 6.12 30.23 -14.69
CA GLY B 167 6.96 31.43 -14.50
C GLY B 167 6.87 31.95 -13.08
N PRO B 168 7.69 32.96 -12.73
CA PRO B 168 7.67 33.57 -11.41
C PRO B 168 6.45 34.50 -11.27
N PHE B 169 5.79 34.49 -10.11
CA PHE B 169 4.62 35.37 -9.84
C PHE B 169 5.04 36.54 -8.95
N ALA B 170 4.64 37.76 -9.34
CA ALA B 170 4.91 39.02 -8.62
C ALA B 170 3.59 39.52 -7.99
N HIS B 171 3.54 39.51 -6.66
CA HIS B 171 2.33 39.77 -5.84
C HIS B 171 2.44 41.17 -5.21
N GLY B 172 1.41 42.01 -5.37
CA GLY B 172 1.39 43.39 -4.87
C GLY B 172 -0.01 43.84 -4.49
N VAL B 173 -0.15 44.60 -3.40
CA VAL B 173 -1.43 45.26 -3.00
C VAL B 173 -1.72 46.34 -4.05
N LEU B 174 -2.96 46.40 -4.56
CA LEU B 174 -3.38 47.43 -5.54
C LEU B 174 -4.15 48.54 -4.81
N LEU B 175 -5.14 48.18 -3.99
CA LEU B 175 -6.06 49.18 -3.37
C LEU B 175 -6.47 48.77 -1.96
N GLU B 176 -6.54 49.74 -1.06
CA GLU B 176 -7.14 49.63 0.30
C GLU B 176 -8.10 50.81 0.48
N PRO B 177 -9.20 50.66 1.25
CA PRO B 177 -10.23 51.69 1.31
C PRO B 177 -9.71 53.04 1.79
N ASP B 178 -10.15 54.12 1.16
CA ASP B 178 -9.64 55.50 1.40
C ASP B 178 -10.14 55.99 2.77
N GLY B 179 -11.41 55.77 3.10
CA GLY B 179 -12.02 56.22 4.37
C GLY B 179 -13.06 57.31 4.15
N GLU B 180 -13.16 57.84 2.92
CA GLU B 180 -14.11 58.93 2.55
C GLU B 180 -15.19 58.37 1.63
N ARG B 181 -14.81 57.75 0.51
CA ARG B 181 -15.75 57.19 -0.48
C ARG B 181 -15.96 55.69 -0.21
N TYR B 182 -14.98 55.01 0.41
CA TYR B 182 -15.06 53.56 0.68
C TYR B 182 -14.69 53.26 2.14
N GLU B 183 -15.61 52.63 2.86
CA GLU B 183 -15.56 52.34 4.32
C GLU B 183 -14.36 51.44 4.61
N ARG B 184 -13.60 51.76 5.65
CA ARG B 184 -12.46 50.97 6.19
C ARG B 184 -12.97 50.04 7.30
N GLU B 185 -12.19 49.03 7.67
CA GLU B 185 -12.54 48.05 8.74
C GLU B 185 -12.85 48.80 10.05
N GLU B 186 -12.08 49.84 10.38
CA GLU B 186 -12.25 50.66 11.61
C GLU B 186 -13.66 51.27 11.64
N GLN B 187 -14.11 51.80 10.50
CA GLN B 187 -15.39 52.55 10.36
C GLN B 187 -16.58 51.60 10.38
N SER B 188 -16.35 50.28 10.25
CA SER B 188 -17.39 49.24 10.07
C SER B 188 -18.39 49.26 11.24
N ARG B 189 -19.62 49.69 10.96
CA ARG B 189 -20.78 49.53 11.87
C ARG B 189 -21.59 48.33 11.38
N GLY B 190 -22.41 47.74 12.25
CA GLY B 190 -23.25 46.58 11.93
C GLY B 190 -22.40 45.38 11.56
N MET B 191 -22.59 44.82 10.37
CA MET B 191 -21.86 43.62 9.89
C MET B 191 -20.46 44.01 9.41
N ILE B 192 -19.63 43.00 9.13
CA ILE B 192 -18.20 43.15 8.69
C ILE B 192 -18.17 43.95 7.38
N TYR B 193 -17.23 44.90 7.27
CA TYR B 193 -17.03 45.74 6.07
C TYR B 193 -16.64 44.85 4.88
N THR B 194 -16.82 45.39 3.68
CA THR B 194 -16.46 44.73 2.40
C THR B 194 -15.49 45.65 1.64
N PHE B 195 -14.44 45.05 1.06
CA PHE B 195 -13.50 45.71 0.13
C PHE B 195 -12.78 44.64 -0.69
N ARG B 196 -13.49 44.03 -1.64
CA ARG B 196 -13.06 42.75 -2.26
C ARG B 196 -13.61 42.64 -3.69
N ASP B 197 -13.29 41.50 -4.33
CA ASP B 197 -13.85 41.08 -5.63
C ASP B 197 -13.45 42.10 -6.71
N PRO B 198 -12.14 42.29 -6.94
CA PRO B 198 -11.67 43.18 -8.01
C PRO B 198 -11.93 42.57 -9.41
N TRP B 199 -12.72 43.27 -10.22
CA TRP B 199 -13.10 42.81 -11.58
C TRP B 199 -12.55 43.78 -12.62
N PHE B 200 -11.61 43.33 -13.45
CA PHE B 200 -10.99 44.15 -14.53
C PHE B 200 -12.01 44.39 -15.63
N PHE B 201 -12.01 45.60 -16.20
CA PHE B 201 -12.98 46.03 -17.24
C PHE B 201 -12.40 47.17 -18.07
N GLU B 202 -12.26 46.93 -19.38
CA GLU B 202 -11.94 47.98 -20.38
C GLU B 202 -13.26 48.46 -21.00
N ASP B 203 -13.55 49.75 -20.89
CA ASP B 203 -14.74 50.39 -21.51
C ASP B 203 -14.56 50.35 -23.02
N PRO B 204 -15.41 49.59 -23.77
CA PRO B 204 -15.23 49.47 -25.21
C PRO B 204 -15.45 50.80 -25.95
N ARG B 205 -16.10 51.77 -25.30
CA ARG B 205 -16.35 53.12 -25.85
C ARG B 205 -15.13 54.01 -25.62
N SER B 206 -14.83 54.35 -24.36
CA SER B 206 -13.75 55.31 -24.00
C SER B 206 -12.37 54.68 -24.32
N GLY B 207 -12.23 53.36 -24.20
CA GLY B 207 -10.92 52.68 -24.25
C GLY B 207 -10.19 52.77 -22.91
N LYS B 208 -10.76 53.52 -21.95
CA LYS B 208 -10.18 53.69 -20.59
C LYS B 208 -10.26 52.37 -19.84
N THR B 209 -9.33 52.13 -18.92
CA THR B 209 -9.21 50.86 -18.17
C THR B 209 -9.71 51.11 -16.74
N TYR B 210 -10.63 50.27 -16.26
CA TYR B 210 -11.23 50.39 -14.90
C TYR B 210 -11.10 49.05 -14.17
N LEU B 211 -11.22 49.13 -12.85
CA LEU B 211 -11.28 47.95 -11.94
C LEU B 211 -12.45 48.16 -10.97
N LEU B 212 -13.52 47.38 -11.15
CA LEU B 212 -14.69 47.39 -10.25
C LEU B 212 -14.38 46.52 -9.03
N PHE B 213 -15.05 46.81 -7.91
CA PHE B 213 -14.92 46.05 -6.65
C PHE B 213 -16.17 46.29 -5.80
N GLU B 214 -16.41 45.36 -4.88
CA GLU B 214 -17.44 45.52 -3.82
C GLU B 214 -16.80 46.27 -2.64
N ALA B 215 -17.49 47.29 -2.15
CA ALA B 215 -17.08 48.09 -0.98
C ALA B 215 -18.32 48.45 -0.17
N ASN B 216 -18.10 49.19 0.91
CA ASN B 216 -19.15 49.88 1.69
C ASN B 216 -18.82 51.38 1.66
N THR B 217 -19.83 52.25 1.58
CA THR B 217 -19.66 53.72 1.65
C THR B 217 -19.89 54.16 3.08
N PRO B 218 -18.90 54.82 3.73
CA PRO B 218 -19.01 55.14 5.16
C PRO B 218 -20.18 56.08 5.43
N ILE B 219 -20.92 55.80 6.50
CA ILE B 219 -22.03 56.65 7.04
C ILE B 219 -21.67 57.02 8.47
N PRO B 220 -21.42 58.32 8.78
CA PRO B 220 -21.15 58.76 10.13
C PRO B 220 -22.27 58.34 11.10
N GLU B 221 -21.90 58.09 12.36
CA GLU B 221 -22.81 57.87 13.50
C GLU B 221 -23.79 59.04 13.60
N GLY B 222 -25.08 58.76 13.75
CA GLY B 222 -26.12 59.78 13.95
C GLY B 222 -26.30 60.69 12.75
N ALA B 223 -25.74 60.31 11.59
CA ALA B 223 -25.75 61.11 10.35
C ALA B 223 -27.19 61.46 9.93
N GLY B 224 -28.17 60.62 10.28
CA GLY B 224 -29.54 60.75 9.78
C GLY B 224 -29.59 60.54 8.28
N ALA B 225 -28.54 59.91 7.71
CA ALA B 225 -28.37 59.60 6.28
C ALA B 225 -29.48 58.65 5.81
N CYS B 226 -30.24 58.10 6.77
CA CYS B 226 -31.33 57.13 6.53
C CYS B 226 -32.54 57.46 7.41
N GLY B 227 -33.73 56.98 7.02
CA GLY B 227 -34.99 57.14 7.77
C GLY B 227 -35.05 56.27 9.02
N ASP B 228 -33.95 55.59 9.34
CA ASP B 228 -33.75 54.82 10.60
C ASP B 228 -32.25 54.61 10.81
N PRO B 229 -31.67 55.05 11.95
CA PRO B 229 -30.23 54.86 12.20
C PRO B 229 -29.69 53.43 11.99
N VAL B 230 -30.47 52.38 12.29
CA VAL B 230 -30.00 50.97 12.14
C VAL B 230 -29.78 50.66 10.66
N TRP B 231 -30.68 51.14 9.80
CA TRP B 231 -30.64 50.89 8.33
C TRP B 231 -29.29 51.36 7.76
N GLU B 232 -28.68 52.40 8.33
CA GLU B 232 -27.43 53.01 7.78
C GLU B 232 -26.25 52.05 7.96
N GLU B 233 -26.39 50.96 8.74
CA GLU B 233 -25.33 49.92 8.89
C GLU B 233 -25.16 49.14 7.60
N PHE B 234 -26.22 49.09 6.78
CA PHE B 234 -26.29 48.41 5.46
C PHE B 234 -25.90 49.41 4.38
N ASN B 235 -24.59 49.56 4.14
CA ASN B 235 -24.03 50.61 3.25
C ASN B 235 -23.20 49.96 2.14
N GLY B 236 -23.73 48.90 1.54
CA GLY B 236 -23.11 48.19 0.40
C GLY B 236 -23.02 49.09 -0.82
N SER B 237 -21.95 48.96 -1.60
CA SER B 237 -21.68 49.83 -2.78
C SER B 237 -20.78 49.11 -3.78
N VAL B 238 -20.91 49.47 -5.05
CA VAL B 238 -20.00 49.02 -6.15
C VAL B 238 -19.01 50.15 -6.39
N GLY B 239 -17.78 49.97 -5.91
CA GLY B 239 -16.68 50.92 -6.14
C GLY B 239 -16.02 50.65 -7.47
N ILE B 240 -15.32 51.65 -8.01
CA ILE B 240 -14.55 51.55 -9.28
C ILE B 240 -13.27 52.37 -9.13
N ALA B 241 -12.18 51.88 -9.72
CA ALA B 241 -10.88 52.58 -9.83
C ALA B 241 -10.53 52.70 -11.32
N HIS B 242 -9.71 53.69 -11.66
CA HIS B 242 -9.27 53.99 -13.04
C HIS B 242 -7.74 53.86 -13.13
N SER B 243 -7.24 53.35 -14.26
CA SER B 243 -5.80 53.39 -14.62
C SER B 243 -5.61 54.38 -15.75
N PRO B 244 -5.00 55.56 -15.49
CA PRO B 244 -4.75 56.54 -16.54
C PRO B 244 -3.84 55.97 -17.65
N THR B 245 -2.82 55.22 -17.25
CA THR B 245 -1.81 54.56 -18.11
C THR B 245 -2.39 53.32 -18.81
N GLY B 246 -3.42 52.71 -18.24
CA GLY B 246 -3.96 51.43 -18.75
C GLY B 246 -3.16 50.23 -18.24
N ASP B 247 -2.02 50.48 -17.61
CA ASP B 247 -1.26 49.47 -16.81
C ASP B 247 -2.23 48.77 -15.86
N PRO B 248 -2.39 47.43 -15.93
CA PRO B 248 -3.26 46.71 -14.99
C PRO B 248 -2.81 46.68 -13.52
N THR B 249 -1.79 47.44 -13.14
CA THR B 249 -1.21 47.45 -11.76
C THR B 249 -1.21 48.86 -11.16
N ASP B 250 -1.62 49.89 -11.91
CA ASP B 250 -1.63 51.31 -11.47
C ASP B 250 -3.08 51.80 -11.45
N TRP B 251 -3.66 52.03 -10.28
CA TRP B 251 -5.09 52.38 -10.11
C TRP B 251 -5.25 53.61 -9.21
N GLU B 252 -6.25 54.44 -9.51
CA GLU B 252 -6.67 55.59 -8.68
C GLU B 252 -8.16 55.43 -8.39
N LEU B 253 -8.58 55.56 -7.13
CA LEU B 253 -9.99 55.37 -6.72
C LEU B 253 -10.84 56.45 -7.38
N CYS B 254 -12.02 56.06 -7.87
CA CYS B 254 -13.08 56.97 -8.40
C CYS B 254 -14.28 56.91 -7.47
N ASP B 255 -15.29 57.75 -7.70
CA ASP B 255 -16.57 57.72 -6.95
C ASP B 255 -17.30 56.41 -7.27
N PRO B 256 -18.05 55.83 -6.31
CA PRO B 256 -18.71 54.55 -6.53
C PRO B 256 -19.78 54.65 -7.62
N LEU B 257 -19.97 53.55 -8.37
CA LEU B 257 -20.94 53.46 -9.49
C LEU B 257 -22.36 53.47 -8.93
N LEU B 258 -22.58 52.78 -7.80
CA LEU B 258 -23.93 52.56 -7.25
C LEU B 258 -23.81 52.25 -5.75
N GLU B 259 -24.79 52.72 -4.96
CA GLU B 259 -24.87 52.51 -3.49
C GLU B 259 -26.18 51.83 -3.13
N GLY B 260 -26.13 50.82 -2.27
CA GLY B 260 -27.33 50.20 -1.69
C GLY B 260 -27.49 50.59 -0.24
N ILE B 261 -27.34 51.87 0.09
CA ILE B 261 -27.39 52.33 1.51
C ILE B 261 -28.84 52.26 1.97
N CYS B 262 -29.07 51.72 3.16
CA CYS B 262 -30.42 51.48 3.74
C CYS B 262 -31.09 50.26 3.11
N VAL B 263 -30.38 49.52 2.25
CA VAL B 263 -30.98 48.39 1.49
C VAL B 263 -30.18 47.09 1.71
N ASN B 264 -28.87 47.09 1.46
CA ASN B 264 -28.06 45.85 1.54
C ASN B 264 -26.60 46.17 1.90
N GLN B 265 -25.96 45.28 2.66
CA GLN B 265 -24.55 45.43 3.12
C GLN B 265 -23.59 44.87 2.07
N GLU B 266 -23.95 43.75 1.44
CA GLU B 266 -23.06 43.00 0.51
C GLU B 266 -23.61 43.08 -0.92
N LEU B 267 -22.99 43.93 -1.76
CA LEU B 267 -23.22 43.97 -3.24
C LEU B 267 -22.07 43.21 -3.90
N GLU B 268 -22.13 41.88 -3.91
CA GLU B 268 -20.96 41.00 -4.13
C GLU B 268 -20.67 40.83 -5.63
N ARG B 269 -19.39 40.54 -5.93
CA ARG B 269 -18.85 40.20 -7.26
C ARG B 269 -19.52 41.08 -8.30
N PRO B 270 -19.27 42.41 -8.26
CA PRO B 270 -19.83 43.33 -9.24
C PRO B 270 -19.07 43.17 -10.55
N HIS B 271 -19.80 43.33 -11.65
CA HIS B 271 -19.25 43.21 -13.03
C HIS B 271 -20.22 43.88 -14.00
N VAL B 272 -19.70 44.34 -15.12
CA VAL B 272 -20.45 45.07 -16.17
C VAL B 272 -20.45 44.23 -17.45
N VAL B 273 -21.62 44.06 -18.05
CA VAL B 273 -21.78 43.54 -19.44
C VAL B 273 -22.30 44.69 -20.28
N VAL B 274 -21.59 45.06 -21.35
CA VAL B 274 -22.02 46.10 -22.32
C VAL B 274 -22.76 45.39 -23.45
N ARG B 275 -23.96 45.86 -23.76
CA ARG B 275 -24.78 45.27 -24.86
C ARG B 275 -25.31 46.39 -25.76
N ASN B 276 -24.87 46.36 -27.02
CA ASN B 276 -25.05 47.41 -28.04
C ASN B 276 -24.53 48.73 -27.45
N GLY B 277 -25.41 49.50 -26.80
CA GLY B 277 -25.06 50.85 -26.31
C GLY B 277 -25.34 51.01 -24.83
N PHE B 278 -25.64 49.92 -24.11
CA PHE B 278 -26.05 50.00 -22.70
C PHE B 278 -25.09 49.21 -21.81
N TYR B 279 -24.90 49.74 -20.61
CA TYR B 279 -24.06 49.18 -19.53
C TYR B 279 -24.96 48.54 -18.49
N TYR B 280 -24.92 47.20 -18.41
CA TYR B 280 -25.63 46.42 -17.37
C TYR B 280 -24.63 46.12 -16.25
N LEU B 281 -24.93 46.60 -15.04
CA LEU B 281 -24.13 46.34 -13.83
C LEU B 281 -24.84 45.27 -13.00
N PHE B 282 -24.15 44.16 -12.75
CA PHE B 282 -24.68 42.98 -12.02
C PHE B 282 -23.93 42.81 -10.70
N VAL B 283 -24.67 42.52 -9.64
CA VAL B 283 -24.15 42.19 -8.28
C VAL B 283 -24.95 41.02 -7.72
N SER B 284 -24.26 40.07 -7.11
CA SER B 284 -24.85 38.95 -6.34
C SER B 284 -25.06 39.44 -4.89
N SER B 285 -26.17 39.08 -4.25
CA SER B 285 -26.48 39.51 -2.86
C SER B 285 -27.23 38.41 -2.12
N HIS B 286 -27.17 38.44 -0.79
CA HIS B 286 -27.81 37.46 0.12
C HIS B 286 -29.15 38.00 0.62
N ASP B 287 -29.99 37.11 1.15
CA ASP B 287 -31.26 37.48 1.82
C ASP B 287 -30.96 38.05 3.21
N HIS B 288 -29.91 37.53 3.87
CA HIS B 288 -29.54 37.89 5.26
C HIS B 288 -28.82 39.24 5.29
N THR B 289 -28.37 39.76 4.14
CA THR B 289 -27.61 41.02 4.06
C THR B 289 -28.57 42.18 3.73
N PHE B 290 -29.87 41.93 3.66
CA PHE B 290 -30.90 42.98 3.45
C PHE B 290 -31.17 43.69 4.78
N ALA B 291 -31.34 45.02 4.70
CA ALA B 291 -31.72 45.88 5.84
C ALA B 291 -33.09 45.43 6.36
N PRO B 292 -33.39 45.64 7.65
CA PRO B 292 -34.70 45.28 8.20
C PRO B 292 -35.83 46.02 7.48
N GLY B 293 -37.01 45.39 7.42
CA GLY B 293 -38.19 45.91 6.69
C GLY B 293 -38.16 45.55 5.22
N LEU B 294 -37.05 44.98 4.74
CA LEU B 294 -36.91 44.48 3.34
C LEU B 294 -36.76 42.97 3.36
N GLU B 295 -37.40 42.29 2.40
CA GLU B 295 -37.35 40.82 2.22
C GLU B 295 -37.01 40.52 0.76
N GLY B 296 -35.76 40.13 0.50
CA GLY B 296 -35.30 39.71 -0.84
C GLY B 296 -34.54 38.40 -0.75
N PRO B 297 -34.55 37.57 -1.82
CA PRO B 297 -33.82 36.30 -1.81
C PRO B 297 -32.34 36.43 -2.20
N ASP B 298 -31.52 35.45 -1.81
CA ASP B 298 -30.21 35.18 -2.45
C ASP B 298 -30.44 35.26 -3.96
N GLY B 299 -29.76 36.17 -4.67
CA GLY B 299 -30.00 36.35 -6.11
C GLY B 299 -28.98 37.26 -6.77
N LEU B 300 -29.00 37.26 -8.11
CA LEU B 300 -28.28 38.25 -8.94
C LEU B 300 -29.20 39.45 -9.16
N TYR B 301 -28.78 40.63 -8.72
CA TYR B 301 -29.48 41.92 -8.95
C TYR B 301 -28.71 42.70 -10.01
N GLY B 302 -29.43 43.56 -10.73
CA GLY B 302 -28.91 44.19 -11.96
C GLY B 302 -29.45 45.59 -12.16
N PHE B 303 -28.62 46.44 -12.74
CA PHE B 303 -28.93 47.86 -13.06
C PHE B 303 -28.40 48.17 -14.45
N VAL B 304 -28.95 49.21 -15.08
CA VAL B 304 -28.64 49.56 -16.49
C VAL B 304 -28.53 51.09 -16.60
N ALA B 305 -27.59 51.54 -17.42
CA ALA B 305 -27.35 52.97 -17.73
C ALA B 305 -26.81 53.09 -19.15
N ASP B 306 -26.84 54.30 -19.71
CA ASP B 306 -26.36 54.64 -21.07
C ASP B 306 -24.84 54.86 -21.03
N SER B 307 -24.22 54.92 -19.84
CA SER B 307 -22.79 55.17 -19.64
C SER B 307 -22.27 54.29 -18.51
N LEU B 308 -20.97 53.97 -18.50
CA LEU B 308 -20.35 53.12 -17.45
C LEU B 308 -20.55 53.78 -16.08
N ARG B 309 -20.35 55.10 -15.99
CA ARG B 309 -20.45 55.88 -14.73
C ARG B 309 -21.76 56.69 -14.72
N GLY B 310 -22.80 56.13 -15.34
CA GLY B 310 -24.08 56.85 -15.58
C GLY B 310 -25.06 56.69 -14.44
N GLU B 311 -26.28 57.17 -14.66
CA GLU B 311 -27.44 57.10 -13.72
C GLU B 311 -28.05 55.70 -13.84
N TYR B 312 -27.48 54.75 -13.11
CA TYR B 312 -27.94 53.34 -13.05
C TYR B 312 -29.36 53.30 -12.50
N ARG B 313 -30.23 52.52 -13.16
CA ARG B 313 -31.61 52.26 -12.70
C ARG B 313 -31.78 50.74 -12.60
N PRO B 314 -32.57 50.24 -11.63
CA PRO B 314 -32.69 48.80 -11.42
C PRO B 314 -33.45 48.10 -12.54
N LEU B 315 -32.98 46.93 -12.95
CA LEU B 315 -33.66 46.05 -13.93
C LEU B 315 -34.95 45.51 -13.32
N ASN B 316 -35.99 45.36 -14.13
CA ASN B 316 -37.30 44.77 -13.71
C ASN B 316 -37.91 45.59 -12.58
N GLY B 317 -37.54 46.87 -12.43
CA GLY B 317 -38.12 47.79 -11.44
C GLY B 317 -37.55 47.61 -10.04
N SER B 318 -37.37 46.37 -9.59
CA SER B 318 -36.90 46.01 -8.22
C SER B 318 -35.38 45.82 -8.19
N GLY B 319 -34.80 45.36 -9.31
CA GLY B 319 -33.36 45.06 -9.43
C GLY B 319 -33.12 43.56 -9.50
N LEU B 320 -34.07 42.73 -9.06
CA LEU B 320 -33.93 41.25 -9.09
C LEU B 320 -33.91 40.79 -10.53
N VAL B 321 -32.81 40.15 -10.94
CA VAL B 321 -32.61 39.62 -12.32
C VAL B 321 -32.79 38.10 -12.31
N LEU B 322 -32.24 37.42 -11.31
CA LEU B 322 -32.12 35.95 -11.29
C LEU B 322 -32.07 35.47 -9.85
N THR B 323 -32.79 34.40 -9.51
CA THR B 323 -32.84 33.86 -8.12
C THR B 323 -33.18 32.37 -8.14
N ASN B 324 -33.02 31.73 -6.97
CA ASN B 324 -33.31 30.29 -6.74
C ASN B 324 -34.79 30.12 -6.44
N PRO B 325 -35.37 28.92 -6.69
CA PRO B 325 -36.76 28.66 -6.33
C PRO B 325 -36.96 28.65 -4.81
N ALA B 326 -38.19 28.94 -4.36
CA ALA B 326 -38.58 29.03 -2.95
C ALA B 326 -38.20 27.75 -2.19
N ASN B 327 -38.36 26.59 -2.83
CA ASN B 327 -38.19 25.25 -2.20
C ASN B 327 -36.74 24.76 -2.33
N ALA B 328 -35.81 25.60 -2.79
CA ALA B 328 -34.34 25.33 -2.77
C ALA B 328 -33.58 26.66 -2.81
N PRO B 329 -33.83 27.55 -1.83
CA PRO B 329 -33.51 28.97 -2.01
C PRO B 329 -32.02 29.31 -1.95
N TYR B 330 -31.16 28.36 -1.60
CA TYR B 330 -29.69 28.58 -1.45
C TYR B 330 -28.91 27.68 -2.41
N GLN B 331 -29.54 27.21 -3.48
CA GLN B 331 -28.95 26.16 -4.36
C GLN B 331 -27.79 26.73 -5.19
N ALA B 332 -27.78 28.04 -5.43
CA ALA B 332 -26.72 28.69 -6.24
C ALA B 332 -26.41 30.08 -5.67
N TYR B 333 -25.21 30.58 -5.95
CA TYR B 333 -24.76 31.94 -5.60
C TYR B 333 -23.55 32.34 -6.46
N SER B 334 -23.12 33.60 -6.33
CA SER B 334 -21.88 34.15 -6.94
C SER B 334 -21.97 34.05 -8.46
N TRP B 335 -23.07 34.56 -9.02
CA TRP B 335 -23.34 34.56 -10.48
C TRP B 335 -22.47 35.61 -11.17
N VAL B 336 -21.93 35.25 -12.34
CA VAL B 336 -21.17 36.13 -13.26
C VAL B 336 -21.87 36.08 -14.63
N ALA B 337 -22.32 37.23 -15.13
CA ALA B 337 -22.98 37.38 -16.44
C ALA B 337 -21.93 37.70 -17.50
N PHE B 338 -22.12 37.17 -18.71
CA PHE B 338 -21.21 37.37 -19.88
C PHE B 338 -22.01 37.19 -21.17
N SER B 339 -21.68 37.97 -22.20
CA SER B 339 -22.44 38.04 -23.47
C SER B 339 -22.06 36.88 -24.39
N HIS B 340 -23.08 36.26 -25.01
CA HIS B 340 -22.93 35.24 -26.07
C HIS B 340 -23.89 35.57 -27.22
N ARG B 341 -23.36 36.24 -28.25
CA ARG B 341 -24.07 36.59 -29.51
C ARG B 341 -25.22 37.55 -29.21
N GLU B 342 -26.42 37.03 -28.96
CA GLU B 342 -27.66 37.82 -28.74
C GLU B 342 -28.14 37.60 -27.30
N GLU B 343 -27.58 36.60 -26.61
CA GLU B 343 -28.05 36.15 -25.28
C GLU B 343 -27.08 36.67 -24.21
N LEU B 344 -27.51 36.60 -22.96
CA LEU B 344 -26.67 36.74 -21.75
C LEU B 344 -26.61 35.38 -21.06
N LEU B 345 -25.40 34.87 -20.83
CA LEU B 345 -25.18 33.63 -20.03
C LEU B 345 -24.73 34.03 -18.64
N VAL B 346 -25.12 33.23 -17.64
CA VAL B 346 -24.89 33.52 -16.20
C VAL B 346 -24.42 32.24 -15.53
N SER B 347 -23.20 32.24 -15.00
CA SER B 347 -22.57 31.08 -14.32
C SER B 347 -22.38 31.38 -12.83
N GLY B 348 -23.14 30.68 -11.98
CA GLY B 348 -22.89 30.65 -10.52
C GLY B 348 -22.24 29.34 -10.13
N PHE B 349 -22.23 29.03 -8.83
CA PHE B 349 -21.72 27.73 -8.31
C PHE B 349 -22.85 27.07 -7.52
N PHE B 350 -22.79 25.75 -7.39
CA PHE B 350 -23.82 24.90 -6.74
C PHE B 350 -23.58 24.94 -5.23
N ASN B 351 -24.44 25.63 -4.49
CA ASN B 351 -24.17 26.09 -3.10
C ASN B 351 -24.76 25.09 -2.09
N TYR B 352 -26.03 25.25 -1.70
CA TYR B 352 -26.64 24.49 -0.58
C TYR B 352 -28.00 23.95 -1.01
N TYR B 353 -28.17 22.63 -0.95
CA TYR B 353 -29.39 21.94 -1.44
C TYR B 353 -29.84 20.90 -0.40
N ASP B 354 -31.08 20.43 -0.54
CA ASP B 354 -31.67 19.33 0.27
C ASP B 354 -31.69 19.75 1.74
N LEU B 355 -31.97 21.03 2.03
CA LEU B 355 -32.05 21.56 3.42
C LEU B 355 -33.36 21.11 4.06
N GLY B 356 -34.39 20.84 3.24
CA GLY B 356 -35.72 20.40 3.70
C GLY B 356 -36.49 21.51 4.41
N GLY B 357 -35.92 22.73 4.49
CA GLY B 357 -36.55 23.89 5.14
C GLY B 357 -35.58 24.65 6.04
N LEU B 358 -34.45 24.03 6.41
CA LEU B 358 -33.47 24.57 7.39
C LEU B 358 -32.92 25.91 6.89
N THR B 359 -32.66 26.84 7.82
CA THR B 359 -31.95 28.12 7.57
C THR B 359 -30.44 27.85 7.59
N LEU B 360 -29.62 28.80 7.12
CA LEU B 360 -28.16 28.60 6.98
C LEU B 360 -27.54 28.40 8.36
N ASP B 361 -27.99 29.14 9.36
CA ASP B 361 -27.47 29.04 10.74
C ASP B 361 -27.77 27.62 11.27
N ASP B 362 -28.92 27.03 10.88
CA ASP B 362 -29.33 25.67 11.31
C ASP B 362 -28.40 24.60 10.72
N VAL B 363 -27.82 24.87 9.54
CA VAL B 363 -26.95 23.88 8.83
C VAL B 363 -25.73 23.59 9.72
N ALA B 364 -25.17 24.62 10.35
CA ALA B 364 -24.00 24.54 11.26
C ALA B 364 -24.24 23.52 12.38
N THR B 365 -25.50 23.24 12.74
CA THR B 365 -25.89 22.29 13.82
C THR B 365 -25.50 20.86 13.43
N LEU B 366 -25.70 20.51 12.15
CA LEU B 366 -25.67 19.11 11.64
C LEU B 366 -24.27 18.52 11.80
N SER B 367 -24.18 17.19 11.79
CA SER B 367 -22.91 16.42 11.83
C SER B 367 -22.06 16.86 10.65
N PRO B 368 -20.70 16.75 10.76
CA PRO B 368 -19.83 17.09 9.63
C PRO B 368 -20.26 16.41 8.32
N ASP B 369 -20.53 15.12 8.34
CA ASP B 369 -20.98 14.34 7.16
C ASP B 369 -22.27 14.94 6.60
N GLU B 370 -23.25 15.26 7.46
CA GLU B 370 -24.57 15.79 7.04
C GLU B 370 -24.41 17.19 6.45
N GLN B 371 -23.38 17.95 6.85
CA GLN B 371 -23.10 19.31 6.31
C GLN B 371 -22.47 19.17 4.92
N ARG B 372 -21.43 18.34 4.80
CA ARG B 372 -20.86 17.87 3.51
C ARG B 372 -21.97 17.05 2.82
N ALA B 373 -22.03 17.17 1.50
CA ALA B 373 -23.05 16.53 0.65
C ALA B 373 -24.46 17.13 0.91
N LYS B 374 -24.54 18.26 1.64
CA LYS B 374 -25.60 19.31 1.45
C LYS B 374 -24.98 20.52 0.74
N PHE B 375 -23.74 20.34 0.27
CA PHE B 375 -22.94 21.35 -0.44
C PHE B 375 -22.44 20.74 -1.75
N GLY B 376 -22.77 21.41 -2.86
CA GLY B 376 -22.34 21.02 -4.21
C GLY B 376 -20.84 21.15 -4.35
N GLY B 377 -20.33 22.39 -4.40
CA GLY B 377 -18.91 22.69 -4.60
C GLY B 377 -18.48 22.42 -6.03
N THR B 378 -19.39 22.69 -6.98
CA THR B 378 -19.14 22.58 -8.44
C THR B 378 -19.80 23.78 -9.11
N LEU B 379 -19.70 23.87 -10.44
CA LEU B 379 -20.39 24.92 -11.21
C LEU B 379 -21.86 24.55 -11.37
N ALA B 380 -22.73 25.54 -11.22
CA ALA B 380 -24.19 25.44 -11.45
C ALA B 380 -24.45 25.38 -12.95
N PRO B 381 -25.58 24.78 -13.39
CA PRO B 381 -25.98 24.84 -14.79
C PRO B 381 -26.11 26.30 -15.24
N THR B 382 -25.34 26.71 -16.26
CA THR B 382 -25.25 28.13 -16.66
C THR B 382 -26.57 28.53 -17.29
N VAL B 383 -27.13 29.65 -16.83
CA VAL B 383 -28.49 30.11 -17.20
C VAL B 383 -28.37 30.95 -18.46
N ARG B 384 -29.32 30.77 -19.38
CA ARG B 384 -29.48 31.62 -20.58
C ARG B 384 -30.58 32.63 -20.28
N VAL B 385 -30.28 33.92 -20.38
CA VAL B 385 -31.25 35.02 -20.17
C VAL B 385 -31.23 35.93 -21.39
N ALA B 386 -32.32 36.66 -21.59
CA ALA B 386 -32.52 37.63 -22.69
C ALA B 386 -32.77 39.00 -22.07
N LEU B 387 -31.93 39.99 -22.42
CA LEU B 387 -32.07 41.41 -21.99
C LEU B 387 -32.92 42.16 -23.01
N SER B 388 -33.79 43.05 -22.51
CA SER B 388 -34.77 43.82 -23.31
C SER B 388 -34.88 45.24 -22.73
N GLY B 389 -33.81 46.02 -22.82
CA GLY B 389 -33.75 47.35 -22.18
C GLY B 389 -33.54 47.20 -20.68
N ASP B 390 -34.48 47.65 -19.86
CA ASP B 390 -34.41 47.55 -18.38
C ASP B 390 -35.16 46.31 -17.88
N ARG B 391 -35.45 45.35 -18.77
CA ARG B 391 -36.23 44.12 -18.46
C ARG B 391 -35.40 42.89 -18.82
N THR B 392 -35.49 41.83 -18.01
CA THR B 392 -34.78 40.55 -18.24
C THR B 392 -35.78 39.39 -18.18
N ARG B 393 -35.38 38.23 -18.72
CA ARG B 393 -36.20 37.01 -18.75
C ARG B 393 -35.27 35.80 -18.88
N ILE B 394 -35.44 34.81 -18.00
CA ILE B 394 -34.76 33.48 -18.08
C ILE B 394 -35.33 32.76 -19.31
N THR B 395 -34.45 32.29 -20.20
CA THR B 395 -34.84 31.62 -21.47
C THR B 395 -34.57 30.12 -21.38
N GLY B 396 -33.60 29.70 -20.57
CA GLY B 396 -33.33 28.26 -20.31
C GLY B 396 -32.02 28.08 -19.61
N THR B 397 -31.45 26.87 -19.69
CA THR B 397 -30.15 26.53 -19.04
C THR B 397 -29.33 25.65 -19.96
N LEU B 398 -28.05 25.48 -19.62
CA LEU B 398 -27.10 24.56 -20.29
C LEU B 398 -26.62 23.56 -19.26
N SER B 399 -25.69 22.68 -19.65
CA SER B 399 -25.02 21.71 -18.74
C SER B 399 -24.34 22.47 -17.60
N HIS B 400 -24.00 21.75 -16.54
CA HIS B 400 -23.28 22.29 -15.34
C HIS B 400 -22.01 23.00 -15.82
N GLY B 401 -21.85 24.27 -15.43
CA GLY B 401 -20.64 25.08 -15.69
C GLY B 401 -20.23 25.01 -17.15
N ARG B 402 -21.16 25.15 -18.09
CA ARG B 402 -20.79 25.31 -19.51
C ARG B 402 -20.47 26.78 -19.77
N ILE B 403 -19.22 27.09 -20.11
CA ILE B 403 -18.81 28.47 -20.52
C ILE B 403 -18.42 28.40 -21.99
N PRO B 404 -19.37 28.71 -22.92
CA PRO B 404 -19.08 28.65 -24.35
C PRO B 404 -18.49 29.96 -24.90
N LEU B 405 -17.75 29.85 -26.01
CA LEU B 405 -17.28 31.01 -26.80
C LEU B 405 -18.42 31.46 -27.72
N GLU B 406 -18.30 32.67 -28.27
CA GLU B 406 -19.28 33.24 -29.22
C GLU B 406 -19.27 32.43 -30.53
N SER B 407 -18.14 31.76 -30.80
CA SER B 407 -17.94 30.89 -31.99
C SER B 407 -18.81 29.61 -31.92
N GLU B 408 -19.46 29.34 -30.78
CA GLU B 408 -20.18 28.06 -30.54
C GLU B 408 -21.69 28.28 -30.54
N GLU B 409 -22.42 27.45 -31.29
CA GLU B 409 -23.89 27.54 -31.45
C GLU B 409 -24.55 26.80 -30.28
N LEU B 410 -25.51 27.44 -29.62
CA LEU B 410 -26.28 26.81 -28.51
C LEU B 410 -27.60 26.30 -29.09
N PRO B 411 -28.22 25.27 -28.47
CA PRO B 411 -29.53 24.78 -28.88
C PRO B 411 -30.63 25.86 -28.89
N ASP B 412 -31.62 25.74 -29.78
CA ASP B 412 -32.76 26.69 -29.87
C ASP B 412 -33.82 26.33 -28.81
N LEU B 413 -34.81 27.20 -28.63
CA LEU B 413 -36.02 26.96 -27.80
C LEU B 413 -37.25 26.96 -28.70
N ALA C 9 -2.20 -14.57 -35.17
CA ALA C 9 -3.61 -14.98 -35.50
C ALA C 9 -3.67 -16.49 -35.79
N THR C 10 -3.08 -17.30 -34.92
CA THR C 10 -2.77 -18.75 -35.16
C THR C 10 -4.07 -19.53 -35.31
N PRO C 11 -4.22 -20.37 -36.36
CA PRO C 11 -5.43 -21.16 -36.53
C PRO C 11 -5.69 -22.05 -35.31
N ARG C 12 -6.94 -22.15 -34.88
CA ARG C 12 -7.30 -22.87 -33.62
C ARG C 12 -8.32 -23.97 -33.91
N TRP C 13 -8.01 -25.18 -33.43
CA TRP C 13 -9.00 -26.26 -33.22
C TRP C 13 -9.79 -25.90 -31.95
N THR C 14 -11.06 -25.53 -32.13
CA THR C 14 -11.91 -24.91 -31.08
C THR C 14 -12.71 -25.99 -30.35
N ARG C 15 -13.24 -25.66 -29.18
CA ARG C 15 -14.15 -26.53 -28.39
C ARG C 15 -15.45 -26.75 -29.18
N GLU C 16 -15.87 -25.74 -29.95
CA GLU C 16 -17.09 -25.85 -30.81
C GLU C 16 -16.88 -26.99 -31.82
N HIS C 17 -15.65 -27.16 -32.31
CA HIS C 17 -15.27 -28.28 -33.23
C HIS C 17 -15.34 -29.60 -32.46
N ALA C 18 -14.57 -29.72 -31.37
CA ALA C 18 -14.44 -30.95 -30.56
C ALA C 18 -15.80 -31.43 -30.07
N SER C 19 -16.72 -30.50 -29.77
CA SER C 19 -18.10 -30.81 -29.31
C SER C 19 -18.81 -31.73 -30.32
N LYS C 20 -18.46 -31.62 -31.60
CA LYS C 20 -19.14 -32.34 -32.71
C LYS C 20 -18.50 -33.70 -32.96
N ILE C 21 -17.37 -34.01 -32.31
CA ILE C 21 -16.64 -35.31 -32.48
C ILE C 21 -17.61 -36.46 -32.25
N GLU C 22 -17.57 -37.47 -33.10
CA GLU C 22 -18.58 -38.57 -33.13
C GLU C 22 -18.10 -39.65 -34.11
N ARG C 23 -18.10 -40.91 -33.67
CA ARG C 23 -17.83 -42.08 -34.54
C ARG C 23 -18.88 -42.13 -35.66
N THR C 24 -18.45 -42.32 -36.91
CA THR C 24 -19.32 -42.52 -38.09
C THR C 24 -18.75 -43.66 -38.94
N ASP C 25 -19.56 -44.23 -39.83
CA ASP C 25 -19.14 -45.32 -40.75
C ASP C 25 -17.91 -44.88 -41.54
N GLU C 26 -17.75 -43.58 -41.77
CA GLU C 26 -16.69 -43.00 -42.63
C GLU C 26 -15.38 -42.80 -41.85
N THR C 27 -15.37 -42.95 -40.52
CA THR C 27 -14.18 -42.66 -39.67
C THR C 27 -13.73 -43.87 -38.87
N VAL C 28 -14.51 -44.96 -38.84
CA VAL C 28 -14.23 -46.13 -37.96
C VAL C 28 -13.57 -47.23 -38.79
N VAL C 29 -12.38 -47.65 -38.36
CA VAL C 29 -11.56 -48.71 -39.04
C VAL C 29 -12.16 -50.06 -38.67
N PRO C 30 -12.01 -51.12 -39.49
CA PRO C 30 -12.39 -52.46 -39.07
C PRO C 30 -11.58 -52.96 -37.87
N ILE C 31 -12.07 -54.02 -37.22
CA ILE C 31 -11.37 -54.69 -36.10
C ILE C 31 -10.02 -55.19 -36.60
N ILE C 32 -8.97 -54.95 -35.82
CA ILE C 32 -7.59 -55.43 -36.11
C ILE C 32 -7.43 -56.76 -35.37
N TYR C 33 -7.08 -57.81 -36.11
CA TYR C 33 -6.77 -59.15 -35.57
C TYR C 33 -5.26 -59.38 -35.67
N PRO C 34 -4.65 -60.08 -34.69
CA PRO C 34 -3.20 -60.25 -34.68
C PRO C 34 -2.73 -60.96 -35.94
N PRO C 35 -1.53 -60.63 -36.46
CA PRO C 35 -0.98 -61.36 -37.62
C PRO C 35 -0.56 -62.78 -37.20
N ARG C 36 -0.53 -63.70 -38.16
CA ARG C 36 -0.35 -65.15 -37.90
C ARG C 36 1.05 -65.42 -37.33
N GLU C 37 2.07 -64.68 -37.78
CA GLU C 37 3.46 -64.77 -37.24
C GLU C 37 3.99 -63.35 -36.99
N ASP C 38 5.03 -63.22 -36.17
CA ASP C 38 5.67 -61.92 -35.82
C ASP C 38 6.99 -61.83 -36.60
N ALA C 39 7.22 -60.68 -37.29
CA ALA C 39 8.44 -60.37 -38.07
C ALA C 39 9.67 -60.45 -37.15
N ALA C 40 9.53 -59.97 -35.91
CA ALA C 40 10.50 -60.10 -34.81
C ALA C 40 9.75 -60.49 -33.54
N PRO C 41 9.66 -61.80 -33.21
CA PRO C 41 9.02 -62.24 -31.97
C PRO C 41 9.70 -61.62 -30.74
N GLU C 42 10.99 -61.26 -30.87
CA GLU C 42 11.84 -60.76 -29.76
C GLU C 42 11.59 -59.26 -29.50
N ILE C 43 10.85 -58.58 -30.40
CA ILE C 43 10.76 -57.08 -30.37
C ILE C 43 9.30 -56.64 -30.50
N ASN C 44 8.90 -55.68 -29.66
CA ASN C 44 7.62 -54.93 -29.81
C ASN C 44 7.95 -53.61 -30.51
N GLY C 45 7.16 -53.27 -31.52
CA GLY C 45 7.39 -52.10 -32.39
C GLY C 45 6.16 -51.22 -32.46
N TRP C 46 6.35 -49.90 -32.39
CA TRP C 46 5.25 -48.91 -32.52
C TRP C 46 5.80 -47.65 -33.19
N ASP C 47 4.97 -46.61 -33.30
CA ASP C 47 5.34 -45.26 -33.81
C ASP C 47 6.33 -45.40 -34.97
N THR C 48 5.84 -45.82 -36.13
CA THR C 48 6.66 -46.16 -37.32
C THR C 48 6.60 -44.99 -38.30
N TRP C 49 7.72 -44.70 -38.98
CA TRP C 49 7.82 -43.64 -40.02
C TRP C 49 8.66 -44.13 -41.20
N PHE C 50 8.52 -43.49 -42.35
CA PHE C 50 9.10 -43.97 -43.63
C PHE C 50 10.38 -43.18 -43.96
N LEU C 51 11.37 -43.88 -44.52
CA LEU C 51 12.50 -43.22 -45.21
C LEU C 51 11.94 -42.60 -46.49
N ARG C 52 11.91 -41.27 -46.55
CA ARG C 52 11.37 -40.49 -47.69
C ARG C 52 12.53 -39.82 -48.43
N GLU C 53 12.34 -39.57 -49.73
CA GLU C 53 13.15 -38.62 -50.53
C GLU C 53 12.77 -37.20 -50.09
N ARG C 54 13.39 -36.20 -50.69
CA ARG C 54 13.21 -34.77 -50.28
C ARG C 54 11.75 -34.33 -50.53
N ASP C 55 11.16 -34.73 -51.66
CA ASP C 55 9.77 -34.32 -52.05
C ASP C 55 8.76 -34.92 -51.06
N GLY C 56 9.10 -36.06 -50.43
CA GLY C 56 8.25 -36.75 -49.46
C GLY C 56 7.86 -38.15 -49.92
N SER C 57 8.06 -38.48 -51.20
CA SER C 57 7.79 -39.82 -51.77
C SER C 57 8.60 -40.88 -51.01
N ILE C 58 8.08 -42.11 -50.91
CA ILE C 58 8.77 -43.23 -50.21
C ILE C 58 10.09 -43.49 -50.94
N ALA C 59 11.21 -43.40 -50.22
CA ALA C 59 12.56 -43.66 -50.78
C ALA C 59 12.69 -45.14 -51.12
N THR C 60 13.43 -45.43 -52.18
CA THR C 60 13.69 -46.80 -52.71
C THR C 60 15.18 -46.92 -53.03
N VAL C 61 15.90 -47.80 -52.34
CA VAL C 61 17.36 -48.06 -52.54
C VAL C 61 17.52 -49.51 -53.02
N GLY C 62 17.98 -49.67 -54.26
CA GLY C 62 18.21 -51.00 -54.87
C GLY C 62 16.99 -51.90 -54.79
N GLY C 63 15.78 -51.32 -54.83
CA GLY C 63 14.50 -52.06 -54.85
C GLY C 63 13.92 -52.25 -53.47
N TRP C 64 14.58 -51.73 -52.42
CA TRP C 64 14.14 -51.86 -51.01
C TRP C 64 13.51 -50.55 -50.53
N ARG C 65 12.39 -50.64 -49.82
CA ARG C 65 11.85 -49.53 -48.99
C ARG C 65 12.44 -49.69 -47.59
N VAL C 66 12.68 -48.58 -46.90
CA VAL C 66 13.16 -48.59 -45.50
C VAL C 66 12.11 -47.88 -44.64
N ILE C 67 11.84 -48.42 -43.46
CA ILE C 67 10.98 -47.79 -42.42
C ILE C 67 11.74 -47.84 -41.10
N PHE C 68 11.34 -46.96 -40.18
CA PHE C 68 11.89 -46.85 -38.81
C PHE C 68 10.76 -47.03 -37.81
N SER C 69 11.05 -47.71 -36.71
CA SER C 69 10.09 -47.95 -35.61
C SER C 69 10.78 -47.65 -34.27
N LEU C 70 10.00 -47.13 -33.31
CA LEU C 70 10.35 -47.22 -31.87
C LEU C 70 10.19 -48.69 -31.47
N THR C 71 11.19 -49.22 -30.75
CA THR C 71 11.23 -50.65 -30.37
C THR C 71 11.65 -50.78 -28.91
N ALA C 72 11.15 -51.83 -28.26
CA ALA C 72 11.58 -52.31 -26.95
C ALA C 72 11.60 -53.84 -26.98
N PRO C 73 12.34 -54.49 -26.06
CA PRO C 73 12.27 -55.95 -25.92
C PRO C 73 10.82 -56.40 -25.68
N ALA C 74 10.42 -57.51 -26.31
CA ALA C 74 9.05 -58.07 -26.24
C ALA C 74 8.71 -58.48 -24.81
N ASP C 75 9.69 -59.01 -24.05
CA ASP C 75 9.47 -59.50 -22.66
C ASP C 75 9.19 -58.33 -21.71
N LEU C 76 9.43 -57.08 -22.13
CA LEU C 76 9.24 -55.88 -21.29
C LEU C 76 7.76 -55.53 -21.21
N LEU C 77 7.33 -54.97 -20.08
CA LEU C 77 5.92 -54.55 -19.85
C LEU C 77 5.58 -53.45 -20.86
N PRO C 78 4.42 -53.53 -21.55
CA PRO C 78 4.03 -52.52 -22.51
C PRO C 78 4.07 -51.08 -21.96
N GLY C 79 3.46 -50.87 -20.79
CA GLY C 79 3.31 -49.54 -20.17
C GLY C 79 4.64 -48.85 -19.96
N LYS C 80 5.77 -49.58 -19.96
CA LYS C 80 7.12 -49.03 -19.63
C LYS C 80 8.00 -48.87 -20.88
N ARG C 81 7.53 -49.30 -22.07
CA ARG C 81 8.34 -49.28 -23.31
C ARG C 81 8.87 -47.87 -23.60
N HIS C 82 8.16 -46.83 -23.20
CA HIS C 82 8.49 -45.40 -23.52
C HIS C 82 9.80 -44.98 -22.84
N ASP C 83 10.20 -45.66 -21.76
CA ASP C 83 11.37 -45.26 -20.95
C ASP C 83 12.67 -45.80 -21.59
N VAL C 84 12.56 -46.79 -22.49
CA VAL C 84 13.76 -47.48 -23.08
C VAL C 84 13.62 -47.58 -24.60
N ALA C 85 12.85 -46.70 -25.23
CA ALA C 85 12.58 -46.73 -26.69
C ALA C 85 13.90 -46.59 -27.45
N GLU C 86 14.10 -47.46 -28.45
CA GLU C 86 15.30 -47.47 -29.31
C GLU C 86 14.83 -47.52 -30.77
N ILE C 87 15.45 -46.74 -31.64
CA ILE C 87 15.06 -46.68 -33.07
C ILE C 87 15.74 -47.84 -33.80
N ARG C 88 14.93 -48.78 -34.32
CA ARG C 88 15.39 -49.82 -35.27
C ARG C 88 14.88 -49.45 -36.66
N TYR C 89 15.57 -49.94 -37.70
CA TYR C 89 15.14 -49.80 -39.10
C TYR C 89 14.80 -51.20 -39.64
N PHE C 90 13.83 -51.24 -40.53
CA PHE C 90 13.37 -52.45 -41.25
C PHE C 90 13.34 -52.15 -42.74
N TYR C 91 13.56 -53.16 -43.57
CA TYR C 91 13.60 -53.03 -45.05
C TYR C 91 12.72 -54.12 -45.65
N SER C 92 12.12 -53.83 -46.80
CA SER C 92 11.21 -54.75 -47.54
C SER C 92 11.30 -54.51 -49.05
N ARG C 93 11.20 -55.57 -49.84
CA ARG C 93 11.21 -55.49 -51.32
C ARG C 93 9.78 -55.27 -51.85
N ASP C 94 8.77 -55.85 -51.19
CA ASP C 94 7.37 -55.86 -51.67
C ASP C 94 6.55 -54.78 -50.96
N GLY C 95 6.65 -54.65 -49.65
CA GLY C 95 5.85 -53.67 -48.88
C GLY C 95 5.15 -54.33 -47.71
N GLU C 96 5.20 -55.66 -47.64
CA GLU C 96 4.45 -56.50 -46.67
C GLU C 96 5.42 -57.24 -45.74
N THR C 97 6.40 -57.94 -46.30
CA THR C 97 7.35 -58.81 -45.54
C THR C 97 8.59 -57.99 -45.17
N TRP C 98 8.60 -57.41 -43.97
CA TRP C 98 9.70 -56.54 -43.46
C TRP C 98 10.76 -57.38 -42.75
N PHE C 99 12.03 -57.07 -42.98
CA PHE C 99 13.21 -57.69 -42.32
C PHE C 99 13.79 -56.71 -41.29
N ASP C 100 14.10 -57.20 -40.10
CA ASP C 100 14.73 -56.41 -39.01
C ASP C 100 16.15 -56.06 -39.43
N GLY C 101 16.47 -54.76 -39.53
CA GLY C 101 17.83 -54.25 -39.83
C GLY C 101 18.62 -53.99 -38.57
N GLY C 102 17.99 -54.10 -37.40
CA GLY C 102 18.63 -53.87 -36.10
C GLY C 102 18.61 -52.39 -35.73
N PRO C 103 19.28 -51.97 -34.63
CA PRO C 103 19.29 -50.56 -34.24
C PRO C 103 19.97 -49.70 -35.32
N VAL C 104 19.48 -48.48 -35.48
CA VAL C 104 19.96 -47.51 -36.51
C VAL C 104 21.28 -46.92 -36.02
N PHE C 105 21.38 -46.64 -34.72
CA PHE C 105 22.53 -45.95 -34.10
C PHE C 105 23.29 -46.94 -33.22
N GLU C 106 24.63 -46.97 -33.33
CA GLU C 106 25.49 -47.82 -32.48
C GLU C 106 26.26 -46.94 -31.49
N GLY C 107 26.05 -45.62 -31.52
CA GLY C 107 26.99 -44.64 -30.92
C GLY C 107 26.27 -43.57 -30.11
N GLY C 108 26.83 -42.36 -30.06
CA GLY C 108 26.41 -41.29 -29.14
C GLY C 108 25.04 -40.73 -29.47
N THR C 109 23.97 -41.50 -29.26
CA THR C 109 22.58 -41.04 -29.47
C THR C 109 22.20 -40.07 -28.34
N ARG C 110 21.46 -39.01 -28.66
CA ARG C 110 21.04 -37.96 -27.70
C ARG C 110 19.86 -38.47 -26.86
N GLY C 111 19.83 -38.10 -25.58
CA GLY C 111 18.74 -38.46 -24.66
C GLY C 111 18.91 -39.83 -24.03
N SER C 112 18.31 -40.03 -22.86
CA SER C 112 18.25 -41.33 -22.15
C SER C 112 17.58 -42.37 -23.05
N ARG C 113 16.58 -41.96 -23.85
CA ARG C 113 15.98 -42.81 -24.91
C ARG C 113 15.52 -41.92 -26.07
N GLN C 114 15.14 -42.52 -27.19
CA GLN C 114 14.77 -41.82 -28.45
C GLN C 114 13.28 -42.04 -28.73
N TRP C 115 12.55 -40.95 -29.01
CA TRP C 115 11.11 -40.96 -29.40
C TRP C 115 10.96 -40.61 -30.88
N ALA C 116 9.75 -40.72 -31.42
CA ALA C 116 9.49 -40.76 -32.87
C ALA C 116 10.02 -39.51 -33.56
N GLY C 117 10.28 -39.61 -34.86
CA GLY C 117 10.66 -38.48 -35.72
C GLY C 117 10.32 -38.74 -37.18
N SER C 118 11.32 -38.66 -38.06
CA SER C 118 11.18 -38.84 -39.52
C SER C 118 12.55 -39.18 -40.10
N ALA C 119 12.61 -39.47 -41.40
CA ALA C 119 13.83 -39.93 -42.09
C ALA C 119 13.87 -39.30 -43.49
N LEU C 120 15.04 -38.80 -43.86
CA LEU C 120 15.29 -38.13 -45.17
C LEU C 120 16.52 -38.76 -45.82
N LEU C 121 16.33 -39.29 -47.03
CA LEU C 121 17.44 -39.62 -47.96
C LEU C 121 17.55 -38.45 -48.94
N ASP C 122 18.48 -37.53 -48.69
CA ASP C 122 18.60 -36.26 -49.44
C ASP C 122 18.99 -36.60 -50.89
N ASP C 123 18.89 -35.62 -51.79
CA ASP C 123 19.28 -35.77 -53.22
C ASP C 123 20.77 -36.17 -53.30
N ASP C 124 21.60 -35.63 -52.40
CA ASP C 124 23.07 -35.85 -52.37
C ASP C 124 23.40 -37.26 -51.84
N GLY C 125 22.41 -38.01 -51.34
CA GLY C 125 22.59 -39.40 -50.87
C GLY C 125 22.87 -39.47 -49.38
N ARG C 126 23.01 -38.32 -48.70
CA ARG C 126 23.24 -38.23 -47.24
C ARG C 126 21.94 -38.63 -46.52
N LEU C 127 22.05 -39.40 -45.43
CA LEU C 127 20.89 -39.86 -44.62
C LEU C 127 20.79 -39.00 -43.36
N TYR C 128 19.60 -38.48 -43.10
CA TYR C 128 19.22 -37.74 -41.87
C TYR C 128 18.08 -38.50 -41.19
N VAL C 129 18.30 -38.98 -39.97
CA VAL C 129 17.24 -39.62 -39.14
C VAL C 129 16.89 -38.67 -37.99
N PHE C 130 15.84 -37.86 -38.18
CA PHE C 130 15.30 -36.95 -37.15
C PHE C 130 14.61 -37.78 -36.08
N TYR C 131 14.87 -37.47 -34.80
CA TYR C 131 14.27 -38.18 -33.65
C TYR C 131 14.12 -37.20 -32.49
N THR C 132 13.34 -37.60 -31.48
CA THR C 132 13.18 -36.86 -30.21
C THR C 132 14.16 -37.44 -29.19
N ALA C 133 15.04 -36.60 -28.65
CA ALA C 133 15.90 -36.93 -27.48
C ALA C 133 15.08 -36.72 -26.20
N SER C 134 14.64 -37.82 -25.59
CA SER C 134 13.89 -37.82 -24.30
C SER C 134 14.89 -38.06 -23.15
N GLY C 135 14.84 -37.21 -22.13
CA GLY C 135 15.83 -37.16 -21.05
C GLY C 135 17.19 -36.74 -21.57
N ARG C 136 18.25 -37.06 -20.81
CA ARG C 136 19.67 -36.86 -21.17
C ARG C 136 20.41 -38.17 -20.95
N ALA C 137 21.38 -38.49 -21.82
CA ALA C 137 22.13 -39.76 -21.84
C ALA C 137 22.73 -40.03 -20.46
N GLY C 138 22.52 -41.24 -19.92
CA GLY C 138 23.09 -41.70 -18.64
C GLY C 138 22.60 -40.90 -17.45
N GLU C 139 21.37 -40.37 -17.49
CA GLU C 139 20.73 -39.66 -16.34
C GLU C 139 20.46 -40.66 -15.22
N ALA C 140 20.47 -40.19 -13.97
CA ALA C 140 20.29 -41.02 -12.74
C ALA C 140 18.85 -41.52 -12.66
N GLU C 141 17.90 -40.59 -12.52
CA GLU C 141 16.43 -40.85 -12.55
C GLU C 141 15.88 -40.35 -13.90
N ILE C 142 14.90 -41.05 -14.47
CA ILE C 142 14.30 -40.69 -15.80
C ILE C 142 13.67 -39.29 -15.71
N THR C 143 14.04 -38.40 -16.65
CA THR C 143 13.42 -37.06 -16.84
C THR C 143 12.54 -37.12 -18.11
N TYR C 144 11.65 -36.14 -18.29
CA TYR C 144 10.74 -36.08 -19.46
C TYR C 144 11.05 -34.84 -20.31
N GLU C 145 12.35 -34.49 -20.39
CA GLU C 145 12.87 -33.38 -21.21
C GLU C 145 12.97 -33.87 -22.66
N GLN C 146 12.34 -33.15 -23.59
CA GLN C 146 12.24 -33.53 -25.01
C GLN C 146 12.90 -32.43 -25.86
N ARG C 147 13.79 -32.81 -26.76
CA ARG C 147 14.48 -31.89 -27.70
C ARG C 147 14.56 -32.56 -29.07
N LEU C 148 14.36 -31.80 -30.14
CA LEU C 148 14.39 -32.32 -31.54
C LEU C 148 15.85 -32.48 -31.95
N ALA C 149 16.29 -33.71 -32.21
CA ALA C 149 17.69 -34.06 -32.56
C ALA C 149 17.72 -34.70 -33.94
N VAL C 150 18.91 -34.89 -34.51
CA VAL C 150 19.10 -35.64 -35.79
C VAL C 150 20.38 -36.46 -35.71
N GLY C 151 20.35 -37.69 -36.25
CA GLY C 151 21.55 -38.48 -36.57
C GLY C 151 21.93 -38.35 -38.04
N SER C 152 22.71 -37.32 -38.38
CA SER C 152 23.12 -37.00 -39.78
C SER C 152 24.35 -37.82 -40.20
N GLY C 153 24.64 -37.82 -41.50
CA GLY C 153 25.85 -38.40 -42.10
C GLY C 153 25.80 -39.91 -42.19
N GLY C 154 24.62 -40.50 -42.29
CA GLY C 154 24.45 -41.96 -42.48
C GLY C 154 24.65 -42.36 -43.94
N SER C 155 24.99 -43.63 -44.17
CA SER C 155 25.13 -44.25 -45.51
C SER C 155 24.21 -45.47 -45.61
N VAL C 156 23.48 -45.61 -46.72
CA VAL C 156 22.50 -46.70 -46.95
C VAL C 156 23.04 -47.61 -48.07
N VAL C 157 23.49 -48.82 -47.73
CA VAL C 157 24.01 -49.84 -48.67
C VAL C 157 22.93 -50.91 -48.85
N ALA C 158 22.61 -51.30 -50.08
CA ALA C 158 21.64 -52.38 -50.41
C ALA C 158 22.28 -53.40 -51.34
N ASP C 159 22.42 -54.66 -50.89
CA ASP C 159 22.78 -55.80 -51.76
C ASP C 159 21.47 -56.48 -52.17
N ASP C 160 21.52 -57.67 -52.77
CA ASP C 160 20.31 -58.48 -53.11
C ASP C 160 19.88 -59.28 -51.88
N ASP C 161 20.66 -59.21 -50.78
CA ASP C 161 20.41 -59.98 -49.53
C ASP C 161 19.69 -59.11 -48.50
N GLY C 162 19.90 -57.80 -48.52
CA GLY C 162 19.21 -56.89 -47.60
C GLY C 162 19.73 -55.48 -47.65
N VAL C 163 19.53 -54.72 -46.58
CA VAL C 163 19.94 -53.30 -46.44
C VAL C 163 20.68 -53.16 -45.11
N ARG C 164 21.86 -52.51 -45.14
CA ARG C 164 22.63 -52.12 -43.94
C ARG C 164 22.74 -50.59 -43.94
N ILE C 165 22.51 -49.97 -42.79
CA ILE C 165 22.79 -48.52 -42.56
C ILE C 165 24.15 -48.42 -41.86
N GLU C 166 25.15 -47.89 -42.57
CA GLU C 166 26.56 -47.97 -42.14
C GLU C 166 27.15 -46.57 -42.02
N GLY C 167 28.43 -46.50 -41.63
CA GLY C 167 29.22 -45.27 -41.57
C GLY C 167 29.12 -44.64 -40.19
N PRO C 168 29.90 -43.56 -39.95
CA PRO C 168 29.85 -42.84 -38.68
C PRO C 168 28.59 -41.97 -38.60
N PHE C 169 27.94 -41.92 -37.45
CA PHE C 169 26.73 -41.09 -37.22
C PHE C 169 27.10 -39.84 -36.42
N ALA C 170 26.66 -38.67 -36.89
CA ALA C 170 26.87 -37.35 -36.24
C ALA C 170 25.54 -36.88 -35.64
N HIS C 171 25.49 -36.82 -34.31
CA HIS C 171 24.29 -36.57 -33.48
C HIS C 171 24.34 -35.16 -32.91
N GLY C 172 23.29 -34.35 -33.12
CA GLY C 172 23.19 -33.00 -32.54
C GLY C 172 21.75 -32.63 -32.27
N VAL C 173 21.50 -31.89 -31.18
CA VAL C 173 20.19 -31.24 -30.90
C VAL C 173 19.96 -30.17 -31.96
N LEU C 174 18.76 -30.14 -32.54
CA LEU C 174 18.35 -29.16 -33.58
C LEU C 174 17.54 -28.04 -32.94
N LEU C 175 16.54 -28.37 -32.11
CA LEU C 175 15.60 -27.36 -31.57
C LEU C 175 15.20 -27.71 -30.12
N GLU C 176 15.10 -26.66 -29.29
CA GLU C 176 14.51 -26.70 -27.93
C GLU C 176 13.50 -25.56 -27.83
N PRO C 177 12.41 -25.71 -27.04
CA PRO C 177 11.33 -24.73 -27.05
C PRO C 177 11.80 -23.33 -26.64
N ASP C 178 11.32 -22.30 -27.33
CA ASP C 178 11.79 -20.90 -27.18
C ASP C 178 11.29 -20.33 -25.85
N GLY C 179 10.03 -20.57 -25.50
CA GLY C 179 9.41 -20.05 -24.26
C GLY C 179 8.33 -19.03 -24.53
N GLU C 180 8.20 -18.58 -25.79
CA GLU C 180 7.20 -17.56 -26.21
C GLU C 180 6.12 -18.24 -27.07
N ARG C 181 6.52 -18.89 -28.17
CA ARG C 181 5.61 -19.56 -29.12
C ARG C 181 5.46 -21.04 -28.74
N TYR C 182 6.47 -21.65 -28.10
CA TYR C 182 6.46 -23.09 -27.73
C TYR C 182 6.86 -23.27 -26.25
N GLU C 183 5.95 -23.90 -25.49
CA GLU C 183 6.03 -24.09 -24.02
C GLU C 183 7.26 -24.93 -23.70
N ARG C 184 8.03 -24.52 -22.68
CA ARG C 184 9.19 -25.24 -22.11
C ARG C 184 8.74 -26.10 -20.93
N GLU C 185 9.56 -27.06 -20.51
CA GLU C 185 9.26 -27.96 -19.36
C GLU C 185 8.94 -27.14 -18.11
N GLU C 186 9.68 -26.05 -17.87
CA GLU C 186 9.49 -25.15 -16.69
C GLU C 186 8.06 -24.60 -16.69
N GLN C 187 7.56 -24.17 -17.85
CA GLN C 187 6.26 -23.48 -18.01
C GLN C 187 5.10 -24.48 -17.91
N SER C 188 5.39 -25.79 -17.97
CA SER C 188 4.39 -26.88 -18.06
C SER C 188 3.41 -26.82 -16.88
N ARG C 189 2.15 -26.47 -17.16
CA ARG C 189 1.02 -26.61 -16.22
C ARG C 189 0.25 -27.87 -16.64
N GLY C 190 -0.54 -28.44 -15.72
CA GLY C 190 -1.34 -29.65 -15.97
C GLY C 190 -0.46 -30.84 -16.29
N MET C 191 -0.64 -31.48 -17.45
CA MET C 191 0.13 -32.67 -17.85
C MET C 191 1.51 -32.25 -18.36
N ILE C 192 2.39 -33.25 -18.58
CA ILE C 192 3.80 -33.07 -19.04
C ILE C 192 3.78 -32.36 -20.40
N TYR C 193 4.68 -31.39 -20.58
CA TYR C 193 4.84 -30.61 -21.84
C TYR C 193 5.24 -31.57 -22.97
N THR C 194 5.04 -31.12 -24.20
CA THR C 194 5.41 -31.84 -25.44
C THR C 194 6.34 -30.94 -26.27
N PHE C 195 7.40 -31.54 -26.82
CA PHE C 195 8.30 -30.90 -27.82
C PHE C 195 9.06 -31.99 -28.56
N ARG C 196 8.36 -32.68 -29.46
CA ARG C 196 8.82 -33.98 -30.01
C ARG C 196 8.26 -34.20 -31.42
N ASP C 197 8.61 -35.36 -32.00
CA ASP C 197 8.06 -35.88 -33.28
C ASP C 197 8.41 -34.92 -34.41
N PRO C 198 9.72 -34.69 -34.67
CA PRO C 198 10.14 -33.85 -35.79
C PRO C 198 9.91 -34.54 -37.14
N TRP C 199 9.08 -33.94 -38.00
CA TRP C 199 8.70 -34.48 -39.32
C TRP C 199 9.21 -33.55 -40.42
N PHE C 200 10.16 -34.02 -41.23
CA PHE C 200 10.75 -33.25 -42.36
C PHE C 200 9.71 -33.12 -43.47
N PHE C 201 9.66 -31.97 -44.11
CA PHE C 201 8.67 -31.62 -45.16
C PHE C 201 9.20 -30.52 -46.08
N GLU C 202 9.34 -30.83 -47.37
CA GLU C 202 9.61 -29.84 -48.45
C GLU C 202 8.27 -29.45 -49.07
N ASP C 203 7.93 -28.16 -49.04
CA ASP C 203 6.72 -27.60 -49.70
C ASP C 203 6.89 -27.74 -51.20
N PRO C 204 6.08 -28.56 -51.89
CA PRO C 204 6.24 -28.77 -53.33
C PRO C 204 5.97 -27.50 -54.14
N ARG C 205 5.30 -26.52 -53.55
CA ARG C 205 5.00 -25.21 -54.19
C ARG C 205 6.18 -24.25 -54.01
N SER C 206 6.47 -23.84 -52.78
CA SER C 206 7.53 -22.83 -52.48
C SER C 206 8.92 -23.41 -52.77
N GLY C 207 9.11 -24.73 -52.58
CA GLY C 207 10.44 -25.36 -52.60
C GLY C 207 11.17 -25.16 -51.27
N LYS C 208 10.58 -24.38 -50.35
CA LYS C 208 11.17 -24.10 -49.01
C LYS C 208 11.14 -25.38 -48.18
N THR C 209 12.10 -25.53 -47.26
CA THR C 209 12.26 -26.74 -46.43
C THR C 209 11.77 -26.42 -45.01
N TYR C 210 10.88 -27.25 -44.47
CA TYR C 210 10.28 -27.07 -43.13
C TYR C 210 10.45 -28.36 -42.31
N LEU C 211 10.34 -28.21 -40.99
CA LEU C 211 10.33 -29.33 -40.01
C LEU C 211 9.17 -29.10 -39.06
N LEU C 212 8.13 -29.93 -39.17
CA LEU C 212 6.96 -29.90 -38.26
C LEU C 212 7.30 -30.67 -36.99
N PHE C 213 6.64 -30.34 -35.89
CA PHE C 213 6.81 -31.02 -34.59
C PHE C 213 5.55 -30.78 -33.73
N GLU C 214 5.36 -31.65 -32.74
CA GLU C 214 4.35 -31.47 -31.69
C GLU C 214 4.96 -30.63 -30.58
N ALA C 215 4.23 -29.60 -30.14
CA ALA C 215 4.64 -28.73 -29.02
C ALA C 215 3.39 -28.36 -28.21
N ASN C 216 3.59 -27.54 -27.19
CA ASN C 216 2.52 -26.84 -26.44
C ASN C 216 2.79 -25.35 -26.58
N THR C 217 1.74 -24.52 -26.70
CA THR C 217 1.86 -23.04 -26.73
C THR C 217 1.62 -22.52 -25.30
N PRO C 218 2.59 -21.78 -24.71
CA PRO C 218 2.47 -21.38 -23.31
C PRO C 218 1.26 -20.46 -23.11
N ILE C 219 0.51 -20.69 -22.03
CA ILE C 219 -0.62 -19.83 -21.58
C ILE C 219 -0.33 -19.39 -20.16
N PRO C 220 -0.10 -18.07 -19.91
CA PRO C 220 0.09 -17.56 -18.55
C PRO C 220 -1.11 -17.91 -17.66
N GLU C 221 -0.91 -18.11 -16.36
CA GLU C 221 -1.97 -18.53 -15.42
C GLU C 221 -3.09 -17.50 -15.33
N GLY C 222 -2.79 -16.20 -15.15
CA GLY C 222 -3.82 -15.17 -14.98
C GLY C 222 -4.57 -14.88 -16.28
N ALA C 223 -4.16 -15.47 -17.40
CA ALA C 223 -4.35 -14.94 -18.77
C ALA C 223 -5.84 -14.82 -19.09
N GLY C 224 -6.68 -15.71 -18.54
CA GLY C 224 -8.10 -15.85 -18.93
C GLY C 224 -8.23 -16.20 -20.40
N ALA C 225 -7.16 -16.80 -20.96
CA ALA C 225 -7.03 -17.20 -22.38
C ALA C 225 -8.09 -18.24 -22.72
N CYS C 226 -8.77 -18.77 -21.70
CA CYS C 226 -9.83 -19.81 -21.86
C CYS C 226 -11.04 -19.47 -20.97
N GLY C 227 -12.21 -19.98 -21.34
CA GLY C 227 -13.49 -19.81 -20.59
C GLY C 227 -13.53 -20.64 -19.32
N ASP C 228 -12.40 -21.27 -18.96
CA ASP C 228 -12.17 -21.96 -17.66
C ASP C 228 -10.67 -22.09 -17.45
N PRO C 229 -10.09 -21.58 -16.34
CA PRO C 229 -8.66 -21.70 -16.09
C PRO C 229 -8.05 -23.10 -16.23
N VAL C 230 -8.78 -24.16 -15.87
CA VAL C 230 -8.25 -25.56 -15.94
C VAL C 230 -8.03 -25.94 -17.42
N TRP C 231 -8.96 -25.54 -18.29
CA TRP C 231 -8.92 -25.87 -19.75
C TRP C 231 -7.60 -25.38 -20.36
N GLU C 232 -7.03 -24.27 -19.85
CA GLU C 232 -5.82 -23.66 -20.45
C GLU C 232 -4.59 -24.55 -20.23
N GLU C 233 -4.67 -25.60 -19.38
CA GLU C 233 -3.57 -26.59 -19.18
C GLU C 233 -3.39 -27.44 -20.44
N PHE C 234 -4.47 -27.59 -21.23
CA PHE C 234 -4.52 -28.36 -22.50
C PHE C 234 -4.19 -27.41 -23.67
N ASN C 235 -2.89 -27.28 -23.94
CA ASN C 235 -2.30 -26.23 -24.81
C ASN C 235 -1.52 -26.90 -25.95
N GLY C 236 -2.03 -28.01 -26.49
CA GLY C 236 -1.38 -28.76 -27.59
C GLY C 236 -1.33 -27.94 -28.86
N SER C 237 -0.26 -28.09 -29.65
CA SER C 237 -0.05 -27.28 -30.87
C SER C 237 0.87 -28.02 -31.83
N VAL C 238 0.71 -27.74 -33.13
CA VAL C 238 1.62 -28.22 -34.20
C VAL C 238 2.57 -27.07 -34.53
N GLY C 239 3.81 -27.18 -34.06
CA GLY C 239 4.87 -26.20 -34.36
C GLY C 239 5.53 -26.52 -35.68
N ILE C 240 6.19 -25.53 -36.28
CA ILE C 240 6.94 -25.69 -37.55
C ILE C 240 8.20 -24.82 -37.47
N ALA C 241 9.30 -25.30 -38.03
CA ALA C 241 10.56 -24.56 -38.20
C ALA C 241 10.90 -24.52 -39.69
N HIS C 242 11.69 -23.52 -40.10
CA HIS C 242 12.11 -23.31 -41.51
C HIS C 242 13.64 -23.38 -41.59
N SER C 243 14.16 -23.94 -42.68
CA SER C 243 15.60 -23.87 -43.07
C SER C 243 15.74 -22.94 -44.26
N PRO C 244 16.31 -21.72 -44.06
CA PRO C 244 16.53 -20.80 -45.18
C PRO C 244 17.45 -21.40 -46.25
N THR C 245 18.50 -22.09 -45.81
CA THR C 245 19.53 -22.77 -46.64
C THR C 245 18.98 -24.06 -47.26
N GLY C 246 17.99 -24.69 -46.65
CA GLY C 246 17.49 -26.00 -47.08
C GLY C 246 18.32 -27.14 -46.49
N ASP C 247 19.47 -26.81 -45.89
CA ASP C 247 20.27 -27.74 -45.04
C ASP C 247 19.34 -28.40 -44.03
N PRO C 248 19.23 -29.75 -44.02
CA PRO C 248 18.39 -30.45 -43.04
C PRO C 248 18.85 -30.36 -41.57
N THR C 249 19.85 -29.54 -41.25
CA THR C 249 20.43 -29.43 -39.88
C THR C 249 20.38 -27.99 -39.36
N ASP C 250 19.92 -27.03 -40.17
CA ASP C 250 19.86 -25.59 -39.81
C ASP C 250 18.39 -25.15 -39.82
N TRP C 251 17.81 -24.86 -38.66
CA TRP C 251 16.37 -24.56 -38.50
C TRP C 251 16.17 -23.29 -37.68
N GLU C 252 15.14 -22.52 -38.02
CA GLU C 252 14.66 -21.34 -37.25
C GLU C 252 13.18 -21.54 -36.95
N LEU C 253 12.77 -21.34 -35.70
CA LEU C 253 11.38 -21.55 -35.25
C LEU C 253 10.48 -20.55 -35.98
N CYS C 254 9.31 -21.01 -36.44
CA CYS C 254 8.23 -20.17 -37.02
C CYS C 254 7.03 -20.22 -36.07
N ASP C 255 5.98 -19.45 -36.33
CA ASP C 255 4.70 -19.48 -35.57
C ASP C 255 4.03 -20.83 -35.82
N PRO C 256 3.31 -21.38 -34.83
CA PRO C 256 2.70 -22.70 -34.94
C PRO C 256 1.61 -22.71 -36.03
N LEU C 257 1.48 -23.85 -36.71
CA LEU C 257 0.49 -24.07 -37.81
C LEU C 257 -0.93 -24.08 -37.23
N LEU C 258 -1.09 -24.69 -36.06
CA LEU C 258 -2.43 -24.90 -35.44
C LEU C 258 -2.28 -25.06 -33.93
N GLU C 259 -3.24 -24.55 -33.16
CA GLU C 259 -3.29 -24.62 -31.68
C GLU C 259 -4.57 -25.34 -31.24
N GLY C 260 -4.45 -26.32 -30.37
CA GLY C 260 -5.61 -27.01 -29.76
C GLY C 260 -5.82 -26.58 -28.32
N ILE C 261 -5.74 -25.28 -28.06
CA ILE C 261 -5.79 -24.73 -26.68
C ILE C 261 -7.24 -24.84 -26.21
N CYS C 262 -7.44 -25.30 -24.98
CA CYS C 262 -8.77 -25.56 -24.36
C CYS C 262 -9.39 -26.84 -24.92
N VAL C 263 -8.66 -27.61 -25.74
CA VAL C 263 -9.22 -28.80 -26.42
C VAL C 263 -8.38 -30.05 -26.13
N ASN C 264 -7.07 -30.02 -26.40
CA ASN C 264 -6.22 -31.23 -26.24
C ASN C 264 -4.78 -30.84 -25.91
N GLN C 265 -4.09 -31.65 -25.11
CA GLN C 265 -2.68 -31.40 -24.68
C GLN C 265 -1.72 -32.01 -25.71
N GLU C 266 -2.05 -33.18 -26.27
CA GLU C 266 -1.13 -33.93 -27.16
C GLU C 266 -1.70 -33.96 -28.59
N LEU C 267 -1.14 -33.13 -29.48
CA LEU C 267 -1.37 -33.20 -30.96
C LEU C 267 -0.19 -33.94 -31.58
N GLU C 268 -0.22 -35.27 -31.51
CA GLU C 268 0.99 -36.12 -31.70
C GLU C 268 1.27 -36.37 -33.19
N ARG C 269 2.55 -36.64 -33.48
CA ARG C 269 3.09 -37.04 -34.81
C ARG C 269 2.37 -36.24 -35.89
N PRO C 270 2.57 -34.91 -35.93
CA PRO C 270 1.97 -34.07 -36.95
C PRO C 270 2.72 -34.27 -38.26
N HIS C 271 1.99 -34.21 -39.37
CA HIS C 271 2.52 -34.40 -40.74
C HIS C 271 1.52 -33.81 -41.74
N VAL C 272 2.03 -33.42 -42.90
CA VAL C 272 1.24 -32.78 -43.98
C VAL C 272 1.27 -33.70 -45.21
N VAL C 273 0.09 -33.94 -45.78
CA VAL C 273 -0.05 -34.55 -47.13
C VAL C 273 -0.62 -33.47 -48.05
N VAL C 274 0.08 -33.17 -49.14
CA VAL C 274 -0.39 -32.19 -50.17
C VAL C 274 -1.09 -33.01 -51.25
N ARG C 275 -2.32 -32.62 -51.58
CA ARG C 275 -3.15 -33.34 -52.59
C ARG C 275 -3.75 -32.32 -53.56
N ASN C 276 -3.38 -32.45 -54.83
CA ASN C 276 -3.66 -31.50 -55.93
C ASN C 276 -3.20 -30.11 -55.49
N GLY C 277 -4.07 -29.32 -54.85
CA GLY C 277 -3.75 -27.93 -54.48
C GLY C 277 -3.93 -27.66 -53.00
N PHE C 278 -4.18 -28.69 -52.19
CA PHE C 278 -4.58 -28.51 -50.77
C PHE C 278 -3.58 -29.20 -49.84
N TYR C 279 -3.41 -28.58 -48.67
CA TYR C 279 -2.54 -29.04 -47.56
C TYR C 279 -3.42 -29.64 -46.48
N TYR C 280 -3.34 -30.97 -46.32
CA TYR C 280 -4.00 -31.72 -45.23
C TYR C 280 -2.99 -31.90 -44.10
N LEU C 281 -3.30 -31.37 -42.92
CA LEU C 281 -2.47 -31.51 -41.69
C LEU C 281 -3.14 -32.55 -40.80
N PHE C 282 -2.40 -33.61 -40.47
CA PHE C 282 -2.88 -34.76 -39.67
C PHE C 282 -2.11 -34.82 -38.35
N VAL C 283 -2.84 -35.08 -37.25
CA VAL C 283 -2.28 -35.31 -35.89
C VAL C 283 -3.04 -36.47 -35.25
N SER C 284 -2.29 -37.36 -34.59
CA SER C 284 -2.83 -38.45 -33.74
C SER C 284 -3.05 -37.89 -32.33
N SER C 285 -4.14 -38.25 -31.66
CA SER C 285 -4.44 -37.75 -30.29
C SER C 285 -5.15 -38.84 -29.48
N HIS C 286 -5.07 -38.72 -28.15
CA HIS C 286 -5.66 -39.69 -27.18
C HIS C 286 -7.02 -39.16 -26.69
N ASP C 287 -7.81 -40.06 -26.10
CA ASP C 287 -9.09 -39.69 -25.44
C ASP C 287 -8.79 -39.03 -24.10
N HIS C 288 -7.73 -39.48 -23.41
CA HIS C 288 -7.35 -39.03 -22.05
C HIS C 288 -6.69 -37.64 -22.11
N THR C 289 -6.27 -37.18 -23.28
CA THR C 289 -5.56 -35.88 -23.46
C THR C 289 -6.56 -34.78 -23.83
N PHE C 290 -7.86 -35.08 -23.86
CA PHE C 290 -8.93 -34.09 -24.12
C PHE C 290 -9.20 -33.30 -22.85
N ALA C 291 -9.42 -31.98 -23.01
CA ALA C 291 -9.83 -31.07 -21.92
C ALA C 291 -11.17 -31.54 -21.36
N PRO C 292 -11.47 -31.27 -20.07
CA PRO C 292 -12.75 -31.65 -19.49
C PRO C 292 -13.92 -30.99 -20.24
N GLY C 293 -15.08 -31.68 -20.26
CA GLY C 293 -16.28 -31.24 -20.99
C GLY C 293 -16.26 -31.69 -22.44
N LEU C 294 -15.13 -32.24 -22.90
CA LEU C 294 -14.97 -32.82 -24.26
C LEU C 294 -14.77 -34.34 -24.14
N GLU C 295 -15.40 -35.10 -25.02
CA GLU C 295 -15.25 -36.59 -25.09
C GLU C 295 -14.97 -36.98 -26.53
N GLY C 296 -13.71 -37.30 -26.84
CA GLY C 296 -13.25 -37.76 -28.16
C GLY C 296 -12.43 -39.05 -28.02
N PRO C 297 -12.42 -39.93 -29.03
CA PRO C 297 -11.65 -41.17 -28.97
C PRO C 297 -10.18 -41.01 -29.39
N ASP C 298 -9.32 -41.94 -28.96
CA ASP C 298 -8.01 -42.20 -29.60
C ASP C 298 -8.27 -42.21 -31.10
N GLY C 299 -7.63 -41.31 -31.87
CA GLY C 299 -7.88 -41.22 -33.32
C GLY C 299 -6.91 -40.31 -34.04
N LEU C 300 -6.94 -40.39 -35.38
CA LEU C 300 -6.26 -39.42 -36.27
C LEU C 300 -7.23 -38.27 -36.56
N TYR C 301 -6.84 -37.05 -36.18
CA TYR C 301 -7.60 -35.81 -36.48
C TYR C 301 -6.88 -35.05 -37.59
N GLY C 302 -7.63 -34.28 -38.37
CA GLY C 302 -7.16 -33.71 -39.63
C GLY C 302 -7.75 -32.35 -39.92
N PHE C 303 -6.95 -31.51 -40.57
CA PHE C 303 -7.32 -30.12 -40.97
C PHE C 303 -6.81 -29.88 -42.38
N VAL C 304 -7.42 -28.91 -43.07
CA VAL C 304 -7.12 -28.63 -44.50
C VAL C 304 -7.08 -27.12 -44.72
N ALA C 305 -6.16 -26.68 -45.58
CA ALA C 305 -5.98 -25.28 -45.98
C ALA C 305 -5.44 -25.23 -47.43
N ASP C 306 -5.52 -24.08 -48.06
CA ASP C 306 -5.05 -23.83 -49.44
C ASP C 306 -3.55 -23.52 -49.43
N SER C 307 -2.94 -23.36 -48.26
CA SER C 307 -1.50 -23.03 -48.08
C SER C 307 -0.94 -23.81 -46.88
N LEU C 308 0.37 -24.08 -46.87
CA LEU C 308 1.03 -24.83 -45.78
C LEU C 308 0.81 -24.10 -44.45
N ARG C 309 0.95 -22.77 -44.43
CA ARG C 309 0.82 -21.94 -43.21
C ARG C 309 -0.51 -21.17 -43.26
N GLY C 310 -1.54 -21.79 -43.84
CA GLY C 310 -2.84 -21.14 -44.12
C GLY C 310 -3.81 -21.27 -42.97
N GLU C 311 -5.05 -20.85 -43.22
CA GLU C 311 -6.20 -20.91 -42.28
C GLU C 311 -6.75 -22.34 -42.28
N TYR C 312 -6.13 -23.21 -41.48
CA TYR C 312 -6.54 -24.64 -41.34
C TYR C 312 -7.95 -24.69 -40.76
N ARG C 313 -8.79 -25.54 -41.35
CA ARG C 313 -10.17 -25.83 -40.87
C ARG C 313 -10.28 -27.33 -40.67
N PRO C 314 -11.04 -27.80 -39.65
CA PRO C 314 -11.10 -29.22 -39.34
C PRO C 314 -11.85 -30.02 -40.41
N LEU C 315 -11.34 -31.20 -40.75
CA LEU C 315 -11.99 -32.16 -41.67
C LEU C 315 -13.25 -32.71 -41.01
N ASN C 316 -14.30 -32.95 -41.81
CA ASN C 316 -15.58 -33.57 -41.34
C ASN C 316 -16.21 -32.70 -40.22
N GLY C 317 -15.89 -31.40 -40.17
CA GLY C 317 -16.50 -30.44 -39.23
C GLY C 317 -15.90 -30.51 -37.83
N SER C 318 -15.66 -31.72 -37.30
CA SER C 318 -15.17 -31.96 -35.92
C SER C 318 -13.64 -32.10 -35.90
N GLY C 319 -13.06 -32.60 -36.99
CA GLY C 319 -11.61 -32.86 -37.11
C GLY C 319 -11.30 -34.34 -37.09
N LEU C 320 -12.22 -35.17 -36.59
CA LEU C 320 -12.02 -36.65 -36.53
C LEU C 320 -12.00 -37.20 -37.96
N VAL C 321 -10.88 -37.81 -38.34
CA VAL C 321 -10.67 -38.41 -39.68
C VAL C 321 -10.80 -39.94 -39.59
N LEU C 322 -10.22 -40.52 -38.56
CA LEU C 322 -10.03 -41.99 -38.47
C LEU C 322 -9.95 -42.37 -37.00
N THR C 323 -10.64 -43.44 -36.59
CA THR C 323 -10.66 -43.91 -35.18
C THR C 323 -10.95 -45.41 -35.11
N ASN C 324 -10.76 -45.97 -33.92
CA ASN C 324 -11.00 -47.41 -33.62
C ASN C 324 -12.48 -47.61 -33.29
N PRO C 325 -13.03 -48.83 -33.50
CA PRO C 325 -14.41 -49.11 -33.12
C PRO C 325 -14.59 -49.05 -31.59
N ALA C 326 -15.83 -48.78 -31.15
CA ALA C 326 -16.21 -48.64 -29.72
C ALA C 326 -15.77 -49.88 -28.92
N ASN C 327 -15.91 -51.07 -29.50
CA ASN C 327 -15.69 -52.37 -28.81
C ASN C 327 -14.23 -52.82 -28.93
N ALA C 328 -13.32 -51.98 -29.44
CA ALA C 328 -11.85 -52.21 -29.42
C ALA C 328 -11.13 -50.87 -29.53
N PRO C 329 -11.41 -49.92 -28.59
CA PRO C 329 -11.14 -48.51 -28.83
C PRO C 329 -9.65 -48.11 -28.81
N TYR C 330 -8.75 -49.02 -28.41
CA TYR C 330 -7.30 -48.74 -28.30
C TYR C 330 -6.50 -49.66 -29.21
N GLN C 331 -7.12 -50.21 -30.25
CA GLN C 331 -6.50 -51.28 -31.10
C GLN C 331 -5.37 -50.71 -31.95
N ALA C 332 -5.39 -49.41 -32.26
CA ALA C 332 -4.36 -48.76 -33.08
C ALA C 332 -4.10 -47.33 -32.59
N TYR C 333 -2.91 -46.81 -32.90
CA TYR C 333 -2.51 -45.41 -32.62
C TYR C 333 -1.32 -45.02 -33.52
N SER C 334 -0.93 -43.74 -33.47
CA SER C 334 0.28 -43.17 -34.11
C SER C 334 0.19 -43.36 -35.62
N TRP C 335 -0.93 -42.92 -36.19
CA TRP C 335 -1.21 -43.01 -37.65
C TRP C 335 -0.38 -41.98 -38.40
N VAL C 336 0.15 -42.38 -39.55
CA VAL C 336 0.88 -41.53 -40.54
C VAL C 336 0.18 -41.70 -41.89
N ALA C 337 -0.32 -40.59 -42.45
CA ALA C 337 -0.99 -40.54 -43.76
C ALA C 337 0.04 -40.25 -44.85
N PHE C 338 -0.13 -40.85 -46.03
CA PHE C 338 0.76 -40.68 -47.20
C PHE C 338 -0.03 -40.96 -48.48
N SER C 339 0.27 -40.23 -49.55
CA SER C 339 -0.50 -40.25 -50.83
C SER C 339 -0.07 -41.45 -51.68
N HIS C 340 -1.06 -42.14 -52.26
CA HIS C 340 -0.86 -43.21 -53.26
C HIS C 340 -1.83 -42.97 -54.43
N ARG C 341 -1.33 -42.33 -55.49
CA ARG C 341 -2.05 -42.08 -56.76
C ARG C 341 -3.26 -41.16 -56.51
N GLU C 342 -4.43 -41.74 -56.24
CA GLU C 342 -5.70 -41.01 -56.05
C GLU C 342 -6.18 -41.20 -54.61
N GLU C 343 -5.58 -42.13 -53.88
CA GLU C 343 -6.00 -42.52 -52.51
C GLU C 343 -5.07 -41.88 -51.48
N LEU C 344 -5.52 -41.89 -50.22
CA LEU C 344 -4.67 -41.64 -49.02
C LEU C 344 -4.56 -42.95 -48.25
N LEU C 345 -3.33 -43.41 -48.01
CA LEU C 345 -3.05 -44.59 -47.14
C LEU C 345 -2.61 -44.07 -45.77
N VAL C 346 -2.98 -44.82 -44.73
CA VAL C 346 -2.75 -44.45 -43.30
C VAL C 346 -2.23 -45.68 -42.57
N SER C 347 -1.00 -45.60 -42.05
CA SER C 347 -0.33 -46.69 -41.30
C SER C 347 -0.15 -46.28 -39.83
N GLY C 348 -0.88 -46.95 -38.93
CA GLY C 348 -0.63 -46.91 -37.49
C GLY C 348 0.06 -48.17 -37.02
N PHE C 349 0.10 -48.40 -35.72
CA PHE C 349 0.65 -49.64 -35.13
C PHE C 349 -0.45 -50.31 -34.29
N PHE C 350 -0.33 -51.62 -34.10
CA PHE C 350 -1.34 -52.48 -33.43
C PHE C 350 -1.09 -52.36 -31.92
N ASN C 351 -1.98 -51.65 -31.21
CA ASN C 351 -1.72 -51.13 -29.84
C ASN C 351 -2.26 -52.10 -28.78
N TYR C 352 -3.54 -51.97 -28.40
CA TYR C 352 -4.13 -52.70 -27.25
C TYR C 352 -5.47 -53.31 -27.65
N TYR C 353 -5.60 -54.63 -27.52
CA TYR C 353 -6.80 -55.38 -27.97
C TYR C 353 -7.22 -56.39 -26.91
N ASP C 354 -8.45 -56.88 -27.02
CA ASP C 354 -9.01 -57.96 -26.16
C ASP C 354 -9.03 -57.49 -24.70
N LEU C 355 -9.35 -56.21 -24.46
CA LEU C 355 -9.40 -55.61 -23.10
C LEU C 355 -10.68 -56.08 -22.40
N GLY C 356 -11.72 -56.42 -23.16
CA GLY C 356 -13.03 -56.87 -22.64
C GLY C 356 -13.80 -55.74 -21.96
N GLY C 357 -13.26 -54.52 -21.94
CA GLY C 357 -13.90 -53.34 -21.33
C GLY C 357 -12.92 -52.51 -20.51
N LEU C 358 -11.77 -53.09 -20.14
CA LEU C 358 -10.80 -52.49 -19.19
C LEU C 358 -10.25 -51.18 -19.76
N THR C 359 -9.98 -50.21 -18.88
CA THR C 359 -9.27 -48.94 -19.22
C THR C 359 -7.76 -49.21 -19.21
N LEU C 360 -6.96 -48.30 -19.74
CA LEU C 360 -5.50 -48.52 -19.93
C LEU C 360 -4.83 -48.66 -18.56
N ASP C 361 -5.25 -47.85 -17.59
CA ASP C 361 -4.74 -47.88 -16.20
C ASP C 361 -5.02 -49.25 -15.59
N ASP C 362 -6.16 -49.86 -15.93
CA ASP C 362 -6.58 -51.21 -15.42
C ASP C 362 -5.66 -52.30 -15.98
N VAL C 363 -5.11 -52.10 -17.18
CA VAL C 363 -4.23 -53.11 -17.85
C VAL C 363 -2.99 -53.34 -16.97
N ALA C 364 -2.44 -52.28 -16.41
CA ALA C 364 -1.27 -52.28 -15.49
C ALA C 364 -1.47 -53.27 -14.33
N THR C 365 -2.72 -53.55 -13.95
CA THR C 365 -3.08 -54.46 -12.83
C THR C 365 -2.68 -55.90 -13.18
N LEU C 366 -2.89 -56.31 -14.43
CA LEU C 366 -2.83 -57.73 -14.90
C LEU C 366 -1.41 -58.27 -14.74
N SER C 367 -1.29 -59.60 -14.72
CA SER C 367 0.02 -60.33 -14.67
C SER C 367 0.85 -59.90 -15.87
N PRO C 368 2.21 -59.95 -15.77
CA PRO C 368 3.05 -59.59 -16.91
C PRO C 368 2.65 -60.33 -18.20
N ASP C 369 2.41 -61.64 -18.13
CA ASP C 369 1.98 -62.46 -19.29
C ASP C 369 0.67 -61.91 -19.87
N GLU C 370 -0.30 -61.60 -19.01
CA GLU C 370 -1.64 -61.13 -19.44
C GLU C 370 -1.52 -59.73 -20.06
N GLN C 371 -0.51 -58.94 -19.68
CA GLN C 371 -0.28 -57.58 -20.25
C GLN C 371 0.35 -57.72 -21.65
N ARG C 372 1.40 -58.53 -21.78
CA ARG C 372 2.07 -58.78 -23.08
C ARG C 372 1.08 -59.39 -24.07
N ALA C 373 0.13 -60.20 -23.63
CA ALA C 373 -0.82 -60.93 -24.51
C ALA C 373 -1.83 -59.96 -25.14
N LYS C 374 -1.90 -58.72 -24.66
CA LYS C 374 -2.95 -57.73 -24.99
C LYS C 374 -2.33 -56.55 -25.75
N PHE C 375 -1.10 -56.71 -26.22
CA PHE C 375 -0.32 -55.70 -26.97
C PHE C 375 0.19 -56.35 -28.26
N GLY C 376 -0.15 -55.74 -29.40
CA GLY C 376 0.30 -56.17 -30.74
C GLY C 376 1.81 -55.99 -30.87
N GLY C 377 2.26 -54.73 -30.98
CA GLY C 377 3.67 -54.38 -31.18
C GLY C 377 4.11 -54.70 -32.59
N THR C 378 3.21 -54.53 -33.56
CA THR C 378 3.45 -54.70 -35.00
C THR C 378 2.72 -53.56 -35.73
N LEU C 379 2.82 -53.54 -37.06
CA LEU C 379 2.08 -52.56 -37.88
C LEU C 379 0.63 -53.00 -38.01
N ALA C 380 -0.29 -52.03 -37.90
CA ALA C 380 -1.74 -52.21 -38.12
C ALA C 380 -2.00 -52.36 -39.62
N PRO C 381 -3.09 -53.03 -40.03
CA PRO C 381 -3.50 -53.06 -41.43
C PRO C 381 -3.68 -51.64 -41.97
N THR C 382 -2.94 -51.26 -43.00
CA THR C 382 -2.90 -49.86 -43.49
C THR C 382 -4.24 -49.55 -44.14
N VAL C 383 -4.83 -48.44 -43.73
CA VAL C 383 -6.21 -48.05 -44.10
C VAL C 383 -6.14 -47.28 -45.41
N ARG C 384 -7.08 -47.55 -46.31
CA ARG C 384 -7.28 -46.77 -47.56
C ARG C 384 -8.43 -45.79 -47.30
N VAL C 385 -8.17 -44.50 -47.48
CA VAL C 385 -9.18 -43.43 -47.30
C VAL C 385 -9.22 -42.59 -48.58
N ALA C 386 -10.34 -41.94 -48.81
CA ALA C 386 -10.59 -41.04 -49.96
C ALA C 386 -10.89 -39.65 -49.42
N LEU C 387 -10.10 -38.65 -49.83
CA LEU C 387 -10.29 -37.22 -49.47
C LEU C 387 -11.19 -36.56 -50.52
N SER C 388 -12.08 -35.68 -50.07
CA SER C 388 -13.10 -35.01 -50.90
C SER C 388 -13.28 -33.56 -50.40
N GLY C 389 -12.23 -32.74 -50.55
CA GLY C 389 -12.22 -31.39 -49.98
C GLY C 389 -11.99 -31.44 -48.48
N ASP C 390 -12.94 -30.97 -47.68
CA ASP C 390 -12.85 -30.97 -46.20
C ASP C 390 -13.55 -32.21 -45.62
N ARG C 391 -13.81 -33.22 -46.45
CA ARG C 391 -14.54 -34.47 -46.05
C ARG C 391 -13.66 -35.68 -46.35
N THR C 392 -13.69 -36.69 -45.48
CA THR C 392 -12.93 -37.96 -45.65
C THR C 392 -13.88 -39.15 -45.51
N ARG C 393 -13.45 -40.31 -45.99
CA ARG C 393 -14.21 -41.58 -45.95
C ARG C 393 -13.24 -42.74 -46.00
N ILE C 394 -13.36 -43.69 -45.07
CA ILE C 394 -12.62 -44.99 -45.08
C ILE C 394 -13.16 -45.80 -46.26
N THR C 395 -12.27 -46.28 -47.13
CA THR C 395 -12.65 -47.01 -48.37
C THR C 395 -12.32 -48.51 -48.22
N GLY C 396 -11.33 -48.85 -47.39
CA GLY C 396 -10.97 -50.25 -47.14
C GLY C 396 -9.66 -50.36 -46.39
N THR C 397 -9.05 -51.54 -46.40
CA THR C 397 -7.75 -51.80 -45.74
C THR C 397 -6.88 -52.70 -46.63
N LEU C 398 -5.60 -52.79 -46.28
CA LEU C 398 -4.61 -53.71 -46.91
C LEU C 398 -4.08 -54.63 -45.82
N SER C 399 -3.13 -55.50 -46.16
CA SER C 399 -2.43 -56.39 -45.19
C SER C 399 -1.77 -55.52 -44.11
N HIS C 400 -1.40 -56.16 -42.99
CA HIS C 400 -0.71 -55.53 -41.84
C HIS C 400 0.53 -54.80 -42.35
N GLY C 401 0.64 -53.50 -42.04
CA GLY C 401 1.80 -52.67 -42.35
C GLY C 401 2.24 -52.81 -43.79
N ARG C 402 1.30 -52.76 -44.74
CA ARG C 402 1.66 -52.67 -46.17
C ARG C 402 1.92 -51.21 -46.51
N ILE C 403 3.17 -50.88 -46.87
CA ILE C 403 3.52 -49.51 -47.36
C ILE C 403 3.92 -49.65 -48.82
N PRO C 404 2.97 -49.44 -49.76
CA PRO C 404 3.27 -49.55 -51.18
C PRO C 404 3.81 -48.25 -51.81
N LEU C 405 4.57 -48.40 -52.90
CA LEU C 405 5.00 -47.27 -53.76
C LEU C 405 3.84 -46.90 -54.70
N GLU C 406 3.92 -45.72 -55.31
CA GLU C 406 2.91 -45.23 -56.29
C GLU C 406 2.96 -46.11 -57.55
N SER C 407 4.10 -46.76 -57.79
CA SER C 407 4.33 -47.69 -58.93
C SER C 407 3.51 -48.99 -58.78
N GLU C 408 2.87 -49.21 -57.64
CA GLU C 408 2.19 -50.51 -57.31
C GLU C 408 0.66 -50.32 -57.32
N GLU C 409 -0.03 -51.22 -58.01
CA GLU C 409 -1.51 -51.19 -58.15
C GLU C 409 -2.13 -51.90 -56.94
N LEU C 410 -3.12 -51.28 -56.30
CA LEU C 410 -3.82 -51.85 -55.13
C LEU C 410 -5.09 -52.58 -55.57
N PRO C 411 -5.55 -53.56 -54.77
CA PRO C 411 -6.78 -54.28 -55.05
C PRO C 411 -8.01 -53.38 -55.24
N ASP C 412 -8.96 -53.83 -56.06
CA ASP C 412 -10.18 -53.08 -56.46
C ASP C 412 -11.22 -53.24 -55.34
N LEU C 413 -12.22 -52.35 -55.31
CA LEU C 413 -13.27 -52.31 -54.25
C LEU C 413 -14.63 -52.23 -54.94
N PRO C 414 -15.73 -51.94 -54.21
CA PRO C 414 -17.05 -51.83 -54.84
C PRO C 414 -17.15 -50.68 -55.85
N ALA D 9 -75.48 2.66 -4.13
CA ALA D 9 -75.31 4.08 -3.73
C ALA D 9 -73.83 4.38 -3.50
N THR D 10 -72.96 3.99 -4.44
CA THR D 10 -71.47 3.92 -4.27
C THR D 10 -70.92 5.32 -4.05
N PRO D 11 -70.07 5.55 -3.00
CA PRO D 11 -69.48 6.86 -2.77
C PRO D 11 -68.69 7.34 -3.98
N ARG D 12 -68.81 8.62 -4.32
CA ARG D 12 -68.22 9.19 -5.56
C ARG D 12 -67.29 10.35 -5.20
N TRP D 13 -66.07 10.31 -5.74
CA TRP D 13 -65.19 11.49 -5.88
C TRP D 13 -65.71 12.29 -7.06
N THR D 14 -66.29 13.47 -6.79
CA THR D 14 -67.08 14.27 -7.75
C THR D 14 -66.16 15.30 -8.43
N ARG D 15 -66.63 15.85 -9.55
CA ARG D 15 -65.96 16.94 -10.29
C ARG D 15 -65.96 18.20 -9.41
N GLU D 16 -66.98 18.40 -8.57
CA GLU D 16 -67.05 19.53 -7.63
C GLU D 16 -65.85 19.45 -6.66
N HIS D 17 -65.46 18.24 -6.27
CA HIS D 17 -64.26 17.99 -5.42
C HIS D 17 -63.00 18.36 -6.21
N ALA D 18 -62.80 17.70 -7.35
CA ALA D 18 -61.59 17.83 -8.20
C ALA D 18 -61.36 19.30 -8.61
N SER D 19 -62.44 20.06 -8.81
CA SER D 19 -62.40 21.50 -9.17
C SER D 19 -61.57 22.28 -8.14
N LYS D 20 -61.58 21.83 -6.87
CA LYS D 20 -60.95 22.55 -5.75
C LYS D 20 -59.48 22.13 -5.58
N ILE D 21 -59.01 21.12 -6.31
CA ILE D 21 -57.60 20.61 -6.22
C ILE D 21 -56.64 21.78 -6.44
N GLU D 22 -55.60 21.86 -5.63
CA GLU D 22 -54.69 23.03 -5.55
C GLU D 22 -53.53 22.68 -4.61
N ARG D 23 -52.29 22.91 -5.06
CA ARG D 23 -51.07 22.77 -4.21
C ARG D 23 -51.18 23.74 -3.02
N THR D 24 -50.89 23.26 -1.81
CA THR D 24 -50.82 24.08 -0.57
C THR D 24 -49.57 23.67 0.23
N ASP D 25 -49.16 24.51 1.17
CA ASP D 25 -47.99 24.26 2.06
C ASP D 25 -48.17 22.89 2.76
N GLU D 26 -49.42 22.48 2.98
CA GLU D 26 -49.77 21.27 3.77
C GLU D 26 -49.72 20.00 2.90
N THR D 27 -49.61 20.12 1.57
CA THR D 27 -49.71 18.94 0.65
C THR D 27 -48.45 18.79 -0.20
N VAL D 28 -47.52 19.76 -0.20
CA VAL D 28 -46.35 19.74 -1.13
C VAL D 28 -45.11 19.23 -0.39
N VAL D 29 -44.50 18.16 -0.92
CA VAL D 29 -43.30 17.50 -0.34
C VAL D 29 -42.08 18.34 -0.70
N PRO D 30 -40.99 18.31 0.08
CA PRO D 30 -39.74 18.94 -0.35
C PRO D 30 -39.17 18.30 -1.62
N ILE D 31 -38.23 19.01 -2.27
CA ILE D 31 -37.49 18.52 -3.47
C ILE D 31 -36.75 17.25 -3.06
N ILE D 32 -36.84 16.21 -3.89
CA ILE D 32 -36.12 14.93 -3.71
C ILE D 32 -34.82 15.03 -4.51
N TYR D 33 -33.70 14.82 -3.82
CA TYR D 33 -32.35 14.76 -4.42
C TYR D 33 -31.89 13.31 -4.39
N PRO D 34 -31.13 12.86 -5.42
CA PRO D 34 -30.72 11.46 -5.51
C PRO D 34 -29.88 11.08 -4.28
N PRO D 35 -29.98 9.82 -3.80
CA PRO D 35 -29.13 9.36 -2.70
C PRO D 35 -27.67 9.22 -3.14
N ARG D 36 -26.73 9.31 -2.20
CA ARG D 36 -25.28 9.42 -2.49
C ARG D 36 -24.76 8.14 -3.15
N GLU D 37 -25.27 6.97 -2.75
CA GLU D 37 -24.98 5.66 -3.41
C GLU D 37 -26.29 4.91 -3.63
N ASP D 38 -26.29 3.92 -4.53
CA ASP D 38 -27.45 3.06 -4.88
C ASP D 38 -27.23 1.69 -4.24
N ALA D 39 -28.24 1.14 -3.56
CA ALA D 39 -28.20 -0.21 -2.92
C ALA D 39 -27.96 -1.28 -3.99
N ALA D 40 -28.55 -1.09 -5.18
CA ALA D 40 -28.30 -1.89 -6.40
C ALA D 40 -28.16 -0.94 -7.60
N PRO D 41 -26.92 -0.53 -7.96
CA PRO D 41 -26.71 0.32 -9.15
C PRO D 41 -27.26 -0.36 -10.42
N GLU D 42 -27.31 -1.70 -10.41
CA GLU D 42 -27.70 -2.54 -11.57
C GLU D 42 -29.22 -2.62 -11.72
N ILE D 43 -29.99 -2.12 -10.76
CA ILE D 43 -31.47 -2.30 -10.73
C ILE D 43 -32.17 -0.96 -10.49
N ASN D 44 -33.22 -0.69 -11.27
CA ASN D 44 -34.19 0.40 -11.02
C ASN D 44 -35.40 -0.21 -10.31
N GLY D 45 -35.85 0.43 -9.23
CA GLY D 45 -36.93 -0.07 -8.35
C GLY D 45 -38.02 0.98 -8.17
N TRP D 46 -39.28 0.56 -8.24
CA TRP D 46 -40.44 1.44 -8.01
C TRP D 46 -41.57 0.64 -7.36
N ASP D 47 -42.74 1.27 -7.17
CA ASP D 47 -43.99 0.65 -6.65
C ASP D 47 -43.64 -0.40 -5.57
N THR D 48 -43.27 0.07 -4.38
CA THR D 48 -42.76 -0.76 -3.26
C THR D 48 -43.91 -0.98 -2.26
N TRP D 49 -43.99 -2.17 -1.66
CA TRP D 49 -45.00 -2.53 -0.62
C TRP D 49 -44.34 -3.34 0.49
N PHE D 50 -44.99 -3.40 1.66
CA PHE D 50 -44.39 -3.98 2.90
C PHE D 50 -44.96 -5.38 3.13
N LEU D 51 -44.10 -6.28 3.63
CA LEU D 51 -44.53 -7.55 4.26
C LEU D 51 -45.23 -7.19 5.57
N ARG D 52 -46.56 -7.39 5.63
CA ARG D 52 -47.40 -7.07 6.81
C ARG D 52 -47.86 -8.37 7.47
N GLU D 53 -48.10 -8.31 8.78
CA GLU D 53 -48.89 -9.32 9.52
C GLU D 53 -50.36 -9.15 9.13
N ARG D 54 -51.24 -9.98 9.69
CA ARG D 54 -52.67 -10.04 9.32
C ARG D 54 -53.35 -8.70 9.65
N ASP D 55 -53.06 -8.10 10.81
CA ASP D 55 -53.70 -6.83 11.28
C ASP D 55 -53.29 -5.68 10.36
N GLY D 56 -52.13 -5.78 9.72
CA GLY D 56 -51.60 -4.76 8.78
C GLY D 56 -50.28 -4.17 9.26
N SER D 57 -49.91 -4.38 10.52
CA SER D 57 -48.63 -3.93 11.12
C SER D 57 -47.46 -4.48 10.30
N ILE D 58 -46.35 -3.75 10.22
CA ILE D 58 -45.13 -4.19 9.48
C ILE D 58 -44.64 -5.49 10.12
N ALA D 59 -44.53 -6.56 9.33
CA ALA D 59 -44.06 -7.87 9.81
C ALA D 59 -42.58 -7.78 10.14
N THR D 60 -42.16 -8.54 11.16
CA THR D 60 -40.77 -8.61 11.65
C THR D 60 -40.42 -10.10 11.84
N VAL D 61 -39.45 -10.60 11.07
CA VAL D 61 -38.94 -12.00 11.15
C VAL D 61 -37.49 -11.95 11.61
N GLY D 62 -37.22 -12.48 12.81
CA GLY D 62 -35.87 -12.54 13.40
C GLY D 62 -35.20 -11.17 13.43
N GLY D 63 -35.97 -10.09 13.55
CA GLY D 63 -35.45 -8.71 13.67
C GLY D 63 -35.36 -8.00 12.34
N TRP D 64 -35.79 -8.65 11.25
CA TRP D 64 -35.75 -8.09 9.87
C TRP D 64 -37.14 -7.65 9.44
N ARG D 65 -37.25 -6.49 8.79
CA ARG D 65 -38.43 -6.09 7.98
C ARG D 65 -38.17 -6.57 6.56
N VAL D 66 -39.23 -6.95 5.85
CA VAL D 66 -39.15 -7.31 4.41
C VAL D 66 -40.03 -6.33 3.63
N ILE D 67 -39.54 -5.88 2.48
CA ILE D 67 -40.31 -5.06 1.51
C ILE D 67 -40.16 -5.70 0.13
N PHE D 68 -41.11 -5.39 -0.76
CA PHE D 68 -41.15 -5.89 -2.15
C PHE D 68 -41.20 -4.68 -3.08
N SER D 69 -40.50 -4.76 -4.20
CA SER D 69 -40.44 -3.70 -5.24
C SER D 69 -40.64 -4.31 -6.61
N LEU D 70 -41.31 -3.58 -7.51
CA LEU D 70 -41.20 -3.81 -8.97
C LEU D 70 -39.80 -3.37 -9.38
N THR D 71 -39.12 -4.19 -10.18
CA THR D 71 -37.72 -3.96 -10.59
C THR D 71 -37.56 -4.26 -12.08
N ALA D 72 -36.64 -3.54 -12.71
CA ALA D 72 -36.13 -3.79 -14.07
C ALA D 72 -34.64 -3.50 -14.09
N PRO D 73 -33.89 -4.05 -15.07
CA PRO D 73 -32.49 -3.68 -15.26
C PRO D 73 -32.31 -2.16 -15.41
N ALA D 74 -31.28 -1.60 -14.78
CA ALA D 74 -30.99 -0.15 -14.78
C ALA D 74 -30.69 0.35 -16.19
N ASP D 75 -30.01 -0.46 -17.01
CA ASP D 75 -29.60 -0.09 -18.39
C ASP D 75 -30.83 0.00 -19.31
N LEU D 76 -31.99 -0.50 -18.87
CA LEU D 76 -33.25 -0.51 -19.68
C LEU D 76 -33.88 0.89 -19.65
N LEU D 77 -34.56 1.26 -20.73
CA LEU D 77 -35.24 2.59 -20.86
C LEU D 77 -36.33 2.66 -19.80
N PRO D 78 -36.44 3.77 -19.04
CA PRO D 78 -37.48 3.92 -18.01
C PRO D 78 -38.89 3.67 -18.55
N GLY D 79 -39.25 4.29 -19.68
CA GLY D 79 -40.60 4.22 -20.27
C GLY D 79 -41.04 2.79 -20.55
N LYS D 80 -40.11 1.83 -20.63
CA LYS D 80 -40.40 0.43 -21.02
C LYS D 80 -40.34 -0.53 -19.83
N ARG D 81 -39.97 -0.05 -18.63
CA ARG D 81 -39.77 -0.92 -17.43
C ARG D 81 -41.05 -1.72 -17.14
N HIS D 82 -42.22 -1.16 -17.47
CA HIS D 82 -43.55 -1.76 -17.16
C HIS D 82 -43.75 -3.07 -17.91
N ASP D 83 -43.05 -3.29 -19.01
CA ASP D 83 -43.26 -4.46 -19.91
C ASP D 83 -42.48 -5.68 -19.36
N VAL D 84 -41.50 -5.47 -18.47
CA VAL D 84 -40.59 -6.55 -17.98
C VAL D 84 -40.47 -6.49 -16.45
N ALA D 85 -41.46 -5.91 -15.76
CA ALA D 85 -41.45 -5.74 -14.28
C ALA D 85 -41.33 -7.11 -13.60
N GLU D 86 -40.41 -7.23 -12.64
CA GLU D 86 -40.16 -8.46 -11.86
C GLU D 86 -40.15 -8.08 -10.38
N ILE D 87 -40.78 -8.88 -9.54
CA ILE D 87 -40.87 -8.61 -8.08
C ILE D 87 -39.59 -9.11 -7.42
N ARG D 88 -38.80 -8.19 -6.86
CA ARG D 88 -37.66 -8.52 -5.95
C ARG D 88 -38.08 -8.18 -4.52
N TYR D 89 -37.46 -8.85 -3.54
CA TYR D 89 -37.64 -8.55 -2.11
C TYR D 89 -36.33 -8.02 -1.55
N PHE D 90 -36.46 -7.13 -0.57
CA PHE D 90 -35.32 -6.52 0.18
C PHE D 90 -35.63 -6.67 1.67
N TYR D 91 -34.59 -6.79 2.48
CA TYR D 91 -34.69 -6.95 3.95
C TYR D 91 -33.76 -5.95 4.63
N SER D 92 -34.15 -5.49 5.81
CA SER D 92 -33.39 -4.49 6.61
C SER D 92 -33.61 -4.73 8.10
N ARG D 93 -32.57 -4.52 8.91
CA ARG D 93 -32.62 -4.63 10.39
C ARG D 93 -33.07 -3.30 11.00
N ASP D 94 -32.67 -2.17 10.41
CA ASP D 94 -32.89 -0.81 11.00
C ASP D 94 -34.09 -0.14 10.34
N GLY D 95 -34.20 -0.16 9.02
CA GLY D 95 -35.30 0.51 8.29
C GLY D 95 -34.77 1.41 7.20
N GLU D 96 -33.45 1.58 7.14
CA GLU D 96 -32.74 2.53 6.24
C GLU D 96 -31.86 1.76 5.25
N THR D 97 -31.00 0.85 5.74
CA THR D 97 -30.00 0.11 4.94
C THR D 97 -30.60 -1.21 4.47
N TRP D 98 -31.18 -1.23 3.26
CA TRP D 98 -31.86 -2.41 2.68
C TRP D 98 -30.86 -3.27 1.91
N PHE D 99 -30.96 -4.60 2.06
CA PHE D 99 -30.17 -5.59 1.30
C PHE D 99 -31.05 -6.22 0.22
N ASP D 100 -30.54 -6.33 -1.00
CA ASP D 100 -31.22 -6.99 -2.16
C ASP D 100 -31.31 -8.49 -1.85
N GLY D 101 -32.53 -9.02 -1.79
CA GLY D 101 -32.78 -10.46 -1.58
C GLY D 101 -32.93 -11.20 -2.91
N GLY D 102 -32.94 -10.46 -4.03
CA GLY D 102 -33.10 -11.06 -5.37
C GLY D 102 -34.57 -11.25 -5.72
N PRO D 103 -34.88 -11.89 -6.87
CA PRO D 103 -36.28 -12.15 -7.26
C PRO D 103 -36.98 -13.03 -6.23
N VAL D 104 -38.27 -12.77 -6.01
CA VAL D 104 -39.11 -13.50 -5.03
C VAL D 104 -39.50 -14.85 -5.65
N PHE D 105 -39.78 -14.86 -6.94
CA PHE D 105 -40.31 -16.06 -7.65
C PHE D 105 -39.24 -16.59 -8.60
N GLU D 106 -39.00 -17.91 -8.56
CA GLU D 106 -38.04 -18.62 -9.44
C GLU D 106 -38.81 -19.62 -10.29
N GLY D 107 -40.13 -19.46 -10.43
CA GLY D 107 -41.00 -20.50 -11.01
C GLY D 107 -42.09 -19.94 -11.89
N GLY D 108 -43.17 -20.70 -12.05
CA GLY D 108 -44.33 -20.38 -12.88
C GLY D 108 -45.10 -19.18 -12.35
N THR D 109 -44.54 -17.97 -12.49
CA THR D 109 -45.24 -16.70 -12.18
C THR D 109 -46.29 -16.43 -13.26
N ARG D 110 -47.44 -15.91 -12.86
CA ARG D 110 -48.59 -15.62 -13.77
C ARG D 110 -48.30 -14.31 -14.53
N GLY D 111 -48.71 -14.25 -15.80
CA GLY D 111 -48.58 -13.06 -16.66
C GLY D 111 -47.21 -12.94 -17.30
N SER D 112 -47.14 -12.24 -18.43
CA SER D 112 -45.88 -11.90 -19.15
C SER D 112 -44.95 -11.13 -18.21
N ARG D 113 -45.51 -10.28 -17.33
CA ARG D 113 -44.76 -9.61 -16.23
C ARG D 113 -45.69 -9.40 -15.03
N GLN D 114 -45.13 -9.00 -13.89
CA GLN D 114 -45.86 -8.84 -12.61
C GLN D 114 -45.91 -7.36 -12.23
N TRP D 115 -47.09 -6.86 -11.89
CA TRP D 115 -47.32 -5.47 -11.40
C TRP D 115 -47.65 -5.49 -9.90
N ALA D 116 -47.75 -4.32 -9.27
CA ALA D 116 -47.72 -4.15 -7.81
C ALA D 116 -48.85 -4.94 -7.15
N GLY D 117 -48.66 -5.28 -5.87
CA GLY D 117 -49.70 -5.90 -5.02
C GLY D 117 -49.47 -5.61 -3.55
N SER D 118 -49.35 -6.67 -2.75
CA SER D 118 -49.15 -6.60 -1.28
C SER D 118 -48.57 -7.94 -0.81
N ALA D 119 -48.26 -8.04 0.47
CA ALA D 119 -47.59 -9.21 1.08
C ALA D 119 -48.18 -9.46 2.47
N LEU D 120 -48.48 -10.72 2.76
CA LEU D 120 -49.08 -11.16 4.04
C LEU D 120 -48.25 -12.30 4.61
N LEU D 121 -47.75 -12.12 5.84
CA LEU D 121 -47.23 -13.21 6.69
C LEU D 121 -48.36 -13.58 7.66
N ASP D 122 -49.10 -14.64 7.34
CA ASP D 122 -50.32 -15.05 8.09
C ASP D 122 -49.90 -15.46 9.50
N ASP D 123 -50.86 -15.58 10.43
CA ASP D 123 -50.60 -16.03 11.83
C ASP D 123 -49.98 -17.43 11.81
N ASP D 124 -50.38 -18.28 10.85
CA ASP D 124 -49.91 -19.69 10.73
C ASP D 124 -48.48 -19.75 10.17
N GLY D 125 -47.91 -18.61 9.74
CA GLY D 125 -46.53 -18.52 9.24
C GLY D 125 -46.45 -18.67 7.73
N ARG D 126 -47.57 -18.95 7.06
CA ARG D 126 -47.64 -19.09 5.57
C ARG D 126 -47.45 -17.72 4.93
N LEU D 127 -46.68 -17.65 3.84
CA LEU D 127 -46.42 -16.38 3.11
C LEU D 127 -47.31 -16.32 1.86
N TYR D 128 -48.02 -15.21 1.69
CA TYR D 128 -48.84 -14.88 0.49
C TYR D 128 -48.28 -13.57 -0.10
N VAL D 129 -47.80 -13.61 -1.35
CA VAL D 129 -47.36 -12.40 -2.09
C VAL D 129 -48.38 -12.14 -3.21
N PHE D 130 -49.35 -11.27 -2.94
CA PHE D 130 -50.37 -10.82 -3.92
C PHE D 130 -49.69 -9.92 -4.96
N TYR D 131 -49.97 -10.14 -6.23
CA TYR D 131 -49.41 -9.35 -7.34
C TYR D 131 -50.42 -9.29 -8.48
N THR D 132 -50.18 -8.38 -9.43
CA THR D 132 -50.98 -8.26 -10.68
C THR D 132 -50.26 -9.04 -11.79
N ALA D 133 -50.94 -10.01 -12.39
CA ALA D 133 -50.50 -10.74 -13.60
C ALA D 133 -50.88 -9.89 -14.81
N SER D 134 -49.90 -9.20 -15.41
CA SER D 134 -50.05 -8.39 -16.64
C SER D 134 -49.67 -9.23 -17.85
N GLY D 135 -50.54 -9.25 -18.87
CA GLY D 135 -50.44 -10.16 -20.03
C GLY D 135 -50.58 -11.61 -19.60
N ARG D 136 -50.10 -12.52 -20.45
CA ARG D 136 -50.06 -13.99 -20.21
C ARG D 136 -48.64 -14.48 -20.48
N ALA D 137 -48.14 -15.43 -19.69
CA ALA D 137 -46.76 -15.96 -19.75
C ALA D 137 -46.43 -16.40 -21.17
N GLY D 138 -45.29 -15.94 -21.71
CA GLY D 138 -44.78 -16.35 -23.03
C GLY D 138 -45.68 -15.92 -24.19
N GLU D 139 -46.39 -14.80 -24.04
CA GLU D 139 -47.24 -14.21 -25.12
C GLU D 139 -46.32 -13.69 -26.23
N ALA D 140 -46.82 -13.69 -27.48
CA ALA D 140 -46.08 -13.28 -28.70
C ALA D 140 -45.85 -11.77 -28.68
N GLU D 141 -46.94 -11.00 -28.72
CA GLU D 141 -46.94 -9.51 -28.61
C GLU D 141 -47.48 -9.13 -27.22
N ILE D 142 -46.94 -8.09 -26.58
CA ILE D 142 -47.34 -7.67 -25.20
C ILE D 142 -48.82 -7.27 -25.20
N THR D 143 -49.60 -7.84 -24.28
CA THR D 143 -51.02 -7.49 -24.02
C THR D 143 -51.09 -6.72 -22.68
N TYR D 144 -52.20 -6.02 -22.42
CA TYR D 144 -52.39 -5.23 -21.17
C TYR D 144 -53.56 -5.82 -20.36
N GLU D 145 -53.69 -7.15 -20.39
CA GLU D 145 -54.67 -7.93 -19.59
C GLU D 145 -54.14 -8.04 -18.16
N GLN D 146 -54.93 -7.62 -17.17
CA GLN D 146 -54.54 -7.55 -15.74
C GLN D 146 -55.48 -8.45 -14.94
N ARG D 147 -54.93 -9.32 -14.11
CA ARG D 147 -55.69 -10.22 -13.21
C ARG D 147 -54.99 -10.27 -11.85
N LEU D 148 -55.76 -10.29 -10.76
CA LEU D 148 -55.21 -10.33 -9.38
C LEU D 148 -54.79 -11.77 -9.08
N ALA D 149 -53.50 -12.00 -8.88
CA ALA D 149 -52.91 -13.35 -8.64
C ALA D 149 -52.24 -13.35 -7.27
N VAL D 150 -51.84 -14.53 -6.79
CA VAL D 150 -51.04 -14.68 -5.54
C VAL D 150 -50.00 -15.79 -5.72
N GLY D 151 -48.78 -15.58 -5.20
CA GLY D 151 -47.78 -16.62 -4.98
C GLY D 151 -47.81 -17.13 -3.55
N SER D 152 -48.68 -18.11 -3.26
CA SER D 152 -48.91 -18.68 -1.91
C SER D 152 -47.87 -19.78 -1.60
N GLY D 153 -47.79 -20.18 -0.33
CA GLY D 153 -47.00 -21.33 0.15
C GLY D 153 -45.51 -21.03 0.21
N GLY D 154 -45.14 -19.75 0.41
CA GLY D 154 -43.74 -19.33 0.57
C GLY D 154 -43.26 -19.60 1.99
N SER D 155 -41.94 -19.72 2.16
CA SER D 155 -41.27 -19.86 3.48
C SER D 155 -40.25 -18.73 3.64
N VAL D 156 -40.26 -18.06 4.80
CA VAL D 156 -39.35 -16.92 5.13
C VAL D 156 -38.37 -17.41 6.21
N VAL D 157 -37.11 -17.60 5.84
CA VAL D 157 -36.00 -18.02 6.74
C VAL D 157 -35.15 -16.78 7.03
N ALA D 158 -34.90 -16.49 8.31
CA ALA D 158 -34.04 -15.36 8.74
C ALA D 158 -32.95 -15.88 9.69
N ASP D 159 -31.69 -15.79 9.27
CA ASP D 159 -30.52 -16.00 10.18
C ASP D 159 -30.10 -14.60 10.68
N ASP D 160 -28.95 -14.48 11.34
CA ASP D 160 -28.37 -13.18 11.75
C ASP D 160 -27.60 -12.56 10.58
N ASP D 161 -27.49 -13.28 9.45
CA ASP D 161 -26.73 -12.85 8.25
C ASP D 161 -27.67 -12.23 7.21
N GLY D 162 -28.94 -12.66 7.15
CA GLY D 162 -29.92 -12.06 6.22
C GLY D 162 -31.24 -12.81 6.19
N VAL D 163 -31.99 -12.62 5.10
CA VAL D 163 -33.33 -13.24 4.90
C VAL D 163 -33.34 -13.88 3.51
N ARG D 164 -33.75 -15.14 3.45
CA ARG D 164 -34.03 -15.86 2.17
C ARG D 164 -35.52 -16.24 2.15
N ILE D 165 -36.18 -16.02 1.02
CA ILE D 165 -37.56 -16.53 0.76
C ILE D 165 -37.42 -17.80 -0.07
N GLU D 166 -37.76 -18.95 0.52
CA GLU D 166 -37.43 -20.29 0.00
C GLU D 166 -38.72 -21.10 -0.17
N GLY D 167 -38.55 -22.33 -0.64
CA GLY D 167 -39.61 -23.33 -0.77
C GLY D 167 -40.25 -23.26 -2.15
N PRO D 168 -41.18 -24.20 -2.45
CA PRO D 168 -41.94 -24.17 -3.69
C PRO D 168 -43.02 -23.08 -3.61
N PHE D 169 -43.24 -22.34 -4.70
CA PHE D 169 -44.30 -21.31 -4.80
C PHE D 169 -45.47 -21.84 -5.61
N ALA D 170 -46.68 -21.64 -5.09
CA ALA D 170 -47.96 -22.03 -5.73
C ALA D 170 -48.68 -20.76 -6.22
N HIS D 171 -48.78 -20.63 -7.55
CA HIS D 171 -49.26 -19.42 -8.26
C HIS D 171 -50.66 -19.68 -8.82
N GLY D 172 -51.62 -18.81 -8.52
CA GLY D 172 -52.98 -18.92 -9.05
C GLY D 172 -53.63 -17.56 -9.20
N VAL D 173 -54.43 -17.37 -10.25
CA VAL D 173 -55.30 -16.17 -10.42
C VAL D 173 -56.37 -16.20 -9.34
N LEU D 174 -56.58 -15.07 -8.67
CA LEU D 174 -57.59 -14.91 -7.59
C LEU D 174 -58.85 -14.25 -8.17
N LEU D 175 -58.72 -13.16 -8.93
CA LEU D 175 -59.89 -12.37 -9.39
C LEU D 175 -59.65 -11.83 -10.80
N GLU D 176 -60.71 -11.86 -11.62
CA GLU D 176 -60.82 -11.16 -12.93
C GLU D 176 -62.12 -10.37 -12.94
N PRO D 177 -62.18 -9.21 -13.64
CA PRO D 177 -63.33 -8.32 -13.53
C PRO D 177 -64.64 -9.00 -13.95
N ASP D 178 -65.71 -8.75 -13.20
CA ASP D 178 -67.03 -9.43 -13.37
C ASP D 178 -67.70 -8.95 -14.66
N GLY D 179 -67.69 -7.64 -14.93
CA GLY D 179 -68.33 -7.04 -16.11
C GLY D 179 -69.53 -6.18 -15.76
N GLU D 180 -69.97 -6.21 -14.48
CA GLU D 180 -71.13 -5.44 -13.98
C GLU D 180 -70.65 -4.32 -13.05
N ARG D 181 -69.90 -4.68 -11.99
CA ARG D 181 -69.37 -3.73 -10.99
C ARG D 181 -67.94 -3.31 -11.37
N TYR D 182 -67.19 -4.15 -12.09
CA TYR D 182 -65.78 -3.86 -12.47
C TYR D 182 -65.57 -4.12 -13.97
N GLU D 183 -65.12 -3.08 -14.68
CA GLU D 183 -64.96 -3.01 -16.16
C GLU D 183 -63.92 -4.05 -16.57
N ARG D 184 -64.24 -4.81 -17.64
CA ARG D 184 -63.33 -5.79 -18.30
C ARG D 184 -62.58 -5.11 -19.44
N GLU D 185 -61.51 -5.73 -19.94
CA GLU D 185 -60.70 -5.20 -21.07
C GLU D 185 -61.60 -4.94 -22.29
N GLU D 186 -62.55 -5.85 -22.57
CA GLU D 186 -63.51 -5.74 -23.71
C GLU D 186 -64.29 -4.43 -23.61
N GLN D 187 -64.77 -4.09 -22.40
CA GLN D 187 -65.67 -2.93 -22.14
C GLN D 187 -64.88 -1.62 -22.18
N SER D 188 -63.54 -1.69 -22.17
CA SER D 188 -62.63 -0.52 -22.01
C SER D 188 -62.90 0.53 -23.08
N ARG D 189 -63.46 1.67 -22.66
CA ARG D 189 -63.58 2.91 -23.48
C ARG D 189 -62.46 3.85 -23.04
N GLY D 190 -62.09 4.81 -23.89
CA GLY D 190 -61.02 5.78 -23.61
C GLY D 190 -59.68 5.09 -23.43
N MET D 191 -59.03 5.28 -22.27
CA MET D 191 -57.70 4.69 -21.97
C MET D 191 -57.84 3.22 -21.59
N ILE D 192 -56.71 2.53 -21.43
CA ILE D 192 -56.62 1.09 -21.07
C ILE D 192 -57.29 0.89 -19.70
N TYR D 193 -58.09 -0.19 -19.58
CA TYR D 193 -58.79 -0.57 -18.33
C TYR D 193 -57.76 -0.87 -17.24
N THR D 194 -58.22 -0.84 -15.99
CA THR D 194 -57.40 -1.16 -14.79
C THR D 194 -58.10 -2.30 -14.03
N PHE D 195 -57.32 -3.27 -13.56
CA PHE D 195 -57.77 -4.34 -12.63
C PHE D 195 -56.53 -4.94 -11.96
N ARG D 196 -55.95 -4.20 -11.01
CA ARG D 196 -54.58 -4.47 -10.53
C ARG D 196 -54.43 -3.98 -9.08
N ASP D 197 -53.22 -4.16 -8.54
CA ASP D 197 -52.77 -3.62 -7.24
C ASP D 197 -53.63 -4.21 -6.12
N PRO D 198 -53.62 -5.56 -5.95
CA PRO D 198 -54.36 -6.20 -4.87
C PRO D 198 -53.68 -5.94 -3.52
N TRP D 199 -54.41 -5.30 -2.60
CA TRP D 199 -53.90 -4.92 -1.27
C TRP D 199 -54.70 -5.67 -0.19
N PHE D 200 -54.05 -6.58 0.55
CA PHE D 200 -54.70 -7.36 1.63
C PHE D 200 -54.98 -6.44 2.81
N PHE D 201 -56.13 -6.64 3.48
CA PHE D 201 -56.60 -5.81 4.60
C PHE D 201 -57.59 -6.57 5.47
N GLU D 202 -57.24 -6.76 6.74
CA GLU D 202 -58.14 -7.27 7.81
C GLU D 202 -58.73 -6.06 8.54
N ASP D 203 -60.05 -5.94 8.55
CA ASP D 203 -60.78 -4.88 9.29
C ASP D 203 -60.59 -5.14 10.79
N PRO D 204 -59.89 -4.26 11.53
CA PRO D 204 -59.61 -4.49 12.95
C PRO D 204 -60.88 -4.50 13.80
N ARG D 205 -61.99 -3.96 13.27
CA ARG D 205 -63.29 -3.92 13.96
C ARG D 205 -64.05 -5.23 13.71
N SER D 206 -64.46 -5.51 12.47
CA SER D 206 -65.29 -6.69 12.11
C SER D 206 -64.47 -7.98 12.28
N GLY D 207 -63.15 -7.93 12.05
CA GLY D 207 -62.29 -9.13 11.95
C GLY D 207 -62.41 -9.78 10.58
N LYS D 208 -63.31 -9.28 9.72
CA LYS D 208 -63.52 -9.81 8.35
C LYS D 208 -62.28 -9.51 7.51
N THR D 209 -61.99 -10.35 6.52
CA THR D 209 -60.79 -10.25 5.66
C THR D 209 -61.22 -9.73 4.28
N TYR D 210 -60.56 -8.67 3.81
CA TYR D 210 -60.86 -8.01 2.51
C TYR D 210 -59.58 -7.92 1.67
N LEU D 211 -59.78 -7.74 0.36
CA LEU D 211 -58.70 -7.47 -0.62
C LEU D 211 -59.14 -6.29 -1.48
N LEU D 212 -58.50 -5.14 -1.31
CA LEU D 212 -58.75 -3.93 -2.13
C LEU D 212 -57.95 -4.06 -3.43
N PHE D 213 -58.41 -3.37 -4.47
CA PHE D 213 -57.74 -3.32 -5.80
C PHE D 213 -58.21 -2.08 -6.54
N GLU D 214 -57.41 -1.66 -7.51
CA GLU D 214 -57.79 -0.62 -8.49
C GLU D 214 -58.54 -1.29 -9.64
N ALA D 215 -59.69 -0.73 -10.01
CA ALA D 215 -60.52 -1.19 -11.14
C ALA D 215 -61.10 0.03 -11.83
N ASN D 216 -61.91 -0.24 -12.86
CA ASN D 216 -62.80 0.74 -13.51
C ASN D 216 -64.22 0.20 -13.38
N THR D 217 -65.21 1.08 -13.16
CA THR D 217 -66.65 0.71 -13.12
C THR D 217 -67.24 0.96 -14.51
N PRO D 218 -67.81 -0.08 -15.17
CA PRO D 218 -68.28 0.09 -16.54
C PRO D 218 -69.42 1.13 -16.60
N ILE D 219 -69.36 1.99 -17.61
CA ILE D 219 -70.43 2.97 -17.95
C ILE D 219 -70.86 2.69 -19.39
N PRO D 220 -72.11 2.23 -19.61
CA PRO D 220 -72.62 2.00 -20.97
C PRO D 220 -72.50 3.28 -21.82
N GLU D 221 -72.28 3.15 -23.13
CA GLU D 221 -72.20 4.33 -24.03
C GLU D 221 -73.63 4.89 -24.11
N GLY D 222 -73.75 6.21 -24.08
CA GLY D 222 -75.05 6.90 -24.14
C GLY D 222 -75.87 6.71 -22.88
N ALA D 223 -75.26 6.14 -21.82
CA ALA D 223 -75.84 6.04 -20.46
C ALA D 223 -76.29 7.42 -19.94
N GLY D 224 -75.62 8.49 -20.38
CA GLY D 224 -75.78 9.84 -19.83
C GLY D 224 -75.40 9.87 -18.36
N ALA D 225 -74.58 8.89 -17.93
CA ALA D 225 -74.11 8.71 -16.53
C ALA D 225 -73.27 9.92 -16.11
N CYS D 226 -72.93 10.78 -17.06
CA CYS D 226 -72.10 11.98 -16.86
C CYS D 226 -72.68 13.18 -17.63
N GLY D 227 -72.34 14.41 -17.21
CA GLY D 227 -72.73 15.66 -17.86
C GLY D 227 -72.00 15.90 -19.18
N ASP D 228 -71.21 14.93 -19.64
CA ASP D 228 -70.55 14.90 -20.97
C ASP D 228 -70.15 13.46 -21.29
N PRO D 229 -70.61 12.87 -22.41
CA PRO D 229 -70.25 11.50 -22.78
C PRO D 229 -68.75 11.16 -22.73
N VAL D 230 -67.85 12.10 -23.08
CA VAL D 230 -66.38 11.83 -23.09
C VAL D 230 -65.89 11.59 -21.66
N TRP D 231 -66.41 12.36 -20.70
CA TRP D 231 -66.02 12.28 -19.27
C TRP D 231 -66.23 10.85 -18.75
N GLU D 232 -67.23 10.13 -19.26
CA GLU D 232 -67.60 8.78 -18.74
C GLU D 232 -66.50 7.76 -19.10
N GLU D 233 -65.53 8.09 -19.95
CA GLU D 233 -64.37 7.21 -20.26
C GLU D 233 -63.45 7.09 -19.04
N PHE D 234 -63.47 8.10 -18.17
CA PHE D 234 -62.68 8.20 -16.91
C PHE D 234 -63.52 7.62 -15.77
N ASN D 235 -63.41 6.31 -15.59
CA ASN D 235 -64.30 5.48 -14.75
C ASN D 235 -63.47 4.75 -13.69
N GLY D 236 -62.46 5.41 -13.13
CA GLY D 236 -61.57 4.83 -12.10
C GLY D 236 -62.33 4.54 -10.82
N SER D 237 -61.97 3.47 -10.12
CA SER D 237 -62.68 3.03 -8.90
C SER D 237 -61.77 2.18 -8.03
N VAL D 238 -62.02 2.19 -6.72
CA VAL D 238 -61.38 1.30 -5.71
C VAL D 238 -62.36 0.16 -5.46
N GLY D 239 -62.06 -1.01 -6.03
CA GLY D 239 -62.84 -2.24 -5.80
C GLY D 239 -62.37 -2.92 -4.53
N ILE D 240 -63.22 -3.79 -3.98
CA ILE D 240 -62.91 -4.60 -2.77
C ILE D 240 -63.57 -5.97 -2.95
N ALA D 241 -62.89 -7.01 -2.47
CA ALA D 241 -63.40 -8.39 -2.39
C ALA D 241 -63.35 -8.84 -0.93
N HIS D 242 -64.19 -9.81 -0.57
CA HIS D 242 -64.30 -10.36 0.80
C HIS D 242 -63.97 -11.85 0.78
N SER D 243 -63.31 -12.33 1.83
CA SER D 243 -63.12 -13.79 2.10
C SER D 243 -63.98 -14.17 3.29
N PRO D 244 -65.10 -14.91 3.09
CA PRO D 244 -65.94 -15.35 4.21
C PRO D 244 -65.15 -16.22 5.20
N THR D 245 -64.31 -17.12 4.67
CA THR D 245 -63.47 -18.08 5.43
C THR D 245 -62.26 -17.37 6.05
N GLY D 246 -61.83 -16.24 5.50
CA GLY D 246 -60.59 -15.56 5.93
C GLY D 246 -59.36 -16.15 5.27
N ASP D 247 -59.50 -17.29 4.58
CA ASP D 247 -58.47 -17.85 3.67
C ASP D 247 -58.00 -16.74 2.72
N PRO D 248 -56.69 -16.40 2.70
CA PRO D 248 -56.17 -15.39 1.78
C PRO D 248 -56.20 -15.75 0.28
N THR D 249 -56.84 -16.85 -0.11
CA THR D 249 -56.88 -17.34 -1.51
C THR D 249 -58.33 -17.52 -2.00
N ASP D 250 -59.33 -17.29 -1.15
CA ASP D 250 -60.78 -17.45 -1.48
C ASP D 250 -61.46 -16.08 -1.35
N TRP D 251 -61.87 -15.49 -2.47
CA TRP D 251 -62.42 -14.11 -2.52
C TRP D 251 -63.73 -14.09 -3.31
N GLU D 252 -64.66 -13.23 -2.87
CA GLU D 252 -65.91 -12.91 -3.60
C GLU D 252 -65.97 -11.39 -3.79
N LEU D 253 -66.27 -10.95 -5.01
CA LEU D 253 -66.30 -9.50 -5.35
C LEU D 253 -67.42 -8.83 -4.54
N CYS D 254 -67.15 -7.64 -3.99
CA CYS D 254 -68.14 -6.76 -3.32
C CYS D 254 -68.32 -5.50 -4.17
N ASP D 255 -69.27 -4.63 -3.79
CA ASP D 255 -69.47 -3.31 -4.45
C ASP D 255 -68.24 -2.45 -4.19
N PRO D 256 -67.84 -1.56 -5.14
CA PRO D 256 -66.65 -0.75 -4.98
C PRO D 256 -66.78 0.22 -3.81
N LEU D 257 -65.66 0.52 -3.14
CA LEU D 257 -65.61 1.42 -1.97
C LEU D 257 -65.85 2.86 -2.43
N LEU D 258 -65.31 3.23 -3.59
CA LEU D 258 -65.34 4.62 -4.10
C LEU D 258 -65.16 4.60 -5.62
N GLU D 259 -65.84 5.51 -6.32
CA GLU D 259 -65.70 5.63 -7.81
C GLU D 259 -65.37 7.06 -8.17
N GLY D 260 -64.37 7.26 -9.04
CA GLY D 260 -63.99 8.58 -9.57
C GLY D 260 -64.48 8.76 -11.00
N ILE D 261 -65.76 8.44 -11.24
CA ILE D 261 -66.36 8.52 -12.60
C ILE D 261 -66.52 9.99 -12.95
N CYS D 262 -66.13 10.36 -14.17
CA CYS D 262 -66.14 11.75 -14.68
C CYS D 262 -64.97 12.54 -14.10
N VAL D 263 -64.05 11.91 -13.37
CA VAL D 263 -62.95 12.63 -12.67
C VAL D 263 -61.59 12.04 -13.04
N ASN D 264 -61.37 10.73 -12.86
CA ASN D 264 -60.04 10.11 -13.11
C ASN D 264 -60.19 8.65 -13.53
N GLN D 265 -59.29 8.17 -14.40
CA GLN D 265 -59.29 6.79 -14.95
C GLN D 265 -58.51 5.86 -14.00
N GLU D 266 -57.40 6.35 -13.43
CA GLU D 266 -56.48 5.52 -12.61
C GLU D 266 -56.51 5.98 -11.14
N LEU D 267 -57.21 5.21 -10.29
CA LEU D 267 -57.12 5.34 -8.81
C LEU D 267 -56.16 4.27 -8.29
N GLU D 268 -54.87 4.53 -8.37
CA GLU D 268 -53.81 3.49 -8.29
C GLU D 268 -53.46 3.15 -6.84
N ARG D 269 -52.97 1.92 -6.65
CA ARG D 269 -52.45 1.37 -5.37
C ARG D 269 -53.32 1.85 -4.22
N PRO D 270 -54.61 1.42 -4.18
CA PRO D 270 -55.52 1.79 -3.11
C PRO D 270 -55.15 1.00 -1.86
N HIS D 271 -55.31 1.62 -0.70
CA HIS D 271 -54.99 1.04 0.62
C HIS D 271 -55.71 1.84 1.70
N VAL D 272 -55.99 1.20 2.82
CA VAL D 272 -56.72 1.79 3.97
C VAL D 272 -55.76 1.83 5.16
N VAL D 273 -55.72 2.99 5.83
CA VAL D 273 -55.10 3.14 7.17
C VAL D 273 -56.24 3.45 8.14
N VAL D 274 -56.40 2.62 9.18
CA VAL D 274 -57.41 2.85 10.25
C VAL D 274 -56.69 3.61 11.37
N ARG D 275 -57.27 4.72 11.80
CA ARG D 275 -56.66 5.61 12.82
C ARG D 275 -57.73 5.99 13.84
N ASN D 276 -57.47 5.64 15.11
CA ASN D 276 -58.41 5.77 16.24
C ASN D 276 -59.72 5.08 15.85
N GLY D 277 -60.67 5.79 15.25
CA GLY D 277 -62.00 5.21 14.91
C GLY D 277 -62.35 5.35 13.44
N PHE D 278 -61.42 5.83 12.62
CA PHE D 278 -61.74 6.29 11.24
C PHE D 278 -60.92 5.50 10.22
N TYR D 279 -61.53 5.31 9.05
CA TYR D 279 -60.97 4.60 7.88
C TYR D 279 -60.54 5.64 6.85
N TYR D 280 -59.23 5.79 6.66
CA TYR D 280 -58.63 6.65 5.61
C TYR D 280 -58.31 5.76 4.41
N LEU D 281 -58.93 6.07 3.27
CA LEU D 281 -58.67 5.38 1.98
C LEU D 281 -57.78 6.27 1.12
N PHE D 282 -56.62 5.75 0.73
CA PHE D 282 -55.58 6.48 -0.06
C PHE D 282 -55.43 5.83 -1.43
N VAL D 283 -55.34 6.67 -2.47
CA VAL D 283 -55.06 6.26 -3.87
C VAL D 283 -54.05 7.25 -4.47
N SER D 284 -53.08 6.72 -5.20
CA SER D 284 -52.13 7.51 -6.02
C SER D 284 -52.76 7.72 -7.41
N SER D 285 -52.61 8.90 -8.00
CA SER D 285 -53.20 9.22 -9.32
C SER D 285 -52.28 10.16 -10.11
N HIS D 286 -52.42 10.16 -11.43
CA HIS D 286 -51.61 10.98 -12.37
C HIS D 286 -52.38 12.26 -12.74
N ASP D 287 -51.66 13.24 -13.29
CA ASP D 287 -52.25 14.48 -13.84
C ASP D 287 -52.90 14.16 -15.19
N HIS D 288 -52.29 13.25 -15.96
CA HIS D 288 -52.72 12.90 -17.34
C HIS D 288 -53.96 11.99 -17.31
N THR D 289 -54.29 11.42 -16.16
CA THR D 289 -55.45 10.49 -16.02
C THR D 289 -56.70 11.25 -15.55
N PHE D 290 -56.61 12.57 -15.42
CA PHE D 290 -57.78 13.42 -15.06
C PHE D 290 -58.64 13.66 -16.30
N ALA D 291 -59.96 13.63 -16.10
CA ALA D 291 -60.97 13.94 -17.15
C ALA D 291 -60.75 15.38 -17.61
N PRO D 292 -61.13 15.72 -18.87
CA PRO D 292 -61.01 17.09 -19.36
C PRO D 292 -61.85 18.06 -18.50
N GLY D 293 -61.40 19.32 -18.41
CA GLY D 293 -62.03 20.34 -17.56
C GLY D 293 -61.47 20.32 -16.15
N LEU D 294 -60.71 19.29 -15.79
CA LEU D 294 -60.08 19.14 -14.46
C LEU D 294 -58.56 19.21 -14.60
N GLU D 295 -57.91 19.88 -13.65
CA GLU D 295 -56.43 20.04 -13.60
C GLU D 295 -55.95 19.67 -12.19
N GLY D 296 -55.36 18.48 -12.05
CA GLY D 296 -54.77 18.01 -10.79
C GLY D 296 -53.37 17.45 -11.02
N PRO D 297 -52.47 17.52 -10.02
CA PRO D 297 -51.11 16.98 -10.16
C PRO D 297 -51.02 15.48 -9.86
N ASP D 298 -49.96 14.84 -10.37
CA ASP D 298 -49.46 13.55 -9.83
C ASP D 298 -49.44 13.69 -8.31
N GLY D 299 -50.18 12.85 -7.58
CA GLY D 299 -50.27 12.98 -6.11
C GLY D 299 -50.98 11.82 -5.45
N LEU D 300 -50.87 11.75 -4.12
CA LEU D 300 -51.67 10.86 -3.27
C LEU D 300 -52.96 11.60 -2.89
N TYR D 301 -54.10 11.03 -3.27
CA TYR D 301 -55.45 11.53 -2.89
C TYR D 301 -56.04 10.61 -1.83
N GLY D 302 -56.90 11.16 -0.99
CA GLY D 302 -57.34 10.49 0.25
C GLY D 302 -58.77 10.84 0.61
N PHE D 303 -59.45 9.87 1.22
CA PHE D 303 -60.86 9.97 1.65
C PHE D 303 -60.99 9.31 3.03
N VAL D 304 -62.03 9.68 3.77
CA VAL D 304 -62.21 9.25 5.17
C VAL D 304 -63.70 8.93 5.41
N ALA D 305 -63.95 7.89 6.19
CA ALA D 305 -65.29 7.45 6.61
C ALA D 305 -65.21 6.82 8.00
N ASP D 306 -66.37 6.65 8.64
CA ASP D 306 -66.49 6.05 10.01
C ASP D 306 -66.51 4.51 9.90
N SER D 307 -66.60 3.97 8.69
CA SER D 307 -66.68 2.51 8.41
C SER D 307 -65.86 2.17 7.16
N LEU D 308 -65.38 0.94 7.05
CA LEU D 308 -64.56 0.50 5.89
C LEU D 308 -65.35 0.69 4.59
N ARG D 309 -66.64 0.33 4.60
CA ARG D 309 -67.52 0.39 3.40
C ARG D 309 -68.50 1.56 3.56
N GLY D 310 -68.04 2.65 4.21
CA GLY D 310 -68.88 3.80 4.59
C GLY D 310 -68.95 4.85 3.51
N GLU D 311 -69.55 5.99 3.85
CA GLU D 311 -69.72 7.19 2.98
C GLU D 311 -68.41 7.97 3.01
N TYR D 312 -67.45 7.57 2.17
CA TYR D 312 -66.13 8.23 2.02
C TYR D 312 -66.33 9.67 1.55
N ARG D 313 -65.62 10.59 2.20
CA ARG D 313 -65.58 12.03 1.82
C ARG D 313 -64.12 12.43 1.61
N PRO D 314 -63.82 13.32 0.66
CA PRO D 314 -62.44 13.64 0.33
C PRO D 314 -61.74 14.44 1.43
N LEU D 315 -60.48 14.11 1.70
CA LEU D 315 -59.60 14.86 2.65
C LEU D 315 -59.30 16.25 2.08
N ASN D 316 -59.22 17.26 2.93
CA ASN D 316 -58.86 18.65 2.56
C ASN D 316 -59.84 19.20 1.52
N GLY D 317 -61.07 18.67 1.47
CA GLY D 317 -62.15 19.16 0.59
C GLY D 317 -62.03 18.69 -0.85
N SER D 318 -60.81 18.69 -1.41
CA SER D 318 -60.53 18.34 -2.83
C SER D 318 -60.14 16.87 -2.96
N GLY D 319 -59.51 16.31 -1.93
CA GLY D 319 -59.02 14.93 -1.92
C GLY D 319 -57.50 14.88 -1.98
N LEU D 320 -56.85 15.96 -2.42
CA LEU D 320 -55.36 16.01 -2.52
C LEU D 320 -54.78 16.00 -1.11
N VAL D 321 -53.97 14.98 -0.84
CA VAL D 321 -53.30 14.78 0.49
C VAL D 321 -51.83 15.16 0.38
N LEU D 322 -51.18 14.77 -0.71
CA LEU D 322 -49.70 14.86 -0.85
C LEU D 322 -49.36 14.95 -2.33
N THR D 323 -48.44 15.84 -2.71
CA THR D 323 -48.03 16.04 -4.13
C THR D 323 -46.61 16.58 -4.20
N ASN D 324 -46.05 16.58 -5.42
CA ASN D 324 -44.70 17.08 -5.74
C ASN D 324 -44.76 18.59 -5.96
N PRO D 325 -43.64 19.32 -5.75
CA PRO D 325 -43.61 20.75 -6.04
C PRO D 325 -43.75 21.03 -7.54
N ALA D 326 -44.23 22.22 -7.88
CA ALA D 326 -44.50 22.68 -9.26
C ALA D 326 -43.24 22.52 -10.13
N ASN D 327 -42.07 22.82 -9.58
CA ASN D 327 -40.77 22.87 -10.31
C ASN D 327 -40.08 21.50 -10.33
N ALA D 328 -40.75 20.43 -9.86
CA ALA D 328 -40.27 19.03 -10.00
C ALA D 328 -41.48 18.08 -9.92
N PRO D 329 -42.48 18.26 -10.79
CA PRO D 329 -43.82 17.73 -10.54
C PRO D 329 -43.96 16.21 -10.67
N TYR D 330 -42.93 15.52 -11.14
CA TYR D 330 -42.98 14.05 -11.35
C TYR D 330 -41.89 13.34 -10.53
N GLN D 331 -41.41 13.97 -9.46
CA GLN D 331 -40.22 13.49 -8.71
C GLN D 331 -40.56 12.22 -7.91
N ALA D 332 -41.83 12.01 -7.56
CA ALA D 332 -42.26 10.82 -6.79
C ALA D 332 -43.64 10.35 -7.27
N TYR D 333 -43.93 9.07 -7.02
CA TYR D 333 -45.26 8.45 -7.30
C TYR D 333 -45.41 7.16 -6.49
N SER D 334 -46.60 6.56 -6.55
CA SER D 334 -46.93 5.22 -5.99
C SER D 334 -46.71 5.24 -4.47
N TRP D 335 -47.32 6.23 -3.81
CA TRP D 335 -47.22 6.42 -2.34
C TRP D 335 -48.09 5.37 -1.63
N VAL D 336 -47.56 4.83 -0.53
CA VAL D 336 -48.25 3.92 0.43
C VAL D 336 -48.17 4.54 1.82
N ALA D 337 -49.32 4.79 2.43
CA ALA D 337 -49.45 5.36 3.79
C ALA D 337 -49.53 4.21 4.80
N PHE D 338 -48.93 4.41 5.98
CA PHE D 338 -48.92 3.42 7.10
C PHE D 338 -48.74 4.17 8.41
N SER D 339 -49.38 3.69 9.48
CA SER D 339 -49.44 4.41 10.79
C SER D 339 -48.18 4.12 11.60
N HIS D 340 -47.63 5.17 12.22
CA HIS D 340 -46.52 5.09 13.21
C HIS D 340 -46.88 5.93 14.43
N ARG D 341 -47.41 5.26 15.47
CA ARG D 341 -47.78 5.84 16.78
C ARG D 341 -48.87 6.89 16.55
N GLU D 342 -48.48 8.16 16.44
CA GLU D 342 -49.41 9.31 16.35
C GLU D 342 -49.27 9.99 14.99
N GLU D 343 -48.31 9.54 14.18
CA GLU D 343 -48.06 10.07 12.81
C GLU D 343 -48.61 9.11 11.76
N LEU D 344 -48.71 9.60 10.53
CA LEU D 344 -48.85 8.80 9.28
C LEU D 344 -47.56 8.97 8.49
N LEU D 345 -46.91 7.86 8.13
CA LEU D 345 -45.73 7.86 7.23
C LEU D 345 -46.20 7.43 5.83
N VAL D 346 -45.55 7.99 4.81
CA VAL D 346 -45.93 7.80 3.38
C VAL D 346 -44.65 7.54 2.59
N SER D 347 -44.53 6.36 1.97
CA SER D 347 -43.35 5.95 1.17
C SER D 347 -43.75 5.80 -0.31
N GLY D 348 -43.24 6.69 -1.16
CA GLY D 348 -43.30 6.53 -2.63
C GLY D 348 -41.95 6.10 -3.16
N PHE D 349 -41.76 6.20 -4.47
CA PHE D 349 -40.45 5.92 -5.13
C PHE D 349 -40.02 7.18 -5.89
N PHE D 350 -38.72 7.31 -6.12
CA PHE D 350 -38.08 8.47 -6.78
C PHE D 350 -38.21 8.31 -8.29
N ASN D 351 -39.08 9.11 -8.91
CA ASN D 351 -39.61 8.85 -10.28
C ASN D 351 -38.79 9.63 -11.33
N TYR D 352 -39.15 10.88 -11.63
CA TYR D 352 -38.59 11.66 -12.76
C TYR D 352 -38.21 13.06 -12.29
N TYR D 353 -36.94 13.42 -12.45
CA TYR D 353 -36.39 14.71 -11.94
C TYR D 353 -35.51 15.36 -13.01
N ASP D 354 -35.21 16.65 -12.84
CA ASP D 354 -34.28 17.42 -13.69
C ASP D 354 -34.83 17.48 -15.12
N LEU D 355 -36.15 17.60 -15.28
CA LEU D 355 -36.82 17.65 -16.61
C LEU D 355 -36.61 19.03 -17.23
N GLY D 356 -36.41 20.06 -16.39
CA GLY D 356 -36.20 21.45 -16.84
C GLY D 356 -37.45 22.08 -17.43
N GLY D 357 -38.58 21.35 -17.43
CA GLY D 357 -39.86 21.84 -17.97
C GLY D 357 -40.58 20.80 -18.82
N LEU D 358 -39.85 19.77 -19.27
CA LEU D 358 -40.36 18.75 -20.23
C LEU D 358 -41.55 18.00 -19.63
N THR D 359 -42.52 17.63 -20.48
CA THR D 359 -43.65 16.74 -20.11
C THR D 359 -43.17 15.29 -20.22
N LEU D 360 -43.95 14.34 -19.68
CA LEU D 360 -43.54 12.91 -19.58
C LEU D 360 -43.40 12.35 -21.00
N ASP D 361 -44.30 12.71 -21.91
CA ASP D 361 -44.27 12.20 -23.31
C ASP D 361 -42.99 12.74 -23.97
N ASP D 362 -42.54 13.95 -23.61
CA ASP D 362 -41.30 14.57 -24.17
C ASP D 362 -40.06 13.79 -23.73
N VAL D 363 -40.09 13.14 -22.56
CA VAL D 363 -38.92 12.40 -22.01
C VAL D 363 -38.56 11.28 -23.00
N ALA D 364 -39.56 10.59 -23.54
CA ALA D 364 -39.41 9.49 -24.52
C ALA D 364 -38.55 9.92 -25.72
N THR D 365 -38.50 11.23 -26.04
CA THR D 365 -37.75 11.79 -27.19
C THR D 365 -36.24 11.63 -26.96
N LEU D 366 -35.79 11.83 -25.72
CA LEU D 366 -34.35 12.00 -25.35
C LEU D 366 -33.57 10.72 -25.66
N SER D 367 -32.25 10.84 -25.79
CA SER D 367 -31.31 9.71 -25.98
C SER D 367 -31.46 8.74 -24.81
N PRO D 368 -31.17 7.44 -25.00
CA PRO D 368 -31.23 6.47 -23.90
C PRO D 368 -30.50 6.95 -22.63
N ASP D 369 -29.27 7.45 -22.78
CA ASP D 369 -28.45 7.97 -21.65
C ASP D 369 -29.19 9.11 -20.95
N GLU D 370 -29.75 10.05 -21.73
CA GLU D 370 -30.44 11.25 -21.19
C GLU D 370 -31.72 10.84 -20.47
N GLN D 371 -32.34 9.71 -20.86
CA GLN D 371 -33.58 9.21 -20.21
C GLN D 371 -33.22 8.54 -18.88
N ARG D 372 -32.23 7.64 -18.88
CA ARG D 372 -31.66 7.06 -17.63
C ARG D 372 -30.96 8.27 -17.00
N ALA D 373 -30.85 8.39 -15.68
CA ALA D 373 -30.20 9.59 -15.08
C ALA D 373 -31.15 10.81 -15.13
N LYS D 374 -32.36 10.69 -15.69
CA LYS D 374 -33.54 11.54 -15.25
C LYS D 374 -34.55 10.68 -14.49
N PHE D 375 -34.14 9.47 -14.12
CA PHE D 375 -34.97 8.48 -13.39
C PHE D 375 -34.20 8.00 -12.15
N GLY D 376 -34.82 8.17 -10.97
CA GLY D 376 -34.26 7.72 -9.69
C GLY D 376 -34.17 6.21 -9.64
N GLY D 377 -35.31 5.53 -9.52
CA GLY D 377 -35.40 4.07 -9.39
C GLY D 377 -34.97 3.62 -8.01
N THR D 378 -35.27 4.43 -6.98
CA THR D 378 -35.00 4.11 -5.56
C THR D 378 -36.23 4.53 -4.75
N LEU D 379 -36.19 4.33 -3.43
CA LEU D 379 -37.26 4.81 -2.52
C LEU D 379 -37.08 6.31 -2.29
N ALA D 380 -38.19 7.05 -2.32
CA ALA D 380 -38.26 8.48 -2.00
C ALA D 380 -38.11 8.66 -0.49
N PRO D 381 -37.63 9.83 -0.01
CA PRO D 381 -37.61 10.14 1.42
C PRO D 381 -39.04 10.04 1.98
N THR D 382 -39.25 9.17 2.97
CA THR D 382 -40.61 8.86 3.46
C THR D 382 -41.12 10.08 4.22
N VAL D 383 -42.34 10.51 3.88
CA VAL D 383 -42.94 11.77 4.37
C VAL D 383 -43.65 11.47 5.68
N ARG D 384 -43.51 12.37 6.65
CA ARG D 384 -44.28 12.35 7.91
C ARG D 384 -45.44 13.32 7.76
N VAL D 385 -46.67 12.84 7.94
CA VAL D 385 -47.91 13.66 7.86
C VAL D 385 -48.70 13.46 9.15
N ALA D 386 -49.55 14.42 9.48
CA ALA D 386 -50.44 14.41 10.64
C ALA D 386 -51.89 14.50 10.14
N LEU D 387 -52.71 13.52 10.51
CA LEU D 387 -54.17 13.48 10.19
C LEU D 387 -54.94 14.17 11.32
N SER D 388 -55.98 14.92 10.96
CA SER D 388 -56.79 15.73 11.88
C SER D 388 -58.26 15.69 11.42
N GLY D 389 -58.89 14.52 11.48
CA GLY D 389 -60.24 14.32 10.94
C GLY D 389 -60.20 14.21 9.42
N ASP D 390 -60.83 15.14 8.70
CA ASP D 390 -60.84 15.15 7.21
C ASP D 390 -59.75 16.10 6.68
N ARG D 391 -58.78 16.48 7.53
CA ARG D 391 -57.69 17.44 7.18
C ARG D 391 -56.34 16.76 7.40
N THR D 392 -55.37 17.05 6.52
CA THR D 392 -53.98 16.51 6.60
C THR D 392 -52.97 17.66 6.54
N ARG D 393 -51.74 17.40 6.96
CA ARG D 393 -50.63 18.37 6.94
C ARG D 393 -49.31 17.60 6.90
N ILE D 394 -48.43 17.95 5.95
CA ILE D 394 -47.01 17.46 5.90
C ILE D 394 -46.28 18.04 7.10
N THR D 395 -45.63 17.20 7.90
CA THR D 395 -44.93 17.59 9.15
C THR D 395 -43.42 17.53 8.94
N GLY D 396 -42.93 16.68 8.03
CA GLY D 396 -41.50 16.62 7.69
C GLY D 396 -41.20 15.40 6.84
N THR D 397 -39.93 15.00 6.78
CA THR D 397 -39.47 13.81 6.03
C THR D 397 -38.41 13.05 6.83
N LEU D 398 -38.11 11.83 6.39
CA LEU D 398 -37.02 10.98 6.93
C LEU D 398 -36.04 10.69 5.80
N SER D 399 -35.02 9.88 6.06
CA SER D 399 -34.06 9.39 5.05
C SER D 399 -34.83 8.67 3.93
N HIS D 400 -34.17 8.49 2.79
CA HIS D 400 -34.71 7.79 1.60
C HIS D 400 -35.20 6.41 2.03
N GLY D 401 -36.47 6.09 1.74
CA GLY D 401 -37.07 4.77 1.99
C GLY D 401 -36.81 4.28 3.41
N ARG D 402 -37.00 5.13 4.40
CA ARG D 402 -37.00 4.67 5.82
C ARG D 402 -38.40 4.14 6.15
N ILE D 403 -38.51 2.84 6.43
CA ILE D 403 -39.78 2.22 6.91
C ILE D 403 -39.56 1.76 8.35
N PRO D 404 -39.89 2.59 9.36
CA PRO D 404 -39.71 2.22 10.76
C PRO D 404 -40.89 1.44 11.36
N LEU D 405 -40.61 0.64 12.39
CA LEU D 405 -41.63 -0.02 13.24
C LEU D 405 -42.14 1.00 14.27
N GLU D 406 -43.28 0.69 14.89
CA GLU D 406 -43.89 1.54 15.94
C GLU D 406 -42.98 1.54 17.18
N SER D 407 -42.16 0.50 17.34
CA SER D 407 -41.19 0.34 18.45
C SER D 407 -40.04 1.35 18.36
N GLU D 408 -39.93 2.11 17.25
CA GLU D 408 -38.77 2.99 16.98
C GLU D 408 -39.17 4.47 17.09
N GLU D 409 -38.38 5.25 17.82
CA GLU D 409 -38.64 6.69 18.08
C GLU D 409 -38.07 7.52 16.92
N LEU D 410 -38.87 8.43 16.37
CA LEU D 410 -38.43 9.31 15.25
C LEU D 410 -37.99 10.66 15.83
N PRO D 411 -37.09 11.38 15.13
CA PRO D 411 -36.66 12.71 15.54
C PRO D 411 -37.81 13.74 15.66
N ASP D 412 -37.64 14.72 16.54
CA ASP D 412 -38.65 15.78 16.86
C ASP D 412 -38.46 16.95 15.88
N LEU D 413 -39.13 18.08 16.16
CA LEU D 413 -38.91 19.42 15.51
C LEU D 413 -39.63 20.50 16.32
N PRO D 414 -40.77 21.09 15.86
CA PRO D 414 -41.46 22.14 16.61
C PRO D 414 -42.32 21.58 17.76
N ALA E 9 4.97 7.31 -65.13
CA ALA E 9 6.24 6.62 -64.73
C ALA E 9 7.05 7.54 -63.80
N THR E 10 6.41 8.06 -62.73
CA THR E 10 6.91 9.21 -61.93
C THR E 10 8.22 8.83 -61.23
N PRO E 11 9.29 9.66 -61.35
CA PRO E 11 10.56 9.35 -60.70
C PRO E 11 10.38 9.19 -59.18
N ARG E 12 11.03 8.20 -58.59
CA ARG E 12 10.83 7.86 -57.16
C ARG E 12 12.17 7.91 -56.41
N TRP E 13 12.18 8.64 -55.30
CA TRP E 13 13.19 8.51 -54.22
C TRP E 13 12.85 7.24 -53.44
N THR E 14 13.67 6.20 -53.59
CA THR E 14 13.39 4.82 -53.12
C THR E 14 13.97 4.61 -51.73
N ARG E 15 13.50 3.57 -51.04
CA ARG E 15 14.03 3.14 -49.72
C ARG E 15 15.48 2.67 -49.90
N GLU E 16 15.83 2.10 -51.05
CA GLU E 16 17.22 1.67 -51.36
C GLU E 16 18.14 2.89 -51.30
N HIS E 17 17.65 4.06 -51.76
CA HIS E 17 18.38 5.35 -51.70
C HIS E 17 18.53 5.77 -50.23
N ALA E 18 17.41 5.94 -49.53
CA ALA E 18 17.33 6.44 -48.14
C ALA E 18 18.20 5.56 -47.21
N SER E 19 18.28 4.26 -47.47
CA SER E 19 19.09 3.29 -46.69
C SER E 19 20.54 3.75 -46.63
N LYS E 20 21.02 4.44 -47.66
CA LYS E 20 22.45 4.83 -47.81
C LYS E 20 22.72 6.20 -47.17
N ILE E 21 21.67 6.91 -46.71
CA ILE E 21 21.82 8.26 -46.07
C ILE E 21 22.79 8.14 -44.90
N GLU E 22 23.70 9.10 -44.79
CA GLU E 22 24.85 9.06 -43.85
C GLU E 22 25.57 10.41 -43.91
N ARG E 23 25.84 11.01 -42.75
CA ARG E 23 26.65 12.25 -42.62
C ARG E 23 28.06 11.98 -43.18
N THR E 24 28.58 12.89 -44.00
CA THR E 24 29.97 12.87 -44.52
C THR E 24 30.57 14.27 -44.44
N ASP E 25 31.90 14.38 -44.53
CA ASP E 25 32.61 15.69 -44.51
C ASP E 25 32.05 16.61 -45.58
N GLU E 26 31.52 16.04 -46.67
CA GLU E 26 31.06 16.79 -47.87
C GLU E 26 29.61 17.29 -47.69
N THR E 27 28.88 16.86 -46.65
CA THR E 27 27.44 17.20 -46.49
C THR E 27 27.17 17.92 -45.15
N VAL E 28 28.15 18.00 -44.25
CA VAL E 28 27.91 18.53 -42.87
C VAL E 28 28.38 19.99 -42.80
N VAL E 29 27.48 20.88 -42.40
CA VAL E 29 27.73 22.35 -42.27
C VAL E 29 28.48 22.58 -40.97
N PRO E 30 29.30 23.65 -40.83
CA PRO E 30 29.87 24.01 -39.54
C PRO E 30 28.81 24.37 -38.50
N ILE E 31 29.19 24.38 -37.22
CA ILE E 31 28.31 24.81 -36.09
C ILE E 31 27.89 26.25 -36.35
N ILE E 32 26.61 26.55 -36.14
CA ILE E 32 26.08 27.93 -36.29
C ILE E 32 25.97 28.50 -34.91
N TYR E 33 26.57 29.65 -34.70
CA TYR E 33 26.52 30.41 -33.44
C TYR E 33 25.54 31.54 -33.68
N PRO E 34 24.81 32.00 -32.68
CA PRO E 34 23.80 33.02 -32.88
C PRO E 34 24.58 34.28 -33.14
N PRO E 35 24.21 35.36 -34.11
CA PRO E 35 24.85 36.62 -34.52
C PRO E 35 24.93 37.59 -33.35
N ARG E 36 25.88 38.52 -33.40
CA ARG E 36 26.26 39.41 -32.26
C ARG E 36 25.09 40.34 -31.91
N GLU E 37 24.34 40.82 -32.91
CA GLU E 37 23.09 41.61 -32.71
C GLU E 37 22.00 41.06 -33.64
N ASP E 38 20.74 41.37 -33.36
CA ASP E 38 19.55 40.93 -34.16
C ASP E 38 19.05 42.15 -34.95
N ALA E 39 18.80 41.98 -36.26
CA ALA E 39 18.26 43.03 -37.17
C ALA E 39 16.90 43.51 -36.65
N ALA E 40 16.09 42.58 -36.13
CA ALA E 40 14.82 42.85 -35.41
C ALA E 40 14.77 41.99 -34.16
N PRO E 41 15.21 42.51 -32.98
CA PRO E 41 15.09 41.76 -31.73
C PRO E 41 13.64 41.38 -31.42
N GLU E 42 12.69 42.14 -31.95
CA GLU E 42 11.23 42.00 -31.69
C GLU E 42 10.62 40.88 -32.54
N ILE E 43 11.36 40.33 -33.51
CA ILE E 43 10.79 39.39 -34.54
C ILE E 43 11.68 38.16 -34.66
N ASN E 44 11.05 36.98 -34.69
CA ASN E 44 11.70 35.70 -35.09
C ASN E 44 11.34 35.45 -36.56
N GLY E 45 12.34 35.10 -37.37
CA GLY E 45 12.22 34.94 -38.83
C GLY E 45 12.74 33.58 -39.28
N TRP E 46 12.01 32.93 -40.18
CA TRP E 46 12.42 31.62 -40.75
C TRP E 46 11.92 31.52 -42.19
N ASP E 47 12.11 30.36 -42.83
CA ASP E 47 11.61 30.03 -44.19
C ASP E 47 11.68 31.26 -45.08
N THR E 48 12.89 31.64 -45.52
CA THR E 48 13.17 32.89 -46.28
C THR E 48 13.29 32.53 -47.77
N TRP E 49 12.80 33.40 -48.66
CA TRP E 49 12.90 33.24 -50.14
C TRP E 49 13.23 34.58 -50.79
N PHE E 50 13.72 34.55 -52.03
CA PHE E 50 14.29 35.74 -52.72
C PHE E 50 13.27 36.28 -53.73
N LEU E 51 13.22 37.61 -53.85
CA LEU E 51 12.60 38.28 -55.01
C LEU E 51 13.46 37.99 -56.23
N ARG E 52 12.94 37.19 -57.16
CA ARG E 52 13.65 36.79 -58.41
C ARG E 52 13.02 37.49 -59.61
N GLU E 53 13.81 37.71 -60.65
CA GLU E 53 13.33 38.04 -62.02
C GLU E 53 12.73 36.77 -62.61
N ARG E 54 12.23 36.85 -63.84
CA ARG E 54 11.49 35.74 -64.49
C ARG E 54 12.43 34.55 -64.71
N ASP E 55 13.68 34.78 -65.12
CA ASP E 55 14.66 33.70 -65.42
C ASP E 55 15.03 32.94 -64.13
N GLY E 56 14.91 33.61 -62.98
CA GLY E 56 15.19 33.04 -61.64
C GLY E 56 16.33 33.75 -60.94
N SER E 57 17.11 34.57 -61.65
CA SER E 57 18.23 35.37 -61.08
C SER E 57 17.67 36.28 -59.97
N ILE E 58 18.50 36.58 -58.96
CA ILE E 58 18.10 37.47 -57.82
C ILE E 58 17.76 38.84 -58.43
N ALA E 59 16.54 39.33 -58.18
CA ALA E 59 16.07 40.63 -58.68
C ALA E 59 16.83 41.74 -57.95
N THR E 60 17.08 42.83 -58.68
CA THR E 60 17.80 44.02 -58.19
C THR E 60 17.00 45.25 -58.63
N VAL E 61 16.48 46.01 -57.67
CA VAL E 61 15.69 47.27 -57.91
C VAL E 61 16.50 48.42 -57.32
N GLY E 62 16.96 49.33 -58.18
CA GLY E 62 17.75 50.51 -57.77
C GLY E 62 18.93 50.15 -56.88
N GLY E 63 19.52 48.98 -57.05
CA GLY E 63 20.73 48.53 -56.33
C GLY E 63 20.39 47.72 -55.09
N TRP E 64 19.11 47.48 -54.83
CA TRP E 64 18.62 46.71 -53.64
C TRP E 64 18.20 45.30 -54.05
N ARG E 65 18.55 44.31 -53.23
CA ARG E 65 17.92 42.97 -53.26
C ARG E 65 16.75 43.00 -52.29
N VAL E 66 15.70 42.24 -52.60
CA VAL E 66 14.55 42.05 -51.67
C VAL E 66 14.47 40.56 -51.33
N ILE E 67 14.20 40.25 -50.06
CA ILE E 67 13.93 38.87 -49.58
C ILE E 67 12.64 38.91 -48.76
N PHE E 68 12.00 37.75 -48.62
CA PHE E 68 10.75 37.55 -47.85
C PHE E 68 11.01 36.46 -46.81
N SER E 69 10.44 36.64 -45.62
CA SER E 69 10.55 35.67 -44.49
C SER E 69 9.17 35.47 -43.87
N LEU E 70 8.91 34.24 -43.42
CA LEU E 70 7.86 33.97 -42.41
C LEU E 70 8.34 34.57 -41.09
N THR E 71 7.46 35.30 -40.40
CA THR E 71 7.81 36.02 -39.15
C THR E 71 6.70 35.82 -38.12
N ALA E 72 7.08 35.82 -36.86
CA ALA E 72 6.20 35.87 -35.68
C ALA E 72 6.85 36.75 -34.62
N PRO E 73 6.06 37.29 -33.66
CA PRO E 73 6.62 38.00 -32.52
C PRO E 73 7.65 37.13 -31.77
N ALA E 74 8.77 37.74 -31.35
CA ALA E 74 9.89 37.07 -30.66
C ALA E 74 9.43 36.50 -29.31
N ASP E 75 8.52 37.19 -28.61
CA ASP E 75 8.04 36.79 -27.26
C ASP E 75 7.15 35.54 -27.38
N LEU E 76 6.71 35.16 -28.59
CA LEU E 76 5.83 33.99 -28.82
C LEU E 76 6.65 32.70 -28.74
N LEU E 77 6.01 31.62 -28.28
CA LEU E 77 6.66 30.28 -28.16
C LEU E 77 7.05 29.80 -29.55
N PRO E 78 8.30 29.30 -29.74
CA PRO E 78 8.73 28.83 -31.06
C PRO E 78 7.79 27.80 -31.69
N GLY E 79 7.40 26.77 -30.93
CA GLY E 79 6.58 25.65 -31.43
C GLY E 79 5.26 26.11 -32.02
N LYS E 80 4.79 27.33 -31.68
CA LYS E 80 3.46 27.85 -32.08
C LYS E 80 3.56 28.92 -33.17
N ARG E 81 4.77 29.30 -33.61
CA ARG E 81 4.97 30.38 -34.62
C ARG E 81 4.19 30.06 -35.91
N HIS E 82 4.00 28.78 -36.22
CA HIS E 82 3.36 28.30 -37.48
C HIS E 82 1.89 28.71 -37.53
N ASP E 83 1.26 28.98 -36.39
CA ASP E 83 -0.20 29.27 -36.30
C ASP E 83 -0.46 30.75 -36.62
N VAL E 84 0.56 31.61 -36.57
CA VAL E 84 0.39 33.10 -36.71
C VAL E 84 1.44 33.66 -37.70
N ALA E 85 1.98 32.82 -38.60
CA ALA E 85 3.04 33.22 -39.55
C ALA E 85 2.54 34.37 -40.43
N GLU E 86 3.36 35.42 -40.57
CA GLU E 86 3.06 36.62 -41.39
C GLU E 86 4.27 36.89 -42.26
N ILE E 87 4.06 37.21 -43.54
CA ILE E 87 5.15 37.45 -44.51
C ILE E 87 5.62 38.91 -44.34
N ARG E 88 6.88 39.10 -43.92
CA ARG E 88 7.57 40.40 -43.96
C ARG E 88 8.59 40.37 -45.10
N TYR E 89 8.93 41.56 -45.63
CA TYR E 89 10.00 41.73 -46.64
C TYR E 89 11.15 42.52 -46.01
N PHE E 90 12.36 42.21 -46.45
CA PHE E 90 13.61 42.89 -46.06
C PHE E 90 14.35 43.27 -47.33
N TYR E 91 15.12 44.36 -47.29
CA TYR E 91 15.92 44.86 -48.44
C TYR E 91 17.35 45.12 -47.97
N SER E 92 18.32 44.95 -48.87
CA SER E 92 19.77 45.14 -48.59
C SER E 92 20.49 45.61 -49.86
N ARG E 93 21.47 46.50 -49.69
CA ARG E 93 22.30 47.02 -50.80
C ARG E 93 23.51 46.10 -51.00
N ASP E 94 24.05 45.51 -49.92
CA ASP E 94 25.31 44.71 -49.98
C ASP E 94 24.98 43.21 -50.04
N GLY E 95 24.08 42.71 -49.21
CA GLY E 95 23.75 41.26 -49.15
C GLY E 95 23.83 40.73 -47.75
N GLU E 96 24.32 41.55 -46.81
CA GLU E 96 24.63 41.17 -45.41
C GLU E 96 23.74 41.94 -44.44
N THR E 97 23.69 43.27 -44.57
CA THR E 97 22.96 44.18 -43.65
C THR E 97 21.54 44.40 -44.18
N TRP E 98 20.57 43.61 -43.72
CA TRP E 98 19.16 43.66 -44.16
C TRP E 98 18.38 44.65 -43.29
N PHE E 99 17.51 45.44 -43.95
CA PHE E 99 16.58 46.38 -43.28
C PHE E 99 15.18 45.78 -43.30
N ASP E 100 14.49 45.82 -42.17
CA ASP E 100 13.08 45.35 -42.03
C ASP E 100 12.19 46.31 -42.82
N GLY E 101 11.47 45.79 -43.84
CA GLY E 101 10.52 46.56 -44.64
C GLY E 101 9.11 46.46 -44.07
N GLY E 102 8.89 45.64 -43.04
CA GLY E 102 7.59 45.43 -42.40
C GLY E 102 6.78 44.37 -43.14
N PRO E 103 5.49 44.17 -42.76
CA PRO E 103 4.64 43.21 -43.45
C PRO E 103 4.46 43.59 -44.93
N VAL E 104 4.36 42.58 -45.79
CA VAL E 104 4.22 42.76 -47.26
C VAL E 104 2.78 43.17 -47.58
N PHE E 105 1.81 42.61 -46.85
CA PHE E 105 0.37 42.84 -47.09
C PHE E 105 -0.24 43.72 -45.98
N GLU E 106 -1.50 44.04 -46.21
CA GLU E 106 -2.32 44.98 -45.38
C GLU E 106 -3.78 44.63 -45.58
N GLY E 107 -4.13 44.15 -46.78
CA GLY E 107 -5.50 43.84 -47.17
C GLY E 107 -5.85 42.37 -46.97
N GLY E 108 -6.82 41.89 -47.74
CA GLY E 108 -7.43 40.55 -47.61
C GLY E 108 -6.45 39.44 -47.95
N THR E 109 -5.51 39.12 -47.04
CA THR E 109 -4.60 37.95 -47.21
C THR E 109 -5.39 36.66 -47.01
N ARG E 110 -5.12 35.63 -47.82
CA ARG E 110 -5.88 34.35 -47.80
C ARG E 110 -5.35 33.48 -46.66
N GLY E 111 -6.25 32.74 -46.01
CA GLY E 111 -5.89 31.81 -44.91
C GLY E 111 -5.79 32.52 -43.56
N SER E 112 -5.99 31.76 -42.49
CA SER E 112 -5.81 32.20 -41.08
C SER E 112 -4.38 32.72 -40.89
N ARG E 113 -3.40 32.09 -41.55
CA ARG E 113 -1.99 32.58 -41.61
C ARG E 113 -1.38 32.20 -42.96
N GLN E 114 -0.18 32.73 -43.26
CA GLN E 114 0.51 32.53 -44.56
C GLN E 114 1.79 31.71 -44.32
N TRP E 115 2.00 30.66 -45.13
CA TRP E 115 3.21 29.81 -45.12
C TRP E 115 4.05 30.08 -46.37
N ALA E 116 5.25 29.50 -46.45
CA ALA E 116 6.31 29.91 -47.39
C ALA E 116 5.82 29.80 -48.83
N GLY E 117 6.45 30.56 -49.73
CA GLY E 117 6.23 30.49 -51.18
C GLY E 117 7.44 30.97 -51.97
N SER E 118 7.23 31.97 -52.82
CA SER E 118 8.27 32.55 -53.71
C SER E 118 7.81 33.95 -54.14
N ALA E 119 8.67 34.66 -54.86
CA ALA E 119 8.43 36.06 -55.28
C ALA E 119 8.96 36.25 -56.71
N LEU E 120 8.16 36.90 -57.54
CA LEU E 120 8.48 37.17 -58.96
C LEU E 120 8.29 38.68 -59.22
N LEU E 121 9.35 39.33 -59.69
CA LEU E 121 9.29 40.67 -60.31
C LEU E 121 9.30 40.43 -61.83
N ASP E 122 8.11 40.45 -62.45
CA ASP E 122 7.92 40.08 -63.87
C ASP E 122 8.68 41.10 -64.73
N ASP E 123 8.86 40.81 -66.02
CA ASP E 123 9.53 41.73 -66.98
C ASP E 123 8.74 43.05 -67.06
N ASP E 124 7.42 42.98 -66.95
CA ASP E 124 6.50 44.16 -67.05
C ASP E 124 6.56 45.01 -65.77
N GLY E 125 7.26 44.55 -64.72
CA GLY E 125 7.44 45.30 -63.46
C GLY E 125 6.37 44.97 -62.42
N ARG E 126 5.40 44.11 -62.77
CA ARG E 126 4.33 43.65 -61.84
C ARG E 126 4.94 42.69 -60.80
N LEU E 127 4.54 42.82 -59.54
CA LEU E 127 5.04 41.98 -58.43
C LEU E 127 4.00 40.90 -58.09
N TYR E 128 4.45 39.64 -58.05
CA TYR E 128 3.67 38.46 -57.62
C TYR E 128 4.38 37.83 -56.42
N VAL E 129 3.72 37.79 -55.26
CA VAL E 129 4.24 37.11 -54.04
C VAL E 129 3.39 35.87 -53.81
N PHE E 130 3.86 34.72 -54.30
CA PHE E 130 3.25 33.39 -54.10
C PHE E 130 3.43 32.98 -52.65
N TYR E 131 2.37 32.49 -52.01
CA TYR E 131 2.39 32.04 -50.60
C TYR E 131 1.40 30.89 -50.43
N THR E 132 1.51 30.20 -49.30
CA THR E 132 0.56 29.13 -48.88
C THR E 132 -0.49 29.77 -47.94
N ALA E 133 -1.76 29.67 -48.30
CA ALA E 133 -2.91 30.03 -47.43
C ALA E 133 -3.20 28.83 -46.51
N SER E 134 -2.78 28.92 -45.25
CA SER E 134 -3.03 27.90 -44.20
C SER E 134 -4.29 28.29 -43.41
N GLY E 135 -5.21 27.35 -43.26
CA GLY E 135 -6.56 27.59 -42.73
C GLY E 135 -7.37 28.51 -43.62
N ARG E 136 -8.42 29.13 -43.06
CA ARG E 136 -9.26 30.17 -43.71
C ARG E 136 -9.34 31.39 -42.79
N ALA E 137 -9.36 32.61 -43.35
CA ALA E 137 -9.32 33.90 -42.62
C ALA E 137 -10.41 33.93 -41.55
N GLY E 138 -10.05 34.26 -40.31
CA GLY E 138 -10.97 34.44 -39.17
C GLY E 138 -11.70 33.16 -38.78
N GLU E 139 -11.07 32.00 -38.97
CA GLU E 139 -11.64 30.67 -38.58
C GLU E 139 -11.71 30.58 -37.05
N ALA E 140 -12.67 29.81 -36.54
CA ALA E 140 -13.00 29.65 -35.11
C ALA E 140 -11.86 28.89 -34.39
N GLU E 141 -11.65 27.62 -34.78
CA GLU E 141 -10.51 26.77 -34.36
C GLU E 141 -9.51 26.68 -35.52
N ILE E 142 -8.21 26.64 -35.24
CA ILE E 142 -7.15 26.55 -36.31
C ILE E 142 -7.32 25.25 -37.09
N THR E 143 -7.39 25.34 -38.43
CA THR E 143 -7.39 24.19 -39.36
C THR E 143 -6.03 24.11 -40.06
N TYR E 144 -5.70 22.98 -40.67
CA TYR E 144 -4.40 22.76 -41.38
C TYR E 144 -4.66 22.56 -42.88
N GLU E 145 -5.65 23.28 -43.42
CA GLU E 145 -5.99 23.31 -44.85
C GLU E 145 -5.01 24.24 -45.57
N GLN E 146 -4.34 23.74 -46.60
CA GLN E 146 -3.26 24.45 -47.32
C GLN E 146 -3.69 24.59 -48.79
N ARG E 147 -3.60 25.81 -49.33
CA ARG E 147 -3.92 26.11 -50.75
C ARG E 147 -2.87 27.10 -51.28
N LEU E 148 -2.43 26.92 -52.52
CA LEU E 148 -1.40 27.81 -53.15
C LEU E 148 -2.11 29.09 -53.61
N ALA E 149 -1.74 30.23 -53.02
CA ALA E 149 -2.34 31.55 -53.30
C ALA E 149 -1.26 32.50 -53.83
N VAL E 150 -1.65 33.68 -54.33
CA VAL E 150 -0.70 34.75 -54.75
C VAL E 150 -1.29 36.11 -54.36
N GLY E 151 -0.43 37.02 -53.89
CA GLY E 151 -0.70 38.47 -53.81
C GLY E 151 -0.17 39.24 -55.00
N SER E 152 -0.94 39.31 -56.08
CA SER E 152 -0.56 39.98 -57.35
C SER E 152 -0.81 41.50 -57.28
N GLY E 153 -0.25 42.22 -58.26
CA GLY E 153 -0.49 43.65 -58.49
C GLY E 153 0.24 44.55 -57.50
N GLY E 154 1.37 44.10 -56.97
CA GLY E 154 2.23 44.90 -56.08
C GLY E 154 3.10 45.87 -56.87
N SER E 155 3.54 46.95 -56.23
CA SER E 155 4.49 47.95 -56.80
C SER E 155 5.71 48.06 -55.89
N VAL E 156 6.92 48.04 -56.48
CA VAL E 156 8.22 48.08 -55.75
C VAL E 156 8.89 49.43 -56.06
N VAL E 157 8.91 50.34 -55.07
CA VAL E 157 9.57 51.67 -55.17
C VAL E 157 10.90 51.59 -54.42
N ALA E 158 12.01 52.00 -55.04
CA ALA E 158 13.34 52.04 -54.40
C ALA E 158 13.94 53.44 -54.59
N ASP E 159 14.16 54.18 -53.51
CA ASP E 159 14.99 55.41 -53.49
C ASP E 159 16.41 55.00 -53.10
N ASP E 160 17.30 55.95 -52.83
CA ASP E 160 18.67 55.66 -52.29
C ASP E 160 18.59 55.50 -50.77
N ASP E 161 17.42 55.67 -50.17
CA ASP E 161 17.18 55.60 -48.70
C ASP E 161 16.62 54.23 -48.31
N GLY E 162 15.88 53.55 -49.19
CA GLY E 162 15.37 52.19 -48.90
C GLY E 162 14.40 51.69 -49.94
N VAL E 163 13.59 50.68 -49.60
CA VAL E 163 12.62 50.04 -50.52
C VAL E 163 11.27 49.97 -49.79
N ARG E 164 10.21 50.41 -50.45
CA ARG E 164 8.81 50.26 -49.97
C ARG E 164 8.06 49.42 -51.01
N ILE E 165 7.27 48.44 -50.57
CA ILE E 165 6.31 47.69 -51.42
C ILE E 165 4.93 48.32 -51.19
N GLU E 166 4.40 48.98 -52.23
CA GLU E 166 3.21 49.85 -52.11
C GLU E 166 2.12 49.36 -53.07
N GLY E 167 0.99 50.06 -53.04
CA GLY E 167 -0.14 49.86 -53.96
C GLY E 167 -1.14 48.87 -53.38
N PRO E 168 -2.30 48.69 -54.05
CA PRO E 168 -3.29 47.72 -53.63
C PRO E 168 -2.85 46.30 -53.98
N PHE E 169 -3.08 45.33 -53.10
CA PHE E 169 -2.74 43.91 -53.32
C PHE E 169 -4.01 43.12 -53.66
N ALA E 170 -3.93 42.31 -54.73
CA ALA E 170 -5.03 41.43 -55.20
C ALA E 170 -4.68 39.98 -54.87
N HIS E 171 -5.44 39.37 -53.98
CA HIS E 171 -5.21 38.04 -53.36
C HIS E 171 -6.20 37.02 -53.96
N GLY E 172 -5.69 35.89 -54.45
CA GLY E 172 -6.52 34.83 -55.03
C GLY E 172 -5.89 33.47 -54.86
N VAL E 173 -6.69 32.44 -54.56
CA VAL E 173 -6.23 31.02 -54.53
C VAL E 173 -5.90 30.60 -55.97
N LEU E 174 -4.75 29.97 -56.17
CA LEU E 174 -4.26 29.51 -57.50
C LEU E 174 -4.55 28.01 -57.65
N LEU E 175 -4.23 27.18 -56.64
CA LEU E 175 -4.33 25.70 -56.78
C LEU E 175 -4.76 25.07 -55.45
N GLU E 176 -5.61 24.04 -55.55
CA GLU E 176 -5.98 23.11 -54.45
C GLU E 176 -5.84 21.69 -54.97
N PRO E 177 -5.48 20.70 -54.12
CA PRO E 177 -5.14 19.36 -54.61
C PRO E 177 -6.30 18.70 -55.37
N ASP E 178 -5.98 18.03 -56.47
CA ASP E 178 -6.98 17.46 -57.41
C ASP E 178 -7.66 16.25 -56.78
N GLY E 179 -6.90 15.36 -56.12
CA GLY E 179 -7.43 14.13 -55.50
C GLY E 179 -6.96 12.87 -56.18
N GLU E 180 -6.31 13.00 -57.34
CA GLU E 180 -5.79 11.87 -58.15
C GLU E 180 -4.26 11.85 -58.12
N ARG E 181 -3.63 12.95 -58.52
CA ARG E 181 -2.16 13.09 -58.55
C ARG E 181 -1.65 13.71 -57.25
N TYR E 182 -2.47 14.53 -56.57
CA TYR E 182 -2.08 15.23 -55.32
C TYR E 182 -3.15 15.04 -54.22
N GLU E 183 -2.71 14.47 -53.09
CA GLU E 183 -3.54 14.06 -51.94
C GLU E 183 -4.23 15.30 -51.35
N ARG E 184 -5.53 15.18 -51.08
CA ARG E 184 -6.37 16.21 -50.40
C ARG E 184 -6.38 15.95 -48.89
N GLU E 185 -6.80 16.93 -48.09
CA GLU E 185 -6.89 16.81 -46.61
C GLU E 185 -7.75 15.60 -46.23
N GLU E 186 -8.87 15.38 -46.94
CA GLU E 186 -9.81 14.25 -46.69
C GLU E 186 -9.06 12.91 -46.80
N GLN E 187 -8.21 12.76 -47.83
CA GLN E 187 -7.51 11.50 -48.18
C GLN E 187 -6.35 11.25 -47.21
N SER E 188 -5.97 12.24 -46.41
CA SER E 188 -4.75 12.22 -45.55
C SER E 188 -4.78 11.03 -44.58
N ARG E 189 -3.91 10.06 -44.81
CA ARG E 189 -3.61 8.97 -43.85
C ARG E 189 -2.30 9.32 -43.15
N GLY E 190 -2.02 8.71 -41.99
CA GLY E 190 -0.83 8.99 -41.18
C GLY E 190 -0.79 10.43 -40.73
N MET E 191 0.28 11.16 -41.07
CA MET E 191 0.49 12.57 -40.66
C MET E 191 -0.34 13.50 -41.56
N ILE E 192 -0.39 14.78 -41.18
CA ILE E 192 -1.17 15.85 -41.89
C ILE E 192 -0.65 15.96 -43.32
N TYR E 193 -1.57 16.09 -44.28
CA TYR E 193 -1.27 16.25 -45.73
C TYR E 193 -0.48 17.54 -45.94
N THR E 194 0.20 17.62 -47.09
CA THR E 194 0.98 18.80 -47.53
C THR E 194 0.45 19.25 -48.90
N PHE E 195 0.29 20.57 -49.07
CA PHE E 195 -0.02 21.21 -50.37
C PHE E 195 0.36 22.69 -50.29
N ARG E 196 1.66 22.97 -50.33
CA ARG E 196 2.21 24.28 -49.91
C ARG E 196 3.53 24.58 -50.64
N ASP E 197 4.11 25.73 -50.32
CA ASP E 197 5.47 26.16 -50.76
C ASP E 197 5.49 26.28 -52.28
N PRO E 198 4.64 27.17 -52.86
CA PRO E 198 4.65 27.40 -54.30
C PRO E 198 5.90 28.18 -54.74
N TRP E 199 6.70 27.57 -55.61
CA TRP E 199 7.98 28.15 -56.09
C TRP E 199 7.88 28.40 -57.60
N PHE E 200 7.90 29.67 -58.03
CA PHE E 200 7.83 30.05 -59.46
C PHE E 200 9.15 29.68 -60.14
N PHE E 201 9.06 29.21 -61.39
CA PHE E 201 10.22 28.74 -62.19
C PHE E 201 9.92 28.80 -63.68
N GLU E 202 10.70 29.60 -64.41
CA GLU E 202 10.72 29.62 -65.89
C GLU E 202 11.86 28.71 -66.36
N ASP E 203 11.54 27.69 -67.15
CA ASP E 203 12.53 26.76 -67.76
C ASP E 203 13.35 27.57 -68.77
N PRO E 204 14.67 27.78 -68.54
CA PRO E 204 15.48 28.60 -69.44
C PRO E 204 15.60 27.99 -70.84
N ARG E 205 15.32 26.69 -70.97
CA ARG E 205 15.35 25.95 -72.27
C ARG E 205 14.04 26.13 -73.01
N SER E 206 12.94 25.58 -72.48
CA SER E 206 11.61 25.60 -73.15
C SER E 206 11.06 27.04 -73.21
N GLY E 207 11.36 27.86 -72.21
CA GLY E 207 10.71 29.18 -72.04
C GLY E 207 9.35 29.05 -71.38
N LYS E 208 8.88 27.81 -71.16
CA LYS E 208 7.57 27.52 -70.51
C LYS E 208 7.65 27.94 -69.04
N THR E 209 6.51 28.33 -68.46
CA THR E 209 6.42 28.84 -67.08
C THR E 209 5.79 27.75 -66.20
N TYR E 210 6.45 27.41 -65.10
CA TYR E 210 6.00 26.36 -64.16
C TYR E 210 5.92 26.93 -62.73
N LEU E 211 5.16 26.24 -61.89
CA LEU E 211 5.07 26.51 -60.43
C LEU E 211 5.22 25.18 -59.69
N LEU E 212 6.35 24.99 -59.01
CA LEU E 212 6.61 23.80 -58.17
C LEU E 212 5.95 24.00 -56.81
N PHE E 213 5.62 22.91 -56.14
CA PHE E 213 5.04 22.91 -54.77
C PHE E 213 5.30 21.56 -54.11
N GLU E 214 5.23 21.54 -52.79
CA GLU E 214 5.23 20.30 -51.98
C GLU E 214 3.80 19.79 -51.87
N ALA E 215 3.61 18.50 -52.14
CA ALA E 215 2.31 17.81 -52.03
C ALA E 215 2.54 16.41 -51.49
N ASN E 216 1.46 15.66 -51.36
CA ASN E 216 1.47 14.20 -51.12
C ASN E 216 0.72 13.55 -52.29
N THR E 217 1.17 12.38 -52.75
CA THR E 217 0.49 11.59 -53.81
C THR E 217 -0.40 10.55 -53.13
N PRO E 218 -1.73 10.54 -53.38
CA PRO E 218 -2.63 9.65 -52.65
C PRO E 218 -2.29 8.19 -52.92
N ILE E 219 -2.27 7.36 -51.87
CA ILE E 219 -2.10 5.89 -51.94
C ILE E 219 -3.31 5.25 -51.27
N PRO E 220 -4.19 4.54 -52.02
CA PRO E 220 -5.34 3.84 -51.42
C PRO E 220 -4.85 2.86 -50.35
N GLU E 221 -5.66 2.60 -49.33
CA GLU E 221 -5.27 1.73 -48.17
C GLU E 221 -5.02 0.29 -48.63
N GLY E 222 -5.91 -0.32 -49.43
CA GLY E 222 -5.75 -1.72 -49.85
C GLY E 222 -4.58 -1.92 -50.83
N ALA E 223 -3.95 -0.84 -51.29
CA ALA E 223 -3.26 -0.75 -52.60
C ALA E 223 -2.10 -1.75 -52.65
N GLY E 224 -1.45 -2.03 -51.53
CA GLY E 224 -0.18 -2.80 -51.48
C GLY E 224 0.92 -2.09 -52.26
N ALA E 225 0.76 -0.78 -52.45
CA ALA E 225 1.67 0.13 -53.19
C ALA E 225 3.04 0.14 -52.52
N CYS E 226 3.14 -0.43 -51.32
CA CYS E 226 4.39 -0.48 -50.53
C CYS E 226 4.56 -1.88 -49.90
N GLY E 227 5.81 -2.25 -49.59
CA GLY E 227 6.19 -3.52 -48.95
C GLY E 227 5.80 -3.57 -47.48
N ASP E 228 5.08 -2.56 -47.00
CA ASP E 228 4.44 -2.51 -45.66
C ASP E 228 3.34 -1.46 -45.68
N PRO E 229 2.08 -1.81 -45.35
CA PRO E 229 0.98 -0.85 -45.34
C PRO E 229 1.24 0.48 -44.60
N VAL E 230 1.98 0.46 -43.49
CA VAL E 230 2.23 1.70 -42.67
C VAL E 230 3.11 2.66 -43.49
N TRP E 231 4.09 2.12 -44.21
CA TRP E 231 5.05 2.92 -45.02
C TRP E 231 4.30 3.81 -46.01
N GLU E 232 3.14 3.35 -46.53
CA GLU E 232 2.41 4.08 -47.60
C GLU E 232 1.78 5.37 -47.04
N GLU E 233 1.79 5.59 -45.72
CA GLU E 233 1.32 6.85 -45.10
C GLU E 233 2.28 8.00 -45.41
N PHE E 234 3.55 7.66 -45.69
CA PHE E 234 4.65 8.59 -46.05
C PHE E 234 4.69 8.72 -47.58
N ASN E 235 3.87 9.63 -48.12
CA ASN E 235 3.66 9.76 -49.58
C ASN E 235 3.99 11.20 -50.02
N GLY E 236 5.12 11.71 -49.54
CA GLY E 236 5.64 13.05 -49.91
C GLY E 236 6.01 13.10 -51.38
N SER E 237 5.80 14.25 -52.03
CA SER E 237 6.02 14.42 -53.49
C SER E 237 6.27 15.89 -53.81
N VAL E 238 7.03 16.13 -54.89
CA VAL E 238 7.23 17.48 -55.49
C VAL E 238 6.27 17.59 -56.68
N GLY E 239 5.17 18.32 -56.50
CA GLY E 239 4.20 18.60 -57.57
C GLY E 239 4.67 19.77 -58.41
N ILE E 240 4.14 19.89 -59.62
CA ILE E 240 4.42 21.01 -60.56
C ILE E 240 3.14 21.33 -61.32
N ALA E 241 2.92 22.61 -61.59
CA ALA E 241 1.83 23.13 -62.45
C ALA E 241 2.45 23.93 -63.59
N HIS E 242 1.72 24.05 -64.70
CA HIS E 242 2.16 24.76 -65.93
C HIS E 242 1.20 25.90 -66.22
N SER E 243 1.72 27.04 -66.71
CA SER E 243 0.93 28.15 -67.29
C SER E 243 1.13 28.16 -68.80
N PRO E 244 0.11 27.76 -69.60
CA PRO E 244 0.24 27.80 -71.05
C PRO E 244 0.49 29.22 -71.56
N THR E 245 -0.20 30.20 -70.99
CA THR E 245 -0.13 31.65 -71.32
C THR E 245 1.15 32.29 -70.76
N GLY E 246 1.74 31.71 -69.71
CA GLY E 246 2.89 32.33 -69.02
C GLY E 246 2.46 33.37 -67.99
N ASP E 247 1.16 33.73 -68.00
CA ASP E 247 0.51 34.51 -66.91
C ASP E 247 0.85 33.86 -65.56
N PRO E 248 1.49 34.57 -64.62
CA PRO E 248 1.79 34.01 -63.30
C PRO E 248 0.58 33.71 -62.39
N THR E 249 -0.65 33.80 -62.91
CA THR E 249 -1.90 33.61 -62.12
C THR E 249 -2.79 32.51 -62.73
N ASP E 250 -2.41 31.93 -63.88
CA ASP E 250 -3.18 30.89 -64.61
C ASP E 250 -2.35 29.60 -64.64
N TRP E 251 -2.77 28.57 -63.90
CA TRP E 251 -2.00 27.31 -63.74
C TRP E 251 -2.89 26.10 -63.99
N GLU E 252 -2.31 25.04 -64.56
CA GLU E 252 -2.93 23.71 -64.72
C GLU E 252 -1.99 22.68 -64.10
N LEU E 253 -2.53 21.77 -63.28
CA LEU E 253 -1.73 20.74 -62.57
C LEU E 253 -1.11 19.81 -63.60
N CYS E 254 0.16 19.46 -63.40
CA CYS E 254 0.91 18.43 -64.19
C CYS E 254 1.21 17.24 -63.27
N ASP E 255 1.77 16.16 -63.82
CA ASP E 255 2.22 14.99 -63.03
C ASP E 255 3.38 15.42 -62.14
N PRO E 256 3.54 14.84 -60.93
CA PRO E 256 4.59 15.25 -60.00
C PRO E 256 5.98 14.95 -60.57
N LEU E 257 6.96 15.81 -60.23
CA LEU E 257 8.37 15.69 -60.68
C LEU E 257 9.03 14.48 -60.01
N LEU E 258 8.71 14.25 -58.74
CA LEU E 258 9.37 13.20 -57.91
C LEU E 258 8.44 12.79 -56.76
N GLU E 259 8.46 11.51 -56.39
CA GLU E 259 7.66 10.92 -55.29
C GLU E 259 8.59 10.27 -54.27
N GLY E 260 8.41 10.56 -52.98
CA GLY E 260 9.16 9.89 -51.89
C GLY E 260 8.25 8.93 -51.14
N ILE E 261 7.48 8.12 -51.87
CA ILE E 261 6.47 7.20 -51.25
C ILE E 261 7.23 6.06 -50.59
N CYS E 262 6.84 5.71 -49.37
CA CYS E 262 7.52 4.68 -48.52
C CYS E 262 8.81 5.23 -47.93
N VAL E 263 9.11 6.52 -48.10
CA VAL E 263 10.41 7.12 -47.67
C VAL E 263 10.16 8.32 -46.75
N ASN E 264 9.40 9.33 -47.19
CA ASN E 264 9.23 10.58 -46.41
C ASN E 264 7.88 11.23 -46.71
N GLN E 265 7.27 11.88 -45.71
CA GLN E 265 5.94 12.54 -45.81
C GLN E 265 6.13 13.98 -46.30
N GLU E 266 7.17 14.67 -45.84
CA GLU E 266 7.38 16.12 -46.12
C GLU E 266 8.62 16.30 -47.00
N LEU E 267 8.41 16.57 -48.30
CA LEU E 267 9.47 17.03 -49.24
C LEU E 267 9.33 18.55 -49.39
N GLU E 268 9.88 19.29 -48.42
CA GLU E 268 9.50 20.72 -48.18
C GLU E 268 10.29 21.66 -49.10
N ARG E 269 9.69 22.83 -49.36
CA ARG E 269 10.27 23.96 -50.12
C ARG E 269 11.07 23.42 -51.29
N PRO E 270 10.39 22.78 -52.27
CA PRO E 270 11.06 22.27 -53.46
C PRO E 270 11.40 23.44 -54.38
N HIS E 271 12.53 23.34 -55.07
CA HIS E 271 13.05 24.37 -55.99
C HIS E 271 14.09 23.72 -56.91
N VAL E 272 14.26 24.31 -58.09
CA VAL E 272 15.18 23.82 -59.15
C VAL E 272 16.26 24.89 -59.37
N VAL E 273 17.50 24.44 -59.40
CA VAL E 273 18.66 25.24 -59.89
C VAL E 273 19.14 24.56 -61.18
N VAL E 274 19.17 25.31 -62.29
CA VAL E 274 19.71 24.82 -63.59
C VAL E 274 21.18 25.24 -63.65
N ARG E 275 22.07 24.28 -63.91
CA ARG E 275 23.53 24.50 -63.86
C ARG E 275 24.17 23.81 -65.06
N ASN E 276 24.86 24.60 -65.88
CA ASN E 276 25.42 24.22 -67.20
C ASN E 276 24.27 23.63 -68.03
N GLY E 277 24.04 22.32 -67.97
CA GLY E 277 23.01 21.66 -68.80
C GLY E 277 22.05 20.84 -67.99
N PHE E 278 22.10 20.91 -66.66
CA PHE E 278 21.43 19.94 -65.76
C PHE E 278 20.46 20.67 -64.84
N TYR E 279 19.40 19.96 -64.47
CA TYR E 279 18.33 20.40 -63.55
C TYR E 279 18.55 19.72 -62.20
N TYR E 280 18.95 20.49 -61.20
CA TYR E 280 19.07 20.04 -59.79
C TYR E 280 17.78 20.41 -59.06
N LEU E 281 17.08 19.40 -58.55
CA LEU E 281 15.85 19.56 -57.74
C LEU E 281 16.21 19.35 -56.27
N PHE E 282 15.96 20.36 -55.44
CA PHE E 282 16.30 20.39 -54.00
C PHE E 282 15.01 20.43 -53.18
N VAL E 283 14.99 19.64 -52.09
CA VAL E 283 13.89 19.61 -51.08
C VAL E 283 14.53 19.53 -49.70
N SER E 284 13.99 20.31 -48.76
CA SER E 284 14.32 20.23 -47.32
C SER E 284 13.41 19.18 -46.68
N SER E 285 13.93 18.36 -45.75
CA SER E 285 13.12 17.31 -45.08
C SER E 285 13.58 17.12 -43.64
N HIS E 286 12.70 16.58 -42.79
CA HIS E 286 12.95 16.34 -41.36
C HIS E 286 13.37 14.89 -41.13
N ASP E 287 13.95 14.62 -39.96
CA ASP E 287 14.30 13.25 -39.51
C ASP E 287 13.02 12.52 -39.09
N HIS E 288 12.06 13.25 -38.49
CA HIS E 288 10.81 12.71 -37.91
C HIS E 288 9.81 12.38 -39.01
N THR E 289 10.01 12.88 -40.24
CA THR E 289 9.08 12.67 -41.38
C THR E 289 9.55 11.48 -42.22
N PHE E 290 10.59 10.77 -41.81
CA PHE E 290 11.07 9.54 -42.48
C PHE E 290 10.19 8.36 -42.07
N ALA E 291 9.87 7.49 -43.04
CA ALA E 291 9.15 6.23 -42.83
C ALA E 291 9.95 5.35 -41.87
N PRO E 292 9.30 4.47 -41.09
CA PRO E 292 10.01 3.56 -40.20
C PRO E 292 10.97 2.64 -40.99
N GLY E 293 12.06 2.23 -40.35
CA GLY E 293 13.12 1.42 -40.99
C GLY E 293 14.17 2.31 -41.65
N LEU E 294 13.90 3.61 -41.77
CA LEU E 294 14.82 4.60 -42.38
C LEU E 294 15.25 5.59 -41.28
N GLU E 295 16.53 5.96 -41.29
CA GLU E 295 17.14 6.95 -40.38
C GLU E 295 17.89 7.99 -41.22
N GLY E 296 17.32 9.19 -41.34
CA GLY E 296 17.97 10.32 -42.01
C GLY E 296 17.85 11.57 -41.16
N PRO E 297 18.82 12.52 -41.25
CA PRO E 297 18.76 13.76 -40.49
C PRO E 297 17.91 14.85 -41.16
N ASP E 298 17.46 15.84 -40.37
CA ASP E 298 17.04 17.16 -40.89
C ASP E 298 18.10 17.60 -41.89
N GLY E 299 17.74 17.82 -43.15
CA GLY E 299 18.73 18.17 -44.19
C GLY E 299 18.11 18.60 -45.50
N LEU E 300 18.94 19.16 -46.37
CA LEU E 300 18.59 19.42 -47.79
C LEU E 300 18.96 18.18 -48.60
N TYR E 301 17.96 17.59 -49.26
CA TYR E 301 18.15 16.45 -50.19
C TYR E 301 17.98 16.96 -51.62
N GLY E 302 18.64 16.28 -52.56
CA GLY E 302 18.81 16.78 -53.93
C GLY E 302 18.82 15.68 -54.96
N PHE E 303 18.31 15.99 -56.14
CA PHE E 303 18.22 15.08 -57.30
C PHE E 303 18.59 15.85 -58.56
N VAL E 304 19.00 15.13 -59.59
CA VAL E 304 19.52 15.75 -60.84
C VAL E 304 18.99 14.96 -62.04
N ALA E 305 18.68 15.68 -63.12
CA ALA E 305 18.21 15.13 -64.41
C ALA E 305 18.67 16.05 -65.53
N ASP E 306 18.61 15.54 -66.77
CA ASP E 306 19.01 16.31 -67.98
C ASP E 306 17.84 17.19 -68.45
N SER E 307 16.66 17.04 -67.87
CA SER E 307 15.42 17.78 -68.23
C SER E 307 14.65 18.15 -66.96
N LEU E 308 13.84 19.21 -66.99
CA LEU E 308 13.04 19.67 -65.83
C LEU E 308 12.11 18.54 -65.38
N ARG E 309 11.46 17.85 -66.33
CA ARG E 309 10.48 16.78 -66.03
C ARG E 309 11.11 15.42 -66.37
N GLY E 310 12.42 15.30 -66.15
CA GLY E 310 13.22 14.13 -66.54
C GLY E 310 13.26 13.07 -65.45
N GLU E 311 14.09 12.04 -65.67
CA GLU E 311 14.32 10.92 -64.73
C GLU E 311 15.30 11.37 -63.66
N TYR E 312 14.79 12.03 -62.62
CA TYR E 312 15.58 12.52 -61.47
C TYR E 312 16.23 11.34 -60.76
N ARG E 313 17.52 11.48 -60.45
CA ARG E 313 18.30 10.49 -59.67
C ARG E 313 18.91 11.22 -58.48
N PRO E 314 19.04 10.57 -57.31
CA PRO E 314 19.49 11.26 -56.10
C PRO E 314 20.97 11.63 -56.16
N LEU E 315 21.31 12.83 -55.68
CA LEU E 315 22.70 13.31 -55.53
C LEU E 315 23.42 12.48 -54.47
N ASN E 316 24.71 12.20 -54.67
CA ASN E 316 25.58 11.49 -53.70
C ASN E 316 25.01 10.09 -53.41
N GLY E 317 24.20 9.53 -54.31
CA GLY E 317 23.66 8.16 -54.21
C GLY E 317 22.45 8.06 -53.28
N SER E 318 22.49 8.72 -52.12
CA SER E 318 21.44 8.66 -51.07
C SER E 318 20.43 9.81 -51.24
N GLY E 319 20.88 10.94 -51.77
CA GLY E 319 20.06 12.15 -51.93
C GLY E 319 20.46 13.25 -50.96
N LEU E 320 21.15 12.89 -49.87
CA LEU E 320 21.59 13.87 -48.85
C LEU E 320 22.65 14.79 -49.47
N VAL E 321 22.36 16.08 -49.50
CA VAL E 321 23.26 17.12 -50.08
C VAL E 321 23.92 17.89 -48.94
N LEU E 322 23.15 18.23 -47.91
CA LEU E 322 23.58 19.19 -46.86
C LEU E 322 22.82 18.89 -45.58
N THR E 323 23.49 18.88 -44.43
CA THR E 323 22.87 18.57 -43.12
C THR E 323 23.65 19.23 -41.99
N ASN E 324 23.06 19.22 -40.80
CA ASN E 324 23.63 19.78 -39.54
C ASN E 324 24.55 18.74 -38.91
N PRO E 325 25.55 19.17 -38.10
CA PRO E 325 26.40 18.22 -37.38
C PRO E 325 25.60 17.43 -36.33
N ALA E 326 26.09 16.23 -35.99
CA ALA E 326 25.46 15.30 -35.02
C ALA E 326 25.19 16.01 -33.68
N ASN E 327 26.13 16.86 -33.24
CA ASN E 327 26.11 17.50 -31.90
C ASN E 327 25.33 18.83 -31.95
N ALA E 328 24.65 19.16 -33.04
CA ALA E 328 23.69 20.31 -33.13
C ALA E 328 22.71 20.06 -34.27
N PRO E 329 21.97 18.93 -34.23
CA PRO E 329 21.34 18.38 -35.41
C PRO E 329 20.14 19.16 -35.95
N TYR E 330 19.66 20.17 -35.21
CA TYR E 330 18.46 20.95 -35.60
C TYR E 330 18.80 22.44 -35.74
N GLN E 331 20.08 22.76 -35.96
CA GLN E 331 20.59 24.17 -35.91
C GLN E 331 20.07 24.96 -37.11
N ALA E 332 19.75 24.30 -38.23
CA ALA E 332 19.27 24.98 -39.44
C ALA E 332 18.21 24.13 -40.15
N TYR E 333 17.36 24.78 -40.94
CA TYR E 333 16.34 24.13 -41.80
C TYR E 333 15.89 25.08 -42.90
N SER E 334 15.05 24.57 -43.82
CA SER E 334 14.36 25.35 -44.89
C SER E 334 15.40 26.01 -45.79
N TRP E 335 16.33 25.18 -46.29
CA TRP E 335 17.43 25.62 -47.20
C TRP E 335 16.85 25.89 -48.59
N VAL E 336 17.33 26.98 -49.22
CA VAL E 336 17.08 27.35 -50.64
C VAL E 336 18.43 27.49 -51.32
N ALA E 337 18.64 26.70 -52.38
CA ALA E 337 19.87 26.73 -53.21
C ALA E 337 19.67 27.72 -54.37
N PHE E 338 20.74 28.42 -54.75
CA PHE E 338 20.75 29.40 -55.86
C PHE E 338 22.17 29.51 -56.40
N SER E 339 22.30 29.72 -57.72
CA SER E 339 23.58 29.72 -58.45
C SER E 339 24.29 31.07 -58.28
N HIS E 340 25.61 31.00 -58.04
CA HIS E 340 26.53 32.17 -58.06
C HIS E 340 27.77 31.80 -58.87
N ARG E 341 27.77 32.18 -60.15
CA ARG E 341 28.90 32.01 -61.10
C ARG E 341 29.17 30.51 -61.32
N GLU E 342 30.08 29.93 -60.54
CA GLU E 342 30.51 28.51 -60.69
C GLU E 342 30.12 27.74 -59.43
N GLU E 343 29.67 28.44 -58.39
CA GLU E 343 29.31 27.84 -57.08
C GLU E 343 27.79 27.71 -56.96
N LEU E 344 27.35 26.91 -55.99
CA LEU E 344 25.96 26.88 -55.48
C LEU E 344 25.98 27.43 -54.05
N LEU E 345 25.17 28.46 -53.79
CA LEU E 345 24.98 29.01 -52.42
C LEU E 345 23.65 28.48 -51.88
N VAL E 346 23.60 28.26 -50.56
CA VAL E 346 22.45 27.63 -49.87
C VAL E 346 22.16 28.43 -48.61
N SER E 347 20.96 29.04 -48.53
CA SER E 347 20.52 29.85 -47.37
C SER E 347 19.36 29.17 -46.67
N GLY E 348 19.61 28.71 -45.44
CA GLY E 348 18.55 28.27 -44.50
C GLY E 348 18.32 29.32 -43.43
N PHE E 349 17.62 28.96 -42.36
CA PHE E 349 17.42 29.83 -41.18
C PHE E 349 17.96 29.12 -39.94
N PHE E 350 18.31 29.90 -38.91
CA PHE E 350 18.92 29.40 -37.64
C PHE E 350 17.79 28.90 -36.74
N ASN E 351 17.70 27.58 -36.57
CA ASN E 351 16.48 26.90 -36.05
C ASN E 351 16.62 26.65 -34.53
N TYR E 352 17.20 25.52 -34.12
CA TYR E 352 17.22 25.06 -32.70
C TYR E 352 18.63 24.63 -32.31
N TYR E 353 19.17 25.25 -31.26
CA TYR E 353 20.56 25.02 -30.82
C TYR E 353 20.60 24.85 -29.29
N ASP E 354 21.72 24.30 -28.80
CA ASP E 354 22.01 24.14 -27.35
C ASP E 354 20.98 23.21 -26.72
N LEU E 355 20.54 22.17 -27.43
CA LEU E 355 19.55 21.19 -26.89
C LEU E 355 20.23 20.23 -25.89
N GLY E 356 21.53 20.01 -26.04
CA GLY E 356 22.30 19.08 -25.17
C GLY E 356 21.97 17.62 -25.41
N GLY E 357 21.04 17.31 -26.33
CA GLY E 357 20.62 15.92 -26.64
C GLY E 357 19.10 15.78 -26.71
N LEU E 358 18.35 16.80 -26.27
CA LEU E 358 16.87 16.78 -26.23
C LEU E 358 16.29 16.59 -27.64
N THR E 359 15.18 15.87 -27.75
CA THR E 359 14.39 15.71 -29.00
C THR E 359 13.46 16.94 -29.11
N LEU E 360 12.84 17.13 -30.27
CA LEU E 360 12.01 18.32 -30.59
C LEU E 360 10.81 18.35 -29.63
N ASP E 361 10.19 17.18 -29.40
CA ASP E 361 9.01 17.03 -28.52
C ASP E 361 9.41 17.45 -27.10
N ASP E 362 10.65 17.16 -26.68
CA ASP E 362 11.18 17.48 -25.33
C ASP E 362 11.31 18.99 -25.15
N VAL E 363 11.55 19.74 -26.23
CA VAL E 363 11.76 21.21 -26.15
C VAL E 363 10.48 21.86 -25.62
N ALA E 364 9.32 21.39 -26.08
CA ALA E 364 7.97 21.87 -25.68
C ALA E 364 7.80 21.81 -24.15
N THR E 365 8.56 20.95 -23.45
CA THR E 365 8.48 20.77 -21.97
C THR E 365 8.98 22.02 -21.26
N LEU E 366 10.05 22.63 -21.79
CA LEU E 366 10.85 23.69 -21.10
C LEU E 366 9.99 24.93 -20.85
N SER E 367 10.41 25.77 -19.90
CA SER E 367 9.77 27.07 -19.57
C SER E 367 9.75 27.93 -20.83
N PRO E 368 8.78 28.87 -20.97
CA PRO E 368 8.76 29.77 -22.12
C PRO E 368 10.11 30.45 -22.39
N ASP E 369 10.76 30.98 -21.35
CA ASP E 369 12.09 31.64 -21.44
C ASP E 369 13.12 30.66 -22.00
N GLU E 370 13.14 29.43 -21.47
CA GLU E 370 14.13 28.39 -21.85
C GLU E 370 13.89 27.96 -23.31
N GLN E 371 12.65 28.06 -23.81
CA GLN E 371 12.31 27.70 -25.21
C GLN E 371 12.78 28.80 -26.15
N ARG E 372 12.45 30.05 -25.85
CA ARG E 372 12.89 31.22 -26.67
C ARG E 372 14.41 31.28 -26.72
N ALA E 373 15.12 30.90 -25.66
CA ALA E 373 16.59 31.02 -25.58
C ALA E 373 17.29 30.04 -26.53
N LYS E 374 16.55 29.06 -27.08
CA LYS E 374 17.08 27.89 -27.82
C LYS E 374 16.65 27.96 -29.28
N PHE E 375 16.16 29.13 -29.71
CA PHE E 375 15.68 29.38 -31.10
C PHE E 375 16.36 30.64 -31.64
N GLY E 376 17.04 30.50 -32.77
CA GLY E 376 17.69 31.61 -33.48
C GLY E 376 16.68 32.62 -33.99
N GLY E 377 15.94 32.25 -35.03
CA GLY E 377 14.95 33.13 -35.69
C GLY E 377 15.65 34.18 -36.54
N THR E 378 16.78 33.83 -37.15
CA THR E 378 17.54 34.68 -38.09
C THR E 378 17.98 33.83 -39.28
N LEU E 379 18.68 34.42 -40.24
CA LEU E 379 19.27 33.67 -41.37
C LEU E 379 20.55 32.96 -40.90
N ALA E 380 20.70 31.70 -41.31
CA ALA E 380 21.91 30.86 -41.08
C ALA E 380 23.03 31.37 -41.98
N PRO E 381 24.32 31.16 -41.58
CA PRO E 381 25.44 31.46 -42.47
C PRO E 381 25.30 30.69 -43.79
N THR E 382 25.23 31.40 -44.92
CA THR E 382 24.91 30.78 -46.23
C THR E 382 26.09 29.93 -46.64
N VAL E 383 25.80 28.69 -47.03
CA VAL E 383 26.82 27.65 -47.32
C VAL E 383 27.21 27.77 -48.78
N ARG E 384 28.51 27.65 -49.06
CA ARG E 384 29.06 27.54 -50.43
C ARG E 384 29.30 26.07 -50.72
N VAL E 385 28.68 25.55 -51.78
CA VAL E 385 28.85 24.13 -52.21
C VAL E 385 29.26 24.13 -53.68
N ALA E 386 29.90 23.05 -54.11
CA ALA E 386 30.36 22.80 -55.48
C ALA E 386 29.66 21.55 -56.01
N LEU E 387 28.93 21.70 -57.12
CA LEU E 387 28.25 20.58 -57.83
C LEU E 387 29.21 19.98 -58.87
N SER E 388 29.18 18.66 -59.00
CA SER E 388 30.08 17.87 -59.88
C SER E 388 29.29 16.72 -60.49
N GLY E 389 28.31 17.03 -61.33
CA GLY E 389 27.39 16.01 -61.87
C GLY E 389 26.38 15.61 -60.82
N ASP E 390 26.36 14.34 -60.40
CA ASP E 390 25.44 13.82 -59.38
C ASP E 390 26.11 13.83 -58.00
N ARG E 391 27.22 14.57 -57.84
CA ARG E 391 28.02 14.63 -56.58
C ARG E 391 28.11 16.08 -56.10
N THR E 392 28.04 16.30 -54.79
CA THR E 392 28.15 17.64 -54.15
C THR E 392 29.22 17.63 -53.07
N ARG E 393 29.71 18.81 -52.68
CA ARG E 393 30.75 18.99 -51.65
C ARG E 393 30.59 20.40 -51.05
N ILE E 394 30.52 20.49 -49.72
CA ILE E 394 30.58 21.77 -48.97
C ILE E 394 31.99 22.36 -49.15
N THR E 395 32.08 23.61 -49.59
CA THR E 395 33.37 24.30 -49.90
C THR E 395 33.67 25.34 -48.81
N GLY E 396 32.64 25.90 -48.16
CA GLY E 396 32.82 26.87 -47.08
C GLY E 396 31.51 27.52 -46.70
N THR E 397 31.58 28.65 -46.01
CA THR E 397 30.40 29.46 -45.59
C THR E 397 30.71 30.94 -45.76
N LEU E 398 29.65 31.75 -45.68
CA LEU E 398 29.71 33.23 -45.67
C LEU E 398 29.10 33.71 -44.37
N SER E 399 29.00 35.03 -44.19
CA SER E 399 28.31 35.68 -43.04
C SER E 399 26.86 35.18 -42.99
N HIS E 400 26.21 35.39 -41.83
CA HIS E 400 24.79 35.03 -41.59
C HIS E 400 23.93 35.67 -42.69
N GLY E 401 23.13 34.86 -43.39
CA GLY E 401 22.17 35.31 -44.40
C GLY E 401 22.80 36.27 -45.41
N ARG E 402 23.98 35.94 -45.92
CA ARG E 402 24.56 36.69 -47.07
C ARG E 402 23.96 36.15 -48.37
N ILE E 403 23.18 36.95 -49.08
CA ILE E 403 22.65 36.57 -50.43
C ILE E 403 23.31 37.50 -51.45
N PRO E 404 24.43 37.10 -52.09
CA PRO E 404 25.11 37.94 -53.07
C PRO E 404 24.56 37.79 -54.50
N LEU E 405 24.74 38.83 -55.32
CA LEU E 405 24.47 38.79 -56.79
C LEU E 405 25.67 38.15 -57.49
N GLU E 406 25.46 37.72 -58.73
CA GLU E 406 26.53 37.12 -59.56
C GLU E 406 27.60 38.17 -59.88
N SER E 407 27.22 39.46 -59.84
CA SER E 407 28.09 40.63 -60.10
C SER E 407 29.12 40.80 -58.97
N GLU E 408 29.01 40.06 -57.86
CA GLU E 408 29.84 40.27 -56.65
C GLU E 408 30.83 39.12 -56.48
N GLU E 409 32.09 39.46 -56.23
CA GLU E 409 33.20 38.49 -56.05
C GLU E 409 33.20 38.04 -54.58
N LEU E 410 33.26 36.73 -54.34
CA LEU E 410 33.32 36.14 -52.98
C LEU E 410 34.76 35.88 -52.60
N PRO E 411 35.08 35.83 -51.28
CA PRO E 411 36.40 35.43 -50.81
C PRO E 411 36.87 34.08 -51.35
N ASP E 412 38.20 33.92 -51.49
CA ASP E 412 38.82 32.70 -52.06
C ASP E 412 38.93 31.64 -50.96
N LEU E 413 39.29 30.40 -51.34
CA LEU E 413 39.56 29.28 -50.40
C LEU E 413 41.04 28.87 -50.55
N ALA F 9 -5.29 43.33 31.01
CA ALA F 9 -5.03 44.70 31.51
C ALA F 9 -3.53 44.89 31.79
N THR F 10 -2.66 44.52 30.82
CA THR F 10 -1.19 44.41 31.00
C THR F 10 -0.60 45.79 31.28
N PRO F 11 0.24 45.96 32.34
CA PRO F 11 0.84 47.25 32.66
C PRO F 11 1.65 47.79 31.47
N ARG F 12 1.54 49.08 31.18
CA ARG F 12 2.16 49.68 29.97
C ARG F 12 3.09 50.83 30.37
N TRP F 13 4.31 50.78 29.85
CA TRP F 13 5.23 51.94 29.75
C TRP F 13 4.73 52.80 28.60
N THR F 14 4.17 53.97 28.92
CA THR F 14 3.40 54.82 27.98
C THR F 14 4.33 55.86 27.35
N ARG F 15 3.89 56.46 26.24
CA ARG F 15 4.59 57.58 25.56
C ARG F 15 4.61 58.80 26.49
N GLU F 16 3.58 58.97 27.31
CA GLU F 16 3.52 60.08 28.31
C GLU F 16 4.70 59.93 29.28
N HIS F 17 5.07 58.70 29.63
CA HIS F 17 6.26 58.40 30.48
C HIS F 17 7.54 58.77 29.71
N ALA F 18 7.74 58.16 28.55
CA ALA F 18 8.95 58.30 27.72
C ALA F 18 9.21 59.78 27.38
N SER F 19 8.15 60.57 27.20
CA SER F 19 8.22 62.02 26.90
C SER F 19 9.05 62.74 27.98
N LYS F 20 9.02 62.24 29.21
CA LYS F 20 9.66 62.91 30.38
C LYS F 20 11.12 62.45 30.54
N ILE F 21 11.58 61.46 29.77
CA ILE F 21 12.97 60.93 29.85
C ILE F 21 13.95 62.09 29.68
N GLU F 22 14.99 62.13 30.51
CA GLU F 22 15.92 63.27 30.63
C GLU F 22 17.06 62.87 31.57
N ARG F 23 18.31 63.08 31.15
CA ARG F 23 19.52 62.91 32.00
C ARG F 23 19.41 63.83 33.22
N THR F 24 19.69 63.31 34.42
CA THR F 24 19.76 64.07 35.69
C THR F 24 20.99 63.61 36.48
N ASP F 25 21.43 64.41 37.46
CA ASP F 25 22.58 64.08 38.33
C ASP F 25 22.37 62.72 38.99
N GLU F 26 21.11 62.32 39.18
CA GLU F 26 20.73 61.08 39.92
C GLU F 26 20.75 59.85 39.00
N THR F 27 20.88 60.01 37.68
CA THR F 27 20.77 58.89 36.71
C THR F 27 22.04 58.73 35.87
N VAL F 28 22.98 59.67 35.92
CA VAL F 28 24.16 59.68 35.00
C VAL F 28 25.37 59.11 35.72
N VAL F 29 25.98 58.07 35.15
CA VAL F 29 27.17 57.35 35.70
C VAL F 29 28.40 58.20 35.40
N PRO F 30 29.48 58.11 36.21
CA PRO F 30 30.75 58.75 35.85
C PRO F 30 31.34 58.16 34.56
N ILE F 31 32.30 58.88 33.96
CA ILE F 31 33.05 58.43 32.75
C ILE F 31 33.76 57.13 33.11
N ILE F 32 33.67 56.14 32.22
CA ILE F 32 34.37 54.83 32.36
C ILE F 32 35.68 54.95 31.60
N TYR F 33 36.79 54.69 32.29
CA TYR F 33 38.16 54.63 31.70
C TYR F 33 38.59 53.18 31.65
N PRO F 34 39.36 52.77 30.62
CA PRO F 34 39.75 51.36 30.47
C PRO F 34 40.57 50.92 31.66
N PRO F 35 40.46 49.65 32.10
CA PRO F 35 41.33 49.11 33.15
C PRO F 35 42.77 48.96 32.65
N ARG F 36 43.75 48.99 33.55
CA ARG F 36 45.19 49.07 33.21
C ARG F 36 45.64 47.78 32.50
N GLU F 37 45.11 46.62 32.92
CA GLU F 37 45.34 45.32 32.26
C GLU F 37 44.00 44.59 32.06
N ASP F 38 43.98 43.63 31.16
CA ASP F 38 42.78 42.84 30.76
C ASP F 38 42.96 41.43 31.36
N ALA F 39 41.91 40.88 32.00
CA ALA F 39 41.88 39.52 32.58
C ALA F 39 42.13 38.48 31.48
N ALA F 40 41.58 38.72 30.29
CA ALA F 40 41.84 37.96 29.04
C ALA F 40 42.05 38.94 27.90
N PRO F 41 43.30 39.32 27.58
CA PRO F 41 43.57 40.20 26.43
C PRO F 41 43.06 39.58 25.12
N GLU F 42 42.93 38.25 25.07
CA GLU F 42 42.56 37.46 23.88
C GLU F 42 41.03 37.47 23.67
N ILE F 43 40.25 37.96 24.64
CA ILE F 43 38.77 37.82 24.64
C ILE F 43 38.10 39.17 24.93
N ASN F 44 37.08 39.50 24.15
CA ASN F 44 36.13 40.60 24.46
C ASN F 44 34.89 39.98 25.12
N GLY F 45 34.45 40.59 26.23
CA GLY F 45 33.35 40.08 27.07
C GLY F 45 32.28 41.13 27.28
N TRP F 46 31.02 40.73 27.20
CA TRP F 46 29.86 41.62 27.44
C TRP F 46 28.71 40.82 28.05
N ASP F 47 27.55 41.44 28.26
CA ASP F 47 26.29 40.83 28.74
C ASP F 47 26.61 39.74 29.76
N THR F 48 26.97 40.15 30.98
CA THR F 48 27.44 39.27 32.07
C THR F 48 26.29 39.04 33.05
N TRP F 49 26.19 37.83 33.60
CA TRP F 49 25.16 37.45 34.62
C TRP F 49 25.79 36.57 35.69
N PHE F 50 25.14 36.48 36.85
CA PHE F 50 25.71 35.83 38.07
C PHE F 50 25.13 34.43 38.24
N LEU F 51 25.97 33.50 38.69
CA LEU F 51 25.51 32.21 39.26
C LEU F 51 24.81 32.54 40.58
N ARG F 52 23.48 32.35 40.62
CA ARG F 52 22.64 32.63 41.80
C ARG F 52 22.16 31.32 42.42
N GLU F 53 21.92 31.33 43.73
CA GLU F 53 21.12 30.29 44.43
C GLU F 53 19.65 30.49 44.03
N ARG F 54 18.76 29.64 44.55
CA ARG F 54 17.33 29.61 44.17
C ARG F 54 16.65 30.94 44.55
N ASP F 55 16.96 31.48 45.73
CA ASP F 55 16.32 32.74 46.24
C ASP F 55 16.74 33.92 45.38
N GLY F 56 17.91 33.84 44.73
CA GLY F 56 18.45 34.89 43.84
C GLY F 56 19.75 35.47 44.35
N SER F 57 20.13 35.21 45.61
CA SER F 57 21.41 35.63 46.22
C SER F 57 22.57 35.09 45.38
N ILE F 58 23.70 35.81 45.34
CA ILE F 58 24.92 35.39 44.59
C ILE F 58 25.39 34.07 45.19
N ALA F 59 25.49 33.02 44.37
CA ALA F 59 25.95 31.69 44.80
C ALA F 59 27.43 31.75 45.15
N THR F 60 27.82 30.96 46.16
CA THR F 60 29.20 30.86 46.68
C THR F 60 29.51 29.36 46.84
N VAL F 61 30.50 28.86 46.09
CA VAL F 61 30.98 27.45 46.15
C VAL F 61 32.43 27.47 46.65
N GLY F 62 32.67 26.91 47.83
CA GLY F 62 34.02 26.82 48.43
C GLY F 62 34.71 28.17 48.49
N GLY F 63 33.96 29.26 48.63
CA GLY F 63 34.49 30.62 48.79
C GLY F 63 34.60 31.37 47.47
N TRP F 64 34.19 30.75 46.36
CA TRP F 64 34.24 31.33 45.00
C TRP F 64 32.87 31.80 44.55
N ARG F 65 32.80 32.98 43.94
CA ARG F 65 31.63 33.42 43.13
C ARG F 65 31.88 32.99 41.69
N VAL F 66 30.82 32.67 40.97
CA VAL F 66 30.90 32.37 39.51
C VAL F 66 30.04 33.39 38.78
N ILE F 67 30.54 33.88 37.64
CA ILE F 67 29.79 34.74 36.69
C ILE F 67 29.93 34.15 35.29
N PHE F 68 29.01 34.52 34.41
CA PHE F 68 28.97 34.10 32.99
C PHE F 68 28.96 35.34 32.12
N SER F 69 29.66 35.30 30.99
CA SER F 69 29.74 36.40 30.00
C SER F 69 29.54 35.83 28.59
N LEU F 70 28.89 36.60 27.73
CA LEU F 70 29.01 36.43 26.25
C LEU F 70 30.43 36.86 25.88
N THR F 71 31.10 36.06 25.05
CA THR F 71 32.51 36.29 24.67
C THR F 71 32.68 36.06 23.17
N ALA F 72 33.63 36.78 22.58
CA ALA F 72 34.13 36.58 21.20
C ALA F 72 35.64 36.84 21.20
N PRO F 73 36.38 36.32 20.21
CA PRO F 73 37.79 36.66 20.05
C PRO F 73 38.00 38.19 19.97
N ALA F 74 39.04 38.69 20.64
CA ALA F 74 39.37 40.14 20.72
C ALA F 74 39.70 40.70 19.33
N ASP F 75 40.36 39.91 18.47
CA ASP F 75 40.80 40.36 17.12
C ASP F 75 39.58 40.51 16.19
N LEU F 76 38.41 40.01 16.59
CA LEU F 76 37.16 40.07 15.77
C LEU F 76 36.57 41.48 15.85
N LEU F 77 35.91 41.92 14.79
CA LEU F 77 35.24 43.25 14.71
C LEU F 77 34.14 43.29 15.77
N PRO F 78 34.04 44.37 16.57
CA PRO F 78 33.00 44.50 17.59
C PRO F 78 31.59 44.28 17.04
N GLY F 79 31.24 44.96 15.93
CA GLY F 79 29.91 44.94 15.32
C GLY F 79 29.45 43.54 14.98
N LYS F 80 30.36 42.56 14.87
CA LYS F 80 30.03 41.19 14.41
C LYS F 80 30.06 40.17 15.57
N ARG F 81 30.43 40.59 16.79
CA ARG F 81 30.59 39.66 17.95
C ARG F 81 29.29 38.88 18.18
N HIS F 82 28.13 39.47 17.87
CA HIS F 82 26.79 38.88 18.15
C HIS F 82 26.57 37.60 17.34
N ASP F 83 27.29 37.43 16.22
CA ASP F 83 27.07 36.29 15.29
C ASP F 83 27.82 35.05 15.79
N VAL F 84 28.79 35.20 16.70
CA VAL F 84 29.69 34.09 17.15
C VAL F 84 29.79 34.07 18.68
N ALA F 85 28.80 34.63 19.39
CA ALA F 85 28.80 34.75 20.86
C ALA F 85 28.88 33.34 21.49
N GLU F 86 29.78 33.17 22.45
CA GLU F 86 30.00 31.90 23.18
C GLU F 86 30.01 32.22 24.68
N ILE F 87 29.35 31.40 25.49
CA ILE F 87 29.25 31.62 26.96
C ILE F 87 30.52 31.06 27.61
N ARG F 88 31.32 31.94 28.22
CA ARG F 88 32.43 31.55 29.13
C ARG F 88 32.01 31.84 30.56
N TYR F 89 32.59 31.11 31.52
CA TYR F 89 32.42 31.36 32.97
C TYR F 89 33.74 31.84 33.56
N PHE F 90 33.63 32.70 34.57
CA PHE F 90 34.75 33.25 35.35
C PHE F 90 34.44 33.04 36.82
N TYR F 91 35.48 32.87 37.64
CA TYR F 91 35.36 32.65 39.09
C TYR F 91 36.30 33.62 39.82
N SER F 92 35.92 34.04 41.03
CA SER F 92 36.70 34.99 41.86
C SER F 92 36.47 34.70 43.34
N ARG F 93 37.51 34.87 44.17
CA ARG F 93 37.43 34.69 45.64
C ARG F 93 37.02 36.02 46.30
N ASP F 94 37.45 37.16 45.75
CA ASP F 94 37.25 38.50 46.37
C ASP F 94 36.05 39.22 45.73
N GLY F 95 35.94 39.25 44.41
CA GLY F 95 34.85 39.97 43.71
C GLY F 95 35.41 40.90 42.65
N GLU F 96 36.73 41.04 42.60
CA GLU F 96 37.45 42.01 41.73
C GLU F 96 38.33 41.26 40.72
N THR F 97 39.16 40.33 41.19
CA THR F 97 40.16 39.62 40.37
C THR F 97 39.54 38.31 39.85
N TRP F 98 38.97 38.34 38.64
CA TRP F 98 38.28 37.18 38.02
C TRP F 98 39.27 36.33 37.22
N PHE F 99 39.15 35.02 37.32
CA PHE F 99 39.93 34.02 36.53
C PHE F 99 39.03 33.46 35.43
N ASP F 100 39.56 33.39 34.21
CA ASP F 100 38.87 32.79 33.04
C ASP F 100 38.75 31.28 33.27
N GLY F 101 37.52 30.76 33.31
CA GLY F 101 37.23 29.33 33.46
C GLY F 101 37.08 28.65 32.11
N GLY F 102 37.09 29.42 31.01
CA GLY F 102 36.93 28.89 29.64
C GLY F 102 35.45 28.74 29.28
N PRO F 103 35.14 28.16 28.09
CA PRO F 103 33.75 27.94 27.69
C PRO F 103 33.01 27.04 28.69
N VAL F 104 31.73 27.33 28.91
CA VAL F 104 30.86 26.59 29.87
C VAL F 104 30.44 25.26 29.24
N PHE F 105 30.20 25.26 27.93
CA PHE F 105 29.67 24.09 27.18
C PHE F 105 30.74 23.43 26.32
N GLU F 106 30.75 22.10 26.35
CA GLU F 106 31.73 21.23 25.65
C GLU F 106 31.05 20.56 24.45
N GLY F 107 29.73 20.76 24.25
CA GLY F 107 28.92 19.79 23.49
C GLY F 107 27.86 20.43 22.64
N GLY F 108 26.78 19.69 22.36
CA GLY F 108 25.67 20.09 21.48
C GLY F 108 24.87 21.24 22.04
N THR F 109 25.44 22.44 22.06
CA THR F 109 24.76 23.71 22.42
C THR F 109 23.73 24.05 21.34
N ARG F 110 22.58 24.58 21.76
CA ARG F 110 21.46 24.95 20.84
C ARG F 110 21.78 26.28 20.16
N GLY F 111 21.40 26.41 18.89
CA GLY F 111 21.56 27.64 18.10
C GLY F 111 22.95 27.76 17.48
N SER F 112 23.05 28.52 16.38
CA SER F 112 24.32 28.86 15.69
C SER F 112 25.25 29.58 16.68
N ARG F 113 24.69 30.40 17.58
CA ARG F 113 25.44 31.00 18.71
C ARG F 113 24.50 31.17 19.92
N GLN F 114 25.06 31.52 21.07
CA GLN F 114 24.31 31.63 22.35
C GLN F 114 24.29 33.10 22.80
N TRP F 115 23.11 33.61 23.15
CA TRP F 115 22.89 34.98 23.69
C TRP F 115 22.55 34.90 25.18
N ALA F 116 22.47 36.05 25.85
CA ALA F 116 22.49 36.16 27.32
C ALA F 116 21.33 35.36 27.94
N GLY F 117 21.50 34.97 29.20
CA GLY F 117 20.45 34.33 30.01
C GLY F 117 20.67 34.55 31.50
N SER F 118 20.77 33.46 32.25
CA SER F 118 20.94 33.45 33.72
C SER F 118 21.51 32.09 34.14
N ALA F 119 21.81 31.93 35.42
CA ALA F 119 22.45 30.73 35.98
C ALA F 119 21.85 30.44 37.35
N LEU F 120 21.52 29.18 37.60
CA LEU F 120 20.91 28.70 38.85
C LEU F 120 21.73 27.51 39.38
N LEU F 121 22.23 27.64 40.61
CA LEU F 121 22.74 26.50 41.41
C LEU F 121 21.61 26.10 42.36
N ASP F 122 20.86 25.06 41.99
CA ASP F 122 19.63 24.65 42.72
C ASP F 122 20.05 24.17 44.12
N ASP F 123 19.08 24.01 45.02
CA ASP F 123 19.33 23.51 46.41
C ASP F 123 19.95 22.11 46.34
N ASP F 124 19.55 21.31 45.35
CA ASP F 124 20.01 19.90 45.16
C ASP F 124 21.45 19.86 44.61
N GLY F 125 22.02 21.01 44.23
CA GLY F 125 23.41 21.11 43.74
C GLY F 125 23.50 21.00 42.23
N ARG F 126 22.38 20.77 41.55
CA ARG F 126 22.31 20.68 40.06
C ARG F 126 22.49 22.08 39.47
N LEU F 127 23.24 22.20 38.38
CA LEU F 127 23.51 23.50 37.71
C LEU F 127 22.64 23.61 36.46
N TYR F 128 21.92 24.73 36.33
CA TYR F 128 21.11 25.11 35.14
C TYR F 128 21.67 26.43 34.61
N VAL F 129 22.17 26.44 33.38
CA VAL F 129 22.64 27.68 32.69
C VAL F 129 21.65 28.00 31.56
N PHE F 130 20.69 28.87 31.86
CA PHE F 130 19.68 29.38 30.90
C PHE F 130 20.39 30.31 29.91
N TYR F 131 20.11 30.15 28.61
CA TYR F 131 20.71 30.97 27.54
C TYR F 131 19.70 31.09 26.39
N THR F 132 19.96 32.04 25.48
CA THR F 132 19.18 32.23 24.24
C THR F 132 19.90 31.47 23.11
N ALA F 133 19.20 30.54 22.47
CA ALA F 133 19.65 29.86 21.23
C ALA F 133 19.30 30.76 20.04
N SER F 134 20.30 31.45 19.49
CA SER F 134 20.17 32.32 18.30
C SER F 134 20.55 31.52 17.05
N GLY F 135 19.70 31.56 16.03
CA GLY F 135 19.80 30.70 14.83
C GLY F 135 19.62 29.23 15.19
N ARG F 136 20.11 28.35 14.31
CA ARG F 136 20.13 26.87 14.50
C ARG F 136 21.55 26.37 14.23
N ALA F 137 22.00 25.38 14.98
CA ALA F 137 23.38 24.83 14.95
C ALA F 137 23.76 24.46 13.51
N GLY F 138 24.92 24.93 13.04
CA GLY F 138 25.48 24.60 11.72
C GLY F 138 24.63 25.10 10.56
N GLU F 139 23.90 26.21 10.73
CA GLU F 139 23.09 26.84 9.66
C GLU F 139 24.03 27.40 8.58
N ALA F 140 23.56 27.45 7.33
CA ALA F 140 24.31 27.90 6.13
C ALA F 140 24.54 29.42 6.23
N GLU F 141 23.46 30.20 6.18
CA GLU F 141 23.45 31.67 6.36
C GLU F 141 22.88 31.99 7.75
N ILE F 142 23.41 33.00 8.43
CA ILE F 142 22.99 33.38 9.82
C ILE F 142 21.51 33.78 9.81
N THR F 143 20.71 33.18 10.69
CA THR F 143 19.29 33.55 10.96
C THR F 143 19.22 34.25 12.31
N TYR F 144 18.11 34.95 12.60
CA TYR F 144 17.92 35.70 13.88
C TYR F 144 16.74 35.09 14.65
N GLU F 145 16.60 33.76 14.56
CA GLU F 145 15.59 32.97 15.32
C GLU F 145 16.09 32.79 16.75
N GLN F 146 15.30 33.18 17.74
CA GLN F 146 15.68 33.19 19.18
C GLN F 146 14.72 32.28 19.93
N ARG F 147 15.25 31.35 20.73
CA ARG F 147 14.45 30.43 21.58
C ARG F 147 15.14 30.31 22.94
N LEU F 148 14.36 30.27 24.02
CA LEU F 148 14.90 30.17 25.40
C LEU F 148 15.29 28.71 25.65
N ALA F 149 16.59 28.45 25.86
CA ALA F 149 17.16 27.09 26.04
C ALA F 149 17.82 27.02 27.41
N VAL F 150 18.21 25.82 27.84
CA VAL F 150 18.99 25.61 29.10
C VAL F 150 20.01 24.49 28.88
N GLY F 151 21.22 24.66 29.43
CA GLY F 151 22.20 23.59 29.65
C GLY F 151 22.13 23.01 31.04
N SER F 152 21.24 22.04 31.27
CA SER F 152 20.98 21.43 32.60
C SER F 152 21.99 20.30 32.87
N GLY F 153 22.03 19.86 34.14
CA GLY F 153 22.79 18.68 34.59
C GLY F 153 24.28 18.96 34.71
N GLY F 154 24.67 20.21 34.96
CA GLY F 154 26.08 20.57 35.19
C GLY F 154 26.52 20.26 36.61
N SER F 155 27.83 20.12 36.82
CA SER F 155 28.47 19.96 38.15
C SER F 155 29.50 21.07 38.36
N VAL F 156 29.51 21.68 39.55
CA VAL F 156 30.46 22.77 39.94
C VAL F 156 31.41 22.21 40.99
N VAL F 157 32.67 22.00 40.62
CA VAL F 157 33.77 21.55 41.54
C VAL F 157 34.63 22.76 41.87
N ALA F 158 34.89 23.01 43.15
CA ALA F 158 35.78 24.09 43.62
C ALA F 158 36.85 23.51 44.55
N ASP F 159 38.12 23.57 44.16
CA ASP F 159 39.27 23.30 45.06
C ASP F 159 39.73 24.66 45.61
N ASP F 160 40.88 24.72 46.29
CA ASP F 160 41.47 26.00 46.77
C ASP F 160 42.28 26.64 45.63
N ASP F 161 42.38 25.96 44.47
CA ASP F 161 43.16 26.42 43.29
C ASP F 161 42.25 27.10 42.26
N GLY F 162 40.97 26.71 42.18
CA GLY F 162 40.02 27.37 41.26
C GLY F 162 38.69 26.67 41.18
N VAL F 163 37.94 26.91 40.10
CA VAL F 163 36.58 26.33 39.88
C VAL F 163 36.56 25.75 38.47
N ARG F 164 36.10 24.50 38.35
CA ARG F 164 35.84 23.82 37.05
C ARG F 164 34.36 23.48 37.00
N ILE F 165 33.71 23.75 35.86
CA ILE F 165 32.33 23.27 35.58
C ILE F 165 32.44 22.01 34.72
N GLU F 166 32.06 20.87 35.30
CA GLU F 166 32.37 19.52 34.73
C GLU F 166 31.06 18.75 34.52
N GLY F 167 31.21 17.53 34.01
CA GLY F 167 30.11 16.58 33.82
C GLY F 167 29.49 16.72 32.43
N PRO F 168 28.55 15.83 32.09
CA PRO F 168 27.84 15.91 30.81
C PRO F 168 26.78 17.03 30.86
N PHE F 169 26.63 17.79 29.78
CA PHE F 169 25.62 18.87 29.68
C PHE F 169 24.45 18.39 28.82
N ALA F 170 23.22 18.60 29.31
CA ALA F 170 21.96 18.26 28.61
C ALA F 170 21.29 19.57 28.17
N HIS F 171 21.20 19.76 26.85
CA HIS F 171 20.77 21.00 26.16
C HIS F 171 19.36 20.78 25.58
N GLY F 172 18.42 21.66 25.88
CA GLY F 172 17.03 21.57 25.40
C GLY F 172 16.39 22.92 25.30
N VAL F 173 15.61 23.16 24.24
CA VAL F 173 14.75 24.38 24.10
C VAL F 173 13.66 24.31 25.17
N LEU F 174 13.44 25.42 25.88
CA LEU F 174 12.42 25.54 26.95
C LEU F 174 11.18 26.23 26.38
N LEU F 175 11.34 27.36 25.70
CA LEU F 175 10.19 28.18 25.24
C LEU F 175 10.45 28.79 23.86
N GLU F 176 9.40 28.81 23.04
CA GLU F 176 9.32 29.56 21.75
C GLU F 176 8.03 30.36 21.78
N PRO F 177 7.98 31.55 21.13
CA PRO F 177 6.84 32.45 21.26
C PRO F 177 5.53 31.80 20.79
N ASP F 178 4.45 32.04 21.56
CA ASP F 178 3.13 31.38 21.35
C ASP F 178 2.48 31.93 20.07
N GLY F 179 2.50 33.24 19.86
CA GLY F 179 1.87 33.90 18.70
C GLY F 179 0.69 34.77 19.09
N GLU F 180 0.24 34.69 20.35
CA GLU F 180 -0.91 35.46 20.88
C GLU F 180 -0.41 36.52 21.87
N ARG F 181 0.30 36.09 22.91
CA ARG F 181 0.85 36.99 23.97
C ARG F 181 2.28 37.41 23.62
N TYR F 182 3.03 36.60 22.86
CA TYR F 182 4.44 36.89 22.50
C TYR F 182 4.67 36.69 20.99
N GLU F 183 5.14 37.76 20.35
CA GLU F 183 5.31 37.89 18.87
C GLU F 183 6.34 36.86 18.41
N ARG F 184 6.03 36.15 17.31
CA ARG F 184 6.92 35.18 16.62
C ARG F 184 7.70 35.90 15.51
N GLU F 185 8.77 35.29 15.01
CA GLU F 185 9.60 35.84 13.90
C GLU F 185 8.72 36.16 12.68
N GLU F 186 7.76 35.30 12.36
CA GLU F 186 6.82 35.47 11.20
C GLU F 186 6.04 36.78 11.36
N GLN F 187 5.56 37.07 12.57
CA GLN F 187 4.67 38.23 12.87
C GLN F 187 5.48 39.53 12.92
N SER F 188 6.82 39.45 12.93
CA SER F 188 7.74 40.59 13.15
C SER F 188 7.51 41.67 12.10
N ARG F 189 6.96 42.82 12.52
CA ARG F 189 6.89 44.05 11.73
C ARG F 189 8.00 44.98 12.23
N GLY F 190 8.40 45.96 11.42
CA GLY F 190 9.48 46.90 11.75
C GLY F 190 10.81 46.16 11.92
N MET F 191 11.45 46.31 13.08
CA MET F 191 12.78 45.68 13.37
C MET F 191 12.59 44.22 13.75
N ILE F 192 13.71 43.50 13.89
CA ILE F 192 13.78 42.05 14.21
C ILE F 192 13.09 41.81 15.55
N TYR F 193 12.27 40.75 15.63
CA TYR F 193 11.55 40.33 16.86
C TYR F 193 12.56 39.96 17.94
N THR F 194 12.10 39.95 19.19
CA THR F 194 12.90 39.57 20.39
C THR F 194 12.18 38.41 21.09
N PHE F 195 12.95 37.41 21.51
CA PHE F 195 12.48 36.31 22.40
C PHE F 195 13.69 35.66 23.05
N ARG F 196 14.27 36.35 24.04
CA ARG F 196 15.63 36.05 24.53
C ARG F 196 15.78 36.47 25.99
N ASP F 197 16.98 36.26 26.53
CA ASP F 197 17.43 36.74 27.86
C ASP F 197 16.56 36.11 28.94
N PRO F 198 16.54 34.76 29.05
CA PRO F 198 15.79 34.08 30.10
C PRO F 198 16.46 34.27 31.48
N TRP F 199 15.73 34.88 32.41
CA TRP F 199 16.23 35.20 33.77
C TRP F 199 15.42 34.42 34.80
N PHE F 200 16.05 33.47 35.50
CA PHE F 200 15.38 32.65 36.54
C PHE F 200 15.11 33.52 37.77
N PHE F 201 13.95 33.30 38.41
CA PHE F 201 13.49 34.10 39.56
C PHE F 201 12.48 33.32 40.40
N GLU F 202 12.82 33.07 41.66
CA GLU F 202 11.92 32.53 42.70
C GLU F 202 11.34 33.72 43.48
N ASP F 203 10.01 33.85 43.48
CA ASP F 203 9.28 34.89 44.26
C ASP F 203 9.48 34.57 45.74
N PRO F 204 10.19 35.42 46.51
CA PRO F 204 10.45 35.14 47.92
C PRO F 204 9.17 35.10 48.77
N ARG F 205 8.08 35.68 48.26
CA ARG F 205 6.76 35.70 48.95
C ARG F 205 6.00 34.41 48.64
N SER F 206 5.60 34.20 47.38
CA SER F 206 4.76 33.03 46.98
C SER F 206 5.57 31.73 47.10
N GLY F 207 6.88 31.77 46.88
CA GLY F 207 7.72 30.55 46.74
C GLY F 207 7.60 29.96 45.34
N LYS F 208 6.71 30.50 44.50
CA LYS F 208 6.51 30.03 43.10
C LYS F 208 7.75 30.35 42.28
N THR F 209 8.02 29.55 41.26
CA THR F 209 9.23 29.66 40.41
C THR F 209 8.83 30.25 39.06
N TYR F 210 9.50 31.31 38.63
CA TYR F 210 9.21 32.03 37.36
C TYR F 210 10.50 32.15 36.52
N LEU F 211 10.31 32.39 35.23
CA LEU F 211 11.40 32.69 34.26
C LEU F 211 10.98 33.91 33.45
N LEU F 212 11.63 35.05 33.68
CA LEU F 212 11.42 36.29 32.91
C LEU F 212 12.22 36.20 31.61
N PHE F 213 11.77 36.93 30.59
CA PHE F 213 12.45 37.03 29.28
C PHE F 213 12.00 38.31 28.58
N GLU F 214 12.81 38.76 27.63
CA GLU F 214 12.46 39.84 26.70
C GLU F 214 11.71 39.24 25.52
N ALA F 215 10.57 39.83 25.17
CA ALA F 215 9.76 39.42 24.01
C ALA F 215 9.18 40.67 23.35
N ASN F 216 8.39 40.46 22.30
CA ASN F 216 7.51 41.49 21.69
C ASN F 216 6.08 40.96 21.79
N THR F 217 5.11 41.84 22.03
CA THR F 217 3.66 41.49 22.05
C THR F 217 3.07 41.80 20.67
N PRO F 218 2.49 40.81 19.96
CA PRO F 218 2.03 41.03 18.60
C PRO F 218 0.92 42.10 18.56
N ILE F 219 1.00 43.02 17.59
CA ILE F 219 -0.04 44.04 17.29
C ILE F 219 -0.48 43.85 15.85
N PRO F 220 -1.75 43.44 15.60
CA PRO F 220 -2.24 43.30 14.23
C PRO F 220 -2.11 44.63 13.46
N GLU F 221 -1.91 44.59 12.16
CA GLU F 221 -1.59 45.81 11.36
C GLU F 221 -2.76 46.78 11.33
N GLY F 222 -3.99 46.31 11.07
CA GLY F 222 -5.17 47.19 10.98
C GLY F 222 -5.57 47.76 12.34
N ALA F 223 -4.95 47.31 13.42
CA ALA F 223 -5.54 47.27 14.79
C ALA F 223 -5.87 48.68 15.27
N GLY F 224 -5.10 49.69 14.86
CA GLY F 224 -5.19 51.05 15.44
C GLY F 224 -4.85 51.04 16.92
N ALA F 225 -4.12 50.01 17.37
CA ALA F 225 -3.68 49.79 18.76
C ALA F 225 -2.78 50.93 19.22
N CYS F 226 -2.37 51.80 18.29
CA CYS F 226 -1.52 52.98 18.57
C CYS F 226 -2.04 54.22 17.84
N GLY F 227 -1.71 55.42 18.34
CA GLY F 227 -2.08 56.73 17.76
C GLY F 227 -1.32 57.03 16.47
N ASP F 228 -0.52 56.06 15.99
CA ASP F 228 0.16 56.10 14.67
C ASP F 228 0.53 54.67 14.29
N PRO F 229 0.10 54.16 13.12
CA PRO F 229 0.45 52.80 12.69
C PRO F 229 1.92 52.41 12.78
N VAL F 230 2.86 53.34 12.50
CA VAL F 230 4.33 53.03 12.52
C VAL F 230 4.76 52.71 13.95
N TRP F 231 4.23 53.45 14.93
CA TRP F 231 4.58 53.31 16.36
C TRP F 231 4.33 51.87 16.82
N GLU F 232 3.33 51.19 16.25
CA GLU F 232 2.94 49.83 16.73
C GLU F 232 4.00 48.78 16.35
N GLU F 233 4.99 49.14 15.51
CA GLU F 233 6.15 48.24 15.18
C GLU F 233 7.04 48.06 16.41
N PHE F 234 7.03 49.04 17.32
CA PHE F 234 7.80 49.07 18.59
C PHE F 234 6.94 48.45 19.70
N ASN F 235 6.97 47.12 19.81
CA ASN F 235 6.07 46.36 20.70
C ASN F 235 6.90 45.52 21.67
N GLY F 236 7.94 46.12 22.26
CA GLY F 236 8.80 45.48 23.28
C GLY F 236 8.02 45.16 24.53
N SER F 237 8.34 44.06 25.20
CA SER F 237 7.60 43.57 26.38
C SER F 237 8.50 42.68 27.24
N VAL F 238 8.22 42.65 28.55
CA VAL F 238 8.84 41.71 29.51
C VAL F 238 7.88 40.56 29.73
N GLY F 239 8.16 39.41 29.11
CA GLY F 239 7.38 38.19 29.27
C GLY F 239 7.82 37.44 30.50
N ILE F 240 6.95 36.57 31.02
CA ILE F 240 7.25 35.70 32.20
C ILE F 240 6.58 34.35 31.96
N ALA F 241 7.23 33.28 32.40
CA ALA F 241 6.70 31.90 32.43
C ALA F 241 6.74 31.40 33.86
N HIS F 242 5.89 30.42 34.18
CA HIS F 242 5.76 29.81 35.53
C HIS F 242 6.07 28.32 35.44
N SER F 243 6.73 27.77 36.47
CA SER F 243 6.89 26.31 36.68
C SER F 243 6.01 25.89 37.85
N PRO F 244 4.90 25.15 37.59
CA PRO F 244 4.04 24.67 38.67
C PRO F 244 4.80 23.74 39.63
N THR F 245 5.64 22.87 39.07
CA THR F 245 6.47 21.86 39.79
C THR F 245 7.68 22.52 40.45
N GLY F 246 8.12 23.67 39.97
CA GLY F 246 9.36 24.31 40.46
C GLY F 246 10.59 23.74 39.79
N ASP F 247 10.44 22.64 39.04
CA ASP F 247 11.47 22.11 38.11
C ASP F 247 11.97 23.25 37.23
N PRO F 248 13.28 23.57 37.22
CA PRO F 248 13.82 24.62 36.35
C PRO F 248 13.80 24.33 34.84
N THR F 249 13.14 23.25 34.40
CA THR F 249 13.10 22.83 32.97
C THR F 249 11.66 22.69 32.46
N ASP F 250 10.65 22.90 33.31
CA ASP F 250 9.21 22.78 32.96
C ASP F 250 8.55 24.14 33.14
N TRP F 251 8.16 24.79 32.04
CA TRP F 251 7.62 26.18 32.06
C TRP F 251 6.32 26.27 31.26
N GLU F 252 5.41 27.12 31.72
CA GLU F 252 4.15 27.47 31.01
C GLU F 252 4.10 28.99 30.89
N LEU F 253 3.82 29.50 29.69
CA LEU F 253 3.80 30.96 29.40
C LEU F 253 2.70 31.60 30.24
N CYS F 254 2.97 32.77 30.83
CA CYS F 254 1.98 33.64 31.51
C CYS F 254 1.84 34.94 30.70
N ASP F 255 0.91 35.81 31.09
CA ASP F 255 0.73 37.15 30.48
C ASP F 255 1.96 37.99 30.81
N PRO F 256 2.37 38.91 29.91
CA PRO F 256 3.59 39.70 30.12
C PRO F 256 3.45 40.63 31.32
N LEU F 257 4.56 40.87 32.02
CA LEU F 257 4.62 41.74 33.22
C LEU F 257 4.42 43.19 32.82
N LEU F 258 4.98 43.59 31.67
CA LEU F 258 4.97 44.99 31.20
C LEU F 258 5.09 45.03 29.68
N GLU F 259 4.42 45.99 29.04
CA GLU F 259 4.46 46.24 27.58
C GLU F 259 4.98 47.66 27.31
N GLY F 260 5.94 47.79 26.39
CA GLY F 260 6.42 49.11 25.93
C GLY F 260 5.94 49.40 24.52
N ILE F 261 4.65 49.14 24.25
CA ILE F 261 4.07 49.26 22.88
C ILE F 261 3.95 50.76 22.59
N CYS F 262 4.36 51.17 21.38
CA CYS F 262 4.38 52.58 20.93
C CYS F 262 5.56 53.34 21.56
N VAL F 263 6.45 52.65 22.29
CA VAL F 263 7.56 53.33 23.02
C VAL F 263 8.92 52.72 22.64
N ASN F 264 9.11 51.41 22.75
CA ASN F 264 10.43 50.78 22.50
C ASN F 264 10.26 49.34 22.01
N GLN F 265 11.17 48.88 21.13
CA GLN F 265 11.15 47.52 20.54
C GLN F 265 11.91 46.55 21.45
N GLU F 266 13.02 47.00 22.05
CA GLU F 266 13.93 46.12 22.83
C GLU F 266 13.89 46.51 24.31
N LEU F 267 13.18 45.73 25.13
CA LEU F 267 13.24 45.81 26.63
C LEU F 267 14.18 44.70 27.12
N GLU F 268 15.48 44.94 27.05
CA GLU F 268 16.52 43.88 27.10
C GLU F 268 16.84 43.48 28.54
N ARG F 269 17.31 42.23 28.69
CA ARG F 269 17.82 41.62 29.94
C ARG F 269 16.93 42.06 31.09
N PRO F 270 15.64 41.66 31.11
CA PRO F 270 14.73 42.00 32.20
C PRO F 270 15.07 41.15 33.41
N HIS F 271 14.92 41.74 34.59
CA HIS F 271 15.23 41.09 35.89
C HIS F 271 14.49 41.86 36.99
N VAL F 272 14.22 41.17 38.09
CA VAL F 272 13.48 41.72 39.27
C VAL F 272 14.42 41.70 40.46
N VAL F 273 14.48 42.82 41.17
CA VAL F 273 15.09 42.91 42.53
C VAL F 273 13.95 43.20 43.50
N VAL F 274 13.75 42.34 44.50
CA VAL F 274 12.75 42.54 45.58
C VAL F 274 13.46 43.24 46.72
N ARG F 275 12.91 44.36 47.19
CA ARG F 275 13.55 45.22 48.22
C ARG F 275 12.48 45.61 49.24
N ASN F 276 12.71 45.22 50.49
CA ASN F 276 11.79 45.37 51.64
C ASN F 276 10.47 44.72 51.24
N GLY F 277 9.53 45.46 50.64
CA GLY F 277 8.20 44.92 50.31
C GLY F 277 7.85 45.08 48.84
N PHE F 278 8.78 45.56 48.02
CA PHE F 278 8.47 46.04 46.65
C PHE F 278 9.28 45.24 45.62
N TYR F 279 8.69 45.10 44.44
CA TYR F 279 9.25 44.44 43.25
C TYR F 279 9.70 45.52 42.26
N TYR F 280 11.01 45.66 42.09
CA TYR F 280 11.63 46.56 41.09
C TYR F 280 11.94 45.71 39.86
N LEU F 281 11.34 46.06 38.72
CA LEU F 281 11.59 45.42 37.40
C LEU F 281 12.50 46.33 36.59
N PHE F 282 13.67 45.81 36.19
CA PHE F 282 14.71 46.56 35.44
C PHE F 282 14.86 45.96 34.04
N VAL F 283 14.98 46.83 33.05
CA VAL F 283 15.27 46.49 31.63
C VAL F 283 16.29 47.48 31.08
N SER F 284 17.28 46.97 30.34
CA SER F 284 18.25 47.77 29.56
C SER F 284 17.64 48.05 28.18
N SER F 285 17.81 49.25 27.63
CA SER F 285 17.24 49.63 26.32
C SER F 285 18.17 50.59 25.58
N HIS F 286 18.05 50.63 24.26
CA HIS F 286 18.88 51.49 23.35
C HIS F 286 18.15 52.79 23.03
N ASP F 287 18.88 53.78 22.53
CA ASP F 287 18.31 55.05 22.03
C ASP F 287 17.68 54.80 20.66
N HIS F 288 18.27 53.90 19.86
CA HIS F 288 17.86 53.62 18.45
C HIS F 288 16.60 52.74 18.43
N THR F 289 16.24 52.12 19.56
CA THR F 289 15.07 51.20 19.65
C THR F 289 13.84 51.95 20.13
N PHE F 290 13.93 53.27 20.33
CA PHE F 290 12.78 54.12 20.71
C PHE F 290 11.94 54.43 19.48
N ALA F 291 10.61 54.40 19.65
CA ALA F 291 9.61 54.79 18.63
C ALA F 291 9.85 56.24 18.22
N PRO F 292 9.51 56.63 16.98
CA PRO F 292 9.66 58.02 16.55
C PRO F 292 8.85 58.98 17.43
N GLY F 293 9.34 60.22 17.58
CA GLY F 293 8.73 61.24 18.45
C GLY F 293 9.22 61.13 19.88
N LEU F 294 9.95 60.07 20.21
CA LEU F 294 10.56 59.85 21.55
C LEU F 294 12.09 59.90 21.40
N GLU F 295 12.76 60.53 22.37
CA GLU F 295 14.24 60.63 22.44
C GLU F 295 14.68 60.21 23.84
N GLY F 296 15.22 59.00 23.97
CA GLY F 296 15.81 58.48 25.22
C GLY F 296 17.20 57.92 24.96
N PRO F 297 18.10 57.94 25.97
CA PRO F 297 19.44 57.39 25.81
C PRO F 297 19.52 55.87 26.06
N ASP F 298 20.57 55.23 25.53
CA ASP F 298 21.04 53.91 26.02
C ASP F 298 21.04 53.99 27.55
N GLY F 299 20.28 53.13 28.24
CA GLY F 299 20.17 53.21 29.71
C GLY F 299 19.45 52.02 30.31
N LEU F 300 19.55 51.91 31.64
CA LEU F 300 18.72 51.00 32.45
C LEU F 300 17.44 51.73 32.85
N TYR F 301 16.29 51.20 32.44
CA TYR F 301 14.95 51.72 32.82
C TYR F 301 14.34 50.76 33.84
N GLY F 302 13.47 51.30 34.70
CA GLY F 302 13.00 50.59 35.90
C GLY F 302 11.57 50.93 36.26
N PHE F 303 10.87 49.94 36.82
CA PHE F 303 9.46 50.05 37.26
C PHE F 303 9.32 49.34 38.59
N VAL F 304 8.27 49.70 39.33
CA VAL F 304 8.08 49.21 40.72
C VAL F 304 6.59 48.90 40.93
N ALA F 305 6.32 47.83 41.67
CA ALA F 305 4.96 47.38 42.06
C ALA F 305 5.03 46.69 43.41
N ASP F 306 3.87 46.52 44.05
CA ASP F 306 3.74 45.87 45.38
C ASP F 306 3.70 44.34 45.22
N SER F 307 3.60 43.84 43.98
CA SER F 307 3.50 42.39 43.66
C SER F 307 4.33 42.10 42.39
N LEU F 308 4.80 40.87 42.22
CA LEU F 308 5.62 40.46 41.05
C LEU F 308 4.82 40.72 39.76
N ARG F 309 3.54 40.37 39.74
CA ARG F 309 2.67 40.51 38.54
C ARG F 309 1.70 41.67 38.76
N GLY F 310 2.16 42.71 39.45
CA GLY F 310 1.34 43.86 39.88
C GLY F 310 1.30 44.97 38.83
N GLU F 311 0.69 46.10 39.21
CA GLU F 311 0.57 47.32 38.38
C GLU F 311 1.89 48.09 38.46
N TYR F 312 2.85 47.71 37.61
CA TYR F 312 4.18 48.36 37.50
C TYR F 312 4.00 49.82 37.09
N ARG F 313 4.70 50.71 37.77
CA ARG F 313 4.76 52.17 37.46
C ARG F 313 6.22 52.54 37.28
N PRO F 314 6.54 53.49 36.38
CA PRO F 314 7.94 53.79 36.07
C PRO F 314 8.64 54.53 37.22
N LEU F 315 9.88 54.18 37.49
CA LEU F 315 10.76 54.87 38.47
C LEU F 315 11.09 56.28 37.96
N ASN F 316 11.18 57.25 38.87
CA ASN F 316 11.57 58.66 38.55
C ASN F 316 10.61 59.26 37.51
N GLY F 317 9.38 58.75 37.43
CA GLY F 317 8.31 59.29 36.55
C GLY F 317 8.45 58.88 35.10
N SER F 318 9.67 58.89 34.55
CA SER F 318 9.97 58.60 33.13
C SER F 318 10.33 57.12 32.94
N GLY F 319 10.94 56.51 33.96
CA GLY F 319 11.42 55.12 33.91
C GLY F 319 12.93 55.05 33.86
N LEU F 320 13.60 56.14 33.47
CA LEU F 320 15.09 56.18 33.39
C LEU F 320 15.66 56.10 34.80
N VAL F 321 16.45 55.05 35.05
CA VAL F 321 17.10 54.78 36.36
C VAL F 321 18.57 55.15 36.27
N LEU F 322 19.24 54.79 35.18
CA LEU F 322 20.71 54.85 35.06
C LEU F 322 21.07 55.00 33.58
N THR F 323 22.01 55.89 33.25
CA THR F 323 22.44 56.14 31.85
C THR F 323 23.88 56.67 31.80
N ASN F 324 24.45 56.70 30.60
CA ASN F 324 25.82 57.20 30.32
C ASN F 324 25.78 58.71 30.16
N PRO F 325 26.91 59.42 30.40
CA PRO F 325 26.98 60.86 30.18
C PRO F 325 26.85 61.19 28.69
N ALA F 326 26.39 62.41 28.39
CA ALA F 326 26.15 62.93 27.02
C ALA F 326 27.41 62.78 26.16
N ASN F 327 28.59 63.03 26.74
CA ASN F 327 29.88 63.11 26.01
C ASN F 327 30.56 61.71 25.96
N ALA F 328 29.87 60.64 26.37
CA ALA F 328 30.31 59.24 26.18
C ALA F 328 29.11 58.31 26.21
N PRO F 329 28.12 58.54 25.34
CA PRO F 329 26.76 58.03 25.55
C PRO F 329 26.59 56.51 25.37
N TYR F 330 27.63 55.82 24.87
CA TYR F 330 27.57 54.37 24.60
C TYR F 330 28.63 53.62 25.41
N GLN F 331 29.10 54.20 26.52
CA GLN F 331 30.28 53.67 27.27
C GLN F 331 29.92 52.38 28.00
N ALA F 332 28.64 52.17 28.32
CA ALA F 332 28.17 50.95 29.04
C ALA F 332 26.80 50.53 28.53
N TYR F 333 26.48 49.25 28.71
CA TYR F 333 25.14 48.66 28.40
C TYR F 333 24.96 47.34 29.16
N SER F 334 23.76 46.76 29.06
CA SER F 334 23.40 45.41 29.56
C SER F 334 23.61 45.36 31.08
N TRP F 335 23.01 46.33 31.77
CA TRP F 335 23.10 46.46 33.25
C TRP F 335 22.21 45.40 33.91
N VAL F 336 22.73 44.82 35.00
CA VAL F 336 22.01 43.86 35.88
C VAL F 336 22.09 44.43 37.31
N ALA F 337 20.93 44.67 37.92
CA ALA F 337 20.80 45.18 39.30
C ALA F 337 20.70 44.00 40.26
N PHE F 338 21.28 44.13 41.46
CA PHE F 338 21.27 43.10 42.52
C PHE F 338 21.45 43.79 43.88
N SER F 339 20.81 43.26 44.92
CA SER F 339 20.74 43.88 46.27
C SER F 339 22.01 43.56 47.06
N HIS F 340 22.55 44.57 47.74
CA HIS F 340 23.65 44.45 48.72
C HIS F 340 23.29 45.24 49.98
N ARG F 341 22.76 44.55 50.98
CA ARG F 341 22.40 45.08 52.32
C ARG F 341 21.28 46.13 52.17
N GLU F 342 21.66 47.39 52.05
CA GLU F 342 20.73 48.55 52.01
C GLU F 342 20.86 49.25 50.65
N GLU F 343 21.85 48.85 49.84
CA GLU F 343 22.14 49.46 48.52
C GLU F 343 21.62 48.55 47.41
N LEU F 344 21.52 49.12 46.21
CA LEU F 344 21.39 48.38 44.93
C LEU F 344 22.69 48.56 44.15
N LEU F 345 23.34 47.46 43.76
CA LEU F 345 24.52 47.47 42.87
C LEU F 345 24.07 47.12 41.47
N VAL F 346 24.73 47.71 40.47
CA VAL F 346 24.36 47.59 39.03
C VAL F 346 25.65 47.35 38.24
N SER F 347 25.75 46.19 37.58
CA SER F 347 26.93 45.80 36.76
C SER F 347 26.54 45.72 35.29
N GLY F 348 27.06 46.64 34.48
CA GLY F 348 27.02 46.54 33.01
C GLY F 348 28.38 46.10 32.47
N PHE F 349 28.59 46.25 31.17
CA PHE F 349 29.89 45.98 30.52
C PHE F 349 30.35 47.25 29.81
N PHE F 350 31.67 47.37 29.60
CA PHE F 350 32.33 48.56 29.00
C PHE F 350 32.21 48.45 27.48
N ASN F 351 31.36 49.29 26.88
CA ASN F 351 30.85 49.10 25.51
C ASN F 351 31.68 49.91 24.50
N TYR F 352 31.34 51.18 24.25
CA TYR F 352 31.93 52.01 23.17
C TYR F 352 32.33 53.38 23.71
N TYR F 353 33.61 53.72 23.60
CA TYR F 353 34.17 54.97 24.17
C TYR F 353 35.08 55.66 23.14
N ASP F 354 35.38 56.94 23.38
CA ASP F 354 36.33 57.75 22.57
C ASP F 354 35.79 57.87 21.15
N LEU F 355 34.46 58.00 20.99
CA LEU F 355 33.82 58.15 19.64
C LEU F 355 34.04 59.59 19.17
N GLY F 356 34.20 60.53 20.10
CA GLY F 356 34.37 61.97 19.82
C GLY F 356 33.09 62.62 19.30
N GLY F 357 32.00 61.87 19.15
CA GLY F 357 30.72 62.37 18.63
C GLY F 357 30.11 61.47 17.57
N LEU F 358 30.85 60.48 17.08
CA LEU F 358 30.39 59.52 16.04
C LEU F 358 29.16 58.74 16.55
N THR F 359 28.22 58.44 15.65
CA THR F 359 27.05 57.55 15.90
C THR F 359 27.52 56.11 15.75
N LEU F 360 26.74 55.13 16.21
CA LEU F 360 27.13 53.70 16.23
C LEU F 360 27.32 53.21 14.79
N ASP F 361 26.44 53.63 13.89
CA ASP F 361 26.49 53.27 12.45
C ASP F 361 27.81 53.78 11.85
N ASP F 362 28.27 54.96 12.29
CA ASP F 362 29.53 55.60 11.81
C ASP F 362 30.75 54.77 12.24
N VAL F 363 30.66 54.07 13.37
CA VAL F 363 31.81 53.28 13.92
C VAL F 363 32.19 52.19 12.91
N ALA F 364 31.18 51.55 12.30
CA ALA F 364 31.33 50.49 11.28
C ALA F 364 32.22 50.96 10.11
N THR F 365 32.31 52.27 9.87
CA THR F 365 33.11 52.87 8.75
C THR F 365 34.61 52.67 9.02
N LEU F 366 35.03 52.80 10.27
CA LEU F 366 36.45 52.91 10.68
C LEU F 366 37.22 51.62 10.35
N SER F 367 38.54 51.73 10.27
CA SER F 367 39.45 50.58 10.04
C SER F 367 39.24 49.56 11.15
N PRO F 368 39.50 48.25 10.91
CA PRO F 368 39.38 47.23 11.95
C PRO F 368 40.11 47.63 13.25
N ASP F 369 41.35 48.11 13.15
CA ASP F 369 42.17 48.55 14.33
C ASP F 369 41.43 49.67 15.06
N GLU F 370 40.92 50.66 14.33
CA GLU F 370 40.24 51.85 14.92
C GLU F 370 38.92 51.42 15.59
N GLN F 371 38.30 50.34 15.13
CA GLN F 371 37.04 49.82 15.72
C GLN F 371 37.36 49.08 17.02
N ARG F 372 38.33 48.17 17.01
CA ARG F 372 38.76 47.43 18.21
C ARG F 372 39.26 48.40 19.30
N ALA F 373 39.87 49.52 18.93
CA ALA F 373 40.46 50.48 19.89
C ALA F 373 39.38 51.23 20.67
N LYS F 374 38.12 51.12 20.24
CA LYS F 374 36.97 51.94 20.72
C LYS F 374 35.97 51.04 21.43
N PHE F 375 36.36 49.81 21.76
CA PHE F 375 35.51 48.81 22.44
C PHE F 375 36.26 48.27 23.66
N GLY F 376 35.64 48.38 24.84
CA GLY F 376 36.17 47.86 26.10
C GLY F 376 36.24 46.34 26.08
N GLY F 377 35.08 45.69 26.16
CA GLY F 377 34.96 44.22 26.23
C GLY F 377 35.38 43.71 27.59
N THR F 378 35.08 44.47 28.64
CA THR F 378 35.32 44.09 30.06
C THR F 378 34.10 44.50 30.87
N LEU F 379 34.12 44.25 32.18
CA LEU F 379 33.05 44.71 33.10
C LEU F 379 33.26 46.20 33.40
N ALA F 380 32.15 46.96 33.39
CA ALA F 380 32.10 48.38 33.77
C ALA F 380 32.23 48.49 35.29
N PRO F 381 32.73 49.63 35.81
CA PRO F 381 32.72 49.89 37.26
C PRO F 381 31.29 49.79 37.80
N THR F 382 31.06 48.87 38.75
CA THR F 382 29.69 48.56 39.22
C THR F 382 29.18 49.76 40.02
N VAL F 383 27.99 50.22 39.68
CA VAL F 383 27.39 51.47 40.22
C VAL F 383 26.66 51.13 41.51
N ARG F 384 26.79 51.99 42.51
CA ARG F 384 26.02 51.92 43.76
C ARG F 384 24.87 52.92 43.65
N VAL F 385 23.64 52.44 43.79
CA VAL F 385 22.41 53.28 43.74
C VAL F 385 21.61 53.03 45.01
N ALA F 386 20.78 54.00 45.37
CA ALA F 386 19.87 53.97 46.53
C ALA F 386 18.43 54.11 46.02
N LEU F 387 17.58 53.12 46.35
CA LEU F 387 16.14 53.12 46.02
C LEU F 387 15.36 53.77 47.16
N SER F 388 14.33 54.55 46.81
CA SER F 388 13.51 55.35 47.76
C SER F 388 12.06 55.34 47.28
N GLY F 389 11.41 54.18 47.30
CA GLY F 389 10.06 54.02 46.72
C GLY F 389 10.12 53.97 45.21
N ASP F 390 9.50 54.92 44.53
CA ASP F 390 9.51 55.00 43.04
C ASP F 390 10.61 55.95 42.56
N ARG F 391 11.59 56.28 43.41
CA ARG F 391 12.68 57.23 43.12
C ARG F 391 14.04 56.53 43.32
N THR F 392 15.02 56.83 42.45
CA THR F 392 16.39 56.26 42.52
C THR F 392 17.41 57.40 42.50
N ARG F 393 18.63 57.10 42.93
CA ARG F 393 19.76 58.07 42.98
C ARG F 393 21.07 57.28 42.92
N ILE F 394 21.97 57.67 42.00
CA ILE F 394 23.37 57.15 41.94
C ILE F 394 24.10 57.68 43.17
N THR F 395 24.74 56.79 43.93
CA THR F 395 25.43 57.13 45.20
C THR F 395 26.95 57.06 45.00
N GLY F 396 27.43 56.23 44.07
CA GLY F 396 28.86 56.16 43.73
C GLY F 396 29.15 54.97 42.85
N THR F 397 30.42 54.55 42.79
CA THR F 397 30.87 53.38 41.99
C THR F 397 31.91 52.59 42.77
N LEU F 398 32.20 51.38 42.29
CA LEU F 398 33.27 50.49 42.79
C LEU F 398 34.25 50.23 41.66
N SER F 399 35.26 49.40 41.91
CA SER F 399 36.23 48.95 40.87
C SER F 399 35.47 48.28 39.72
N HIS F 400 36.14 48.13 38.57
CA HIS F 400 35.60 47.48 37.36
C HIS F 400 35.08 46.09 37.72
N GLY F 401 33.82 45.81 37.41
CA GLY F 401 33.18 44.49 37.59
C GLY F 401 33.43 43.94 38.98
N ARG F 402 33.24 44.75 40.02
CA ARG F 402 33.23 44.23 41.41
C ARG F 402 31.82 43.70 41.71
N ILE F 403 31.69 42.39 41.94
CA ILE F 403 30.40 41.77 42.38
C ILE F 403 30.61 41.25 43.79
N PRO F 404 30.28 42.05 44.84
CA PRO F 404 30.44 41.62 46.22
C PRO F 404 29.25 40.83 46.78
N LEU F 405 29.52 39.98 47.78
CA LEU F 405 28.49 39.30 48.61
C LEU F 405 27.99 40.28 49.67
N GLU F 406 26.84 39.97 50.27
CA GLU F 406 26.24 40.79 51.35
C GLU F 406 27.14 40.73 52.59
N SER F 407 27.95 39.68 52.72
CA SER F 407 28.92 39.47 53.82
C SER F 407 30.07 40.48 53.77
N GLU F 408 30.19 41.27 52.69
CA GLU F 408 31.37 42.15 52.45
C GLU F 408 30.98 43.62 52.62
N GLU F 409 31.78 44.36 53.38
CA GLU F 409 31.54 45.80 53.67
C GLU F 409 32.15 46.62 52.51
N LEU F 410 31.38 47.58 51.98
CA LEU F 410 31.84 48.48 50.90
C LEU F 410 32.35 49.77 51.50
N PRO F 411 33.22 50.51 50.77
CA PRO F 411 33.69 51.83 51.19
C PRO F 411 32.57 52.82 51.52
N ASP F 412 32.83 53.75 52.45
CA ASP F 412 31.79 54.65 53.06
C ASP F 412 31.53 55.83 52.11
N LEU F 413 30.40 56.50 52.30
CA LEU F 413 29.92 57.57 51.39
C LEU F 413 29.91 58.89 52.15
N PRO F 414 30.01 60.06 51.45
CA PRO F 414 29.98 61.35 52.15
C PRO F 414 28.65 61.60 52.86
N ALA G 9 -60.81 -76.58 -14.18
CA ALA G 9 -59.45 -77.13 -13.92
C ALA G 9 -58.64 -76.14 -13.07
N THR G 10 -59.21 -75.64 -11.96
CA THR G 10 -58.69 -74.50 -11.17
C THR G 10 -57.36 -74.87 -10.53
N PRO G 11 -56.31 -74.02 -10.68
CA PRO G 11 -55.00 -74.31 -10.09
C PRO G 11 -55.10 -74.52 -8.58
N ARG G 12 -54.39 -75.51 -8.06
CA ARG G 12 -54.51 -75.92 -6.62
C ARG G 12 -53.15 -75.85 -5.93
N TRP G 13 -53.12 -75.17 -4.77
CA TRP G 13 -52.07 -75.32 -3.74
C TRP G 13 -52.35 -76.66 -3.02
N THR G 14 -51.50 -77.65 -3.25
CA THR G 14 -51.72 -79.06 -2.84
C THR G 14 -51.08 -79.32 -1.47
N ARG G 15 -51.48 -80.41 -0.82
CA ARG G 15 -50.89 -80.88 0.45
C ARG G 15 -49.44 -81.30 0.21
N GLU G 16 -49.12 -81.80 -0.99
CA GLU G 16 -47.72 -82.17 -1.35
C GLU G 16 -46.84 -80.91 -1.28
N HIS G 17 -47.39 -79.74 -1.65
CA HIS G 17 -46.70 -78.43 -1.55
C HIS G 17 -46.52 -78.08 -0.06
N ALA G 18 -47.62 -78.00 0.68
CA ALA G 18 -47.66 -77.56 2.10
C ALA G 18 -46.74 -78.44 2.95
N SER G 19 -46.63 -79.74 2.63
CA SER G 19 -45.76 -80.72 3.32
C SER G 19 -44.31 -80.22 3.36
N LYS G 20 -43.90 -79.44 2.35
CA LYS G 20 -42.49 -79.00 2.17
C LYS G 20 -42.26 -77.66 2.89
N ILE G 21 -43.31 -77.00 3.42
CA ILE G 21 -43.20 -75.69 4.13
C ILE G 21 -42.18 -75.85 5.26
N GLU G 22 -41.30 -74.85 5.40
CA GLU G 22 -40.12 -74.90 6.29
C GLU G 22 -39.45 -73.52 6.27
N ARG G 23 -39.15 -72.96 7.45
CA ARG G 23 -38.37 -71.71 7.59
C ARG G 23 -36.99 -71.89 6.97
N THR G 24 -36.54 -70.93 6.15
CA THR G 24 -35.16 -70.88 5.58
C THR G 24 -34.61 -69.46 5.72
N ASP G 25 -33.30 -69.30 5.59
CA ASP G 25 -32.61 -67.99 5.67
C ASP G 25 -33.24 -67.02 4.66
N GLU G 26 -33.80 -67.54 3.56
CA GLU G 26 -34.33 -66.75 2.43
C GLU G 26 -35.77 -66.31 2.67
N THR G 27 -36.45 -66.82 3.70
CA THR G 27 -37.89 -66.55 3.94
C THR G 27 -38.14 -65.91 5.31
N VAL G 28 -37.14 -65.84 6.19
CA VAL G 28 -37.34 -65.38 7.60
C VAL G 28 -36.89 -63.93 7.71
N VAL G 29 -37.80 -63.06 8.18
CA VAL G 29 -37.57 -61.60 8.35
C VAL G 29 -36.79 -61.40 9.63
N PRO G 30 -35.99 -60.31 9.77
CA PRO G 30 -35.39 -59.98 11.06
C PRO G 30 -36.43 -59.69 12.14
N ILE G 31 -35.98 -59.71 13.40
CA ILE G 31 -36.82 -59.35 14.58
C ILE G 31 -37.31 -57.92 14.41
N ILE G 32 -38.60 -57.71 14.66
CA ILE G 32 -39.24 -56.36 14.63
C ILE G 32 -39.21 -55.83 16.06
N TYR G 33 -38.62 -54.65 16.24
CA TYR G 33 -38.57 -53.91 17.53
C TYR G 33 -39.52 -52.72 17.43
N PRO G 34 -40.21 -52.34 18.54
CA PRO G 34 -41.19 -51.26 18.48
C PRO G 34 -40.53 -49.96 18.04
N PRO G 35 -41.23 -49.09 17.29
CA PRO G 35 -40.67 -47.79 16.88
C PRO G 35 -40.57 -46.85 18.08
N ARG G 36 -39.66 -45.87 18.01
CA ARG G 36 -39.28 -45.01 19.16
C ARG G 36 -40.46 -44.13 19.58
N GLU G 37 -41.27 -43.66 18.63
CA GLU G 37 -42.53 -42.92 18.90
C GLU G 37 -43.67 -43.50 18.05
N ASP G 38 -44.91 -43.24 18.45
CA ASP G 38 -46.14 -43.68 17.72
C ASP G 38 -46.71 -42.46 17.01
N ALA G 39 -47.01 -42.58 15.70
CA ALA G 39 -47.63 -41.53 14.85
C ALA G 39 -48.98 -41.12 15.45
N ALA G 40 -49.74 -42.08 15.97
CA ALA G 40 -50.99 -41.90 16.73
C ALA G 40 -50.94 -42.82 17.96
N PRO G 41 -50.48 -42.34 19.13
CA PRO G 41 -50.51 -43.14 20.36
C PRO G 41 -51.92 -43.60 20.70
N GLU G 42 -52.93 -42.85 20.24
CA GLU G 42 -54.37 -43.06 20.56
C GLU G 42 -54.98 -44.17 19.69
N ILE G 43 -54.26 -44.64 18.67
CA ILE G 43 -54.83 -45.55 17.63
C ILE G 43 -53.91 -46.74 17.39
N ASN G 44 -54.48 -47.94 17.34
CA ASN G 44 -53.80 -49.16 16.85
C ASN G 44 -54.22 -49.37 15.39
N GLY G 45 -53.24 -49.63 14.51
CA GLY G 45 -53.41 -49.73 13.05
C GLY G 45 -52.87 -51.04 12.52
N TRP G 46 -53.59 -51.68 11.62
CA TRP G 46 -53.15 -52.93 10.96
C TRP G 46 -53.72 -52.98 9.53
N ASP G 47 -53.49 -54.08 8.81
CA ASP G 47 -54.03 -54.37 7.46
C ASP G 47 -54.05 -53.08 6.64
N THR G 48 -52.88 -52.64 6.19
CA THR G 48 -52.68 -51.35 5.49
C THR G 48 -52.60 -51.61 3.99
N TRP G 49 -53.14 -50.70 3.17
CA TRP G 49 -53.09 -50.78 1.68
C TRP G 49 -52.84 -49.38 1.10
N PHE G 50 -52.38 -49.32 -0.15
CA PHE G 50 -51.88 -48.08 -0.78
C PHE G 50 -52.95 -47.51 -1.72
N LEU G 51 -53.05 -46.18 -1.75
CA LEU G 51 -53.75 -45.46 -2.84
C LEU G 51 -52.91 -45.63 -4.10
N ARG G 52 -53.43 -46.39 -5.08
CA ARG G 52 -52.74 -46.69 -6.36
C ARG G 52 -53.44 -45.94 -7.49
N GLU G 53 -52.68 -45.63 -8.54
CA GLU G 53 -53.23 -45.24 -9.87
C GLU G 53 -53.79 -46.51 -10.53
N ARG G 54 -54.35 -46.37 -11.73
CA ARG G 54 -55.04 -47.47 -12.43
C ARG G 54 -54.06 -48.62 -12.74
N ASP G 55 -52.83 -48.30 -13.18
CA ASP G 55 -51.81 -49.30 -13.58
C ASP G 55 -51.37 -50.11 -12.35
N GLY G 56 -51.48 -49.52 -11.16
CA GLY G 56 -51.13 -50.16 -9.86
C GLY G 56 -50.01 -49.43 -9.15
N SER G 57 -49.28 -48.53 -9.84
CA SER G 57 -48.20 -47.71 -9.25
C SER G 57 -48.75 -46.90 -8.08
N ILE G 58 -47.92 -46.62 -7.07
CA ILE G 58 -48.30 -45.81 -5.87
C ILE G 58 -48.72 -44.43 -6.37
N ALA G 59 -49.96 -44.02 -6.06
CA ALA G 59 -50.50 -42.70 -6.44
C ALA G 59 -49.76 -41.61 -5.67
N THR G 60 -49.57 -40.46 -6.32
CA THR G 60 -48.89 -39.26 -5.76
C THR G 60 -49.74 -38.04 -6.10
N VAL G 61 -50.27 -37.35 -5.09
CA VAL G 61 -51.11 -36.13 -5.23
C VAL G 61 -50.36 -34.96 -4.58
N GLY G 62 -49.94 -33.99 -5.38
CA GLY G 62 -49.20 -32.80 -4.92
C GLY G 62 -47.99 -33.15 -4.07
N GLY G 63 -47.35 -34.30 -4.35
CA GLY G 63 -46.11 -34.74 -3.68
C GLY G 63 -46.38 -35.63 -2.48
N TRP G 64 -47.65 -35.95 -2.20
CA TRP G 64 -48.06 -36.81 -1.07
C TRP G 64 -48.42 -38.21 -1.57
N ARG G 65 -47.99 -39.25 -0.85
CA ARG G 65 -48.53 -40.63 -0.96
C ARG G 65 -49.66 -40.75 0.06
N VAL G 66 -50.68 -41.53 -0.26
CA VAL G 66 -51.81 -41.82 0.66
C VAL G 66 -51.82 -43.34 0.90
N ILE G 67 -52.05 -43.73 2.16
CA ILE G 67 -52.27 -45.15 2.56
C ILE G 67 -53.53 -45.21 3.41
N PHE G 68 -54.12 -46.40 3.49
CA PHE G 68 -55.33 -46.69 4.30
C PHE G 68 -54.99 -47.83 5.26
N SER G 69 -55.52 -47.74 6.48
CA SER G 69 -55.34 -48.76 7.53
C SER G 69 -56.68 -49.07 8.18
N LEU G 70 -56.88 -50.32 8.58
CA LEU G 70 -57.89 -50.70 9.60
C LEU G 70 -57.38 -50.16 10.95
N THR G 71 -58.25 -49.51 11.71
CA THR G 71 -57.88 -48.84 12.97
C THR G 71 -58.94 -49.15 14.04
N ALA G 72 -58.50 -49.19 15.29
CA ALA G 72 -59.34 -49.24 16.50
C ALA G 72 -58.68 -48.37 17.57
N PRO G 73 -59.44 -47.91 18.58
CA PRO G 73 -58.86 -47.22 19.74
C PRO G 73 -57.76 -48.08 20.39
N ALA G 74 -56.66 -47.44 20.79
CA ALA G 74 -55.47 -48.09 21.40
C ALA G 74 -55.86 -48.77 22.73
N ASP G 75 -56.74 -48.14 23.51
CA ASP G 75 -57.16 -48.64 24.85
C ASP G 75 -57.99 -49.92 24.71
N LEU G 76 -58.47 -50.25 23.50
CA LEU G 76 -59.32 -51.44 23.24
C LEU G 76 -58.45 -52.70 23.22
N LEU G 77 -59.02 -53.83 23.65
CA LEU G 77 -58.31 -55.14 23.67
C LEU G 77 -57.95 -55.53 22.25
N PRO G 78 -56.71 -55.97 21.98
CA PRO G 78 -56.32 -56.36 20.62
C PRO G 78 -57.25 -57.41 19.98
N GLY G 79 -57.56 -58.48 20.72
CA GLY G 79 -58.37 -59.61 20.22
C GLY G 79 -59.73 -59.18 19.72
N LYS G 80 -60.22 -57.99 20.10
CA LYS G 80 -61.60 -57.53 19.78
C LYS G 80 -61.59 -56.44 18.71
N ARG G 81 -60.42 -55.97 18.24
CA ARG G 81 -60.31 -54.84 17.28
C ARG G 81 -61.13 -55.13 16.02
N HIS G 82 -61.27 -56.41 15.63
CA HIS G 82 -61.94 -56.83 14.36
C HIS G 82 -63.42 -56.48 14.37
N ASP G 83 -64.02 -56.32 15.56
CA ASP G 83 -65.48 -56.09 15.70
C ASP G 83 -65.82 -54.61 15.48
N VAL G 84 -64.83 -53.71 15.56
CA VAL G 84 -65.06 -52.23 15.50
C VAL G 84 -64.08 -51.57 14.53
N ALA G 85 -63.55 -52.33 13.55
CA ALA G 85 -62.53 -51.84 12.60
C ALA G 85 -63.11 -50.65 11.80
N GLU G 86 -62.35 -49.57 11.70
CA GLU G 86 -62.74 -48.34 10.96
C GLU G 86 -61.57 -47.97 10.05
N ILE G 87 -61.86 -47.59 8.80
CA ILE G 87 -60.81 -47.23 7.80
C ILE G 87 -60.40 -45.78 8.04
N ARG G 88 -59.14 -45.55 8.44
CA ARG G 88 -58.50 -44.22 8.45
C ARG G 88 -57.53 -44.13 7.28
N TYR G 89 -57.25 -42.91 6.82
CA TYR G 89 -56.22 -42.64 5.79
C TYR G 89 -55.09 -41.84 6.42
N PHE G 90 -53.88 -42.07 5.93
CA PHE G 90 -52.64 -41.37 6.34
C PHE G 90 -51.94 -40.89 5.08
N TYR G 91 -51.21 -39.78 5.17
CA TYR G 91 -50.48 -39.17 4.03
C TYR G 91 -49.04 -38.88 4.48
N SER G 92 -48.11 -38.93 3.54
CA SER G 92 -46.65 -38.70 3.78
C SER G 92 -46.00 -38.10 2.54
N ARG G 93 -45.04 -37.20 2.74
CA ARG G 93 -44.24 -36.57 1.66
C ARG G 93 -43.04 -37.46 1.31
N ASP G 94 -42.43 -38.12 2.30
CA ASP G 94 -41.14 -38.84 2.15
C ASP G 94 -41.41 -40.34 1.98
N GLY G 95 -42.27 -40.94 2.80
CA GLY G 95 -42.54 -42.39 2.76
C GLY G 95 -42.40 -43.02 4.12
N GLU G 96 -41.91 -42.26 5.11
CA GLU G 96 -41.54 -42.72 6.46
C GLU G 96 -42.42 -42.06 7.52
N THR G 97 -42.52 -40.72 7.48
CA THR G 97 -43.25 -39.91 8.50
C THR G 97 -44.69 -39.69 8.04
N TRP G 98 -45.61 -40.55 8.48
CA TRP G 98 -47.05 -40.51 8.09
C TRP G 98 -47.84 -39.62 9.05
N PHE G 99 -48.75 -38.82 8.50
CA PHE G 99 -49.71 -37.98 9.26
C PHE G 99 -51.09 -38.62 9.22
N ASP G 100 -51.76 -38.67 10.38
CA ASP G 100 -53.15 -39.19 10.51
C ASP G 100 -54.09 -38.22 9.81
N GLY G 101 -54.82 -38.71 8.79
CA GLY G 101 -55.85 -37.92 8.07
C GLY G 101 -57.24 -38.11 8.68
N GLY G 102 -57.37 -39.00 9.65
CA GLY G 102 -58.66 -39.31 10.32
C GLY G 102 -59.46 -40.34 9.53
N PRO G 103 -60.71 -40.63 9.93
CA PRO G 103 -61.55 -41.58 9.22
C PRO G 103 -61.81 -41.13 7.77
N VAL G 104 -61.87 -42.09 6.85
CA VAL G 104 -62.09 -41.85 5.40
C VAL G 104 -63.58 -41.55 5.19
N PHE G 105 -64.45 -42.26 5.90
CA PHE G 105 -65.93 -42.18 5.75
C PHE G 105 -66.51 -41.53 7.02
N GLU G 106 -67.47 -40.60 6.85
CA GLU G 106 -68.14 -39.93 7.98
C GLU G 106 -69.58 -40.46 8.15
N GLY G 107 -70.01 -41.35 7.29
CA GLY G 107 -71.16 -42.24 7.57
C GLY G 107 -71.58 -42.97 6.33
N GLY G 108 -72.82 -43.46 6.32
CA GLY G 108 -73.42 -44.25 5.22
C GLY G 108 -72.66 -45.53 4.90
N THR G 109 -71.62 -45.86 5.68
CA THR G 109 -70.71 -46.99 5.41
C THR G 109 -71.46 -48.31 5.56
N ARG G 110 -71.18 -49.28 4.68
CA ARG G 110 -71.82 -50.61 4.68
C ARG G 110 -71.20 -51.48 5.78
N GLY G 111 -72.04 -52.30 6.42
CA GLY G 111 -71.59 -53.24 7.46
C GLY G 111 -71.47 -52.61 8.83
N SER G 112 -71.61 -53.45 9.87
CA SER G 112 -71.38 -53.07 11.30
C SER G 112 -69.97 -52.53 11.48
N ARG G 113 -68.99 -53.08 10.74
CA ARG G 113 -67.61 -52.54 10.66
C ARG G 113 -67.04 -52.83 9.27
N GLN G 114 -65.89 -52.23 8.96
CA GLN G 114 -65.23 -52.31 7.63
C GLN G 114 -63.91 -53.09 7.76
N TRP G 115 -63.70 -54.08 6.89
CA TRP G 115 -62.45 -54.89 6.81
C TRP G 115 -61.67 -54.51 5.55
N ALA G 116 -60.46 -55.03 5.39
CA ALA G 116 -59.45 -54.53 4.44
C ALA G 116 -59.99 -54.57 3.01
N GLY G 117 -59.42 -53.73 2.14
CA GLY G 117 -59.70 -53.72 0.70
C GLY G 117 -58.53 -53.16 -0.10
N SER G 118 -58.79 -52.11 -0.89
CA SER G 118 -57.81 -51.44 -1.77
C SER G 118 -58.33 -50.04 -2.09
N ALA G 119 -57.54 -49.26 -2.81
CA ALA G 119 -57.84 -47.84 -3.13
C ALA G 119 -57.36 -47.54 -4.54
N LEU G 120 -58.21 -46.86 -5.32
CA LEU G 120 -57.94 -46.49 -6.72
C LEU G 120 -58.19 -44.99 -6.89
N LEU G 121 -57.17 -44.26 -7.34
CA LEU G 121 -57.31 -42.89 -7.90
C LEU G 121 -57.34 -43.05 -9.42
N ASP G 122 -58.53 -43.04 -10.00
CA ASP G 122 -58.75 -43.34 -11.44
C ASP G 122 -58.06 -42.23 -12.25
N ASP G 123 -57.88 -42.44 -13.56
CA ASP G 123 -57.28 -41.45 -14.48
C ASP G 123 -58.11 -40.16 -14.47
N ASP G 124 -59.44 -40.29 -14.34
CA ASP G 124 -60.40 -39.15 -14.35
C ASP G 124 -60.35 -38.37 -13.03
N GLY G 125 -59.61 -38.85 -12.03
CA GLY G 125 -59.43 -38.16 -10.73
C GLY G 125 -60.44 -38.62 -9.69
N ARG G 126 -61.39 -39.49 -10.06
CA ARG G 126 -62.42 -40.04 -9.13
C ARG G 126 -61.75 -41.02 -8.15
N LEU G 127 -62.14 -40.99 -6.88
CA LEU G 127 -61.56 -41.87 -5.83
C LEU G 127 -62.55 -43.01 -5.53
N TYR G 128 -62.04 -44.25 -5.57
CA TYR G 128 -62.77 -45.49 -5.18
C TYR G 128 -62.00 -46.15 -4.03
N VAL G 129 -62.63 -46.30 -2.87
CA VAL G 129 -62.04 -47.02 -1.71
C VAL G 129 -62.82 -48.32 -1.52
N PHE G 130 -62.32 -49.41 -2.09
CA PHE G 130 -62.88 -50.78 -1.96
C PHE G 130 -62.63 -51.26 -0.52
N TYR G 131 -63.65 -51.84 0.11
CA TYR G 131 -63.56 -52.37 1.49
C TYR G 131 -64.50 -53.56 1.64
N THR G 132 -64.33 -54.32 2.72
CA THR G 132 -65.23 -55.43 3.10
C THR G 132 -66.25 -54.91 4.12
N ALA G 133 -67.54 -55.03 3.80
CA ALA G 133 -68.66 -54.77 4.73
C ALA G 133 -68.87 -56.03 5.57
N SER G 134 -68.42 -56.00 6.83
CA SER G 134 -68.60 -57.08 7.83
C SER G 134 -69.83 -56.79 8.66
N GLY G 135 -70.72 -57.78 8.79
CA GLY G 135 -72.06 -57.60 9.39
C GLY G 135 -72.93 -56.65 8.58
N ARG G 136 -73.96 -56.10 9.22
CA ARG G 136 -74.87 -55.05 8.67
C ARG G 136 -74.95 -53.89 9.68
N ALA G 137 -75.03 -52.66 9.17
CA ALA G 137 -74.99 -51.40 9.97
C ALA G 137 -76.02 -51.46 11.11
N GLY G 138 -75.57 -51.18 12.34
CA GLY G 138 -76.43 -51.07 13.54
C GLY G 138 -77.10 -52.39 13.91
N GLU G 139 -76.47 -53.52 13.62
CA GLU G 139 -77.01 -54.88 13.95
C GLU G 139 -77.00 -55.06 15.49
N ALA G 140 -77.93 -55.87 16.00
CA ALA G 140 -78.17 -56.13 17.43
C ALA G 140 -77.00 -56.93 18.01
N GLU G 141 -76.81 -58.17 17.54
CA GLU G 141 -75.63 -59.03 17.85
C GLU G 141 -74.69 -59.04 16.64
N ILE G 142 -73.37 -59.05 16.86
CA ILE G 142 -72.35 -59.04 15.76
C ILE G 142 -72.53 -60.30 14.89
N THR G 143 -72.65 -60.13 13.58
CA THR G 143 -72.66 -61.22 12.56
C THR G 143 -71.33 -61.21 11.82
N TYR G 144 -70.98 -62.29 11.12
CA TYR G 144 -69.70 -62.42 10.37
C TYR G 144 -70.00 -62.54 8.86
N GLU G 145 -71.03 -61.83 8.41
CA GLU G 145 -71.42 -61.74 6.98
C GLU G 145 -70.51 -60.73 6.30
N GLN G 146 -69.85 -61.15 5.22
CA GLN G 146 -68.82 -60.35 4.51
C GLN G 146 -69.29 -60.14 3.07
N ARG G 147 -69.27 -58.89 2.59
CA ARG G 147 -69.63 -58.53 1.20
C ARG G 147 -68.64 -57.47 0.70
N LEU G 148 -68.22 -57.56 -0.57
CA LEU G 148 -67.28 -56.59 -1.17
C LEU G 148 -68.05 -55.31 -1.52
N ALA G 149 -67.70 -54.19 -0.89
CA ALA G 149 -68.37 -52.89 -1.08
C ALA G 149 -67.33 -51.87 -1.59
N VAL G 150 -67.79 -50.68 -2.01
CA VAL G 150 -66.91 -49.55 -2.39
C VAL G 150 -67.52 -48.23 -1.92
N GLY G 151 -66.68 -47.32 -1.42
CA GLY G 151 -67.01 -45.89 -1.22
C GLY G 151 -66.55 -45.04 -2.37
N SER G 152 -67.37 -44.93 -3.42
CA SER G 152 -67.05 -44.17 -4.67
C SER G 152 -67.35 -42.69 -4.51
N GLY G 153 -66.86 -41.88 -5.46
CA GLY G 153 -67.17 -40.45 -5.61
C GLY G 153 -66.45 -39.59 -4.60
N GLY G 154 -65.28 -40.01 -4.11
CA GLY G 154 -64.44 -39.22 -3.19
C GLY G 154 -63.63 -38.17 -3.95
N SER G 155 -63.22 -37.10 -3.27
CA SER G 155 -62.32 -36.04 -3.79
C SER G 155 -61.08 -35.94 -2.90
N VAL G 156 -59.90 -35.87 -3.52
CA VAL G 156 -58.58 -35.82 -2.81
C VAL G 156 -57.97 -34.43 -3.04
N VAL G 157 -57.95 -33.60 -2.00
CA VAL G 157 -57.35 -32.24 -2.02
C VAL G 157 -56.01 -32.30 -1.30
N ALA G 158 -54.93 -31.81 -1.91
CA ALA G 158 -53.59 -31.71 -1.29
C ALA G 158 -53.10 -30.26 -1.35
N ASP G 159 -52.91 -29.62 -0.19
CA ASP G 159 -52.20 -28.32 -0.08
C ASP G 159 -50.74 -28.64 0.27
N ASP G 160 -49.94 -27.63 0.65
CA ASP G 160 -48.56 -27.84 1.13
C ASP G 160 -48.58 -28.20 2.62
N ASP G 161 -49.76 -28.17 3.25
CA ASP G 161 -49.95 -28.41 4.70
C ASP G 161 -50.37 -29.86 4.96
N GLY G 162 -51.08 -30.50 4.02
CA GLY G 162 -51.47 -31.91 4.18
C GLY G 162 -52.41 -32.37 3.09
N VAL G 163 -53.16 -33.44 3.38
CA VAL G 163 -54.15 -34.06 2.44
C VAL G 163 -55.46 -34.22 3.20
N ARG G 164 -56.56 -33.76 2.59
CA ARG G 164 -57.94 -34.00 3.08
C ARG G 164 -58.68 -34.80 2.01
N ILE G 165 -59.42 -35.84 2.42
CA ILE G 165 -60.37 -36.57 1.53
C ILE G 165 -61.77 -36.02 1.82
N GLU G 166 -62.34 -35.32 0.84
CA GLU G 166 -63.57 -34.51 1.06
C GLU G 166 -64.66 -34.96 0.08
N GLY G 167 -65.82 -34.31 0.17
CA GLY G 167 -66.95 -34.48 -0.74
C GLY G 167 -67.90 -35.57 -0.25
N PRO G 168 -69.03 -35.77 -0.96
CA PRO G 168 -70.01 -36.79 -0.58
C PRO G 168 -69.51 -38.19 -0.97
N PHE G 169 -69.70 -39.18 -0.10
CA PHE G 169 -69.30 -40.59 -0.38
C PHE G 169 -70.55 -41.41 -0.74
N ALA G 170 -70.46 -42.17 -1.84
CA ALA G 170 -71.52 -43.07 -2.34
C ALA G 170 -71.09 -44.51 -2.11
N HIS G 171 -71.81 -45.20 -1.22
CA HIS G 171 -71.50 -46.55 -0.69
C HIS G 171 -72.45 -47.57 -1.32
N GLY G 172 -71.92 -48.65 -1.90
CA GLY G 172 -72.73 -49.72 -2.50
C GLY G 172 -72.03 -51.06 -2.44
N VAL G 173 -72.78 -52.14 -2.20
CA VAL G 173 -72.26 -53.54 -2.26
C VAL G 173 -71.94 -53.85 -3.72
N LEU G 174 -70.76 -54.42 -3.98
CA LEU G 174 -70.29 -54.80 -5.34
C LEU G 174 -70.54 -56.29 -5.56
N LEU G 175 -70.14 -57.15 -4.62
CA LEU G 175 -70.18 -58.62 -4.83
C LEU G 175 -70.54 -59.36 -3.55
N GLU G 176 -71.36 -60.40 -3.69
CA GLU G 176 -71.68 -61.40 -2.64
C GLU G 176 -71.49 -62.79 -3.25
N PRO G 177 -71.09 -63.81 -2.46
CA PRO G 177 -70.72 -65.11 -3.03
C PRO G 177 -71.88 -65.76 -3.79
N ASP G 178 -71.60 -66.39 -4.94
CA ASP G 178 -72.59 -67.24 -5.65
C ASP G 178 -72.76 -68.50 -4.76
N GLY G 179 -73.27 -69.60 -5.28
CA GLY G 179 -73.35 -70.86 -4.51
C GLY G 179 -72.42 -71.94 -5.05
N GLU G 180 -71.75 -71.67 -6.16
CA GLU G 180 -71.12 -72.69 -7.05
C GLU G 180 -69.60 -72.54 -6.99
N ARG G 181 -69.09 -71.35 -7.33
CA ARG G 181 -67.63 -71.07 -7.40
C ARG G 181 -67.14 -70.48 -6.07
N TYR G 182 -67.98 -69.76 -5.33
CA TYR G 182 -67.58 -69.10 -4.05
C TYR G 182 -68.58 -69.39 -2.94
N GLU G 183 -68.08 -70.00 -1.86
CA GLU G 183 -68.86 -70.50 -0.70
C GLU G 183 -69.58 -69.32 -0.03
N ARG G 184 -70.88 -69.50 0.28
CA ARG G 184 -71.72 -68.54 1.04
C ARG G 184 -71.66 -68.88 2.54
N GLU G 185 -72.09 -67.96 3.40
CA GLU G 185 -72.12 -68.16 4.88
C GLU G 185 -72.93 -69.43 5.22
N GLU G 186 -74.05 -69.67 4.54
CA GLU G 186 -74.94 -70.85 4.72
C GLU G 186 -74.14 -72.14 4.52
N GLN G 187 -73.32 -72.19 3.46
CA GLN G 187 -72.58 -73.41 3.02
C GLN G 187 -71.37 -73.66 3.95
N SER G 188 -71.02 -72.70 4.81
CA SER G 188 -69.79 -72.71 5.64
C SER G 188 -69.75 -73.94 6.54
N ARG G 189 -68.83 -74.87 6.25
CA ARG G 189 -68.46 -75.99 7.15
C ARG G 189 -67.14 -75.60 7.84
N GLY G 190 -66.82 -76.24 8.96
CA GLY G 190 -65.58 -75.99 9.72
C GLY G 190 -65.56 -74.56 10.25
N MET G 191 -64.53 -73.78 9.91
CA MET G 191 -64.38 -72.38 10.39
C MET G 191 -65.30 -71.45 9.59
N ILE G 192 -65.38 -70.18 10.01
CA ILE G 192 -66.21 -69.11 9.39
C ILE G 192 -65.76 -68.92 7.94
N TYR G 193 -66.72 -68.77 7.03
CA TYR G 193 -66.47 -68.53 5.58
C TYR G 193 -65.74 -67.21 5.40
N THR G 194 -65.10 -67.04 4.24
CA THR G 194 -64.38 -65.81 3.84
C THR G 194 -64.97 -65.30 2.52
N PHE G 195 -65.18 -63.99 2.42
CA PHE G 195 -65.55 -63.29 1.17
C PHE G 195 -65.23 -61.80 1.33
N ARG G 196 -63.94 -61.48 1.27
CA ARG G 196 -63.42 -60.17 1.74
C ARG G 196 -62.15 -59.78 0.98
N ASP G 197 -61.59 -58.61 1.35
CA ASP G 197 -60.27 -58.11 0.89
C ASP G 197 -60.31 -57.90 -0.62
N PRO G 198 -61.19 -57.02 -1.12
CA PRO G 198 -61.24 -56.69 -2.56
C PRO G 198 -60.03 -55.86 -2.97
N TRP G 199 -59.22 -56.38 -3.90
CA TRP G 199 -57.98 -55.72 -4.38
C TRP G 199 -58.14 -55.40 -5.88
N PHE G 200 -58.17 -54.11 -6.23
CA PHE G 200 -58.30 -53.65 -7.64
C PHE G 200 -56.99 -53.93 -8.37
N PHE G 201 -57.08 -54.33 -9.64
CA PHE G 201 -55.93 -54.71 -10.48
C PHE G 201 -56.27 -54.59 -11.97
N GLU G 202 -55.52 -53.71 -12.67
CA GLU G 202 -55.54 -53.62 -14.15
C GLU G 202 -54.40 -54.47 -14.70
N ASP G 203 -54.72 -55.46 -15.54
CA ASP G 203 -53.72 -56.32 -16.23
C ASP G 203 -52.95 -55.44 -17.22
N PRO G 204 -51.63 -55.21 -17.01
CA PRO G 204 -50.86 -54.34 -17.89
C PRO G 204 -50.75 -54.88 -19.32
N ARG G 205 -51.02 -56.18 -19.51
CA ARG G 205 -50.99 -56.86 -20.84
C ARG G 205 -52.34 -56.65 -21.54
N SER G 206 -53.41 -57.25 -21.02
CA SER G 206 -54.76 -57.23 -21.66
C SER G 206 -55.34 -55.81 -21.62
N GLY G 207 -55.03 -55.02 -20.59
CA GLY G 207 -55.72 -53.74 -20.32
C GLY G 207 -57.06 -53.95 -19.63
N LYS G 208 -57.48 -55.21 -19.46
CA LYS G 208 -58.76 -55.57 -18.80
C LYS G 208 -58.66 -55.23 -17.32
N THR G 209 -59.79 -54.92 -16.68
CA THR G 209 -59.87 -54.48 -15.26
C THR G 209 -60.44 -55.64 -14.44
N TYR G 210 -59.74 -56.03 -13.37
CA TYR G 210 -60.13 -57.15 -12.47
C TYR G 210 -60.17 -56.66 -11.03
N LEU G 211 -60.89 -57.42 -10.19
CA LEU G 211 -60.95 -57.23 -8.72
C LEU G 211 -60.73 -58.60 -8.07
N LEU G 212 -59.58 -58.78 -7.43
CA LEU G 212 -59.26 -60.02 -6.67
C LEU G 212 -59.88 -59.92 -5.28
N PHE G 213 -60.16 -61.06 -4.66
CA PHE G 213 -60.70 -61.15 -3.28
C PHE G 213 -60.37 -62.54 -2.71
N GLU G 214 -60.40 -62.62 -1.39
CA GLU G 214 -60.33 -63.90 -0.65
C GLU G 214 -61.74 -64.47 -0.52
N ALA G 215 -61.89 -65.75 -0.86
CA ALA G 215 -63.16 -66.49 -0.75
C ALA G 215 -62.86 -67.92 -0.30
N ASN G 216 -63.91 -68.72 -0.17
CA ASN G 216 -63.84 -70.19 -0.02
C ASN G 216 -64.59 -70.80 -1.20
N THR G 217 -64.10 -71.92 -1.74
CA THR G 217 -64.78 -72.69 -2.81
C THR G 217 -65.59 -73.81 -2.15
N PRO G 218 -66.92 -73.86 -2.37
CA PRO G 218 -67.75 -74.87 -1.70
C PRO G 218 -67.32 -76.29 -2.15
N ILE G 219 -67.24 -77.22 -1.21
CA ILE G 219 -66.98 -78.67 -1.43
C ILE G 219 -68.15 -79.46 -0.86
N PRO G 220 -68.96 -80.15 -1.71
CA PRO G 220 -70.06 -80.98 -1.21
C PRO G 220 -69.53 -82.04 -0.23
N GLU G 221 -70.34 -82.45 0.75
CA GLU G 221 -69.87 -83.32 1.85
C GLU G 221 -69.52 -84.72 1.32
N GLY G 222 -70.39 -85.33 0.50
CA GLY G 222 -70.17 -86.68 -0.03
C GLY G 222 -69.05 -86.73 -1.06
N ALA G 223 -68.50 -85.59 -1.45
CA ALA G 223 -67.78 -85.38 -2.73
C ALA G 223 -66.56 -86.30 -2.82
N GLY G 224 -65.94 -86.62 -1.68
CA GLY G 224 -64.63 -87.31 -1.63
C GLY G 224 -63.56 -86.47 -2.29
N ALA G 225 -63.79 -85.15 -2.38
CA ALA G 225 -62.92 -84.15 -3.05
C ALA G 225 -61.56 -84.12 -2.35
N CYS G 226 -61.47 -84.76 -1.19
CA CYS G 226 -60.24 -84.80 -0.35
C CYS G 226 -60.01 -86.21 0.18
N GLY G 227 -58.75 -86.54 0.51
CA GLY G 227 -58.34 -87.85 1.08
C GLY G 227 -58.77 -88.00 2.53
N ASP G 228 -59.52 -87.03 3.06
CA ASP G 228 -60.14 -87.07 4.42
C ASP G 228 -61.27 -86.04 4.45
N PRO G 229 -62.52 -86.45 4.78
CA PRO G 229 -63.64 -85.52 4.85
C PRO G 229 -63.42 -84.23 5.66
N VAL G 230 -62.66 -84.29 6.76
CA VAL G 230 -62.44 -83.10 7.65
C VAL G 230 -61.61 -82.06 6.88
N TRP G 231 -60.61 -82.52 6.11
CA TRP G 231 -59.69 -81.64 5.34
C TRP G 231 -60.50 -80.73 4.42
N GLU G 232 -61.65 -81.19 3.89
CA GLU G 232 -62.41 -80.41 2.88
C GLU G 232 -63.08 -79.20 3.53
N GLU G 233 -63.06 -79.06 4.86
CA GLU G 233 -63.56 -77.84 5.57
C GLU G 233 -62.64 -76.64 5.30
N PHE G 234 -61.37 -76.92 4.98
CA PHE G 234 -60.31 -75.94 4.65
C PHE G 234 -60.30 -75.71 3.13
N ASN G 235 -61.14 -74.78 2.69
CA ASN G 235 -61.52 -74.57 1.28
C ASN G 235 -61.18 -73.14 0.87
N GLY G 236 -60.04 -72.60 1.32
CA GLY G 236 -59.59 -71.23 1.02
C GLY G 236 -59.28 -71.07 -0.46
N SER G 237 -59.55 -69.92 -1.04
CA SER G 237 -59.38 -69.67 -2.49
C SER G 237 -59.19 -68.17 -2.76
N VAL G 238 -58.49 -67.85 -3.85
CA VAL G 238 -58.35 -66.48 -4.38
C VAL G 238 -59.35 -66.33 -5.52
N GLY G 239 -60.46 -65.64 -5.26
CA GLY G 239 -61.47 -65.34 -6.30
C GLY G 239 -61.08 -64.11 -7.08
N ILE G 240 -61.64 -63.95 -8.26
CA ILE G 240 -61.42 -62.75 -9.14
C ILE G 240 -62.74 -62.43 -9.85
N ALA G 241 -63.00 -61.14 -10.04
CA ALA G 241 -64.14 -60.62 -10.84
C ALA G 241 -63.57 -59.73 -11.95
N HIS G 242 -64.32 -59.58 -13.03
CA HIS G 242 -63.93 -58.79 -14.22
C HIS G 242 -64.95 -57.66 -14.42
N SER G 243 -64.49 -56.49 -14.87
CA SER G 243 -65.34 -55.38 -15.38
C SER G 243 -65.19 -55.29 -16.89
N PRO G 244 -66.22 -55.70 -17.66
CA PRO G 244 -66.16 -55.63 -19.13
C PRO G 244 -65.97 -54.19 -19.62
N THR G 245 -66.66 -53.24 -18.97
CA THR G 245 -66.45 -51.76 -19.08
C THR G 245 -65.19 -51.46 -18.25
N GLY G 246 -64.58 -50.27 -18.27
CA GLY G 246 -63.51 -49.91 -17.33
C GLY G 246 -64.04 -49.69 -15.90
N ASP G 247 -65.35 -49.59 -15.76
CA ASP G 247 -66.02 -49.00 -14.58
C ASP G 247 -65.59 -49.73 -13.33
N PRO G 248 -64.97 -49.05 -12.34
CA PRO G 248 -64.59 -49.69 -11.08
C PRO G 248 -65.76 -50.12 -10.17
N THR G 249 -67.00 -50.05 -10.63
CA THR G 249 -68.21 -50.34 -9.81
C THR G 249 -69.09 -51.42 -10.48
N ASP G 250 -68.70 -51.91 -11.66
CA ASP G 250 -69.46 -52.94 -12.44
C ASP G 250 -68.57 -54.18 -12.57
N TRP G 251 -68.94 -55.27 -11.88
CA TRP G 251 -68.12 -56.51 -11.79
C TRP G 251 -68.98 -57.74 -12.10
N GLU G 252 -68.37 -58.73 -12.73
CA GLU G 252 -68.96 -60.08 -12.96
C GLU G 252 -67.98 -61.11 -12.41
N LEU G 253 -68.47 -62.08 -11.62
CA LEU G 253 -67.62 -63.12 -10.99
C LEU G 253 -67.00 -63.98 -12.09
N CYS G 254 -65.70 -64.30 -11.96
CA CYS G 254 -64.97 -65.26 -12.81
C CYS G 254 -64.61 -66.49 -11.95
N ASP G 255 -64.04 -67.53 -12.57
CA ASP G 255 -63.53 -68.72 -11.86
C ASP G 255 -62.35 -68.31 -10.99
N PRO G 256 -62.14 -68.95 -9.82
CA PRO G 256 -61.08 -68.56 -8.91
C PRO G 256 -59.69 -68.79 -9.53
N LEU G 257 -58.72 -67.94 -9.18
CA LEU G 257 -57.34 -68.00 -9.70
C LEU G 257 -56.62 -69.21 -9.11
N LEU G 258 -56.89 -69.51 -7.84
CA LEU G 258 -56.19 -70.59 -7.10
C LEU G 258 -57.07 -71.07 -5.95
N GLU G 259 -57.00 -72.37 -5.64
CA GLU G 259 -57.73 -73.02 -4.52
C GLU G 259 -56.73 -73.67 -3.57
N GLY G 260 -56.87 -73.44 -2.27
CA GLY G 260 -56.08 -74.13 -1.23
C GLY G 260 -56.92 -75.17 -0.50
N ILE G 261 -57.67 -75.98 -1.25
CA ILE G 261 -58.61 -76.97 -0.66
C ILE G 261 -57.77 -78.11 -0.09
N CYS G 262 -58.12 -78.53 1.12
CA CYS G 262 -57.40 -79.59 1.89
C CYS G 262 -56.10 -79.02 2.50
N VAL G 263 -55.86 -77.71 2.39
CA VAL G 263 -54.57 -77.11 2.82
C VAL G 263 -54.82 -75.95 3.80
N ASN G 264 -55.61 -74.95 3.42
CA ASN G 264 -55.81 -73.75 4.28
C ASN G 264 -57.20 -73.14 4.06
N GLN G 265 -57.80 -72.57 5.11
CA GLN G 265 -59.15 -71.95 5.07
C GLN G 265 -59.03 -70.48 4.66
N GLU G 266 -58.00 -69.77 5.13
CA GLU G 266 -57.85 -68.31 4.93
C GLU G 266 -56.64 -68.03 4.02
N LEU G 267 -56.90 -67.70 2.75
CA LEU G 267 -55.90 -67.15 1.79
C LEU G 267 -56.08 -65.64 1.74
N GLU G 268 -55.55 -64.92 2.72
CA GLU G 268 -55.95 -63.53 3.04
C GLU G 268 -55.23 -62.50 2.15
N ARG G 269 -55.88 -61.35 1.97
CA ARG G 269 -55.37 -60.16 1.25
C ARG G 269 -54.60 -60.60 0.03
N PRO G 270 -55.28 -61.21 -0.97
CA PRO G 270 -54.64 -61.64 -2.19
C PRO G 270 -54.37 -60.42 -3.07
N HIS G 271 -53.26 -60.45 -3.79
CA HIS G 271 -52.80 -59.35 -4.68
C HIS G 271 -51.77 -59.91 -5.66
N VAL G 272 -51.65 -59.26 -6.82
CA VAL G 272 -50.76 -59.68 -7.93
C VAL G 272 -49.71 -58.59 -8.14
N VAL G 273 -48.45 -58.99 -8.23
CA VAL G 273 -47.35 -58.14 -8.73
C VAL G 273 -46.88 -58.75 -10.06
N VAL G 274 -46.90 -57.97 -11.13
CA VAL G 274 -46.41 -58.39 -12.48
C VAL G 274 -44.95 -57.94 -12.58
N ARG G 275 -44.05 -58.86 -12.93
CA ARG G 275 -42.59 -58.60 -12.97
C ARG G 275 -42.01 -59.22 -14.23
N ASN G 276 -41.35 -58.40 -15.06
CA ASN G 276 -40.84 -58.75 -16.41
C ASN G 276 -42.01 -59.33 -17.20
N GLY G 277 -42.20 -60.65 -17.18
CA GLY G 277 -43.24 -61.31 -17.99
C GLY G 277 -44.13 -62.20 -17.16
N PHE G 278 -44.01 -62.17 -15.83
CA PHE G 278 -44.65 -63.16 -14.94
C PHE G 278 -45.59 -62.47 -13.96
N TYR G 279 -46.62 -63.21 -13.58
CA TYR G 279 -47.66 -62.83 -12.60
C TYR G 279 -47.39 -63.57 -11.29
N TYR G 280 -46.98 -62.81 -10.27
CA TYR G 280 -46.79 -63.34 -8.89
C TYR G 280 -48.05 -63.04 -8.10
N LEU G 281 -48.72 -64.09 -7.61
CA LEU G 281 -49.92 -63.99 -6.75
C LEU G 281 -49.49 -64.25 -5.31
N PHE G 282 -49.75 -63.28 -4.43
CA PHE G 282 -49.36 -63.32 -3.00
C PHE G 282 -50.63 -63.37 -2.13
N VAL G 283 -50.59 -64.21 -1.10
CA VAL G 283 -51.65 -64.33 -0.05
C VAL G 283 -50.97 -64.46 1.30
N SER G 284 -51.48 -63.75 2.31
CA SER G 284 -51.10 -63.88 3.73
C SER G 284 -51.96 -64.99 4.35
N SER G 285 -51.39 -65.85 5.21
CA SER G 285 -52.13 -66.96 5.84
C SER G 285 -51.61 -67.21 7.26
N HIS G 286 -52.45 -67.82 8.10
CA HIS G 286 -52.15 -68.13 9.52
C HIS G 286 -51.66 -69.57 9.67
N ASP G 287 -51.04 -69.88 10.79
CA ASP G 287 -50.63 -71.26 11.16
C ASP G 287 -51.87 -72.05 11.59
N HIS G 288 -52.82 -71.38 12.25
CA HIS G 288 -54.03 -72.01 12.84
C HIS G 288 -55.06 -72.31 11.75
N THR G 289 -54.91 -71.74 10.55
CA THR G 289 -55.88 -71.93 9.43
C THR G 289 -55.41 -73.07 8.51
N PHE G 290 -54.32 -73.76 8.86
CA PHE G 290 -53.84 -74.94 8.11
C PHE G 290 -54.67 -76.17 8.47
N ALA G 291 -54.97 -76.99 7.47
CA ALA G 291 -55.66 -78.29 7.63
C ALA G 291 -54.81 -79.19 8.52
N PRO G 292 -55.43 -80.15 9.25
CA PRO G 292 -54.66 -81.08 10.08
C PRO G 292 -53.68 -81.91 9.24
N GLY G 293 -52.56 -82.30 9.85
CA GLY G 293 -51.47 -83.02 9.18
C GLY G 293 -50.49 -82.09 8.49
N LEU G 294 -50.81 -80.79 8.42
CA LEU G 294 -49.93 -79.74 7.85
C LEU G 294 -49.50 -78.78 8.97
N GLU G 295 -48.24 -78.36 8.93
CA GLU G 295 -47.65 -77.41 9.89
C GLU G 295 -46.94 -76.31 9.09
N GLY G 296 -47.55 -75.13 9.03
CA GLY G 296 -46.96 -73.94 8.40
C GLY G 296 -47.08 -72.73 9.31
N PRO G 297 -46.16 -71.75 9.23
CA PRO G 297 -46.22 -70.54 10.06
C PRO G 297 -47.13 -69.44 9.48
N ASP G 298 -47.59 -68.53 10.32
CA ASP G 298 -48.06 -67.19 9.90
C ASP G 298 -47.05 -66.66 8.89
N GLY G 299 -47.47 -66.38 7.65
CA GLY G 299 -46.53 -65.96 6.59
C GLY G 299 -47.21 -65.48 5.33
N LEU G 300 -46.44 -64.84 4.46
CA LEU G 300 -46.83 -64.53 3.06
C LEU G 300 -46.47 -65.72 2.19
N TYR G 301 -47.47 -66.32 1.54
CA TYR G 301 -47.29 -67.41 0.54
C TYR G 301 -47.51 -66.84 -0.84
N GLY G 302 -46.87 -67.45 -1.84
CA GLY G 302 -46.76 -66.87 -3.18
C GLY G 302 -46.74 -67.92 -4.27
N PHE G 303 -47.31 -67.57 -5.41
CA PHE G 303 -47.42 -68.44 -6.61
C PHE G 303 -47.12 -67.59 -7.84
N VAL G 304 -46.73 -68.25 -8.93
CA VAL G 304 -46.26 -67.57 -10.16
C VAL G 304 -46.82 -68.31 -11.38
N ALA G 305 -47.19 -67.56 -12.40
CA ALA G 305 -47.70 -68.06 -13.68
C ALA G 305 -47.32 -67.08 -14.80
N ASP G 306 -47.41 -67.53 -16.05
CA ASP G 306 -47.08 -66.72 -17.25
C ASP G 306 -48.27 -65.84 -17.64
N SER G 307 -49.43 -66.02 -17.02
CA SER G 307 -50.69 -65.29 -17.31
C SER G 307 -51.41 -65.01 -16.00
N LEU G 308 -52.24 -63.96 -15.95
CA LEU G 308 -53.01 -63.57 -14.74
C LEU G 308 -53.89 -64.75 -14.29
N ARG G 309 -54.55 -65.41 -15.24
CA ARG G 309 -55.50 -66.52 -14.97
C ARG G 309 -54.84 -67.85 -15.38
N GLY G 310 -53.52 -67.94 -15.21
CA GLY G 310 -52.71 -69.08 -15.69
C GLY G 310 -52.62 -70.20 -14.66
N GLU G 311 -51.76 -71.19 -14.96
CA GLU G 311 -51.47 -72.36 -14.09
C GLU G 311 -50.45 -71.92 -13.03
N TYR G 312 -50.94 -71.32 -11.95
CA TYR G 312 -50.14 -70.87 -10.79
C TYR G 312 -49.42 -72.07 -10.17
N ARG G 313 -48.13 -71.90 -9.89
CA ARG G 313 -47.28 -72.90 -9.19
C ARG G 313 -46.65 -72.20 -7.99
N PRO G 314 -46.44 -72.91 -6.87
CA PRO G 314 -45.97 -72.27 -5.64
C PRO G 314 -44.50 -71.83 -5.74
N LEU G 315 -44.19 -70.65 -5.21
CA LEU G 315 -42.81 -70.13 -5.07
C LEU G 315 -42.03 -70.99 -4.07
N ASN G 316 -40.74 -71.20 -4.33
CA ASN G 316 -39.82 -71.94 -3.42
C ASN G 316 -40.32 -73.36 -3.19
N GLY G 317 -41.14 -73.91 -4.10
CA GLY G 317 -41.63 -75.30 -4.05
C GLY G 317 -42.78 -75.50 -3.09
N SER G 318 -42.74 -74.89 -1.90
CA SER G 318 -43.75 -75.04 -0.82
C SER G 318 -44.81 -73.92 -0.90
N GLY G 319 -44.42 -72.75 -1.39
CA GLY G 319 -45.29 -71.56 -1.46
C GLY G 319 -44.90 -70.50 -0.46
N LEU G 320 -44.16 -70.88 0.60
CA LEU G 320 -43.71 -69.92 1.65
C LEU G 320 -42.70 -68.95 1.04
N VAL G 321 -43.04 -67.67 1.07
CA VAL G 321 -42.21 -66.57 0.51
C VAL G 321 -41.52 -65.82 1.66
N LEU G 322 -42.26 -65.55 2.73
CA LEU G 322 -41.83 -64.64 3.80
C LEU G 322 -42.53 -65.04 5.09
N THR G 323 -41.81 -65.08 6.22
CA THR G 323 -42.37 -65.47 7.54
C THR G 323 -41.57 -64.85 8.66
N ASN G 324 -42.11 -64.92 9.88
CA ASN G 324 -41.51 -64.41 11.13
C ASN G 324 -40.54 -65.46 11.68
N PRO G 325 -39.52 -65.05 12.47
CA PRO G 325 -38.62 -65.99 13.12
C PRO G 325 -39.34 -66.85 14.15
N ALA G 326 -38.81 -68.04 14.42
CA ALA G 326 -39.38 -69.04 15.36
C ALA G 326 -39.61 -68.41 16.74
N ASN G 327 -38.70 -67.54 17.19
CA ASN G 327 -38.69 -66.97 18.56
C ASN G 327 -39.50 -65.66 18.61
N ALA G 328 -40.23 -65.30 17.55
CA ALA G 328 -41.21 -64.18 17.55
C ALA G 328 -42.23 -64.42 16.44
N PRO G 329 -42.94 -65.56 16.45
CA PRO G 329 -43.59 -66.08 15.26
C PRO G 329 -44.84 -65.31 14.80
N TYR G 330 -45.31 -64.36 15.61
CA TYR G 330 -46.55 -63.59 15.30
C TYR G 330 -46.25 -62.10 15.23
N GLN G 331 -44.99 -61.72 14.97
CA GLN G 331 -44.52 -60.31 15.07
C GLN G 331 -45.10 -59.46 13.93
N ALA G 332 -45.46 -60.08 12.81
CA ALA G 332 -46.03 -59.35 11.64
C ALA G 332 -47.09 -60.21 10.94
N TYR G 333 -48.00 -59.56 10.22
CA TYR G 333 -49.02 -60.20 9.36
C TYR G 333 -49.55 -59.21 8.33
N SER G 334 -50.39 -59.70 7.41
CA SER G 334 -51.15 -58.90 6.42
C SER G 334 -50.16 -58.16 5.50
N TRP G 335 -49.23 -58.92 4.93
CA TRP G 335 -48.18 -58.40 4.02
C TRP G 335 -48.80 -58.08 2.66
N VAL G 336 -48.38 -56.95 2.07
CA VAL G 336 -48.74 -56.49 0.70
C VAL G 336 -47.43 -56.24 -0.05
N ALA G 337 -47.22 -56.96 -1.15
CA ALA G 337 -46.01 -56.87 -2.02
C ALA G 337 -46.28 -55.83 -3.12
N PHE G 338 -45.24 -55.08 -3.49
CA PHE G 338 -45.30 -54.03 -4.54
C PHE G 338 -43.91 -53.83 -5.13
N SER G 339 -43.83 -53.54 -6.43
CA SER G 339 -42.57 -53.47 -7.21
C SER G 339 -41.88 -52.12 -7.00
N HIS G 340 -40.57 -52.15 -6.80
CA HIS G 340 -39.69 -50.96 -6.77
C HIS G 340 -38.45 -51.24 -7.63
N ARG G 341 -38.49 -50.78 -8.88
CA ARG G 341 -37.38 -50.86 -9.86
C ARG G 341 -37.11 -52.35 -10.14
N GLU G 342 -36.12 -52.93 -9.47
CA GLU G 342 -35.71 -54.34 -9.71
C GLU G 342 -35.98 -55.20 -8.47
N GLU G 343 -36.42 -54.56 -7.39
CA GLU G 343 -36.74 -55.24 -6.10
C GLU G 343 -38.25 -55.42 -5.96
N LEU G 344 -38.63 -56.28 -5.02
CA LEU G 344 -40.01 -56.38 -4.47
C LEU G 344 -39.95 -55.91 -3.01
N LEU G 345 -40.78 -54.92 -2.67
CA LEU G 345 -40.95 -54.45 -1.27
C LEU G 345 -42.24 -55.06 -0.72
N VAL G 346 -42.24 -55.36 0.58
CA VAL G 346 -43.35 -56.07 1.26
C VAL G 346 -43.62 -55.34 2.59
N SER G 347 -44.82 -54.80 2.74
CA SER G 347 -45.25 -54.04 3.95
C SER G 347 -46.36 -54.81 4.67
N GLY G 348 -46.05 -55.34 5.86
CA GLY G 348 -47.05 -55.86 6.81
C GLY G 348 -47.28 -54.87 7.94
N PHE G 349 -47.93 -55.31 9.00
CA PHE G 349 -48.12 -54.49 10.24
C PHE G 349 -47.50 -55.25 11.42
N PHE G 350 -47.14 -54.51 12.46
CA PHE G 350 -46.45 -55.03 13.68
C PHE G 350 -47.51 -55.62 14.60
N ASN G 351 -47.57 -56.96 14.70
CA ASN G 351 -48.72 -57.71 15.24
C ASN G 351 -48.51 -58.02 16.73
N TYR G 352 -47.86 -59.14 17.06
CA TYR G 352 -47.78 -59.67 18.45
C TYR G 352 -46.33 -60.06 18.76
N TYR G 353 -45.75 -59.45 19.80
CA TYR G 353 -44.33 -59.64 20.16
C TYR G 353 -44.18 -59.85 21.66
N ASP G 354 -43.02 -60.36 22.08
CA ASP G 354 -42.65 -60.54 23.51
C ASP G 354 -43.61 -61.53 24.16
N LEU G 355 -44.03 -62.57 23.43
CA LEU G 355 -44.91 -63.65 23.96
C LEU G 355 -44.06 -64.57 24.85
N GLY G 356 -42.75 -64.65 24.60
CA GLY G 356 -41.80 -65.50 25.34
C GLY G 356 -42.00 -66.98 25.05
N GLY G 357 -42.95 -67.34 24.17
CA GLY G 357 -43.25 -68.74 23.82
C GLY G 357 -44.73 -69.03 23.78
N LEU G 358 -45.56 -68.15 24.34
CA LEU G 358 -47.04 -68.31 24.44
C LEU G 358 -47.67 -68.47 23.06
N THR G 359 -48.71 -69.31 22.97
CA THR G 359 -49.53 -69.49 21.75
C THR G 359 -50.60 -68.38 21.74
N LEU G 360 -51.27 -68.18 20.60
CA LEU G 360 -52.25 -67.08 20.43
C LEU G 360 -53.42 -67.28 21.39
N ASP G 361 -53.87 -68.50 21.58
CA ASP G 361 -54.98 -68.84 22.51
C ASP G 361 -54.58 -68.43 23.94
N ASP G 362 -53.31 -68.60 24.29
CA ASP G 362 -52.76 -68.25 25.64
C ASP G 362 -52.78 -66.74 25.86
N VAL G 363 -52.66 -65.95 24.79
CA VAL G 363 -52.76 -64.45 24.86
C VAL G 363 -54.26 -64.24 25.15
N ALA G 364 -54.71 -63.08 25.62
CA ALA G 364 -56.15 -62.88 25.95
C ALA G 364 -56.50 -63.55 27.28
N THR G 365 -55.68 -64.47 27.82
CA THR G 365 -55.61 -64.79 29.29
C THR G 365 -55.13 -63.57 30.07
N LEU G 366 -54.16 -62.83 29.52
CA LEU G 366 -53.35 -61.80 30.24
C LEU G 366 -54.26 -60.62 30.63
N SER G 367 -53.84 -59.81 31.59
CA SER G 367 -54.52 -58.54 32.01
C SER G 367 -54.66 -57.64 30.80
N PRO G 368 -55.67 -56.75 30.75
CA PRO G 368 -55.81 -55.80 29.63
C PRO G 368 -54.50 -55.05 29.32
N ASP G 369 -53.82 -54.52 30.34
CA ASP G 369 -52.54 -53.79 30.20
C ASP G 369 -51.49 -54.71 29.55
N GLU G 370 -51.39 -55.96 30.03
CA GLU G 370 -50.37 -56.93 29.54
C GLU G 370 -50.69 -57.33 28.09
N GLN G 371 -51.95 -57.26 27.67
CA GLN G 371 -52.36 -57.59 26.27
C GLN G 371 -51.99 -56.41 25.34
N ARG G 372 -52.35 -55.19 25.72
CA ARG G 372 -52.00 -53.97 24.94
C ARG G 372 -50.49 -53.84 24.81
N ALA G 373 -49.71 -54.24 25.81
CA ALA G 373 -48.24 -54.07 25.84
C ALA G 373 -47.56 -54.99 24.81
N LYS G 374 -48.29 -55.96 24.25
CA LYS G 374 -47.75 -57.06 23.42
C LYS G 374 -48.28 -56.96 22.00
N PHE G 375 -48.84 -55.80 21.65
CA PHE G 375 -49.41 -55.50 20.32
C PHE G 375 -48.80 -54.18 19.82
N GLY G 376 -48.17 -54.24 18.64
CA GLY G 376 -47.57 -53.06 17.97
C GLY G 376 -48.65 -52.08 17.56
N GLY G 377 -49.43 -52.43 16.53
CA GLY G 377 -50.47 -51.56 15.96
C GLY G 377 -49.86 -50.44 15.15
N THR G 378 -48.75 -50.72 14.47
CA THR G 378 -48.05 -49.79 13.55
C THR G 378 -47.62 -50.58 12.31
N LEU G 379 -46.97 -49.91 11.37
CA LEU G 379 -46.40 -50.59 10.17
C LEU G 379 -45.10 -51.27 10.57
N ALA G 380 -44.91 -52.50 10.08
CA ALA G 380 -43.67 -53.30 10.22
C ALA G 380 -42.60 -52.70 9.32
N PRO G 381 -41.30 -52.89 9.64
CA PRO G 381 -40.21 -52.52 8.74
C PRO G 381 -40.38 -53.22 7.38
N THR G 382 -40.51 -52.45 6.30
CA THR G 382 -40.86 -53.01 4.97
C THR G 382 -39.66 -53.81 4.47
N VAL G 383 -39.93 -55.04 4.04
CA VAL G 383 -38.89 -56.03 3.68
C VAL G 383 -38.55 -55.83 2.21
N ARG G 384 -37.26 -55.91 1.88
CA ARG G 384 -36.75 -55.92 0.50
C ARG G 384 -36.49 -57.37 0.12
N VAL G 385 -37.12 -57.85 -0.95
CA VAL G 385 -36.94 -59.24 -1.46
C VAL G 385 -36.58 -59.15 -2.94
N ALA G 386 -35.93 -60.20 -3.44
CA ALA G 386 -35.50 -60.36 -4.85
C ALA G 386 -36.18 -61.61 -5.41
N LEU G 387 -36.95 -61.45 -6.49
CA LEU G 387 -37.61 -62.57 -7.22
C LEU G 387 -36.66 -63.10 -8.31
N SER G 388 -36.65 -64.41 -8.50
CA SER G 388 -35.75 -65.12 -9.44
C SER G 388 -36.51 -66.29 -10.08
N GLY G 389 -37.54 -65.98 -10.89
CA GLY G 389 -38.42 -67.01 -11.45
C GLY G 389 -39.39 -67.50 -10.39
N ASP G 390 -39.35 -68.78 -10.02
CA ASP G 390 -40.24 -69.37 -8.98
C ASP G 390 -39.52 -69.39 -7.63
N ARG G 391 -38.43 -68.63 -7.47
CA ARG G 391 -37.59 -68.60 -6.24
C ARG G 391 -37.54 -67.16 -5.70
N THR G 392 -37.57 -67.00 -4.38
CA THR G 392 -37.49 -65.69 -3.69
C THR G 392 -36.37 -65.70 -2.64
N ARG G 393 -35.93 -64.53 -2.23
CA ARG G 393 -34.86 -64.35 -1.22
C ARG G 393 -35.04 -62.99 -0.55
N ILE G 394 -35.07 -62.97 0.79
CA ILE G 394 -35.04 -61.72 1.61
C ILE G 394 -33.66 -61.09 1.42
N THR G 395 -33.60 -59.81 1.04
CA THR G 395 -32.34 -59.09 0.74
C THR G 395 -32.04 -58.08 1.86
N GLY G 396 -33.06 -57.58 2.55
CA GLY G 396 -32.87 -56.68 3.71
C GLY G 396 -34.18 -56.06 4.13
N THR G 397 -34.11 -54.95 4.87
CA THR G 397 -35.31 -54.20 5.36
C THR G 397 -35.06 -52.70 5.27
N LEU G 398 -36.13 -51.92 5.41
CA LEU G 398 -36.11 -50.45 5.49
C LEU G 398 -36.70 -50.04 6.84
N SER G 399 -36.82 -48.74 7.09
CA SER G 399 -37.50 -48.18 8.29
C SER G 399 -38.94 -48.72 8.37
N HIS G 400 -39.54 -48.59 9.55
CA HIS G 400 -40.94 -49.01 9.82
C HIS G 400 -41.86 -48.35 8.80
N GLY G 401 -42.66 -49.16 8.10
CA GLY G 401 -43.68 -48.69 7.14
C GLY G 401 -43.14 -47.66 6.19
N ARG G 402 -41.96 -47.90 5.60
CA ARG G 402 -41.45 -47.06 4.49
C ARG G 402 -42.09 -47.56 3.20
N ILE G 403 -42.91 -46.74 2.55
CA ILE G 403 -43.48 -47.04 1.21
C ILE G 403 -42.88 -46.04 0.22
N PRO G 404 -41.76 -46.38 -0.46
CA PRO G 404 -41.13 -45.47 -1.40
C PRO G 404 -41.71 -45.57 -2.82
N LEU G 405 -41.58 -44.47 -3.58
CA LEU G 405 -41.89 -44.44 -5.04
C LEU G 405 -40.69 -45.00 -5.80
N GLU G 406 -40.90 -45.36 -7.06
CA GLU G 406 -39.83 -45.89 -7.96
C GLU G 406 -38.80 -44.78 -8.23
N SER G 407 -39.22 -43.51 -8.09
CA SER G 407 -38.36 -42.32 -8.28
C SER G 407 -37.32 -42.19 -7.16
N GLU G 408 -37.39 -43.01 -6.11
CA GLU G 408 -36.53 -42.87 -4.89
C GLU G 408 -35.51 -44.00 -4.83
N GLU G 409 -34.24 -43.66 -4.59
CA GLU G 409 -33.10 -44.62 -4.54
C GLU G 409 -33.01 -45.18 -3.12
N LEU G 410 -32.93 -46.50 -2.99
CA LEU G 410 -32.79 -47.18 -1.67
C LEU G 410 -31.32 -47.48 -1.44
N PRO G 411 -30.86 -47.58 -0.18
CA PRO G 411 -29.47 -47.95 0.12
C PRO G 411 -29.04 -49.29 -0.48
N ASP G 412 -27.75 -49.44 -0.79
CA ASP G 412 -27.16 -50.66 -1.42
C ASP G 412 -26.92 -51.73 -0.36
N LEU G 413 -26.60 -52.95 -0.79
CA LEU G 413 -26.25 -54.09 0.09
C LEU G 413 -24.79 -54.52 -0.17
N ALA H 9 62.57 6.63 -10.27
CA ALA H 9 61.67 5.76 -11.06
C ALA H 9 60.35 6.50 -11.34
N THR H 10 60.41 7.75 -11.81
CA THR H 10 59.26 8.69 -11.90
C THR H 10 58.22 8.15 -12.88
N PRO H 11 56.92 8.08 -12.50
CA PRO H 11 55.87 7.57 -13.38
C PRO H 11 55.84 8.36 -14.68
N ARG H 12 55.66 7.69 -15.82
CA ARG H 12 55.74 8.33 -17.16
C ARG H 12 54.45 8.10 -17.93
N TRP H 13 53.89 9.19 -18.47
CA TRP H 13 52.92 9.18 -19.59
C TRP H 13 53.71 8.90 -20.86
N THR H 14 53.55 7.70 -21.43
CA THR H 14 54.39 7.14 -22.51
C THR H 14 53.77 7.47 -23.87
N ARG H 15 54.56 7.35 -24.93
CA ARG H 15 54.11 7.50 -26.33
C ARG H 15 53.13 6.37 -26.66
N GLU H 16 53.31 5.19 -26.07
CA GLU H 16 52.39 4.03 -26.26
C GLU H 16 50.99 4.43 -25.77
N HIS H 17 50.91 5.22 -24.69
CA HIS H 17 49.63 5.77 -24.16
C HIS H 17 49.05 6.77 -25.17
N ALA H 18 49.81 7.81 -25.50
CA ALA H 18 49.38 8.94 -26.37
C ALA H 18 48.92 8.41 -27.73
N SER H 19 49.55 7.34 -28.24
CA SER H 19 49.20 6.68 -29.52
C SER H 19 47.72 6.29 -29.55
N LYS H 20 47.15 5.97 -28.38
CA LYS H 20 45.77 5.44 -28.25
C LYS H 20 44.75 6.58 -28.09
N ILE H 21 45.21 7.83 -27.94
CA ILE H 21 44.31 9.02 -27.76
C ILE H 21 43.30 9.05 -28.92
N GLU H 22 42.04 9.32 -28.60
CA GLU H 22 40.91 9.19 -29.57
C GLU H 22 39.65 9.73 -28.90
N ARG H 23 38.94 10.62 -29.60
CA ARG H 23 37.61 11.13 -29.16
C ARG H 23 36.63 9.96 -29.04
N THR H 24 35.88 9.89 -27.93
CA THR H 24 34.79 8.91 -27.71
C THR H 24 33.58 9.62 -27.11
N ASP H 25 32.40 9.00 -27.17
CA ASP H 25 31.14 9.55 -26.62
C ASP H 25 31.35 9.89 -25.14
N GLU H 26 32.26 9.19 -24.46
CA GLU H 26 32.48 9.31 -22.99
C GLU H 26 33.45 10.46 -22.66
N THR H 27 34.11 11.07 -23.66
CA THR H 27 35.16 12.11 -23.41
C THR H 27 34.81 13.44 -24.09
N VAL H 28 33.83 13.43 -24.99
CA VAL H 28 33.41 14.62 -25.76
C VAL H 28 32.24 15.31 -25.09
N VAL H 29 32.45 16.59 -24.84
CA VAL H 29 31.60 17.58 -24.14
C VAL H 29 30.69 18.21 -25.18
N PRO H 30 29.48 18.66 -24.85
CA PRO H 30 28.63 19.28 -25.83
C PRO H 30 29.11 20.62 -26.39
N ILE H 31 28.56 21.05 -27.51
CA ILE H 31 28.92 22.37 -28.10
C ILE H 31 28.60 23.44 -27.04
N ILE H 32 29.54 24.37 -26.86
CA ILE H 32 29.38 25.53 -25.95
C ILE H 32 28.87 26.69 -26.79
N TYR H 33 27.74 27.26 -26.40
CA TYR H 33 27.14 28.47 -27.02
C TYR H 33 27.33 29.64 -26.06
N PRO H 34 27.56 30.87 -26.55
CA PRO H 34 27.84 32.01 -25.68
C PRO H 34 26.65 32.26 -24.76
N PRO H 35 26.87 32.72 -23.50
CA PRO H 35 25.77 33.11 -22.63
C PRO H 35 25.10 34.40 -23.13
N ARG H 36 23.82 34.59 -22.78
CA ARG H 36 22.96 35.66 -23.37
C ARG H 36 23.48 37.04 -22.94
N GLU H 37 23.98 37.17 -21.70
CA GLU H 37 24.65 38.40 -21.21
C GLU H 37 25.98 38.04 -20.53
N ASP H 38 26.87 39.02 -20.41
CA ASP H 38 28.22 38.89 -19.80
C ASP H 38 28.18 39.56 -18.43
N ALA H 39 28.70 38.89 -17.39
CA ALA H 39 28.81 39.41 -16.00
C ALA H 39 29.63 40.71 -15.99
N ALA H 40 30.69 40.75 -16.81
CA ALA H 40 31.51 41.95 -17.09
C ALA H 40 31.76 42.03 -18.59
N PRO H 41 30.94 42.78 -19.36
CA PRO H 41 31.17 42.97 -20.79
C PRO H 41 32.56 43.58 -21.06
N GLU H 42 33.10 44.32 -20.07
CA GLU H 42 34.37 45.07 -20.18
C GLU H 42 35.58 44.16 -19.97
N ILE H 43 35.38 42.92 -19.54
CA ILE H 43 36.49 42.02 -19.10
C ILE H 43 36.35 40.65 -19.76
N ASN H 44 37.46 40.12 -20.28
CA ASN H 44 37.59 38.70 -20.70
C ASN H 44 38.25 37.94 -19.55
N GLY H 45 37.70 36.78 -19.20
CA GLY H 45 38.12 35.96 -18.05
C GLY H 45 38.41 34.53 -18.47
N TRP H 46 39.50 33.95 -17.96
CA TRP H 46 39.89 32.55 -18.24
C TRP H 46 40.60 31.97 -17.01
N ASP H 47 41.10 30.74 -17.11
CA ASP H 47 41.91 30.03 -16.08
C ASP H 47 41.39 30.40 -14.69
N THR H 48 40.25 29.84 -14.30
CA THR H 48 39.52 30.15 -13.06
C THR H 48 39.83 29.08 -12.02
N TRP H 49 39.95 29.45 -10.74
CA TRP H 49 40.18 28.52 -9.61
C TRP H 49 39.34 28.94 -8.39
N PHE H 50 39.13 28.03 -7.45
CA PHE H 50 38.17 28.21 -6.33
C PHE H 50 38.93 28.56 -5.05
N LEU H 51 38.35 29.44 -4.24
CA LEU H 51 38.74 29.62 -2.82
C LEU H 51 38.33 28.34 -2.08
N ARG H 52 39.31 27.55 -1.65
CA ARG H 52 39.08 26.26 -0.93
C ARG H 52 39.49 26.42 0.53
N GLU H 53 38.87 25.62 1.40
CA GLU H 53 39.36 25.34 2.77
C GLU H 53 40.59 24.43 2.66
N ARG H 54 41.20 24.08 3.79
CA ARG H 54 42.47 23.32 3.82
C ARG H 54 42.27 21.92 3.21
N ASP H 55 41.15 21.25 3.51
CA ASP H 55 40.85 19.87 3.03
C ASP H 55 40.68 19.88 1.51
N GLY H 56 40.27 21.01 0.94
CA GLY H 56 40.08 21.19 -0.51
C GLY H 56 38.63 21.51 -0.86
N SER H 57 37.69 21.32 0.06
CA SER H 57 36.25 21.65 -0.12
C SER H 57 36.11 23.14 -0.48
N ILE H 58 35.09 23.49 -1.26
CA ILE H 58 34.82 24.90 -1.68
C ILE H 58 34.56 25.70 -0.41
N ALA H 59 35.34 26.76 -0.17
CA ALA H 59 35.18 27.65 1.00
C ALA H 59 33.89 28.45 0.86
N THR H 60 33.22 28.71 1.98
CA THR H 60 31.93 29.45 2.06
C THR H 60 32.05 30.44 3.22
N VAL H 61 32.00 31.75 2.92
CA VAL H 61 32.08 32.86 3.91
C VAL H 61 30.74 33.60 3.89
N GLY H 62 30.01 33.55 5.00
CA GLY H 62 28.70 34.22 5.15
C GLY H 62 27.74 33.87 4.02
N GLY H 63 27.83 32.65 3.47
CA GLY H 63 26.92 32.14 2.44
C GLY H 63 27.43 32.40 1.02
N TRP H 64 28.61 33.01 0.88
CA TRP H 64 29.23 33.33 -0.43
C TRP H 64 30.34 32.33 -0.76
N ARG H 65 30.39 31.87 -2.01
CA ARG H 65 31.57 31.20 -2.59
C ARG H 65 32.42 32.28 -3.25
N VAL H 66 33.74 32.11 -3.23
CA VAL H 66 34.67 33.02 -3.94
C VAL H 66 35.43 32.19 -4.98
N ILE H 67 35.61 32.78 -6.16
CA ILE H 67 36.46 32.21 -7.25
C ILE H 67 37.41 33.31 -7.73
N PHE H 68 38.50 32.88 -8.35
CA PHE H 68 39.55 33.76 -8.93
C PHE H 68 39.69 33.43 -10.41
N SER H 69 39.89 34.47 -11.23
CA SER H 69 40.08 34.33 -12.70
C SER H 69 41.27 35.19 -13.13
N LEU H 70 42.03 34.71 -14.12
CA LEU H 70 42.91 35.57 -14.95
C LEU H 70 41.98 36.44 -15.81
N THR H 71 42.27 37.74 -15.88
CA THR H 71 41.43 38.73 -16.59
C THR H 71 42.30 39.68 -17.39
N ALA H 72 41.76 40.16 -18.51
CA ALA H 72 42.32 41.25 -19.34
C ALA H 72 41.17 42.08 -19.87
N PRO H 73 41.42 43.36 -20.27
CA PRO H 73 40.40 44.15 -20.94
C PRO H 73 39.82 43.45 -22.18
N ALA H 74 38.50 43.52 -22.36
CA ALA H 74 37.76 42.87 -23.46
C ALA H 74 38.21 43.39 -24.83
N ASP H 75 38.52 44.69 -24.92
CA ASP H 75 38.91 45.35 -26.20
C ASP H 75 40.31 44.89 -26.64
N LEU H 76 41.06 44.22 -25.75
CA LEU H 76 42.44 43.74 -26.04
C LEU H 76 42.37 42.47 -26.90
N LEU H 77 43.35 42.27 -27.77
CA LEU H 77 43.45 41.06 -28.64
C LEU H 77 43.57 39.82 -27.76
N PRO H 78 42.78 38.76 -28.00
CA PRO H 78 42.87 37.53 -27.21
C PRO H 78 44.30 36.96 -27.13
N GLY H 79 44.98 36.85 -28.26
CA GLY H 79 46.33 36.25 -28.36
C GLY H 79 47.34 36.91 -27.43
N LYS H 80 47.08 38.15 -26.99
CA LYS H 80 48.04 38.95 -26.18
C LYS H 80 47.61 39.05 -24.70
N ARG H 81 46.46 38.49 -24.32
CA ARG H 81 45.90 38.61 -22.93
C ARG H 81 46.93 38.11 -21.92
N HIS H 82 47.76 37.13 -22.30
CA HIS H 82 48.74 36.47 -21.39
C HIS H 82 49.81 37.46 -20.91
N ASP H 83 50.04 38.55 -21.64
CA ASP H 83 51.13 39.51 -21.34
C ASP H 83 50.67 40.51 -20.27
N VAL H 84 49.36 40.64 -20.01
CA VAL H 84 48.79 41.66 -19.08
C VAL H 84 47.79 41.02 -18.12
N ALA H 85 47.88 39.71 -17.88
CA ALA H 85 46.93 38.95 -17.05
C ALA H 85 46.94 39.53 -15.62
N GLU H 86 45.75 39.78 -15.08
CA GLU H 86 45.55 40.32 -13.71
C GLU H 86 44.52 39.44 -13.00
N ILE H 87 44.76 39.10 -11.74
CA ILE H 87 43.85 38.22 -10.96
C ILE H 87 42.71 39.09 -10.40
N ARG H 88 41.48 38.82 -10.84
CA ARG H 88 40.25 39.37 -10.22
C ARG H 88 39.58 38.25 -9.42
N TYR H 89 38.80 38.62 -8.42
CA TYR H 89 37.96 37.68 -7.64
C TYR H 89 36.49 37.99 -7.92
N PHE H 90 35.67 36.95 -7.89
CA PHE H 90 34.20 37.01 -8.06
C PHE H 90 33.58 36.24 -6.91
N TYR H 91 32.38 36.65 -6.49
CA TYR H 91 31.63 36.01 -5.38
C TYR H 91 30.21 35.73 -5.84
N SER H 92 29.59 34.68 -5.31
CA SER H 92 28.22 34.24 -5.66
C SER H 92 27.56 33.56 -4.45
N ARG H 93 26.25 33.78 -4.29
CA ARG H 93 25.44 33.14 -3.22
C ARG H 93 24.93 31.77 -3.68
N ASP H 94 24.59 31.63 -4.98
CA ASP H 94 23.92 30.42 -5.52
C ASP H 94 24.95 29.50 -6.19
N GLY H 95 25.84 30.03 -7.03
CA GLY H 95 26.82 29.22 -7.77
C GLY H 95 26.78 29.53 -9.25
N GLU H 96 25.82 30.35 -9.68
CA GLU H 96 25.52 30.65 -11.11
C GLU H 96 25.76 32.14 -11.38
N THR H 97 25.16 33.03 -10.58
CA THR H 97 25.19 34.50 -10.79
C THR H 97 26.37 35.10 -10.01
N TRP H 98 27.51 35.26 -10.67
CA TRP H 98 28.77 35.78 -10.06
C TRP H 98 28.83 37.31 -10.16
N PHE H 99 29.27 37.96 -9.08
CA PHE H 99 29.52 39.41 -9.02
C PHE H 99 31.02 39.68 -9.10
N ASP H 100 31.41 40.65 -9.91
CA ASP H 100 32.82 41.09 -10.06
C ASP H 100 33.24 41.79 -8.76
N GLY H 101 34.27 41.25 -8.09
CA GLY H 101 34.84 41.85 -6.87
C GLY H 101 36.01 42.78 -7.18
N GLY H 102 36.42 42.84 -8.45
CA GLY H 102 37.55 43.68 -8.89
C GLY H 102 38.88 42.95 -8.70
N PRO H 103 40.02 43.64 -8.94
CA PRO H 103 41.34 43.03 -8.75
C PRO H 103 41.55 42.62 -7.29
N VAL H 104 42.25 41.51 -7.08
CA VAL H 104 42.54 40.94 -5.73
C VAL H 104 43.67 41.76 -5.12
N PHE H 105 44.66 42.13 -5.93
CA PHE H 105 45.88 42.83 -5.45
C PHE H 105 45.86 44.27 -5.96
N GLU H 106 46.11 45.25 -5.08
CA GLU H 106 46.21 46.69 -5.44
C GLU H 106 47.66 47.15 -5.34
N GLY H 107 48.60 46.24 -4.97
CA GLY H 107 49.92 46.61 -4.42
C GLY H 107 51.05 45.80 -5.05
N GLY H 108 52.10 45.50 -4.27
CA GLY H 108 53.37 44.96 -4.78
C GLY H 108 53.24 43.53 -5.27
N THR H 109 52.51 43.28 -6.35
CA THR H 109 52.36 41.92 -6.95
C THR H 109 53.68 41.55 -7.63
N ARG H 110 54.08 40.28 -7.55
CA ARG H 110 55.33 39.77 -8.17
C ARG H 110 55.10 39.54 -9.67
N GLY H 111 56.11 39.81 -10.48
CA GLY H 111 56.09 39.59 -11.94
C GLY H 111 55.46 40.74 -12.70
N SER H 112 55.83 40.88 -13.97
CA SER H 112 55.22 41.85 -14.93
C SER H 112 53.71 41.58 -15.04
N ARG H 113 53.30 40.32 -14.97
CA ARG H 113 51.86 39.93 -14.88
C ARG H 113 51.74 38.63 -14.06
N GLN H 114 50.51 38.25 -13.71
CA GLN H 114 50.21 37.09 -12.83
C GLN H 114 49.49 36.01 -13.64
N TRP H 115 49.95 34.76 -13.56
CA TRP H 115 49.34 33.57 -14.20
C TRP H 115 48.69 32.68 -13.12
N ALA H 116 47.97 31.65 -13.55
CA ALA H 116 47.02 30.91 -12.70
C ALA H 116 47.72 30.31 -11.48
N GLY H 117 46.95 30.06 -10.42
CA GLY H 117 47.41 29.34 -9.22
C GLY H 117 46.26 28.66 -8.49
N SER H 118 46.08 29.00 -7.22
CA SER H 118 45.04 28.43 -6.32
C SER H 118 44.82 29.38 -5.15
N ALA H 119 43.87 29.07 -4.28
CA ALA H 119 43.44 29.95 -3.16
C ALA H 119 43.11 29.09 -1.95
N LEU H 120 43.60 29.50 -0.78
CA LEU H 120 43.43 28.78 0.50
C LEU H 120 42.91 29.75 1.55
N LEU H 121 41.74 29.44 2.13
CA LEU H 121 41.26 30.04 3.39
C LEU H 121 41.62 29.05 4.51
N ASP H 122 42.72 29.31 5.22
CA ASP H 122 43.29 28.37 6.21
C ASP H 122 42.31 28.22 7.36
N ASP H 123 42.51 27.22 8.22
CA ASP H 123 41.68 27.00 9.45
C ASP H 123 41.74 28.25 10.34
N ASP H 124 42.90 28.91 10.40
CA ASP H 124 43.15 30.10 11.26
C ASP H 124 42.47 31.35 10.67
N GLY H 125 41.91 31.27 9.46
CA GLY H 125 41.19 32.39 8.82
C GLY H 125 42.08 33.23 7.92
N ARG H 126 43.39 32.95 7.88
CA ARG H 126 44.37 33.66 7.02
C ARG H 126 44.12 33.31 5.55
N LEU H 127 44.20 34.28 4.64
CA LEU H 127 43.99 34.05 3.19
C LEU H 127 45.35 33.97 2.46
N TYR H 128 45.55 32.92 1.68
CA TYR H 128 46.72 32.72 0.79
C TYR H 128 46.22 32.59 -0.65
N VAL H 129 46.62 33.49 -1.54
CA VAL H 129 46.31 33.40 -3.00
C VAL H 129 47.61 33.07 -3.74
N PHE H 130 47.85 31.79 -4.01
CA PHE H 130 49.00 31.28 -4.79
C PHE H 130 48.81 31.67 -6.25
N TYR H 131 49.85 32.20 -6.88
CA TYR H 131 49.83 32.62 -8.31
C TYR H 131 51.21 32.42 -8.92
N THR H 132 51.28 32.48 -10.24
CA THR H 132 52.55 32.44 -11.01
C THR H 132 52.96 33.89 -11.31
N ALA H 133 54.16 34.28 -10.88
CA ALA H 133 54.82 35.55 -11.23
C ALA H 133 55.52 35.35 -12.59
N SER H 134 54.91 35.88 -13.66
CA SER H 134 55.47 35.86 -15.04
C SER H 134 56.22 37.16 -15.29
N GLY H 135 57.45 37.05 -15.79
CA GLY H 135 58.41 38.18 -15.92
C GLY H 135 58.78 38.74 -14.56
N ARG H 136 59.26 39.99 -14.55
CA ARG H 136 59.60 40.76 -13.33
C ARG H 136 58.92 42.13 -13.42
N ALA H 137 58.44 42.66 -12.30
CA ALA H 137 57.65 43.91 -12.21
C ALA H 137 58.40 45.05 -12.91
N GLY H 138 57.72 45.77 -13.81
CA GLY H 138 58.25 46.96 -14.52
C GLY H 138 59.44 46.64 -15.42
N GLU H 139 59.48 45.43 -15.99
CA GLU H 139 60.52 45.02 -16.99
C GLU H 139 60.31 45.83 -18.28
N ALA H 140 61.40 46.06 -19.03
CA ALA H 140 61.43 46.88 -20.27
C ALA H 140 60.70 46.14 -21.39
N GLU H 141 61.23 44.99 -21.80
CA GLU H 141 60.61 44.04 -22.77
C GLU H 141 60.07 42.83 -21.99
N ILE H 142 58.93 42.27 -22.42
CA ILE H 142 58.29 41.10 -21.73
C ILE H 142 59.26 39.91 -21.75
N THR H 143 59.50 39.30 -20.58
CA THR H 143 60.25 38.04 -20.40
C THR H 143 59.24 36.93 -20.06
N TYR H 144 59.64 35.65 -20.19
CA TYR H 144 58.75 34.50 -19.90
C TYR H 144 59.30 33.69 -18.71
N GLU H 145 59.86 34.41 -17.74
CA GLU H 145 60.38 33.84 -16.47
C GLU H 145 59.19 33.61 -15.53
N GLN H 146 59.02 32.38 -15.06
CA GLN H 146 57.87 31.95 -14.23
C GLN H 146 58.39 31.47 -12.87
N ARG H 147 57.81 31.99 -11.78
CA ARG H 147 58.16 31.60 -10.39
C ARG H 147 56.86 31.48 -9.59
N LEU H 148 56.75 30.48 -8.71
CA LEU H 148 55.55 30.27 -7.85
C LEU H 148 55.61 31.26 -6.69
N ALA H 149 54.64 32.17 -6.63
CA ALA H 149 54.55 33.23 -5.60
C ALA H 149 53.24 33.06 -4.83
N VAL H 150 53.09 33.79 -3.72
CA VAL H 150 51.81 33.84 -2.95
C VAL H 150 51.58 35.28 -2.45
N GLY H 151 50.32 35.72 -2.49
CA GLY H 151 49.82 36.92 -1.78
C GLY H 151 49.20 36.55 -0.44
N SER H 152 50.01 36.43 0.63
CA SER H 152 49.55 36.04 1.99
C SER H 152 49.01 37.25 2.76
N GLY H 153 48.32 37.00 3.87
CA GLY H 153 47.84 38.02 4.82
C GLY H 153 46.66 38.84 4.30
N GLY H 154 45.83 38.21 3.46
CA GLY H 154 44.55 38.80 3.00
C GLY H 154 43.46 38.64 4.06
N SER H 155 42.47 39.54 4.05
CA SER H 155 41.28 39.48 4.93
C SER H 155 40.02 39.46 4.05
N VAL H 156 39.09 38.55 4.36
CA VAL H 156 37.84 38.32 3.59
C VAL H 156 36.66 38.78 4.45
N VAL H 157 36.04 39.89 4.07
CA VAL H 157 34.83 40.45 4.74
C VAL H 157 33.62 40.12 3.85
N ALA H 158 32.57 39.53 4.43
CA ALA H 158 31.30 39.27 3.74
C ALA H 158 30.15 39.90 4.52
N ASP H 159 29.46 40.89 3.94
CA ASP H 159 28.17 41.42 4.45
C ASP H 159 27.06 40.67 3.71
N ASP H 160 25.81 41.11 3.84
CA ASP H 160 24.66 40.56 3.08
C ASP H 160 24.60 41.20 1.69
N ASP H 161 25.47 42.19 1.43
CA ASP H 161 25.51 42.98 0.17
C ASP H 161 26.57 42.43 -0.79
N GLY H 162 27.65 41.85 -0.28
CA GLY H 162 28.70 41.24 -1.14
C GLY H 162 29.91 40.79 -0.36
N VAL H 163 31.04 40.65 -1.06
CA VAL H 163 32.33 40.21 -0.48
C VAL H 163 33.41 41.19 -0.92
N ARG H 164 34.20 41.70 0.02
CA ARG H 164 35.40 42.53 -0.24
C ARG H 164 36.62 41.78 0.32
N ILE H 165 37.69 41.71 -0.46
CA ILE H 165 39.02 41.20 0.00
C ILE H 165 39.87 42.42 0.33
N GLU H 166 40.17 42.62 1.62
CA GLU H 166 40.73 43.89 2.13
C GLU H 166 42.05 43.59 2.87
N GLY H 167 42.66 44.68 3.36
CA GLY H 167 43.88 44.63 4.18
C GLY H 167 45.11 44.75 3.30
N PRO H 168 46.30 44.90 3.94
CA PRO H 168 47.57 44.88 3.20
C PRO H 168 47.92 43.45 2.79
N PHE H 169 48.43 43.26 1.57
CA PHE H 169 48.88 41.95 1.07
C PHE H 169 50.40 41.86 1.12
N ALA H 170 50.91 40.72 1.59
CA ALA H 170 52.36 40.40 1.67
C ALA H 170 52.72 39.35 0.59
N HIS H 171 53.52 39.79 -0.37
CA HIS H 171 53.87 39.05 -1.62
C HIS H 171 55.29 38.51 -1.53
N GLY H 172 55.49 37.21 -1.76
CA GLY H 172 56.83 36.57 -1.72
C GLY H 172 56.92 35.43 -2.71
N VAL H 173 58.06 35.27 -3.36
CA VAL H 173 58.37 34.09 -4.23
C VAL H 173 58.48 32.87 -3.32
N LEU H 174 57.83 31.76 -3.69
CA LEU H 174 57.85 30.49 -2.92
C LEU H 174 58.87 29.54 -3.55
N LEU H 175 58.83 29.33 -4.87
CA LEU H 175 59.67 28.32 -5.55
C LEU H 175 60.13 28.80 -6.92
N GLU H 176 61.38 28.48 -7.26
CA GLU H 176 61.99 28.62 -8.61
C GLU H 176 62.66 27.30 -8.96
N PRO H 177 62.71 26.89 -10.25
CA PRO H 177 63.18 25.56 -10.62
C PRO H 177 64.62 25.30 -10.15
N ASP H 178 64.87 24.09 -9.64
CA ASP H 178 66.16 23.71 -9.01
C ASP H 178 67.23 23.56 -10.10
N GLY H 179 66.92 22.91 -11.22
CA GLY H 179 67.87 22.68 -12.32
C GLY H 179 68.21 21.20 -12.48
N GLU H 180 67.79 20.36 -11.54
CA GLU H 180 68.06 18.90 -11.53
C GLU H 180 66.76 18.13 -11.81
N ARG H 181 65.73 18.36 -10.99
CA ARG H 181 64.41 17.68 -11.11
C ARG H 181 63.45 18.55 -11.93
N TYR H 182 63.63 19.89 -11.95
CA TYR H 182 62.74 20.82 -12.68
C TYR H 182 63.56 21.80 -13.53
N GLU H 183 63.28 21.79 -14.83
CA GLU H 183 64.01 22.54 -15.89
C GLU H 183 63.89 24.04 -15.62
N ARG H 184 65.02 24.76 -15.72
CA ARG H 184 65.09 26.25 -15.61
C ARG H 184 64.99 26.86 -17.01
N GLU H 185 64.73 28.17 -17.09
CA GLU H 185 64.62 28.91 -18.37
C GLU H 185 65.90 28.73 -19.20
N GLU H 186 67.08 28.75 -18.55
CA GLU H 186 68.40 28.58 -19.21
C GLU H 186 68.45 27.24 -19.95
N GLN H 187 67.96 26.18 -19.31
CA GLN H 187 68.04 24.78 -19.80
C GLN H 187 67.03 24.53 -20.92
N SER H 188 66.07 25.46 -21.12
CA SER H 188 64.90 25.30 -22.03
C SER H 188 65.37 25.03 -23.45
N ARG H 189 65.15 23.79 -23.93
CA ARG H 189 65.29 23.41 -25.35
C ARG H 189 63.88 23.38 -25.95
N GLY H 190 63.78 23.49 -27.28
CA GLY H 190 62.50 23.49 -28.00
C GLY H 190 61.63 24.68 -27.60
N MET H 191 60.42 24.42 -27.11
CA MET H 191 59.46 25.49 -26.71
C MET H 191 59.84 26.06 -25.33
N ILE H 192 59.17 27.15 -24.95
CA ILE H 192 59.40 27.91 -23.69
C ILE H 192 59.17 26.96 -22.51
N TYR H 193 60.05 27.02 -21.50
CA TYR H 193 59.95 26.20 -20.26
C TYR H 193 58.68 26.57 -19.50
N THR H 194 58.25 25.68 -18.61
CA THR H 194 57.08 25.86 -17.73
C THR H 194 57.53 25.70 -16.27
N PHE H 195 57.04 26.59 -15.40
CA PHE H 195 57.20 26.49 -13.93
C PHE H 195 56.13 27.36 -13.26
N ARG H 196 54.88 26.89 -13.28
CA ARG H 196 53.70 27.73 -13.01
C ARG H 196 52.55 26.89 -12.43
N ASP H 197 51.42 27.57 -12.17
CA ASP H 197 50.13 26.96 -11.78
C ASP H 197 50.30 26.22 -10.45
N PRO H 198 50.67 26.94 -9.37
CA PRO H 198 50.78 26.34 -8.04
C PRO H 198 49.40 26.02 -7.45
N TRP H 199 49.15 24.74 -7.17
CA TRP H 199 47.86 24.25 -6.65
C TRP H 199 48.07 23.66 -5.26
N PHE H 200 47.49 24.29 -4.23
CA PHE H 200 47.59 23.83 -2.82
C PHE H 200 46.75 22.57 -2.66
N PHE H 201 47.26 21.62 -1.85
CA PHE H 201 46.63 20.29 -1.64
C PHE H 201 47.10 19.68 -0.31
N GLU H 202 46.13 19.45 0.59
CA GLU H 202 46.33 18.65 1.83
C GLU H 202 45.91 17.22 1.55
N ASP H 203 46.83 16.26 1.72
CA ASP H 203 46.54 14.81 1.58
C ASP H 203 45.61 14.40 2.72
N PRO H 204 44.35 14.01 2.41
CA PRO H 204 43.39 13.66 3.46
C PRO H 204 43.81 12.42 4.28
N ARG H 205 44.74 11.62 3.74
CA ARG H 205 45.28 10.41 4.41
C ARG H 205 46.42 10.82 5.36
N SER H 206 47.55 11.28 4.81
CA SER H 206 48.77 11.60 5.60
C SER H 206 48.52 12.83 6.49
N GLY H 207 47.69 13.78 6.05
CA GLY H 207 47.55 15.11 6.70
C GLY H 207 48.68 16.05 6.29
N LYS H 208 49.67 15.54 5.52
CA LYS H 208 50.82 16.34 5.04
C LYS H 208 50.32 17.38 4.03
N THR H 209 51.01 18.51 3.93
CA THR H 209 50.62 19.65 3.07
C THR H 209 51.55 19.67 1.86
N TYR H 210 50.98 19.71 0.65
CA TYR H 210 51.74 19.71 -0.63
C TYR H 210 51.28 20.89 -1.49
N LEU H 211 52.14 21.25 -2.45
CA LEU H 211 51.85 22.26 -3.50
C LEU H 211 52.26 21.66 -4.85
N LEU H 212 51.28 21.33 -5.68
CA LEU H 212 51.52 20.82 -7.06
C LEU H 212 51.76 22.01 -7.98
N PHE H 213 52.47 21.78 -9.08
CA PHE H 213 52.76 22.80 -10.11
C PHE H 213 53.10 22.09 -11.42
N GLU H 214 52.95 22.83 -12.53
CA GLU H 214 53.44 22.40 -13.86
C GLU H 214 54.89 22.82 -14.01
N ALA H 215 55.74 21.89 -14.44
CA ALA H 215 57.17 22.13 -14.71
C ALA H 215 57.58 21.34 -15.94
N ASN H 216 58.86 21.44 -16.28
CA ASN H 216 59.55 20.56 -17.26
C ASN H 216 60.69 19.87 -16.52
N THR H 217 60.97 18.61 -16.82
CA THR H 217 62.12 17.85 -16.26
C THR H 217 63.28 17.94 -17.23
N PRO H 218 64.45 18.47 -16.82
CA PRO H 218 65.55 18.70 -17.75
C PRO H 218 66.04 17.37 -18.35
N ILE H 219 66.29 17.39 -19.66
CA ILE H 219 66.91 16.27 -20.43
C ILE H 219 68.18 16.82 -21.08
N PRO H 220 69.38 16.33 -20.67
CA PRO H 220 70.63 16.76 -21.27
C PRO H 220 70.61 16.55 -22.79
N GLU H 221 71.31 17.42 -23.54
CA GLU H 221 71.47 17.28 -25.01
C GLU H 221 72.26 15.99 -25.26
N GLY H 222 71.84 15.22 -26.25
CA GLY H 222 72.47 13.96 -26.65
C GLY H 222 72.36 12.88 -25.60
N ALA H 223 71.49 13.08 -24.59
CA ALA H 223 71.21 12.11 -23.51
C ALA H 223 70.76 10.76 -24.08
N GLY H 224 70.13 10.75 -25.26
CA GLY H 224 69.46 9.59 -25.83
C GLY H 224 68.30 9.15 -24.94
N ALA H 225 67.81 10.06 -24.08
CA ALA H 225 66.73 9.84 -23.10
C ALA H 225 65.44 9.48 -23.84
N CYS H 226 65.43 9.65 -25.17
CA CYS H 226 64.27 9.42 -26.04
C CYS H 226 64.71 8.69 -27.32
N GLY H 227 63.77 8.00 -27.99
CA GLY H 227 63.98 7.29 -29.26
C GLY H 227 64.13 8.23 -30.44
N ASP H 228 64.17 9.55 -30.18
CA ASP H 228 64.47 10.61 -31.18
C ASP H 228 64.89 11.86 -30.42
N PRO H 229 66.10 12.42 -30.68
CA PRO H 229 66.54 13.65 -30.00
C PRO H 229 65.54 14.82 -29.96
N VAL H 230 64.75 15.02 -31.01
CA VAL H 230 63.78 16.18 -31.07
C VAL H 230 62.69 15.96 -30.01
N TRP H 231 62.23 14.72 -29.84
CA TRP H 231 61.15 14.34 -28.90
C TRP H 231 61.52 14.80 -27.49
N GLU H 232 62.81 14.80 -27.12
CA GLU H 232 63.25 15.09 -25.73
C GLU H 232 63.03 16.59 -25.40
N GLU H 233 62.71 17.43 -26.39
CA GLU H 233 62.36 18.87 -26.16
C GLU H 233 61.02 18.98 -25.43
N PHE H 234 60.16 17.97 -25.59
CA PHE H 234 58.82 17.86 -24.97
C PHE H 234 58.95 17.11 -23.63
N ASN H 235 59.30 17.84 -22.57
CA ASN H 235 59.65 17.27 -21.25
C ASN H 235 58.71 17.84 -20.17
N GLY H 236 57.41 17.90 -20.46
CA GLY H 236 56.37 18.34 -19.52
C GLY H 236 56.26 17.41 -18.33
N SER H 237 55.98 17.95 -17.14
CA SER H 237 55.94 17.16 -15.89
C SER H 237 55.05 17.87 -14.86
N VAL H 238 54.46 17.09 -13.95
CA VAL H 238 53.72 17.61 -12.77
C VAL H 238 54.67 17.53 -11.58
N GLY H 239 55.21 18.67 -11.17
CA GLY H 239 56.07 18.77 -9.98
C GLY H 239 55.22 18.91 -8.73
N ILE H 240 55.82 18.60 -7.57
CA ILE H 240 55.16 18.74 -6.24
C ILE H 240 56.21 19.19 -5.23
N ALA H 241 55.81 20.04 -4.28
CA ALA H 241 56.63 20.47 -3.13
C ALA H 241 55.87 20.10 -1.85
N HIS H 242 56.62 19.96 -0.75
CA HIS H 242 56.08 19.56 0.58
C HIS H 242 56.38 20.68 1.59
N SER H 243 55.46 20.94 2.51
CA SER H 243 55.67 21.78 3.71
C SER H 243 55.74 20.88 4.94
N PRO H 244 56.92 20.68 5.56
CA PRO H 244 57.03 19.87 6.76
C PRO H 244 56.19 20.44 7.91
N THR H 245 56.20 21.77 8.05
CA THR H 245 55.48 22.54 9.10
C THR H 245 53.99 22.65 8.77
N GLY H 246 53.60 22.53 7.50
CA GLY H 246 52.21 22.75 7.07
C GLY H 246 51.92 24.22 6.84
N ASP H 247 52.83 25.11 7.23
CA ASP H 247 52.84 26.55 6.84
C ASP H 247 52.65 26.65 5.33
N PRO H 248 51.61 27.34 4.82
CA PRO H 248 51.42 27.51 3.38
C PRO H 248 52.46 28.39 2.65
N THR H 249 53.55 28.79 3.32
CA THR H 249 54.59 29.68 2.76
C THR H 249 55.98 29.04 2.83
N ASP H 250 56.12 27.84 3.41
CA ASP H 250 57.41 27.13 3.58
C ASP H 250 57.34 25.82 2.80
N TRP H 251 58.10 25.71 1.70
CA TRP H 251 58.03 24.55 0.77
C TRP H 251 59.42 24.02 0.46
N GLU H 252 59.53 22.71 0.28
CA GLU H 252 60.75 22.01 -0.19
C GLU H 252 60.37 21.17 -1.41
N LEU H 253 61.14 21.27 -2.50
CA LEU H 253 60.86 20.54 -3.75
C LEU H 253 60.95 19.04 -3.48
N CYS H 254 60.02 18.27 -4.04
CA CYS H 254 60.03 16.78 -4.07
C CYS H 254 60.22 16.31 -5.52
N ASP H 255 60.38 15.01 -5.73
CA ASP H 255 60.46 14.40 -7.09
C ASP H 255 59.11 14.58 -7.79
N PRO H 256 59.09 14.75 -9.12
CA PRO H 256 57.84 15.00 -9.85
C PRO H 256 56.90 13.78 -9.77
N LEU H 257 55.60 14.03 -9.77
CA LEU H 257 54.54 12.99 -9.65
C LEU H 257 54.48 12.17 -10.92
N LEU H 258 54.61 12.83 -12.07
CA LEU H 258 54.49 12.15 -13.38
C LEU H 258 55.09 13.04 -14.47
N GLU H 259 55.79 12.42 -15.44
CA GLU H 259 56.46 13.12 -16.55
C GLU H 259 55.91 12.66 -17.90
N GLY H 260 55.68 13.63 -18.79
CA GLY H 260 55.26 13.37 -20.18
C GLY H 260 56.41 13.59 -21.14
N ILE H 261 57.59 13.04 -20.84
CA ILE H 261 58.81 13.23 -21.68
C ILE H 261 58.61 12.42 -22.97
N CYS H 262 58.91 13.03 -24.11
CA CYS H 262 58.71 12.46 -25.46
C CYS H 262 57.23 12.49 -25.86
N VAL H 263 56.37 13.13 -25.07
CA VAL H 263 54.89 13.12 -25.32
C VAL H 263 54.34 14.55 -25.38
N ASN H 264 54.56 15.38 -24.36
CA ASN H 264 53.96 16.74 -24.31
C ASN H 264 54.84 17.70 -23.50
N GLN H 265 54.87 18.98 -23.89
CA GLN H 265 55.69 20.04 -23.24
C GLN H 265 54.89 20.65 -22.08
N GLU H 266 53.58 20.85 -22.27
CA GLU H 266 52.72 21.60 -21.30
C GLU H 266 51.72 20.64 -20.66
N LEU H 267 51.97 20.23 -19.40
CA LEU H 267 51.00 19.52 -18.53
C LEU H 267 50.38 20.54 -17.58
N GLU H 268 49.40 21.30 -18.07
CA GLU H 268 48.96 22.58 -17.44
C GLU H 268 47.97 22.35 -16.29
N ARG H 269 47.95 23.31 -15.36
CA ARG H 269 47.01 23.39 -14.21
C ARG H 269 46.80 22.00 -13.64
N PRO H 270 47.86 21.38 -13.07
CA PRO H 270 47.74 20.06 -12.46
C PRO H 270 47.02 20.21 -11.11
N HIS H 271 46.24 19.20 -10.77
CA HIS H 271 45.44 19.15 -9.53
C HIS H 271 45.03 17.70 -9.26
N VAL H 272 44.80 17.38 -7.99
CA VAL H 272 44.44 16.01 -7.52
C VAL H 272 43.04 16.07 -6.93
N VAL H 273 42.20 15.12 -7.34
CA VAL H 273 40.91 14.83 -6.67
C VAL H 273 41.05 13.43 -6.06
N VAL H 274 40.85 13.32 -4.74
CA VAL H 274 40.87 12.03 -4.00
C VAL H 274 39.43 11.53 -3.95
N ARG H 275 39.20 10.29 -4.37
CA ARG H 275 37.85 9.69 -4.42
C ARG H 275 37.91 8.29 -3.81
N ASN H 276 37.15 8.11 -2.71
CA ASN H 276 37.13 6.89 -1.88
C ASN H 276 38.56 6.60 -1.44
N GLY H 277 39.31 5.81 -2.21
CA GLY H 277 40.68 5.39 -1.81
C GLY H 277 41.74 5.76 -2.83
N PHE H 278 41.37 6.48 -3.89
CA PHE H 278 42.23 6.66 -5.07
C PHE H 278 42.51 8.15 -5.32
N TYR H 279 43.71 8.40 -5.84
CA TYR H 279 44.24 9.74 -6.21
C TYR H 279 44.16 9.88 -7.72
N TYR H 280 43.27 10.75 -8.19
CA TYR H 280 43.14 11.12 -9.61
C TYR H 280 43.93 12.41 -9.83
N LEU H 281 44.94 12.35 -10.69
CA LEU H 281 45.77 13.53 -11.10
C LEU H 281 45.30 13.98 -12.47
N PHE H 282 44.87 15.25 -12.57
CA PHE H 282 44.33 15.85 -13.81
C PHE H 282 45.25 16.97 -14.27
N VAL H 283 45.48 17.02 -15.59
CA VAL H 283 46.26 18.10 -16.28
C VAL H 283 45.54 18.45 -17.57
N SER H 284 45.44 19.75 -17.86
CA SER H 284 44.97 20.30 -19.15
C SER H 284 46.16 20.38 -20.11
N SER H 285 45.99 20.04 -21.39
CA SER H 285 47.08 20.08 -22.39
C SER H 285 46.55 20.49 -23.76
N HIS H 286 47.43 21.01 -24.61
CA HIS H 286 47.11 21.49 -25.98
C HIS H 286 47.42 20.41 -27.01
N ASP H 287 46.87 20.55 -28.21
CA ASP H 287 47.19 19.68 -29.37
C ASP H 287 48.57 20.06 -29.92
N HIS H 288 48.91 21.35 -29.88
CA HIS H 288 50.16 21.92 -30.47
C HIS H 288 51.36 21.61 -29.57
N THR H 289 51.14 21.20 -28.32
CA THR H 289 52.21 20.91 -27.34
C THR H 289 52.57 19.42 -27.35
N PHE H 290 51.96 18.64 -28.24
CA PHE H 290 52.27 17.20 -28.41
C PHE H 290 53.55 17.05 -29.24
N ALA H 291 54.41 16.11 -28.86
CA ALA H 291 55.63 15.73 -29.60
C ALA H 291 55.23 15.25 -30.99
N PRO H 292 56.11 15.38 -32.01
CA PRO H 292 55.82 14.88 -33.34
C PRO H 292 55.58 13.37 -33.33
N GLY H 293 54.75 12.88 -34.26
CA GLY H 293 54.34 11.46 -34.32
C GLY H 293 53.11 11.19 -33.48
N LEU H 294 52.71 12.14 -32.62
CA LEU H 294 51.53 12.03 -31.73
C LEU H 294 50.49 13.06 -32.14
N GLU H 295 49.21 12.66 -32.10
CA GLU H 295 48.06 13.52 -32.48
C GLU H 295 47.02 13.42 -31.35
N GLY H 296 46.93 14.44 -30.51
CA GLY H 296 45.92 14.52 -29.43
C GLY H 296 45.25 15.88 -29.44
N PRO H 297 43.97 15.99 -29.00
CA PRO H 297 43.28 17.28 -28.95
C PRO H 297 43.56 18.09 -27.69
N ASP H 298 43.34 19.40 -27.76
CA ASP H 298 43.12 20.24 -26.55
C ASP H 298 42.15 19.48 -25.64
N GLY H 299 42.57 19.15 -24.41
CA GLY H 299 41.73 18.34 -23.51
C GLY H 299 42.25 18.26 -22.10
N LEU H 300 41.42 17.75 -21.19
CA LEU H 300 41.81 17.36 -19.83
C LEU H 300 42.25 15.89 -19.87
N TYR H 301 43.51 15.63 -19.51
CA TYR H 301 44.08 14.28 -19.38
C TYR H 301 44.21 13.94 -17.90
N GLY H 302 44.15 12.65 -17.58
CA GLY H 302 43.99 12.18 -16.19
C GLY H 302 44.70 10.88 -15.94
N PHE H 303 45.19 10.71 -14.72
CA PHE H 303 45.91 9.51 -14.24
C PHE H 303 45.43 9.19 -12.83
N VAL H 304 45.62 7.93 -12.42
CA VAL H 304 45.09 7.42 -11.14
C VAL H 304 46.13 6.51 -10.49
N ALA H 305 46.22 6.60 -9.16
CA ALA H 305 47.11 5.77 -8.32
C ALA H 305 46.47 5.56 -6.95
N ASP H 306 46.98 4.59 -6.20
CA ASP H 306 46.51 4.23 -4.84
C ASP H 306 47.13 5.17 -3.80
N SER H 307 48.10 5.99 -4.19
CA SER H 307 48.84 6.91 -3.30
C SER H 307 49.08 8.24 -4.04
N LEU H 308 49.24 9.34 -3.30
CA LEU H 308 49.49 10.68 -3.89
C LEU H 308 50.76 10.64 -4.75
N ARG H 309 51.82 9.99 -4.25
CA ARG H 309 53.14 9.90 -4.93
C ARG H 309 53.32 8.49 -5.51
N GLY H 310 52.23 7.87 -5.94
CA GLY H 310 52.20 6.46 -6.37
C GLY H 310 52.52 6.28 -7.84
N GLU H 311 52.35 5.04 -8.33
CA GLU H 311 52.54 4.66 -9.76
C GLU H 311 51.29 5.05 -10.54
N TYR H 312 51.23 6.31 -10.97
CA TYR H 312 50.13 6.88 -11.78
C TYR H 312 50.04 6.12 -13.10
N ARG H 313 48.82 5.74 -13.48
CA ARG H 313 48.51 5.09 -14.77
C ARG H 313 47.43 5.92 -15.45
N PRO H 314 47.44 6.04 -16.80
CA PRO H 314 46.51 6.91 -17.50
C PRO H 314 45.07 6.39 -17.45
N LEU H 315 44.11 7.30 -17.26
CA LEU H 315 42.66 7.00 -17.33
C LEU H 315 42.28 6.65 -18.76
N ASN H 316 41.35 5.71 -18.93
CA ASN H 316 40.79 5.30 -20.25
C ASN H 316 41.92 4.80 -21.17
N GLY H 317 43.04 4.33 -20.61
CA GLY H 317 44.16 3.73 -21.35
C GLY H 317 45.08 4.75 -21.99
N SER H 318 44.53 5.81 -22.59
CA SER H 318 45.28 6.85 -23.35
C SER H 318 45.61 8.05 -22.44
N GLY H 319 44.75 8.31 -21.45
CA GLY H 319 44.88 9.46 -20.55
C GLY H 319 43.83 10.52 -20.81
N LEU H 320 43.23 10.51 -22.01
CA LEU H 320 42.19 11.52 -22.39
C LEU H 320 40.95 11.27 -21.54
N VAL H 321 40.55 12.28 -20.76
CA VAL H 321 39.38 12.24 -19.86
C VAL H 321 38.23 13.04 -20.47
N LEU H 322 38.54 14.21 -21.04
CA LEU H 322 37.52 15.20 -21.46
C LEU H 322 38.11 16.05 -22.57
N THR H 323 37.35 16.32 -23.64
CA THR H 323 37.82 17.11 -24.81
C THR H 323 36.62 17.76 -25.52
N ASN H 324 36.94 18.68 -26.42
CA ASN H 324 35.98 19.44 -27.24
C ASN H 324 35.61 18.61 -28.47
N PRO H 325 34.42 18.84 -29.08
CA PRO H 325 34.04 18.15 -30.31
C PRO H 325 34.94 18.57 -31.48
N ALA H 326 35.07 17.68 -32.48
CA ALA H 326 35.91 17.87 -33.68
C ALA H 326 35.59 19.20 -34.38
N ASN H 327 34.29 19.56 -34.44
CA ASN H 327 33.79 20.72 -35.21
C ASN H 327 33.80 22.00 -34.36
N ALA H 328 34.38 21.98 -33.15
CA ALA H 328 34.63 23.18 -32.32
C ALA H 328 35.77 22.90 -31.35
N PRO H 329 36.96 22.51 -31.87
CA PRO H 329 37.96 21.80 -31.08
C PRO H 329 38.68 22.65 -30.02
N TYR H 330 38.47 23.97 -30.02
CA TYR H 330 39.16 24.90 -29.08
C TYR H 330 38.16 25.67 -28.23
N GLN H 331 36.94 25.13 -28.08
CA GLN H 331 35.80 25.87 -27.45
C GLN H 331 36.04 26.04 -25.94
N ALA H 332 36.81 25.16 -25.32
CA ALA H 332 37.10 25.23 -23.87
C ALA H 332 38.55 24.80 -23.59
N TYR H 333 39.08 25.27 -22.46
CA TYR H 333 40.42 24.87 -21.95
C TYR H 333 40.51 25.18 -20.44
N SER H 334 41.62 24.75 -19.83
CA SER H 334 42.01 25.08 -18.43
C SER H 334 40.94 24.51 -17.48
N TRP H 335 40.64 23.22 -17.63
CA TRP H 335 39.64 22.50 -16.80
C TRP H 335 40.22 22.23 -15.42
N VAL H 336 39.38 22.40 -14.39
CA VAL H 336 39.65 22.05 -12.97
C VAL H 336 38.55 21.09 -12.51
N ALA H 337 38.93 19.89 -12.08
CA ALA H 337 38.02 18.85 -11.56
C ALA H 337 37.90 19.02 -10.03
N PHE H 338 36.71 18.78 -9.49
CA PHE H 338 36.40 18.88 -8.04
C PHE H 338 35.23 17.95 -7.73
N SER H 339 35.23 17.35 -6.54
CA SER H 339 34.26 16.30 -6.12
C SER H 339 32.96 16.97 -5.64
N HIS H 340 31.83 16.43 -6.06
CA HIS H 340 30.47 16.78 -5.57
C HIS H 340 29.71 15.49 -5.28
N ARG H 341 29.72 15.08 -3.99
CA ARG H 341 29.01 13.90 -3.46
C ARG H 341 29.56 12.62 -4.12
N GLU H 342 28.93 12.18 -5.21
CA GLU H 342 29.26 10.91 -5.90
C GLU H 342 29.75 11.22 -7.31
N GLU H 343 29.63 12.48 -7.74
CA GLU H 343 30.03 12.93 -9.10
C GLU H 343 31.38 13.63 -9.04
N LEU H 344 32.00 13.80 -10.22
CA LEU H 344 33.10 14.75 -10.45
C LEU H 344 32.59 15.88 -11.35
N LEU H 345 32.73 17.13 -10.90
CA LEU H 345 32.40 18.32 -11.71
C LEU H 345 33.71 18.90 -12.27
N VAL H 346 33.65 19.46 -13.47
CA VAL H 346 34.83 19.96 -14.23
C VAL H 346 34.46 21.33 -14.80
N SER H 347 35.17 22.39 -14.38
CA SER H 347 34.94 23.78 -14.84
C SER H 347 36.15 24.27 -15.65
N GLY H 348 35.96 24.46 -16.95
CA GLY H 348 36.92 25.18 -17.81
C GLY H 348 36.43 26.58 -18.10
N PHE H 349 37.02 27.25 -19.08
CA PHE H 349 36.57 28.58 -19.55
C PHE H 349 36.27 28.47 -21.06
N PHE H 350 35.42 29.37 -21.54
CA PHE H 350 34.93 29.39 -22.94
C PHE H 350 35.98 30.10 -23.80
N ASN H 351 36.70 29.32 -24.63
CA ASN H 351 37.98 29.73 -25.25
C ASN H 351 37.74 30.29 -26.67
N TYR H 352 37.72 29.44 -27.70
CA TYR H 352 37.71 29.85 -29.12
C TYR H 352 36.64 29.07 -29.88
N TYR H 353 35.69 29.76 -30.49
CA TYR H 353 34.54 29.14 -31.20
C TYR H 353 34.33 29.81 -32.56
N ASP H 354 33.57 29.16 -33.44
CA ASP H 354 33.18 29.67 -34.78
C ASP H 354 34.43 29.92 -35.63
N LEU H 355 35.44 29.05 -35.52
CA LEU H 355 36.70 29.16 -36.30
C LEU H 355 36.46 28.73 -37.75
N GLY H 356 35.46 27.88 -37.98
CA GLY H 356 35.08 27.39 -39.32
C GLY H 356 36.11 26.42 -39.87
N GLY H 357 37.14 26.08 -39.09
CA GLY H 357 38.19 25.13 -39.50
C GLY H 357 39.59 25.63 -39.18
N LEU H 358 39.74 26.92 -38.89
CA LEU H 358 41.05 27.59 -38.68
C LEU H 358 41.79 26.95 -37.50
N THR H 359 43.13 26.84 -37.59
CA THR H 359 44.02 26.43 -36.48
C THR H 359 44.30 27.67 -35.61
N LEU H 360 44.88 27.47 -34.42
CA LEU H 360 45.06 28.57 -33.43
C LEU H 360 46.00 29.63 -33.99
N ASP H 361 47.06 29.19 -34.67
CA ASP H 361 48.06 30.11 -35.27
C ASP H 361 47.37 30.98 -36.34
N ASP H 362 46.40 30.38 -37.06
CA ASP H 362 45.63 31.08 -38.13
C ASP H 362 44.74 32.18 -37.53
N VAL H 363 44.29 32.03 -36.29
CA VAL H 363 43.36 33.00 -35.63
C VAL H 363 44.05 34.36 -35.55
N ALA H 364 45.36 34.38 -35.23
CA ALA H 364 46.18 35.61 -35.15
C ALA H 364 46.10 36.45 -36.44
N THR H 365 45.79 35.81 -37.58
CA THR H 365 45.71 36.46 -38.92
C THR H 365 44.52 37.41 -38.96
N LEU H 366 43.39 37.03 -38.34
CA LEU H 366 42.07 37.69 -38.51
C LEU H 366 42.13 39.14 -37.98
N SER H 367 41.21 39.98 -38.43
CA SER H 367 41.08 41.40 -37.98
C SER H 367 40.87 41.42 -36.47
N PRO H 368 41.26 42.48 -35.75
CA PRO H 368 41.03 42.57 -34.31
C PRO H 368 39.58 42.28 -33.92
N ASP H 369 38.60 42.86 -34.63
CA ASP H 369 37.15 42.65 -34.40
C ASP H 369 36.83 41.17 -34.56
N GLU H 370 37.32 40.54 -35.63
CA GLU H 370 37.02 39.11 -35.95
C GLU H 370 37.66 38.20 -34.90
N GLN H 371 38.75 38.62 -34.26
CA GLN H 371 39.43 37.83 -33.19
C GLN H 371 38.62 37.93 -31.89
N ARG H 372 38.26 39.14 -31.47
CA ARG H 372 37.42 39.35 -30.26
C ARG H 372 36.08 38.62 -30.39
N ALA H 373 35.50 38.54 -31.59
CA ALA H 373 34.16 37.96 -31.82
C ALA H 373 34.19 36.43 -31.66
N LYS H 374 35.38 35.84 -31.59
CA LYS H 374 35.63 34.38 -31.66
C LYS H 374 36.19 33.88 -30.32
N PHE H 375 36.10 34.71 -29.28
CA PHE H 375 36.60 34.42 -27.92
C PHE H 375 35.47 34.66 -26.92
N GLY H 376 35.15 33.63 -26.14
CA GLY H 376 34.18 33.72 -25.03
C GLY H 376 34.64 34.66 -23.94
N GLY H 377 35.64 34.23 -23.18
CA GLY H 377 36.15 34.98 -22.02
C GLY H 377 35.17 34.92 -20.85
N THR H 378 34.50 33.78 -20.70
CA THR H 378 33.57 33.50 -19.57
C THR H 378 33.82 32.06 -19.11
N LEU H 379 33.08 31.60 -18.11
CA LEU H 379 33.13 30.20 -17.65
C LEU H 379 32.33 29.33 -18.60
N ALA H 380 32.88 28.16 -18.94
CA ALA H 380 32.23 27.11 -19.76
C ALA H 380 31.16 26.42 -18.90
N PRO H 381 30.12 25.83 -19.52
CA PRO H 381 29.15 25.00 -18.79
C PRO H 381 29.87 23.87 -18.07
N THR H 382 29.76 23.79 -16.74
CA THR H 382 30.56 22.86 -15.92
C THR H 382 30.04 21.44 -16.19
N VAL H 383 30.97 20.54 -16.50
CA VAL H 383 30.66 19.16 -16.98
C VAL H 383 30.50 18.27 -15.75
N ARG H 384 29.52 17.38 -15.78
CA ARG H 384 29.33 16.31 -14.77
C ARG H 384 29.91 15.03 -15.36
N VAL H 385 30.87 14.42 -14.66
CA VAL H 385 31.51 13.14 -15.08
C VAL H 385 31.40 12.15 -13.92
N ALA H 386 31.48 10.86 -14.26
CA ALA H 386 31.45 9.73 -13.32
C ALA H 386 32.76 8.95 -13.46
N LEU H 387 33.49 8.79 -12.36
CA LEU H 387 34.74 7.98 -12.28
C LEU H 387 34.38 6.54 -11.91
N SER H 388 35.08 5.58 -12.51
CA SER H 388 34.83 4.13 -12.36
C SER H 388 36.18 3.40 -12.36
N GLY H 389 37.01 3.62 -11.35
CA GLY H 389 38.39 3.09 -11.32
C GLY H 389 39.28 3.88 -12.24
N ASP H 390 39.85 3.25 -13.28
CA ASP H 390 40.73 3.92 -14.28
C ASP H 390 39.92 4.35 -15.51
N ARG H 391 38.58 4.38 -15.41
CA ARG H 391 37.65 4.70 -16.52
C ARG H 391 36.78 5.91 -16.15
N THR H 392 36.51 6.79 -17.10
CA THR H 392 35.66 8.00 -16.90
C THR H 392 34.57 8.04 -17.97
N ARG H 393 33.51 8.82 -17.71
CA ARG H 393 32.36 8.98 -18.61
C ARG H 393 31.70 10.32 -18.32
N ILE H 394 31.49 11.13 -19.37
CA ILE H 394 30.67 12.38 -19.31
C ILE H 394 29.22 11.98 -19.06
N THR H 395 28.59 12.55 -18.03
CA THR H 395 27.19 12.21 -17.63
C THR H 395 26.24 13.35 -18.02
N GLY H 396 26.73 14.58 -18.08
CA GLY H 396 25.93 15.72 -18.54
C GLY H 396 26.64 17.04 -18.25
N THR H 397 25.90 18.14 -18.24
CA THR H 397 26.45 19.50 -17.97
C THR H 397 25.48 20.29 -17.10
N LEU H 398 25.96 21.42 -16.58
CA LEU H 398 25.15 22.41 -15.82
C LEU H 398 25.23 23.74 -16.56
N SER H 399 24.62 24.79 -16.00
CA SER H 399 24.70 26.18 -16.52
C SER H 399 26.18 26.60 -16.61
N HIS H 400 26.44 27.66 -17.37
CA HIS H 400 27.78 28.27 -17.55
C HIS H 400 28.38 28.57 -16.17
N GLY H 401 29.57 28.05 -15.90
CA GLY H 401 30.34 28.31 -14.66
C GLY H 401 29.49 28.14 -13.42
N ARG H 402 28.72 27.05 -13.32
CA ARG H 402 28.05 26.70 -12.05
C ARG H 402 29.04 25.94 -11.17
N ILE H 403 29.42 26.51 -10.02
CA ILE H 403 30.28 25.83 -9.01
C ILE H 403 29.42 25.61 -7.78
N PRO H 404 28.79 24.42 -7.64
CA PRO H 404 27.96 24.13 -6.47
C PRO H 404 28.73 23.56 -5.27
N LEU H 405 28.20 23.77 -4.07
CA LEU H 405 28.69 23.11 -2.82
C LEU H 405 28.11 21.70 -2.75
N GLU H 406 28.70 20.85 -1.89
CA GLU H 406 28.22 19.46 -1.67
C GLU H 406 26.84 19.49 -1.02
N SER H 407 26.51 20.57 -0.32
CA SER H 407 25.22 20.81 0.36
C SER H 407 24.07 20.99 -0.66
N GLU H 408 24.37 21.12 -1.96
CA GLU H 408 23.36 21.46 -3.00
C GLU H 408 23.08 20.26 -3.89
N GLU H 409 21.78 19.98 -4.11
CA GLU H 409 21.31 18.83 -4.92
C GLU H 409 21.29 19.26 -6.38
N LEU H 410 21.87 18.45 -7.28
CA LEU H 410 21.89 18.73 -8.73
C LEU H 410 20.75 17.97 -9.40
N PRO H 411 20.28 18.46 -10.57
CA PRO H 411 19.22 17.78 -11.33
C PRO H 411 19.56 16.31 -11.66
N ASP H 412 18.54 15.45 -11.77
CA ASP H 412 18.69 14.01 -12.12
C ASP H 412 18.86 13.86 -13.63
N LEU H 413 19.36 12.70 -14.08
CA LEU H 413 19.90 12.51 -15.46
C LEU H 413 19.12 11.41 -16.19
N ALA I 9 -13.88 3.56 50.30
CA ALA I 9 -13.60 2.17 49.86
C ALA I 9 -12.13 1.83 50.09
N THR I 10 -11.63 2.07 51.32
CA THR I 10 -10.22 1.80 51.74
C THR I 10 -9.93 0.30 51.65
N PRO I 11 -8.81 -0.11 51.01
CA PRO I 11 -8.47 -1.53 50.90
C PRO I 11 -8.38 -2.19 52.29
N ARG I 12 -8.90 -3.40 52.44
CA ARG I 12 -9.00 -4.07 53.77
C ARG I 12 -8.28 -5.43 53.73
N TRP I 13 -7.41 -5.64 54.71
CA TRP I 13 -6.92 -6.99 55.11
C TRP I 13 -8.06 -7.65 55.91
N THR I 14 -8.70 -8.66 55.31
CA THR I 14 -9.97 -9.25 55.80
C THR I 14 -9.66 -10.45 56.70
N ARG I 15 -10.66 -10.88 57.49
CA ARG I 15 -10.58 -12.09 58.33
C ARG I 15 -10.48 -13.33 57.42
N GLU I 16 -11.09 -13.28 56.24
CA GLU I 16 -10.99 -14.40 55.25
C GLU I 16 -9.52 -14.59 54.86
N HIS I 17 -8.75 -13.50 54.77
CA HIS I 17 -7.28 -13.55 54.51
C HIS I 17 -6.57 -14.18 55.70
N ALA I 18 -6.73 -13.57 56.89
CA ALA I 18 -6.04 -13.97 58.13
C ALA I 18 -6.31 -15.44 58.46
N SER I 19 -7.52 -15.93 58.14
CA SER I 19 -7.93 -17.35 58.35
C SER I 19 -6.93 -18.31 57.69
N LYS I 20 -6.32 -17.87 56.58
CA LYS I 20 -5.44 -18.72 55.74
C LYS I 20 -3.99 -18.66 56.22
N ILE I 21 -3.66 -17.77 57.18
CA ILE I 21 -2.27 -17.60 57.71
C ILE I 21 -1.76 -18.96 58.19
N GLU I 22 -0.52 -19.29 57.86
CA GLU I 22 0.06 -20.64 58.07
C GLU I 22 1.55 -20.58 57.71
N ARG I 23 2.41 -21.09 58.60
CA ARG I 23 3.86 -21.25 58.34
C ARG I 23 4.06 -22.17 57.14
N THR I 24 4.94 -21.78 56.21
CA THR I 24 5.35 -22.61 55.05
C THR I 24 6.88 -22.50 54.88
N ASP I 25 7.47 -23.42 54.14
CA ASP I 25 8.94 -23.44 53.86
C ASP I 25 9.35 -22.09 53.26
N GLU I 26 8.44 -21.42 52.56
CA GLU I 26 8.71 -20.17 51.80
C GLU I 26 8.62 -18.93 52.71
N THR I 27 8.14 -19.05 53.95
CA THR I 27 7.91 -17.88 54.85
C THR I 27 8.69 -17.99 56.15
N VAL I 28 9.32 -19.14 56.44
CA VAL I 28 9.97 -19.39 57.76
C VAL I 28 11.47 -19.18 57.63
N VAL I 29 12.02 -18.29 58.45
CA VAL I 29 13.47 -17.92 58.47
C VAL I 29 14.22 -19.01 59.21
N PRO I 30 15.53 -19.24 58.95
CA PRO I 30 16.32 -20.13 59.78
C PRO I 30 16.44 -19.64 61.22
N ILE I 31 16.86 -20.54 62.12
CA ILE I 31 17.14 -20.23 63.55
C ILE I 31 18.21 -19.15 63.60
N ILE I 32 17.98 -18.14 64.43
CA ILE I 32 18.97 -17.04 64.70
C ILE I 32 19.76 -17.44 65.93
N TYR I 33 21.09 -17.49 65.79
CA TYR I 33 22.05 -17.76 66.89
C TYR I 33 22.76 -16.45 67.23
N PRO I 34 23.10 -16.19 68.50
CA PRO I 34 23.70 -14.92 68.89
C PRO I 34 25.04 -14.73 68.16
N PRO I 35 25.41 -13.48 67.79
CA PRO I 35 26.71 -13.22 67.19
C PRO I 35 27.85 -13.41 68.21
N ARG I 36 29.06 -13.70 67.73
CA ARG I 36 30.20 -14.13 68.58
C ARG I 36 30.64 -12.99 69.50
N GLU I 37 30.58 -11.74 69.03
CA GLU I 37 30.84 -10.53 69.86
C GLU I 37 29.72 -9.51 69.61
N ASP I 38 29.57 -8.55 70.54
CA ASP I 38 28.56 -7.46 70.45
C ASP I 38 29.28 -6.17 70.05
N ALA I 39 28.75 -5.46 69.05
CA ALA I 39 29.27 -4.16 68.54
C ALA I 39 29.30 -3.14 69.67
N ALA I 40 28.27 -3.16 70.53
CA ALA I 40 28.16 -2.39 71.79
C ALA I 40 27.64 -3.32 72.88
N PRO I 41 28.53 -3.97 73.68
CA PRO I 41 28.09 -4.81 74.80
C PRO I 41 27.23 -4.02 75.80
N GLU I 42 27.42 -2.69 75.84
CA GLU I 42 26.78 -1.78 76.82
C GLU I 42 25.36 -1.42 76.38
N ILE I 43 24.95 -1.76 75.16
CA ILE I 43 23.69 -1.25 74.54
C ILE I 43 22.90 -2.40 73.91
N ASN I 44 21.59 -2.44 74.18
CA ASN I 44 20.62 -3.29 73.45
C ASN I 44 19.97 -2.42 72.36
N GLY I 45 19.89 -2.94 71.14
CA GLY I 45 19.41 -2.23 69.95
C GLY I 45 18.32 -3.00 69.25
N TRP I 46 17.26 -2.30 68.82
CA TRP I 46 16.15 -2.90 68.06
C TRP I 46 15.59 -1.86 67.08
N ASP I 47 14.51 -2.21 66.37
CA ASP I 47 13.77 -1.31 65.44
C ASP I 47 14.74 -0.40 64.70
N THR I 48 15.47 -0.95 63.74
CA THR I 48 16.57 -0.27 63.01
C THR I 48 16.03 0.20 61.65
N TRP I 49 16.47 1.37 61.18
CA TRP I 49 16.09 1.94 59.86
C TRP I 49 17.33 2.57 59.20
N PHE I 50 17.28 2.77 57.88
CA PHE I 50 18.45 3.19 57.07
C PHE I 50 18.36 4.68 56.75
N LEU I 51 19.52 5.34 56.75
CA LEU I 51 19.67 6.68 56.12
C LEU I 51 19.55 6.47 54.62
N ARG I 52 18.46 6.97 54.02
CA ARG I 52 18.16 6.84 52.58
C ARG I 52 18.32 8.20 51.90
N GLU I 53 18.65 8.18 50.61
CA GLU I 53 18.47 9.34 49.69
C GLU I 53 16.98 9.52 49.42
N ARG I 54 16.62 10.52 48.63
CA ARG I 54 15.20 10.89 48.38
C ARG I 54 14.47 9.74 47.66
N ASP I 55 15.11 9.09 46.69
CA ASP I 55 14.49 8.00 45.88
C ASP I 55 14.23 6.78 46.78
N GLY I 56 14.99 6.63 47.86
CA GLY I 56 14.85 5.52 48.82
C GLY I 56 16.09 4.64 48.89
N SER I 57 17.00 4.75 47.93
CA SER I 57 18.29 4.00 47.89
C SER I 57 19.09 4.31 49.17
N ILE I 58 19.88 3.35 49.63
CA ILE I 58 20.72 3.50 50.86
C ILE I 58 21.69 4.64 50.61
N ALA I 59 21.67 5.67 51.46
CA ALA I 59 22.57 6.84 51.35
C ALA I 59 24.00 6.40 51.68
N THR I 60 24.97 7.02 51.00
CA THR I 60 26.42 6.74 51.15
C THR I 60 27.15 8.09 51.23
N VAL I 61 27.78 8.37 52.36
CA VAL I 61 28.55 9.62 52.64
C VAL I 61 30.02 9.24 52.83
N GLY I 62 30.89 9.69 51.91
CA GLY I 62 32.33 9.41 51.94
C GLY I 62 32.63 7.92 52.08
N GLY I 63 31.78 7.05 51.54
CA GLY I 63 31.98 5.59 51.53
C GLY I 63 31.35 4.89 52.71
N TRP I 64 30.65 5.63 53.58
CA TRP I 64 29.98 5.09 54.79
C TRP I 64 28.47 4.99 54.55
N ARG I 65 27.85 3.89 54.98
CA ARG I 65 26.39 3.78 55.15
C ARG I 65 26.07 4.19 56.59
N VAL I 66 24.91 4.80 56.81
CA VAL I 66 24.44 5.17 58.17
C VAL I 66 23.12 4.44 58.41
N ILE I 67 22.94 3.90 59.62
CA ILE I 67 21.67 3.31 60.11
C ILE I 67 21.35 3.91 61.46
N PHE I 68 20.08 3.83 61.85
CA PHE I 68 19.54 4.33 63.14
C PHE I 68 18.85 3.17 63.85
N SER I 69 19.01 3.10 65.17
CA SER I 69 18.38 2.07 66.03
C SER I 69 17.74 2.74 67.25
N LEU I 70 16.63 2.19 67.71
CA LEU I 70 16.14 2.39 69.10
C LEU I 70 17.11 1.65 70.02
N THR I 71 17.54 2.29 71.10
CA THR I 71 18.56 1.75 72.02
C THR I 71 18.13 2.01 73.46
N ALA I 72 18.53 1.10 74.35
CA ALA I 72 18.46 1.23 75.81
C ALA I 72 19.73 0.62 76.40
N PRO I 73 20.09 0.98 77.65
CA PRO I 73 21.19 0.33 78.36
C PRO I 73 20.98 -1.19 78.42
N ALA I 74 22.05 -1.97 78.23
CA ALA I 74 22.02 -3.46 78.21
C ALA I 74 21.57 -4.01 79.57
N ASP I 75 21.98 -3.37 80.67
CA ASP I 75 21.68 -3.83 82.05
C ASP I 75 20.18 -3.63 82.37
N LEU I 76 19.45 -2.87 81.54
CA LEU I 76 18.01 -2.59 81.74
C LEU I 76 17.17 -3.80 81.33
N LEU I 77 16.04 -4.00 81.99
CA LEU I 77 15.09 -5.12 81.69
C LEU I 77 14.56 -4.95 80.27
N PRO I 78 14.56 -6.02 79.45
CA PRO I 78 14.04 -5.94 78.09
C PRO I 78 12.61 -5.38 78.01
N GLY I 79 11.69 -5.88 78.82
CA GLY I 79 10.23 -5.63 78.66
C GLY I 79 9.90 -4.14 78.70
N LYS I 80 10.76 -3.37 79.39
CA LYS I 80 10.53 -1.93 79.69
C LYS I 80 11.47 -1.02 78.91
N ARG I 81 12.27 -1.54 77.99
CA ARG I 81 13.15 -0.72 77.07
C ARG I 81 12.33 0.36 76.35
N HIS I 82 11.06 0.11 76.09
CA HIS I 82 10.15 1.00 75.32
C HIS I 82 9.92 2.33 76.05
N ASP I 83 10.11 2.36 77.37
CA ASP I 83 9.82 3.56 78.20
C ASP I 83 10.99 4.54 78.15
N VAL I 84 12.18 4.11 77.74
CA VAL I 84 13.43 4.94 77.77
C VAL I 84 14.16 4.86 76.42
N ALA I 85 13.47 4.53 75.34
CA ALA I 85 14.07 4.34 74.00
C ALA I 85 14.75 5.65 73.56
N GLU I 86 15.99 5.55 73.08
CA GLU I 86 16.80 6.68 72.58
C GLU I 86 17.36 6.31 71.21
N ILE I 87 17.33 7.23 70.26
CA ILE I 87 17.81 6.98 68.87
C ILE I 87 19.34 7.16 68.86
N ARG I 88 20.08 6.09 68.59
CA ARG I 88 21.52 6.14 68.27
C ARG I 88 21.70 5.89 66.77
N TYR I 89 22.80 6.39 66.21
CA TYR I 89 23.20 6.12 64.80
C TYR I 89 24.48 5.30 64.80
N PHE I 90 24.61 4.44 63.79
CA PHE I 90 25.79 3.57 63.54
C PHE I 90 26.19 3.77 62.08
N TYR I 91 27.48 3.62 61.80
CA TYR I 91 28.07 3.79 60.45
C TYR I 91 28.95 2.59 60.14
N SER I 92 29.04 2.22 58.86
CA SER I 92 29.84 1.07 58.37
C SER I 92 30.35 1.33 56.97
N ARG I 93 31.57 0.88 56.68
CA ARG I 93 32.22 1.04 55.35
C ARG I 93 31.87 -0.17 54.48
N ASP I 94 31.73 -1.38 55.07
CA ASP I 94 31.34 -2.61 54.34
C ASP I 94 29.82 -2.64 54.61
N GLY I 95 29.14 -3.74 54.87
CA GLY I 95 27.76 -3.65 55.37
C GLY I 95 27.56 -4.36 56.71
N GLU I 96 28.64 -4.82 57.31
CA GLU I 96 28.67 -5.90 58.34
C GLU I 96 29.19 -5.35 59.67
N THR I 97 30.34 -4.68 59.66
CA THR I 97 31.04 -4.19 60.88
C THR I 97 30.60 -2.75 61.16
N TRP I 98 29.58 -2.58 62.00
CA TRP I 98 28.99 -1.26 62.35
C TRP I 98 29.72 -0.66 63.57
N PHE I 99 29.98 0.64 63.52
CA PHE I 99 30.56 1.44 64.63
C PHE I 99 29.47 2.28 65.28
N ASP I 100 29.43 2.29 66.61
CA ASP I 100 28.49 3.11 67.40
C ASP I 100 28.85 4.59 67.23
N GLY I 101 27.93 5.39 66.70
CA GLY I 101 28.09 6.84 66.54
C GLY I 101 27.56 7.61 67.75
N GLY I 102 26.90 6.92 68.68
CA GLY I 102 26.32 7.55 69.88
C GLY I 102 24.92 8.09 69.59
N PRO I 103 24.29 8.80 70.56
CA PRO I 103 22.96 9.37 70.35
C PRO I 103 22.96 10.37 69.20
N VAL I 104 21.86 10.41 68.45
CA VAL I 104 21.69 11.31 67.27
C VAL I 104 21.37 12.71 67.77
N PHE I 105 20.58 12.82 68.85
CA PHE I 105 20.08 14.12 69.39
C PHE I 105 20.77 14.43 70.71
N GLU I 106 21.14 15.70 70.91
CA GLU I 106 21.88 16.22 72.08
C GLU I 106 20.93 16.97 73.04
N GLY I 107 19.66 17.00 72.73
CA GLY I 107 18.59 17.58 73.53
C GLY I 107 17.46 18.05 72.62
N GLY I 108 16.56 18.86 73.18
CA GLY I 108 15.38 19.44 72.48
C GLY I 108 14.45 18.38 71.90
N THR I 109 14.69 17.11 72.18
CA THR I 109 13.97 15.97 71.52
C THR I 109 12.54 15.93 72.05
N ARG I 110 11.56 15.67 71.16
CA ARG I 110 10.12 15.65 71.51
C ARG I 110 9.77 14.32 72.19
N GLY I 111 8.88 14.38 73.17
CA GLY I 111 8.39 13.18 73.89
C GLY I 111 9.30 12.75 75.03
N SER I 112 8.73 12.06 76.01
CA SER I 112 9.46 11.44 77.15
C SER I 112 10.50 10.46 76.60
N ARG I 113 10.19 9.76 75.50
CA ARG I 113 11.17 8.93 74.75
C ARG I 113 10.81 8.93 73.26
N GLN I 114 11.71 8.40 72.42
CA GLN I 114 11.58 8.41 70.94
C GLN I 114 11.37 6.98 70.45
N TRP I 115 10.37 6.76 69.59
CA TRP I 115 10.08 5.46 68.93
C TRP I 115 10.44 5.54 67.44
N ALA I 116 10.37 4.42 66.74
CA ALA I 116 10.99 4.23 65.40
C ALA I 116 10.43 5.25 64.41
N GLY I 117 11.22 5.52 63.36
CA GLY I 117 10.79 6.37 62.22
C GLY I 117 11.57 6.02 60.96
N SER I 118 12.23 7.01 60.38
CA SER I 118 13.01 6.89 59.12
C SER I 118 14.01 8.04 59.06
N ALA I 119 14.86 8.05 58.03
CA ALA I 119 15.95 9.03 57.87
C ALA I 119 16.09 9.38 56.38
N LEU I 120 16.21 10.69 56.10
CA LEU I 120 16.33 11.24 54.73
C LEU I 120 17.54 12.15 54.67
N LEU I 121 18.47 11.84 53.77
CA LEU I 121 19.53 12.78 53.31
C LEU I 121 19.04 13.39 52.00
N ASP I 122 18.47 14.60 52.06
CA ASP I 122 17.80 15.25 50.91
C ASP I 122 18.86 15.54 49.85
N ASP I 123 18.44 15.87 48.63
CA ASP I 123 19.35 16.23 47.51
C ASP I 123 20.20 17.45 47.91
N ASP I 124 19.61 18.38 48.67
CA ASP I 124 20.27 19.65 49.11
C ASP I 124 21.29 19.38 50.22
N GLY I 125 21.37 18.16 50.74
CA GLY I 125 22.36 17.76 51.77
C GLY I 125 21.82 17.91 53.18
N ARG I 126 20.60 18.45 53.34
CA ARG I 126 19.93 18.61 54.67
C ARG I 126 19.53 17.24 55.20
N LEU I 127 19.71 17.01 56.51
CA LEU I 127 19.36 15.71 57.17
C LEU I 127 18.04 15.88 57.92
N TYR I 128 17.10 14.96 57.67
CA TYR I 128 15.81 14.84 58.39
C TYR I 128 15.76 13.45 59.04
N VAL I 129 15.66 13.40 60.37
CA VAL I 129 15.46 12.12 61.12
C VAL I 129 14.05 12.11 61.68
N PHE I 130 13.12 11.48 60.95
CA PHE I 130 11.71 11.29 61.38
C PHE I 130 11.68 10.27 62.52
N TYR I 131 10.93 10.58 63.57
CA TYR I 131 10.79 9.69 64.76
C TYR I 131 9.40 9.88 65.36
N THR I 132 9.02 8.95 66.24
CA THR I 132 7.77 9.03 67.03
C THR I 132 8.09 9.64 68.39
N ALA I 133 7.45 10.75 68.74
CA ALA I 133 7.48 11.35 70.09
C ALA I 133 6.45 10.63 70.97
N SER I 134 6.92 9.75 71.85
CA SER I 134 6.08 9.01 72.83
C SER I 134 6.08 9.75 74.16
N GLY I 135 4.89 10.00 74.73
CA GLY I 135 4.69 10.86 75.91
C GLY I 135 5.06 12.30 75.60
N ARG I 136 5.34 13.08 76.65
CA ARG I 136 5.81 14.49 76.58
C ARG I 136 7.05 14.63 77.47
N ALA I 137 8.04 15.43 77.04
CA ALA I 137 9.36 15.58 77.70
C ALA I 137 9.18 15.90 79.18
N GLY I 138 9.88 15.15 80.05
CA GLY I 138 9.91 15.37 81.52
C GLY I 138 8.55 15.19 82.18
N GLU I 139 7.70 14.31 81.65
CA GLU I 139 6.35 14.01 82.22
C GLU I 139 6.53 13.28 83.56
N ALA I 140 5.57 13.47 84.47
CA ALA I 140 5.57 12.93 85.86
C ALA I 140 5.38 11.40 85.81
N GLU I 141 4.22 10.95 85.32
CA GLU I 141 3.92 9.52 85.05
C GLU I 141 3.99 9.26 83.54
N ILE I 142 4.48 8.10 83.12
CA ILE I 142 4.65 7.76 81.66
C ILE I 142 3.25 7.75 81.00
N THR I 143 3.09 8.48 79.89
CA THR I 143 1.87 8.47 79.03
C THR I 143 2.21 7.72 77.74
N TYR I 144 1.20 7.31 76.98
CA TYR I 144 1.39 6.54 75.71
C TYR I 144 0.87 7.36 74.52
N GLU I 145 1.04 8.68 74.60
CA GLU I 145 0.67 9.65 73.54
C GLU I 145 1.77 9.64 72.48
N GLN I 146 1.39 9.40 71.23
CA GLN I 146 2.33 9.23 70.08
C GLN I 146 2.03 10.31 69.05
N ARG I 147 3.05 11.04 68.60
CA ARG I 147 2.95 12.05 67.53
C ARG I 147 4.15 11.92 66.60
N LEU I 148 3.95 12.09 65.29
CA LEU I 148 5.04 12.01 64.29
C LEU I 148 5.83 13.32 64.32
N ALA I 149 7.11 13.24 64.69
CA ALA I 149 8.01 14.41 64.83
C ALA I 149 9.19 14.24 63.87
N VAL I 150 10.00 15.29 63.69
CA VAL I 150 11.26 15.23 62.91
C VAL I 150 12.33 16.09 63.59
N GLY I 151 13.57 15.59 63.59
CA GLY I 151 14.78 16.38 63.91
C GLY I 151 15.47 16.88 62.64
N SER I 152 15.05 18.02 62.11
CA SER I 152 15.57 18.61 60.85
C SER I 152 16.84 19.42 61.11
N GLY I 153 17.55 19.77 60.03
CA GLY I 153 18.71 20.68 60.04
C GLY I 153 19.97 20.02 60.58
N GLY I 154 20.10 18.70 60.44
CA GLY I 154 21.32 17.96 60.82
C GLY I 154 22.41 18.08 59.77
N SER I 155 23.67 17.91 60.17
CA SER I 155 24.85 17.91 59.27
C SER I 155 25.61 16.59 59.44
N VAL I 156 25.99 15.95 58.33
CA VAL I 156 26.67 14.61 58.32
C VAL I 156 28.10 14.81 57.81
N VAL I 157 29.08 14.72 58.70
CA VAL I 157 30.54 14.82 58.38
C VAL I 157 31.13 13.41 58.38
N ALA I 158 31.85 13.04 57.32
CA ALA I 158 32.55 11.75 57.21
C ALA I 158 34.04 11.99 56.89
N ASP I 159 34.94 11.61 57.79
CA ASP I 159 36.39 11.54 57.53
C ASP I 159 36.71 10.10 57.12
N ASP I 160 37.98 9.72 57.03
CA ASP I 160 38.41 8.32 56.76
C ASP I 160 38.42 7.53 58.09
N ASP I 161 38.14 8.20 59.22
CA ASP I 161 38.17 7.61 60.59
C ASP I 161 36.76 7.23 61.03
N GLY I 162 35.72 7.92 60.57
CA GLY I 162 34.34 7.59 60.91
C GLY I 162 33.33 8.63 60.45
N VAL I 163 32.15 8.64 61.08
CA VAL I 163 31.04 9.57 60.75
C VAL I 163 30.55 10.22 62.05
N ARG I 164 30.42 11.54 62.06
CA ARG I 164 29.80 12.33 63.14
C ARG I 164 28.57 13.04 62.57
N ILE I 165 27.46 13.01 63.28
CA ILE I 165 26.24 13.84 62.98
C ILE I 165 26.30 15.05 63.90
N GLU I 166 26.50 16.23 63.32
CA GLU I 166 26.84 17.46 64.09
C GLU I 166 25.82 18.55 63.77
N GLY I 167 26.00 19.70 64.41
CA GLY I 167 25.24 20.93 64.17
C GLY I 167 24.03 21.01 65.09
N PRO I 168 23.29 22.14 65.05
CA PRO I 168 22.08 22.31 65.85
C PRO I 168 20.92 21.50 65.24
N PHE I 169 20.12 20.86 66.08
CA PHE I 169 18.92 20.09 65.64
C PHE I 169 17.66 20.90 65.92
N ALA I 170 16.78 20.99 64.93
CA ALA I 170 15.46 21.67 65.02
C ALA I 170 14.35 20.62 65.03
N HIS I 171 13.66 20.53 66.18
CA HIS I 171 12.67 19.48 66.51
C HIS I 171 11.26 20.07 66.43
N GLY I 172 10.36 19.46 65.68
CA GLY I 172 8.94 19.87 65.62
C GLY I 172 8.02 18.69 65.38
N VAL I 173 6.84 18.70 66.00
CA VAL I 173 5.75 17.73 65.70
C VAL I 173 5.26 17.98 64.28
N LEU I 174 5.11 16.92 63.49
CA LEU I 174 4.64 16.98 62.09
C LEU I 174 3.14 16.64 62.02
N LEU I 175 2.73 15.54 62.66
CA LEU I 175 1.33 15.03 62.53
C LEU I 175 0.83 14.46 63.86
N GLU I 176 -0.45 14.73 64.14
CA GLU I 176 -1.25 14.12 65.23
C GLU I 176 -2.56 13.64 64.64
N PRO I 177 -3.16 12.54 65.16
CA PRO I 177 -4.32 11.94 64.52
C PRO I 177 -5.51 12.91 64.42
N ASP I 178 -6.20 12.90 63.29
CA ASP I 178 -7.28 13.88 62.96
C ASP I 178 -8.51 13.57 63.81
N GLY I 179 -8.90 12.30 63.95
CA GLY I 179 -10.09 11.88 64.70
C GLY I 179 -11.18 11.30 63.80
N GLU I 180 -11.01 11.42 62.48
CA GLU I 180 -11.99 10.93 61.46
C GLU I 180 -11.40 9.71 60.73
N ARG I 181 -10.23 9.89 60.10
CA ARG I 181 -9.53 8.83 59.33
C ARG I 181 -8.53 8.09 60.23
N TYR I 182 -8.00 8.74 61.27
CA TYR I 182 -6.98 8.15 62.18
C TYR I 182 -7.37 8.36 63.64
N GLU I 183 -7.50 7.25 64.37
CA GLU I 183 -7.99 7.17 65.77
C GLU I 183 -7.03 7.95 66.68
N ARG I 184 -7.59 8.77 67.58
CA ARG I 184 -6.88 9.54 68.63
C ARG I 184 -6.83 8.70 69.92
N GLU I 185 -5.97 9.07 70.87
CA GLU I 185 -5.84 8.38 72.18
C GLU I 185 -7.20 8.34 72.89
N GLU I 186 -7.97 9.44 72.84
CA GLU I 186 -9.31 9.55 73.48
C GLU I 186 -10.24 8.45 72.94
N GLN I 187 -10.23 8.23 71.63
CA GLN I 187 -11.15 7.31 70.91
C GLN I 187 -10.74 5.85 71.15
N SER I 188 -9.55 5.61 71.69
CA SER I 188 -8.93 4.27 71.81
C SER I 188 -9.84 3.33 72.62
N ARG I 189 -10.41 2.33 71.95
CA ARG I 189 -11.10 1.19 72.60
C ARG I 189 -10.16 0.00 72.55
N GLY I 190 -10.37 -1.01 73.41
CA GLY I 190 -9.52 -2.20 73.51
C GLY I 190 -8.10 -1.82 73.92
N MET I 191 -7.11 -2.19 73.12
CA MET I 191 -5.68 -1.93 73.43
C MET I 191 -5.32 -0.48 73.07
N ILE I 192 -4.11 -0.07 73.45
CA ILE I 192 -3.57 1.31 73.29
C ILE I 192 -3.55 1.66 71.80
N TYR I 193 -3.97 2.88 71.45
CA TYR I 193 -3.98 3.41 70.06
C TYR I 193 -2.54 3.45 69.53
N THR I 194 -2.42 3.51 68.20
CA THR I 194 -1.13 3.63 67.48
C THR I 194 -1.19 4.88 66.60
N PHE I 195 -0.10 5.65 66.58
CA PHE I 195 0.12 6.79 65.65
C PHE I 195 1.62 7.09 65.60
N ARG I 196 2.38 6.23 64.92
CA ARG I 196 3.85 6.17 65.05
C ARG I 196 4.50 5.65 63.77
N ASP I 197 5.83 5.53 63.80
CA ASP I 197 6.66 4.88 62.76
C ASP I 197 6.50 5.65 61.45
N PRO I 198 6.87 6.95 61.41
CA PRO I 198 6.83 7.73 60.18
C PRO I 198 7.94 7.30 59.22
N TRP I 199 7.56 6.84 58.03
CA TRP I 199 8.49 6.33 56.99
C TRP I 199 8.40 7.23 55.76
N PHE I 200 9.47 7.96 55.44
CA PHE I 200 9.53 8.87 54.26
C PHE I 200 9.59 8.01 52.99
N PHE I 201 8.91 8.47 51.94
CA PHE I 201 8.79 7.75 50.65
C PHE I 201 8.46 8.71 49.51
N GLU I 202 9.37 8.80 48.54
CA GLU I 202 9.14 9.47 47.24
C GLU I 202 8.68 8.43 46.22
N ASP I 203 7.49 8.64 45.65
CA ASP I 203 6.93 7.77 44.58
C ASP I 203 7.80 7.95 43.33
N PRO I 204 8.53 6.91 42.88
CA PRO I 204 9.42 7.05 41.72
C PRO I 204 8.66 7.34 40.42
N ARG I 205 7.35 7.08 40.41
CA ARG I 205 6.45 7.34 39.24
C ARG I 205 5.99 8.81 39.27
N SER I 206 5.17 9.19 40.26
CA SER I 206 4.55 10.54 40.34
C SER I 206 5.63 11.59 40.63
N GLY I 207 6.68 11.24 41.38
CA GLY I 207 7.64 12.21 41.94
C GLY I 207 7.10 12.89 43.19
N LYS I 208 5.85 12.63 43.55
CA LYS I 208 5.19 13.20 44.75
C LYS I 208 5.85 12.63 46.00
N THR I 209 5.86 13.40 47.09
CA THR I 209 6.52 13.04 48.36
C THR I 209 5.44 12.63 49.38
N TYR I 210 5.59 11.46 49.99
CA TYR I 210 4.63 10.91 50.97
C TYR I 210 5.37 10.53 52.26
N LEU I 211 4.60 10.41 53.35
CA LEU I 211 5.08 9.91 54.66
C LEU I 211 4.07 8.87 55.15
N LEU I 212 4.47 7.61 55.15
CA LEU I 212 3.64 6.49 55.69
C LEU I 212 3.82 6.44 57.20
N PHE I 213 2.81 5.90 57.89
CA PHE I 213 2.83 5.71 59.36
C PHE I 213 1.83 4.62 59.73
N GLU I 214 2.04 4.03 60.91
CA GLU I 214 1.07 3.12 61.56
C GLU I 214 0.07 3.96 62.35
N ALA I 215 -1.22 3.68 62.16
CA ALA I 215 -2.32 4.33 62.89
C ALA I 215 -3.40 3.29 63.17
N ASN I 216 -4.48 3.74 63.80
CA ASN I 216 -5.75 3.00 63.94
C ASN I 216 -6.84 3.84 63.28
N THR I 217 -7.81 3.22 62.61
CA THR I 217 -8.98 3.90 62.01
C THR I 217 -10.14 3.82 63.00
N PRO I 218 -10.71 4.96 63.46
CA PRO I 218 -11.74 4.92 64.50
C PRO I 218 -12.98 4.16 64.01
N ILE I 219 -13.54 3.31 64.87
CA ILE I 219 -14.84 2.59 64.64
C ILE I 219 -15.79 2.97 65.77
N PRO I 220 -16.90 3.69 65.48
CA PRO I 220 -17.89 4.02 66.52
C PRO I 220 -18.41 2.74 67.19
N GLU I 221 -18.80 2.81 68.46
CA GLU I 221 -19.18 1.60 69.24
C GLU I 221 -20.46 0.98 68.68
N GLY I 222 -21.51 1.75 68.39
CA GLY I 222 -22.79 1.22 67.88
C GLY I 222 -22.67 0.65 66.47
N ALA I 223 -21.54 0.85 65.80
CA ALA I 223 -21.42 0.91 64.32
C ALA I 223 -21.85 -0.40 63.69
N GLY I 224 -21.62 -1.53 64.36
CA GLY I 224 -21.77 -2.89 63.77
C GLY I 224 -20.86 -3.07 62.56
N ALA I 225 -19.76 -2.29 62.54
CA ALA I 225 -18.75 -2.24 61.45
C ALA I 225 -18.09 -3.61 61.30
N CYS I 226 -18.33 -4.51 62.25
CA CYS I 226 -17.75 -5.87 62.29
C CYS I 226 -18.82 -6.90 62.68
N GLY I 227 -18.60 -8.17 62.32
CA GLY I 227 -19.49 -9.31 62.65
C GLY I 227 -19.42 -9.70 64.12
N ASP I 228 -18.70 -8.92 64.94
CA ASP I 228 -18.64 -9.04 66.42
C ASP I 228 -18.14 -7.71 66.98
N PRO I 229 -18.88 -7.03 67.88
CA PRO I 229 -18.43 -5.77 68.47
C PRO I 229 -17.00 -5.78 69.05
N VAL I 230 -16.53 -6.88 69.64
CA VAL I 230 -15.18 -6.94 70.28
C VAL I 230 -14.11 -6.81 69.18
N TRP I 231 -14.33 -7.47 68.03
CA TRP I 231 -13.39 -7.48 66.90
C TRP I 231 -13.06 -6.04 66.46
N GLU I 232 -14.00 -5.12 66.58
CA GLU I 232 -13.85 -3.72 66.06
C GLU I 232 -12.82 -2.96 66.92
N GLU I 233 -12.37 -3.50 68.07
CA GLU I 233 -11.30 -2.89 68.90
C GLU I 233 -9.95 -3.00 68.19
N PHE I 234 -9.82 -3.99 67.30
CA PHE I 234 -8.62 -4.26 66.48
C PHE I 234 -8.76 -3.52 65.14
N ASN I 235 -8.37 -2.24 65.12
CA ASN I 235 -8.61 -1.32 63.96
C ASN I 235 -7.26 -0.76 63.49
N GLY I 236 -6.26 -1.63 63.36
CA GLY I 236 -4.92 -1.27 62.83
C GLY I 236 -5.01 -0.84 61.37
N SER I 237 -4.18 0.13 60.96
CA SER I 237 -4.21 0.71 59.60
C SER I 237 -2.85 1.31 59.25
N VAL I 238 -2.55 1.34 57.95
CA VAL I 238 -1.36 2.04 57.39
C VAL I 238 -1.84 3.38 56.86
N GLY I 239 -1.57 4.46 57.60
CA GLY I 239 -1.89 5.83 57.18
C GLY I 239 -0.80 6.37 56.28
N ILE I 240 -1.13 7.40 55.51
CA ILE I 240 -0.17 8.12 54.61
C ILE I 240 -0.53 9.60 54.62
N ALA I 241 0.50 10.45 54.56
CA ALA I 241 0.38 11.91 54.40
C ALA I 241 1.14 12.31 53.14
N HIS I 242 0.77 13.44 52.54
CA HIS I 242 1.37 13.99 51.29
C HIS I 242 1.97 15.37 51.59
N SER I 243 3.11 15.68 50.96
CA SER I 243 3.69 17.05 50.92
C SER I 243 3.50 17.62 49.52
N PRO I 244 2.60 18.60 49.33
CA PRO I 244 2.42 19.22 48.01
C PRO I 244 3.72 19.89 47.51
N THR I 245 4.42 20.56 48.42
CA THR I 245 5.70 21.29 48.16
C THR I 245 6.88 20.32 48.04
N GLY I 246 6.79 19.12 48.60
CA GLY I 246 7.91 18.16 48.65
C GLY I 246 8.85 18.47 49.81
N ASP I 247 8.68 19.62 50.47
CA ASP I 247 9.32 19.93 51.78
C ASP I 247 9.11 18.75 52.73
N PRO I 248 10.17 18.12 53.26
CA PRO I 248 10.03 17.02 54.22
C PRO I 248 9.43 17.39 55.59
N THR I 249 8.94 18.63 55.78
CA THR I 249 8.41 19.13 57.08
C THR I 249 6.96 19.64 56.94
N ASP I 250 6.40 19.62 55.73
CA ASP I 250 5.01 20.12 55.46
C ASP I 250 4.19 18.94 54.94
N TRP I 251 3.22 18.47 55.73
CA TRP I 251 2.42 17.25 55.41
C TRP I 251 0.92 17.54 55.58
N GLU I 252 0.10 16.90 54.74
CA GLU I 252 -1.37 16.90 54.84
C GLU I 252 -1.83 15.44 54.85
N LEU I 253 -2.70 15.08 55.80
CA LEU I 253 -3.19 13.68 55.97
C LEU I 253 -3.98 13.29 54.72
N CYS I 254 -3.77 12.07 54.24
CA CYS I 254 -4.55 11.43 53.16
C CYS I 254 -5.35 10.25 53.75
N ASP I 255 -6.22 9.62 52.97
CA ASP I 255 -6.95 8.40 53.38
C ASP I 255 -5.94 7.26 53.56
N PRO I 256 -6.19 6.32 54.50
CA PRO I 256 -5.23 5.25 54.78
C PRO I 256 -5.08 4.31 53.56
N LEU I 257 -3.87 3.77 53.39
CA LEU I 257 -3.52 2.86 52.26
C LEU I 257 -4.23 1.52 52.45
N LEU I 258 -4.30 1.05 53.70
CA LEU I 258 -4.89 -0.26 54.05
C LEU I 258 -5.42 -0.22 55.47
N GLU I 259 -6.54 -0.92 55.71
CA GLU I 259 -7.21 -1.03 57.03
C GLU I 259 -7.15 -2.49 57.48
N GLY I 260 -6.66 -2.67 58.71
CA GLY I 260 -6.55 -3.99 59.36
C GLY I 260 -7.64 -4.18 60.40
N ILE I 261 -8.88 -3.81 60.07
CA ILE I 261 -10.04 -3.82 61.00
C ILE I 261 -10.49 -5.27 61.16
N CYS I 262 -10.93 -5.63 62.39
CA CYS I 262 -11.46 -6.98 62.72
C CYS I 262 -10.36 -8.03 62.61
N VAL I 263 -9.11 -7.63 62.37
CA VAL I 263 -7.99 -8.58 62.10
C VAL I 263 -6.82 -8.29 63.05
N ASN I 264 -6.29 -7.07 63.10
CA ASN I 264 -5.09 -6.77 63.92
C ASN I 264 -5.09 -5.30 64.37
N GLN I 265 -4.56 -5.03 65.56
CA GLN I 265 -4.50 -3.67 66.17
C GLN I 265 -3.21 -2.96 65.71
N GLU I 266 -2.10 -3.69 65.62
CA GLU I 266 -0.76 -3.10 65.34
C GLU I 266 -0.28 -3.56 63.95
N LEU I 267 -0.36 -2.67 62.96
CA LEU I 267 0.29 -2.83 61.63
C LEU I 267 1.59 -2.01 61.63
N GLU I 268 2.64 -2.57 62.22
CA GLU I 268 3.82 -1.79 62.67
C GLU I 268 4.81 -1.55 61.52
N ARG I 269 5.58 -0.47 61.66
CA ARG I 269 6.69 -0.05 60.75
C ARG I 269 6.30 -0.34 59.32
N PRO I 270 5.28 0.37 58.79
CA PRO I 270 4.85 0.20 57.41
C PRO I 270 5.88 0.88 56.50
N HIS I 271 6.09 0.29 55.33
CA HIS I 271 7.06 0.77 54.31
C HIS I 271 6.70 0.14 52.97
N VAL I 272 7.07 0.82 51.88
CA VAL I 272 6.78 0.40 50.49
C VAL I 272 8.11 0.12 49.78
N VAL I 273 8.18 -1.02 49.11
CA VAL I 273 9.25 -1.31 48.12
C VAL I 273 8.58 -1.37 46.75
N VAL I 274 9.06 -0.55 45.81
CA VAL I 274 8.57 -0.55 44.40
C VAL I 274 9.50 -1.47 43.61
N ARG I 275 8.92 -2.43 42.89
CA ARG I 275 9.68 -3.43 42.11
C ARG I 275 9.04 -3.61 40.74
N ASN I 276 9.74 -3.22 39.68
CA ASN I 276 9.28 -3.35 38.26
C ASN I 276 7.82 -2.90 38.09
N GLY I 277 7.39 -1.77 38.65
CA GLY I 277 6.05 -1.22 38.43
C GLY I 277 4.97 -1.81 39.32
N PHE I 278 5.35 -2.53 40.37
CA PHE I 278 4.39 -2.89 41.46
C PHE I 278 4.87 -2.31 42.78
N TYR I 279 3.89 -1.96 43.62
CA TYR I 279 4.05 -1.40 44.97
C TYR I 279 3.77 -2.50 45.99
N TYR I 280 4.82 -2.95 46.68
CA TYR I 280 4.73 -3.91 47.80
C TYR I 280 4.70 -3.11 49.10
N LEU I 281 3.61 -3.25 49.86
CA LEU I 281 3.44 -2.61 51.19
C LEU I 281 3.68 -3.68 52.26
N PHE I 282 4.66 -3.44 53.13
CA PHE I 282 5.08 -4.38 54.20
C PHE I 282 4.77 -3.76 55.57
N VAL I 283 4.25 -4.60 56.47
CA VAL I 283 4.00 -4.24 57.89
C VAL I 283 4.43 -5.43 58.76
N SER I 284 5.10 -5.14 59.87
CA SER I 284 5.42 -6.11 60.94
C SER I 284 4.25 -6.16 61.92
N SER I 285 3.88 -7.33 62.41
CA SER I 285 2.74 -7.49 63.35
C SER I 285 3.01 -8.61 64.35
N HIS I 286 2.34 -8.57 65.51
CA HIS I 286 2.48 -9.54 66.61
C HIS I 286 1.39 -10.60 66.53
N ASP I 287 1.59 -11.72 67.23
CA ASP I 287 0.57 -12.78 67.38
C ASP I 287 -0.51 -12.32 68.37
N HIS I 288 -0.10 -11.55 69.40
CA HIS I 288 -0.97 -11.10 70.51
C HIS I 288 -1.86 -9.94 70.06
N THR I 289 -1.57 -9.31 68.93
CA THR I 289 -2.33 -8.15 68.41
C THR I 289 -3.39 -8.60 67.41
N PHE I 290 -3.55 -9.91 67.19
CA PHE I 290 -4.59 -10.49 66.32
C PHE I 290 -5.91 -10.51 67.07
N ALA I 291 -7.00 -10.18 66.37
CA ALA I 291 -8.39 -10.26 66.86
C ALA I 291 -8.70 -11.70 67.24
N PRO I 292 -9.62 -11.93 68.21
CA PRO I 292 -9.98 -13.30 68.59
C PRO I 292 -10.57 -14.06 67.40
N GLY I 293 -10.38 -15.40 67.39
CA GLY I 293 -10.79 -16.29 66.30
C GLY I 293 -9.75 -16.37 65.20
N LEU I 294 -8.71 -15.54 65.27
CA LEU I 294 -7.55 -15.54 64.33
C LEU I 294 -6.30 -15.96 65.10
N GLU I 295 -5.47 -16.79 64.47
CA GLU I 295 -4.15 -17.23 65.01
C GLU I 295 -3.09 -17.02 63.94
N GLY I 296 -2.27 -15.97 64.10
CA GLY I 296 -1.12 -15.67 63.23
C GLY I 296 0.13 -15.45 64.09
N PRO I 297 1.34 -15.74 63.55
CA PRO I 297 2.58 -15.52 64.28
C PRO I 297 3.12 -14.09 64.18
N ASP I 298 3.97 -13.70 65.13
CA ASP I 298 4.91 -12.57 64.96
C ASP I 298 5.54 -12.72 63.57
N GLY I 299 5.36 -11.74 62.68
CA GLY I 299 5.86 -11.86 61.30
C GLY I 299 5.77 -10.57 60.51
N LEU I 300 6.43 -10.55 59.35
CA LEU I 300 6.26 -9.51 58.32
C LEU I 300 5.13 -9.93 57.38
N TYR I 301 4.07 -9.11 57.31
CA TYR I 301 2.94 -9.30 56.38
C TYR I 301 3.06 -8.28 55.26
N GLY I 302 2.51 -8.62 54.09
CA GLY I 302 2.79 -7.89 52.85
C GLY I 302 1.59 -7.88 51.91
N PHE I 303 1.46 -6.79 51.17
CA PHE I 303 0.38 -6.57 50.18
C PHE I 303 0.99 -5.92 48.95
N VAL I 304 0.29 -6.05 47.81
CA VAL I 304 0.81 -5.60 46.49
C VAL I 304 -0.32 -4.94 45.71
N ALA I 305 0.01 -3.88 44.98
CA ALA I 305 -0.91 -3.14 44.09
C ALA I 305 -0.12 -2.55 42.93
N ASP I 306 -0.81 -2.13 41.87
CA ASP I 306 -0.22 -1.53 40.65
C ASP I 306 0.03 -0.04 40.87
N SER I 307 -0.44 0.53 41.98
CA SER I 307 -0.32 1.97 42.32
C SER I 307 -0.03 2.11 43.82
N LEU I 308 0.61 3.21 44.24
CA LEU I 308 0.94 3.46 45.66
C LEU I 308 -0.35 3.47 46.50
N ARG I 309 -1.40 4.12 46.00
CA ARG I 309 -2.70 4.28 46.71
C ARG I 309 -3.74 3.35 46.06
N GLY I 310 -3.30 2.19 45.58
CA GLY I 310 -4.13 1.26 44.78
C GLY I 310 -4.88 0.27 45.65
N GLU I 311 -5.52 -0.70 44.98
CA GLU I 311 -6.28 -1.82 45.59
C GLU I 311 -5.28 -2.89 46.03
N TYR I 312 -4.71 -2.71 47.22
CA TYR I 312 -3.75 -3.65 47.84
C TYR I 312 -4.42 -5.00 48.06
N ARG I 313 -3.73 -6.08 47.68
CA ARG I 313 -4.16 -7.48 47.91
C ARG I 313 -3.04 -8.19 48.67
N PRO I 314 -3.38 -9.14 49.57
CA PRO I 314 -2.35 -9.77 50.41
C PRO I 314 -1.45 -10.71 49.61
N LEU I 315 -0.15 -10.68 49.92
CA LEU I 315 0.85 -11.62 49.35
C LEU I 315 0.59 -13.04 49.87
N ASN I 316 0.80 -14.05 49.03
CA ASN I 316 0.67 -15.48 49.40
C ASN I 316 -0.76 -15.78 49.88
N GLY I 317 -1.74 -14.98 49.47
CA GLY I 317 -3.18 -15.20 49.78
C GLY I 317 -3.56 -14.76 51.20
N SER I 318 -2.72 -15.04 52.20
CA SER I 318 -2.99 -14.76 53.64
C SER I 318 -2.38 -13.40 54.05
N GLY I 319 -1.28 -13.01 53.42
CA GLY I 319 -0.54 -11.78 53.75
C GLY I 319 0.79 -12.09 54.42
N LEU I 320 0.95 -13.28 54.99
CA LEU I 320 2.20 -13.68 55.68
C LEU I 320 3.32 -13.82 54.65
N VAL I 321 4.37 -13.02 54.81
CA VAL I 321 5.54 -12.98 53.90
C VAL I 321 6.72 -13.71 54.56
N LEU I 322 6.92 -13.45 55.85
CA LEU I 322 8.16 -13.87 56.57
C LEU I 322 7.82 -14.03 58.05
N THR I 323 8.29 -15.10 58.69
CA THR I 323 8.02 -15.38 60.12
C THR I 323 9.14 -16.25 60.72
N ASN I 324 9.12 -16.37 62.05
CA ASN I 324 10.08 -17.16 62.84
C ASN I 324 9.61 -18.62 62.88
N PRO I 325 10.52 -19.59 63.08
CA PRO I 325 10.14 -21.00 63.23
C PRO I 325 9.32 -21.21 64.51
N ALA I 326 8.49 -22.26 64.51
CA ALA I 326 7.59 -22.64 65.62
C ALA I 326 8.36 -22.76 66.94
N ASN I 327 9.58 -23.33 66.89
CA ASN I 327 10.39 -23.67 68.08
C ASN I 327 11.29 -22.49 68.49
N ALA I 328 11.12 -21.30 67.90
CA ALA I 328 11.78 -20.04 68.34
C ALA I 328 10.96 -18.85 67.85
N PRO I 329 9.67 -18.77 68.22
CA PRO I 329 8.70 -17.97 67.49
C PRO I 329 8.85 -16.45 67.67
N TYR I 330 9.71 -16.00 68.59
CA TYR I 330 9.90 -14.56 68.90
C TYR I 330 11.35 -14.14 68.65
N GLN I 331 12.09 -14.88 67.82
CA GLN I 331 13.56 -14.69 67.67
C GLN I 331 13.86 -13.38 66.93
N ALA I 332 12.94 -12.88 66.11
CA ALA I 332 13.12 -11.62 65.35
C ALA I 332 11.80 -10.85 65.26
N TYR I 333 11.91 -9.53 65.06
CA TYR I 333 10.76 -8.62 64.81
C TYR I 333 11.24 -7.35 64.13
N SER I 334 10.29 -6.48 63.75
CA SER I 334 10.52 -5.11 63.21
C SER I 334 11.34 -5.19 61.93
N TRP I 335 10.87 -6.02 61.00
CA TRP I 335 11.53 -6.24 59.68
C TRP I 335 11.29 -5.02 58.78
N VAL I 336 12.34 -4.64 58.04
CA VAL I 336 12.31 -3.57 56.99
C VAL I 336 12.84 -4.22 55.69
N ALA I 337 12.01 -4.21 54.65
CA ALA I 337 12.36 -4.75 53.31
C ALA I 337 12.96 -3.62 52.46
N PHE I 338 13.93 -3.96 51.61
CA PHE I 338 14.62 -3.01 50.71
C PHE I 338 15.18 -3.79 49.52
N SER I 339 15.17 -3.16 48.33
CA SER I 339 15.53 -3.80 47.04
C SER I 339 17.05 -3.84 46.87
N HIS I 340 17.57 -4.99 46.42
CA HIS I 340 18.99 -5.19 46.03
C HIS I 340 19.03 -5.92 44.69
N ARG I 341 19.24 -5.16 43.61
CA ARG I 341 19.35 -5.67 42.22
C ARG I 341 18.01 -6.28 41.87
N GLU I 342 17.89 -7.62 41.97
CA GLU I 342 16.67 -8.37 41.57
C GLU I 342 16.14 -9.14 42.77
N GLU I 343 16.78 -9.03 43.92
CA GLU I 343 16.33 -9.66 45.19
C GLU I 343 15.66 -8.61 46.10
N LEU I 344 14.93 -9.08 47.11
CA LEU I 344 14.46 -8.27 48.25
C LEU I 344 15.23 -8.73 49.50
N LEU I 345 15.89 -7.79 50.18
CA LEU I 345 16.55 -8.05 51.48
C LEU I 345 15.65 -7.52 52.59
N VAL I 346 15.68 -8.21 53.75
CA VAL I 346 14.78 -7.93 54.90
C VAL I 346 15.63 -7.97 56.16
N SER I 347 15.73 -6.84 56.87
CA SER I 347 16.52 -6.70 58.13
C SER I 347 15.58 -6.45 59.30
N GLY I 348 15.48 -7.44 60.21
CA GLY I 348 14.85 -7.26 61.52
C GLY I 348 15.91 -7.15 62.60
N PHE I 349 15.51 -7.27 63.87
CA PHE I 349 16.44 -7.28 65.02
C PHE I 349 16.23 -8.61 65.78
N PHE I 350 17.27 -9.02 66.51
CA PHE I 350 17.31 -10.31 67.26
C PHE I 350 16.60 -10.10 68.59
N ASN I 351 15.39 -10.68 68.73
CA ASN I 351 14.40 -10.30 69.77
C ASN I 351 14.52 -11.24 70.98
N TYR I 352 13.81 -12.37 70.99
CA TYR I 352 13.67 -13.26 72.17
C TYR I 352 13.92 -14.71 71.78
N TYR I 353 14.90 -15.36 72.40
CA TYR I 353 15.34 -16.74 72.04
C TYR I 353 15.53 -17.57 73.30
N ASP I 354 15.62 -18.90 73.14
CA ASP I 354 15.92 -19.87 74.22
C ASP I 354 14.82 -19.81 75.28
N LEU I 355 13.56 -19.64 74.86
CA LEU I 355 12.40 -19.54 75.78
C LEU I 355 12.04 -20.93 76.31
N GLY I 356 12.38 -21.98 75.55
CA GLY I 356 12.09 -23.38 75.90
C GLY I 356 10.61 -23.71 75.86
N GLY I 357 9.75 -22.76 75.45
CA GLY I 357 8.29 -22.94 75.34
C GLY I 357 7.51 -21.77 75.90
N LEU I 358 8.16 -20.92 76.72
CA LEU I 358 7.52 -19.82 77.48
C LEU I 358 6.85 -18.83 76.50
N THR I 359 5.71 -18.26 76.90
CA THR I 359 5.03 -17.15 76.20
C THR I 359 5.70 -15.83 76.63
N LEU I 360 5.44 -14.73 75.91
CA LEU I 360 6.10 -13.42 76.14
C LEU I 360 5.74 -12.92 77.54
N ASP I 361 4.48 -13.09 77.94
CA ASP I 361 3.96 -12.68 79.28
C ASP I 361 4.75 -13.42 80.36
N ASP I 362 5.10 -14.70 80.12
CA ASP I 362 5.83 -15.57 81.07
C ASP I 362 7.26 -15.05 81.26
N VAL I 363 7.85 -14.42 80.24
CA VAL I 363 9.26 -13.96 80.28
C VAL I 363 9.40 -12.92 81.40
N ALA I 364 8.40 -12.03 81.54
CA ALA I 364 8.35 -10.96 82.56
C ALA I 364 8.52 -11.54 83.97
N THR I 365 8.17 -12.81 84.18
CA THR I 365 8.24 -13.50 85.50
C THR I 365 9.69 -13.66 85.94
N LEU I 366 10.58 -13.99 85.00
CA LEU I 366 11.97 -14.46 85.25
C LEU I 366 12.78 -13.37 85.95
N SER I 367 13.87 -13.79 86.62
CA SER I 367 14.85 -12.90 87.28
C SER I 367 15.41 -11.94 86.24
N PRO I 368 15.88 -10.73 86.64
CA PRO I 368 16.50 -9.80 85.71
C PRO I 368 17.60 -10.45 84.85
N ASP I 369 18.50 -11.23 85.45
CA ASP I 369 19.59 -11.93 84.73
C ASP I 369 18.99 -12.88 83.68
N GLU I 370 17.97 -13.65 84.07
CA GLU I 370 17.35 -14.68 83.20
C GLU I 370 16.62 -13.98 82.03
N GLN I 371 16.15 -12.74 82.23
CA GLN I 371 15.46 -11.96 81.17
C GLN I 371 16.49 -11.41 80.17
N ARG I 372 17.55 -10.78 80.66
CA ARG I 372 18.63 -10.23 79.81
C ARG I 372 19.30 -11.36 79.00
N ALA I 373 19.38 -12.58 79.53
CA ALA I 373 20.07 -13.70 78.86
C ALA I 373 19.30 -14.18 77.62
N LYS I 374 18.04 -13.75 77.48
CA LYS I 374 17.05 -14.28 76.51
C LYS I 374 16.70 -13.21 75.49
N PHE I 375 17.47 -12.13 75.43
CA PHE I 375 17.26 -10.98 74.52
C PHE I 375 18.57 -10.70 73.77
N GLY I 376 18.49 -10.71 72.44
CA GLY I 376 19.62 -10.41 71.54
C GLY I 376 20.03 -8.95 71.68
N GLY I 377 19.21 -8.05 71.16
CA GLY I 377 19.48 -6.60 71.13
C GLY I 377 20.55 -6.26 70.10
N THR I 378 20.55 -6.98 68.97
CA THR I 378 21.44 -6.74 67.82
C THR I 378 20.62 -6.90 66.54
N LEU I 379 21.25 -6.74 65.39
CA LEU I 379 20.58 -6.97 64.09
C LEU I 379 20.53 -8.47 63.82
N ALA I 380 19.39 -8.94 63.32
CA ALA I 380 19.15 -10.33 62.87
C ALA I 380 19.87 -10.55 61.55
N PRO I 381 20.24 -11.80 61.20
CA PRO I 381 20.79 -12.12 59.88
C PRO I 381 19.80 -11.70 58.79
N THR I 382 20.21 -10.80 57.89
CA THR I 382 19.28 -10.19 56.91
C THR I 382 18.89 -11.27 55.90
N VAL I 383 17.59 -11.40 55.68
CA VAL I 383 16.99 -12.49 54.86
C VAL I 383 16.97 -12.05 53.41
N ARG I 384 17.30 -12.97 52.51
CA ARG I 384 17.17 -12.78 51.04
C ARG I 384 15.87 -13.45 50.62
N VAL I 385 14.97 -12.69 50.00
CA VAL I 385 13.67 -13.21 49.49
C VAL I 385 13.54 -12.84 48.01
N ALA I 386 12.73 -13.61 47.30
CA ALA I 386 12.42 -13.42 45.87
C ALA I 386 10.92 -13.18 45.73
N LEU I 387 10.54 -12.04 45.15
CA LEU I 387 9.13 -11.67 44.85
C LEU I 387 8.77 -12.17 43.46
N SER I 388 7.55 -12.66 43.29
CA SER I 388 7.03 -13.29 42.04
C SER I 388 5.56 -12.90 41.87
N GLY I 389 5.30 -11.60 41.66
CA GLY I 389 3.92 -11.09 41.62
C GLY I 389 3.36 -10.97 43.03
N ASP I 390 2.28 -11.71 43.33
CA ASP I 390 1.64 -11.68 44.68
C ASP I 390 2.18 -12.86 45.52
N ARG I 391 3.30 -13.47 45.13
CA ARG I 391 3.91 -14.65 45.81
C ARG I 391 5.34 -14.33 46.22
N THR I 392 5.77 -14.79 47.40
CA THR I 392 7.13 -14.58 47.94
C THR I 392 7.75 -15.92 48.34
N ARG I 393 9.08 -15.96 48.47
CA ARG I 393 9.85 -17.16 48.82
C ARG I 393 11.17 -16.72 49.46
N ILE I 394 11.49 -17.27 50.64
CA ILE I 394 12.81 -17.11 51.32
C ILE I 394 13.83 -17.85 50.47
N THR I 395 14.92 -17.19 50.09
CA THR I 395 15.98 -17.76 49.20
C THR I 395 17.24 -18.05 50.02
N GLY I 396 17.48 -17.31 51.10
CA GLY I 396 18.63 -17.56 51.99
C GLY I 396 18.80 -16.44 52.99
N THR I 397 19.98 -16.34 53.60
CA THR I 397 20.33 -15.28 54.58
C THR I 397 21.76 -14.79 54.36
N LEU I 398 22.09 -13.67 54.99
CA LEU I 398 23.46 -13.10 55.03
C LEU I 398 23.90 -13.03 56.48
N SER I 399 25.08 -12.48 56.74
CA SER I 399 25.61 -12.23 58.11
C SER I 399 24.61 -11.35 58.89
N HIS I 400 24.76 -11.33 60.22
CA HIS I 400 23.93 -10.50 61.13
C HIS I 400 23.97 -9.04 60.67
N GLY I 401 22.80 -8.45 60.44
CA GLY I 401 22.63 -7.03 60.09
C GLY I 401 23.56 -6.61 58.97
N ARG I 402 23.63 -7.41 57.90
CA ARG I 402 24.33 -6.98 56.66
C ARG I 402 23.37 -6.13 55.84
N ILE I 403 23.66 -4.84 55.66
CA ILE I 403 22.89 -3.94 54.75
C ILE I 403 23.81 -3.56 53.59
N PRO I 404 23.74 -4.31 52.46
CA PRO I 404 24.58 -4.01 51.30
C PRO I 404 23.97 -2.98 50.35
N LEU I 405 24.83 -2.28 49.60
CA LEU I 405 24.42 -1.40 48.46
C LEU I 405 24.18 -2.28 47.24
N GLU I 406 23.49 -1.74 46.23
CA GLU I 406 23.19 -2.44 44.95
C GLU I 406 24.51 -2.68 44.20
N SER I 407 25.53 -1.87 44.48
CA SER I 407 26.89 -1.95 43.87
C SER I 407 27.63 -3.21 44.35
N GLU I 408 27.10 -3.95 45.33
CA GLU I 408 27.82 -5.06 46.00
C GLU I 408 27.20 -6.40 45.60
N GLU I 409 28.08 -7.37 45.27
CA GLU I 409 27.67 -8.72 44.81
C GLU I 409 27.46 -9.61 46.02
N LEU I 410 26.33 -10.31 46.08
CA LEU I 410 26.03 -11.26 47.19
C LEU I 410 26.41 -12.67 46.75
N PRO I 411 26.73 -13.55 47.73
CA PRO I 411 27.02 -14.96 47.44
C PRO I 411 25.91 -15.68 46.66
N ASP I 412 26.28 -16.67 45.86
CA ASP I 412 25.38 -17.39 44.93
C ASP I 412 24.58 -18.45 45.71
N LEU I 413 23.46 -18.89 45.13
CA LEU I 413 22.55 -19.92 45.69
C LEU I 413 22.52 -21.12 44.74
N PRO I 414 21.83 -22.22 45.09
CA PRO I 414 21.70 -23.34 44.15
C PRO I 414 20.87 -22.97 42.91
N ALA J 9 -13.05 6.78 32.49
CA ALA J 9 -11.60 7.05 32.75
C ALA J 9 -10.74 5.93 32.13
N THR J 10 -11.00 5.57 30.87
CA THR J 10 -10.50 4.32 30.22
C THR J 10 -8.98 4.36 30.10
N PRO J 11 -8.26 3.31 30.54
CA PRO J 11 -6.79 3.29 30.45
C PRO J 11 -6.34 3.47 28.99
N ARG J 12 -5.30 4.27 28.77
CA ARG J 12 -4.86 4.65 27.41
C ARG J 12 -3.39 4.26 27.22
N TRP J 13 -3.11 3.56 26.11
CA TRP J 13 -1.78 3.46 25.47
C TRP J 13 -1.52 4.79 24.77
N THR J 14 -0.60 5.59 25.30
CA THR J 14 -0.37 7.01 24.91
C THR J 14 0.72 7.07 23.84
N ARG J 15 0.79 8.20 23.14
CA ARG J 15 1.86 8.50 22.15
C ARG J 15 3.21 8.60 22.88
N GLU J 16 3.22 9.06 24.13
CA GLU J 16 4.45 9.14 24.96
C GLU J 16 5.01 7.72 25.14
N HIS J 17 4.15 6.71 25.26
CA HIS J 17 4.54 5.28 25.34
C HIS J 17 5.12 4.84 23.99
N ALA J 18 4.35 4.97 22.92
CA ALA J 18 4.69 4.51 21.56
C ALA J 18 6.01 5.14 21.09
N SER J 19 6.27 6.38 21.50
CA SER J 19 7.51 7.13 21.16
C SER J 19 8.75 6.32 21.59
N LYS J 20 8.63 5.52 22.65
CA LYS J 20 9.76 4.79 23.27
C LYS J 20 9.93 3.41 22.63
N ILE J 21 9.01 2.98 21.75
CA ILE J 21 9.06 1.64 21.08
C ILE J 21 10.42 1.49 20.38
N GLU J 22 11.04 0.32 20.53
CA GLU J 22 12.45 0.08 20.09
C GLU J 22 12.76 -1.40 20.23
N ARG J 23 13.31 -2.02 19.19
CA ARG J 23 13.80 -3.42 19.24
C ARG J 23 14.91 -3.53 20.29
N THR J 24 14.85 -4.55 21.16
CA THR J 24 15.90 -4.87 22.15
C THR J 24 16.14 -6.38 22.15
N ASP J 25 17.27 -6.82 22.72
CA ASP J 25 17.63 -8.26 22.83
C ASP J 25 16.50 -9.02 23.52
N GLU J 26 15.74 -8.35 24.39
CA GLU J 26 14.69 -8.96 25.24
C GLU J 26 13.36 -9.09 24.50
N THR J 27 13.20 -8.48 23.32
CA THR J 27 11.90 -8.44 22.60
C THR J 27 12.00 -9.06 21.19
N VAL J 28 13.20 -9.38 20.70
CA VAL J 28 13.39 -9.83 19.30
C VAL J 28 13.52 -11.35 19.27
N VAL J 29 12.64 -12.01 18.49
CA VAL J 29 12.60 -13.49 18.35
C VAL J 29 13.71 -13.91 17.40
N PRO J 30 14.24 -15.15 17.47
CA PRO J 30 15.15 -15.65 16.45
C PRO J 30 14.49 -15.74 15.07
N ILE J 31 15.33 -15.86 14.03
CA ILE J 31 14.87 -16.06 12.63
C ILE J 31 14.06 -17.34 12.56
N ILE J 32 12.91 -17.28 11.90
CA ILE J 32 12.03 -18.45 11.65
C ILE J 32 12.41 -19.02 10.28
N TYR J 33 12.77 -20.30 10.26
CA TYR J 33 13.08 -21.07 9.03
C TYR J 33 11.91 -22.03 8.76
N PRO J 34 11.57 -22.29 7.49
CA PRO J 34 10.41 -23.13 7.17
C PRO J 34 10.61 -24.52 7.76
N PRO J 35 9.53 -25.21 8.19
CA PRO J 35 9.63 -26.60 8.64
C PRO J 35 9.92 -27.54 7.47
N ARG J 36 10.50 -28.70 7.75
CA ARG J 36 11.07 -29.62 6.72
C ARG J 36 9.96 -30.19 5.83
N GLU J 37 8.78 -30.47 6.40
CA GLU J 37 7.56 -30.85 5.64
C GLU J 37 6.37 -30.05 6.18
N ASP J 38 5.26 -30.01 5.43
CA ASP J 38 3.99 -29.32 5.79
C ASP J 38 2.98 -30.38 6.22
N ALA J 39 2.31 -30.17 7.36
CA ALA J 39 1.25 -31.06 7.91
C ALA J 39 0.11 -31.19 6.89
N ALA J 40 -0.22 -30.09 6.21
CA ALA J 40 -1.15 -30.03 5.06
C ALA J 40 -0.53 -29.17 3.97
N PRO J 41 0.19 -29.77 2.98
CA PRO J 41 0.73 -29.01 1.85
C PRO J 41 -0.36 -28.27 1.09
N GLU J 42 -1.60 -28.78 1.15
CA GLU J 42 -2.77 -28.27 0.39
C GLU J 42 -3.39 -27.05 1.08
N ILE J 43 -2.97 -26.71 2.30
CA ILE J 43 -3.65 -25.67 3.14
C ILE J 43 -2.62 -24.70 3.72
N ASN J 44 -2.90 -23.41 3.64
CA ASN J 44 -2.17 -22.35 4.38
C ASN J 44 -2.99 -22.02 5.63
N GLY J 45 -2.32 -21.95 6.79
CA GLY J 45 -2.95 -21.76 8.11
C GLY J 45 -2.33 -20.59 8.86
N TRP J 46 -3.16 -19.77 9.49
CA TRP J 46 -2.70 -18.62 10.32
C TRP J 46 -3.68 -18.41 11.46
N ASP J 47 -3.47 -17.35 12.26
CA ASP J 47 -4.35 -16.91 13.38
C ASP J 47 -4.93 -18.15 14.09
N THR J 48 -4.10 -18.81 14.89
CA THR J 48 -4.43 -20.09 15.55
C THR J 48 -4.79 -19.81 17.01
N TRP J 49 -5.75 -20.55 17.58
CA TRP J 49 -6.20 -20.44 18.99
C TRP J 49 -6.45 -21.83 19.57
N PHE J 50 -6.46 -21.95 20.89
CA PHE J 50 -6.49 -23.26 21.61
C PHE J 50 -7.90 -23.54 22.13
N LEU J 51 -8.30 -24.82 22.07
CA LEU J 51 -9.45 -25.32 22.84
C LEU J 51 -9.07 -25.29 24.32
N ARG J 52 -9.71 -24.40 25.08
CA ARG J 52 -9.44 -24.21 26.53
C ARG J 52 -10.63 -24.74 27.34
N GLU J 53 -10.36 -25.17 28.58
CA GLU J 53 -11.39 -25.36 29.63
C GLU J 53 -11.84 -23.98 30.10
N ARG J 54 -12.77 -23.94 31.05
CA ARG J 54 -13.41 -22.69 31.50
C ARG J 54 -12.37 -21.77 32.16
N ASP J 55 -11.46 -22.31 32.97
CA ASP J 55 -10.43 -21.50 33.71
C ASP J 55 -9.45 -20.87 32.71
N GLY J 56 -9.28 -21.49 31.54
CA GLY J 56 -8.38 -21.01 30.47
C GLY J 56 -7.27 -22.01 30.16
N SER J 57 -7.04 -23.00 31.03
CA SER J 57 -6.04 -24.08 30.83
C SER J 57 -6.33 -24.82 29.52
N ILE J 58 -5.30 -25.33 28.85
CA ILE J 58 -5.42 -26.06 27.56
C ILE J 58 -6.29 -27.29 27.82
N ALA J 59 -7.39 -27.44 27.09
CA ALA J 59 -8.31 -28.59 27.22
C ALA J 59 -7.62 -29.84 26.68
N THR J 60 -7.93 -30.98 27.30
CA THR J 60 -7.42 -32.33 26.93
C THR J 60 -8.62 -33.29 26.89
N VAL J 61 -8.90 -33.88 25.72
CA VAL J 61 -10.00 -34.85 25.49
C VAL J 61 -9.36 -36.20 25.13
N GLY J 62 -9.58 -37.19 26.00
CA GLY J 62 -8.77 -38.43 26.02
C GLY J 62 -7.33 -38.01 26.15
N GLY J 63 -6.51 -38.27 25.14
CA GLY J 63 -5.07 -37.90 25.17
C GLY J 63 -4.79 -36.56 24.49
N TRP J 64 -5.82 -35.96 23.87
CA TRP J 64 -5.63 -35.04 22.69
C TRP J 64 -5.83 -33.58 23.10
N ARG J 65 -4.94 -32.69 22.62
CA ARG J 65 -5.18 -31.23 22.61
C ARG J 65 -5.83 -30.91 21.26
N VAL J 66 -6.70 -29.91 21.25
CA VAL J 66 -7.33 -29.40 20.01
C VAL J 66 -6.93 -27.93 19.84
N ILE J 67 -6.62 -27.55 18.61
CA ILE J 67 -6.37 -26.13 18.22
C ILE J 67 -7.23 -25.83 16.98
N PHE J 68 -7.48 -24.54 16.76
CA PHE J 68 -8.26 -24.01 15.62
C PHE J 68 -7.38 -23.02 14.87
N SER J 69 -7.47 -23.03 13.54
CA SER J 69 -6.73 -22.11 12.64
C SER J 69 -7.69 -21.53 11.59
N LEU J 70 -7.46 -20.28 11.21
CA LEU J 70 -7.97 -19.72 9.93
C LEU J 70 -7.17 -20.42 8.81
N THR J 71 -7.87 -20.88 7.77
CA THR J 71 -7.26 -21.64 6.66
C THR J 71 -7.81 -21.15 5.33
N ALA J 72 -6.98 -21.24 4.30
CA ALA J 72 -7.34 -21.06 2.88
C ALA J 72 -6.59 -22.08 2.05
N PRO J 73 -7.06 -22.39 0.82
CA PRO J 73 -6.30 -23.22 -0.10
C PRO J 73 -4.88 -22.66 -0.34
N ALA J 74 -3.86 -23.53 -0.37
CA ALA J 74 -2.44 -23.16 -0.52
C ALA J 74 -2.20 -22.48 -1.87
N ASP J 75 -2.91 -22.92 -2.92
CA ASP J 75 -2.72 -22.39 -4.30
C ASP J 75 -3.26 -20.95 -4.40
N LEU J 76 -4.02 -20.48 -3.40
CA LEU J 76 -4.61 -19.12 -3.39
C LEU J 76 -3.53 -18.09 -3.03
N LEU J 77 -3.65 -16.87 -3.56
CA LEU J 77 -2.70 -15.76 -3.28
C LEU J 77 -2.79 -15.41 -1.81
N PRO J 78 -1.66 -15.26 -1.10
CA PRO J 78 -1.66 -14.91 0.33
C PRO J 78 -2.51 -13.66 0.63
N GLY J 79 -2.31 -12.57 -0.11
CA GLY J 79 -2.99 -11.28 0.11
C GLY J 79 -4.50 -11.39 0.12
N LYS J 80 -5.07 -12.45 -0.45
CA LYS J 80 -6.55 -12.61 -0.63
C LYS J 80 -7.14 -13.66 0.33
N ARG J 81 -6.30 -14.33 1.14
CA ARG J 81 -6.76 -15.42 2.04
C ARG J 81 -7.87 -14.91 2.98
N HIS J 82 -7.85 -13.63 3.34
CA HIS J 82 -8.79 -13.03 4.33
C HIS J 82 -10.24 -13.05 3.81
N ASP J 83 -10.42 -13.12 2.49
CA ASP J 83 -11.77 -13.03 1.86
C ASP J 83 -12.47 -14.40 1.90
N VAL J 84 -11.73 -15.50 2.11
CA VAL J 84 -12.28 -16.89 2.03
C VAL J 84 -11.84 -17.71 3.25
N ALA J 85 -11.50 -17.06 4.37
CA ALA J 85 -11.01 -17.72 5.59
C ALA J 85 -12.06 -18.72 6.09
N GLU J 86 -11.63 -19.94 6.40
CA GLU J 86 -12.48 -21.04 6.92
C GLU J 86 -11.80 -21.61 8.16
N ILE J 87 -12.56 -21.88 9.22
CA ILE J 87 -12.00 -22.42 10.49
C ILE J 87 -11.86 -23.94 10.35
N ARG J 88 -10.62 -24.43 10.39
CA ARG J 88 -10.31 -25.87 10.53
C ARG J 88 -9.83 -26.13 11.96
N TYR J 89 -9.99 -27.36 12.43
CA TYR J 89 -9.45 -27.81 13.74
C TYR J 89 -8.38 -28.87 13.48
N PHE J 90 -7.38 -28.88 14.36
CA PHE J 90 -6.26 -29.86 14.36
C PHE J 90 -6.16 -30.43 15.77
N TYR J 91 -5.71 -31.68 15.87
CA TYR J 91 -5.56 -32.40 17.17
C TYR J 91 -4.17 -33.02 17.22
N SER J 92 -3.61 -33.13 18.43
CA SER J 92 -2.26 -33.69 18.69
C SER J 92 -2.22 -34.37 20.06
N ARG J 93 -1.48 -35.47 20.17
CA ARG J 93 -1.30 -36.17 21.47
C ARG J 93 -0.10 -35.59 22.22
N ASP J 94 0.94 -35.16 21.51
CA ASP J 94 2.23 -34.70 22.11
C ASP J 94 2.27 -33.17 22.23
N GLY J 95 1.90 -32.44 21.18
CA GLY J 95 1.95 -30.96 21.19
C GLY J 95 2.72 -30.43 19.99
N GLU J 96 3.32 -31.35 19.21
CA GLU J 96 4.23 -31.03 18.07
C GLU J 96 3.62 -31.52 16.76
N THR J 97 3.22 -32.80 16.70
CA THR J 97 2.73 -33.47 15.46
C THR J 97 1.20 -33.33 15.39
N TRP J 98 0.71 -32.30 14.70
CA TRP J 98 -0.75 -31.99 14.57
C TRP J 98 -1.33 -32.71 13.36
N PHE J 99 -2.54 -33.27 13.53
CA PHE J 99 -3.33 -33.91 12.45
C PHE J 99 -4.47 -32.97 12.05
N ASP J 100 -4.68 -32.81 10.74
CA ASP J 100 -5.79 -32.00 10.16
C ASP J 100 -7.10 -32.71 10.47
N GLY J 101 -8.01 -32.04 11.20
CA GLY J 101 -9.36 -32.56 11.50
C GLY J 101 -10.38 -32.10 10.47
N GLY J 102 -9.99 -31.22 9.55
CA GLY J 102 -10.88 -30.68 8.52
C GLY J 102 -11.67 -29.47 9.03
N PRO J 103 -12.63 -28.93 8.24
CA PRO J 103 -13.43 -27.80 8.68
C PRO J 103 -14.25 -28.14 9.94
N VAL J 104 -14.42 -27.16 10.82
CA VAL J 104 -15.14 -27.32 12.11
C VAL J 104 -16.63 -27.32 11.84
N PHE J 105 -17.08 -26.49 10.90
CA PHE J 105 -18.52 -26.24 10.60
C PHE J 105 -18.88 -26.86 9.26
N GLU J 106 -20.06 -27.50 9.21
CA GLU J 106 -20.61 -28.21 8.02
C GLU J 106 -21.73 -27.35 7.39
N GLY J 107 -21.54 -26.04 7.48
CA GLY J 107 -22.43 -25.01 6.95
C GLY J 107 -23.11 -24.24 8.06
N GLY J 108 -24.19 -23.52 7.72
CA GLY J 108 -24.95 -22.61 8.60
C GLY J 108 -24.10 -21.54 9.26
N THR J 109 -22.83 -21.40 8.82
CA THR J 109 -21.84 -20.48 9.45
C THR J 109 -22.23 -19.03 9.13
N ARG J 110 -22.06 -18.14 10.09
CA ARG J 110 -22.40 -16.70 9.94
C ARG J 110 -21.28 -16.00 9.15
N GLY J 111 -21.65 -15.04 8.31
CA GLY J 111 -20.72 -14.21 7.53
C GLY J 111 -20.29 -14.89 6.23
N SER J 112 -19.89 -14.08 5.24
CA SER J 112 -19.31 -14.55 3.95
C SER J 112 -18.06 -15.39 4.24
N ARG J 113 -17.28 -15.05 5.26
CA ARG J 113 -16.15 -15.88 5.77
C ARG J 113 -16.02 -15.68 7.29
N GLN J 114 -15.18 -16.49 7.93
CA GLN J 114 -15.00 -16.51 9.42
C GLN J 114 -13.59 -16.03 9.75
N TRP J 115 -13.46 -15.09 10.68
CA TRP J 115 -12.18 -14.57 11.22
C TRP J 115 -11.96 -15.07 12.65
N ALA J 116 -10.79 -14.81 13.23
CA ALA J 116 -10.28 -15.50 14.44
C ALA J 116 -11.24 -15.28 15.61
N GLY J 117 -11.19 -16.19 16.58
CA GLY J 117 -11.92 -16.09 17.87
C GLY J 117 -11.24 -16.88 18.97
N SER J 118 -11.97 -17.81 19.58
CA SER J 118 -11.51 -18.65 20.71
C SER J 118 -12.41 -19.89 20.79
N ALA J 119 -12.09 -20.81 21.70
CA ALA J 119 -12.78 -22.11 21.84
C ALA J 119 -12.89 -22.46 23.32
N LEU J 120 -14.07 -22.91 23.74
CA LEU J 120 -14.37 -23.28 25.13
C LEU J 120 -14.99 -24.68 25.15
N LEU J 121 -14.36 -25.59 25.90
CA LEU J 121 -14.98 -26.87 26.34
C LEU J 121 -15.48 -26.66 27.76
N ASP J 122 -16.78 -26.38 27.90
CA ASP J 122 -17.40 -25.99 29.20
C ASP J 122 -17.28 -27.18 30.16
N ASP J 123 -17.53 -26.95 31.45
CA ASP J 123 -17.54 -28.02 32.49
C ASP J 123 -18.59 -29.08 32.13
N ASP J 124 -19.71 -28.66 31.56
CA ASP J 124 -20.86 -29.55 31.19
C ASP J 124 -20.53 -30.39 29.95
N GLY J 125 -19.40 -30.13 29.28
CA GLY J 125 -18.94 -30.89 28.10
C GLY J 125 -19.41 -30.27 26.78
N ARG J 126 -20.21 -29.19 26.84
CA ARG J 126 -20.70 -28.47 25.64
C ARG J 126 -19.54 -27.72 24.99
N LEU J 127 -19.46 -27.72 23.66
CA LEU J 127 -18.40 -27.03 22.90
C LEU J 127 -18.94 -25.70 22.34
N TYR J 128 -18.22 -24.61 22.59
CA TYR J 128 -18.49 -23.26 22.03
C TYR J 128 -17.25 -22.82 21.23
N VAL J 129 -17.40 -22.59 19.93
CA VAL J 129 -16.32 -22.05 19.06
C VAL J 129 -16.70 -20.62 18.68
N PHE J 130 -16.19 -19.64 19.43
CA PHE J 130 -16.37 -18.19 19.17
C PHE J 130 -15.55 -17.82 17.93
N TYR J 131 -16.14 -17.07 17.01
CA TYR J 131 -15.48 -16.62 15.76
C TYR J 131 -16.05 -15.26 15.37
N THR J 132 -15.37 -14.59 14.43
CA THR J 132 -15.83 -13.31 13.82
C THR J 132 -16.54 -13.65 12.51
N ALA J 133 -17.80 -13.25 12.39
CA ALA J 133 -18.58 -13.29 11.13
C ALA J 133 -18.23 -12.04 10.30
N SER J 134 -17.40 -12.21 9.28
CA SER J 134 -17.00 -11.14 8.33
C SER J 134 -17.92 -11.19 7.11
N GLY J 135 -18.48 -10.03 6.74
CA GLY J 135 -19.54 -9.92 5.72
C GLY J 135 -20.81 -10.62 6.16
N ARG J 136 -21.66 -10.95 5.19
CA ARG J 136 -22.92 -11.72 5.38
C ARG J 136 -22.93 -12.88 4.37
N ALA J 137 -23.44 -14.03 4.77
CA ALA J 137 -23.44 -15.29 3.97
C ALA J 137 -24.03 -15.03 2.58
N GLY J 138 -23.33 -15.44 1.52
CA GLY J 138 -23.78 -15.37 0.13
C GLY J 138 -23.97 -13.94 -0.37
N GLU J 139 -23.19 -12.98 0.15
CA GLU J 139 -23.21 -11.57 -0.32
C GLU J 139 -22.64 -11.50 -1.74
N ALA J 140 -23.10 -10.51 -2.52
CA ALA J 140 -22.74 -10.30 -3.94
C ALA J 140 -21.28 -9.85 -4.04
N GLU J 141 -20.97 -8.67 -3.51
CA GLU J 141 -19.60 -8.09 -3.38
C GLU J 141 -19.17 -8.22 -1.92
N ILE J 142 -17.88 -8.49 -1.67
CA ILE J 142 -17.35 -8.68 -0.29
C ILE J 142 -17.53 -7.38 0.51
N THR J 143 -18.13 -7.47 1.70
CA THR J 143 -18.24 -6.36 2.69
C THR J 143 -17.27 -6.65 3.84
N TYR J 144 -16.96 -5.65 4.66
CA TYR J 144 -16.03 -5.79 5.81
C TYR J 144 -16.79 -5.55 7.11
N GLU J 145 -18.04 -6.00 7.17
CA GLU J 145 -18.90 -5.97 8.39
C GLU J 145 -18.48 -7.13 9.30
N GLN J 146 -18.14 -6.83 10.55
CA GLN J 146 -17.61 -7.80 11.52
C GLN J 146 -18.56 -7.87 12.72
N ARG J 147 -18.97 -9.07 13.11
CA ARG J 147 -19.86 -9.31 14.28
C ARG J 147 -19.33 -10.53 15.04
N LEU J 148 -19.35 -10.50 16.37
CA LEU J 148 -18.88 -11.61 17.23
C LEU J 148 -19.97 -12.67 17.26
N ALA J 149 -19.68 -13.86 16.73
CA ALA J 149 -20.64 -14.99 16.62
C ALA J 149 -20.10 -16.18 17.39
N VAL J 150 -20.91 -17.22 17.58
CA VAL J 150 -20.47 -18.51 18.19
C VAL J 150 -21.17 -19.67 17.47
N GLY J 151 -20.43 -20.77 17.25
CA GLY J 151 -20.98 -22.09 16.88
C GLY J 151 -21.13 -22.98 18.10
N SER J 152 -22.25 -22.87 18.82
CA SER J 152 -22.53 -23.62 20.08
C SER J 152 -23.09 -25.02 19.77
N GLY J 153 -23.12 -25.88 20.79
CA GLY J 153 -23.77 -27.21 20.76
C GLY J 153 -22.96 -28.24 20.00
N GLY J 154 -21.64 -28.09 19.96
CA GLY J 154 -20.73 -29.06 19.33
C GLY J 154 -20.45 -30.25 20.23
N SER J 155 -20.10 -31.39 19.64
CA SER J 155 -19.72 -32.63 20.36
C SER J 155 -18.32 -33.05 19.93
N VAL J 156 -17.46 -33.39 20.89
CA VAL J 156 -16.02 -33.75 20.68
C VAL J 156 -15.87 -35.24 21.02
N VAL J 157 -15.68 -36.07 19.99
CA VAL J 157 -15.44 -37.54 20.13
C VAL J 157 -13.94 -37.78 19.90
N ALA J 158 -13.28 -38.50 20.82
CA ALA J 158 -11.86 -38.89 20.69
C ALA J 158 -11.73 -40.41 20.84
N ASP J 159 -11.28 -41.10 19.78
CA ASP J 159 -10.86 -42.52 19.84
C ASP J 159 -9.34 -42.52 20.05
N ASP J 160 -8.68 -43.67 19.92
CA ASP J 160 -7.19 -43.77 19.98
C ASP J 160 -6.61 -43.44 18.59
N ASP J 161 -7.48 -43.23 17.58
CA ASP J 161 -7.08 -42.99 16.17
C ASP J 161 -7.08 -41.49 15.87
N GLY J 162 -7.93 -40.70 16.54
CA GLY J 162 -7.95 -39.24 16.35
C GLY J 162 -9.11 -38.56 17.05
N VAL J 163 -9.49 -37.38 16.58
CA VAL J 163 -10.58 -36.54 17.15
C VAL J 163 -11.49 -36.11 16.00
N ARG J 164 -12.80 -36.31 16.15
CA ARG J 164 -13.83 -35.76 15.25
C ARG J 164 -14.71 -34.80 16.07
N ILE J 165 -15.00 -33.63 15.51
CA ILE J 165 -16.01 -32.68 16.05
C ILE J 165 -17.31 -32.89 15.28
N GLU J 166 -18.33 -33.42 15.95
CA GLU J 166 -19.56 -33.95 15.31
C GLU J 166 -20.78 -33.24 15.89
N GLY J 167 -21.96 -33.65 15.41
CA GLY J 167 -23.26 -33.20 15.91
C GLY J 167 -23.74 -32.00 15.13
N PRO J 168 -24.98 -31.53 15.42
CA PRO J 168 -25.51 -30.31 14.81
C PRO J 168 -24.88 -29.08 15.45
N PHE J 169 -24.54 -28.07 14.64
CA PHE J 169 -23.98 -26.79 15.13
C PHE J 169 -25.06 -25.72 15.11
N ALA J 170 -25.18 -24.97 16.21
CA ALA J 170 -26.13 -23.83 16.36
C ALA J 170 -25.33 -22.52 16.34
N HIS J 171 -25.55 -21.72 15.30
CA HIS J 171 -24.79 -20.50 14.94
C HIS J 171 -25.64 -19.27 15.24
N GLY J 172 -25.12 -18.32 16.04
CA GLY J 172 -25.83 -17.08 16.37
C GLY J 172 -24.86 -15.94 16.58
N VAL J 173 -25.21 -14.73 16.12
CA VAL J 173 -24.46 -13.49 16.42
C VAL J 173 -24.61 -13.20 17.92
N LEU J 174 -23.50 -12.88 18.59
CA LEU J 174 -23.47 -12.58 20.04
C LEU J 174 -23.44 -11.06 20.24
N LEU J 175 -22.57 -10.33 19.52
CA LEU J 175 -22.38 -8.87 19.76
C LEU J 175 -22.11 -8.14 18.45
N GLU J 176 -22.69 -6.93 18.33
CA GLU J 176 -22.41 -5.93 17.29
C GLU J 176 -22.15 -4.60 17.99
N PRO J 177 -21.29 -3.72 17.44
CA PRO J 177 -20.87 -2.51 18.16
C PRO J 177 -22.05 -1.58 18.50
N ASP J 178 -22.03 -1.04 19.71
CA ASP J 178 -23.15 -0.24 20.28
C ASP J 178 -23.25 1.11 19.57
N GLY J 179 -22.12 1.78 19.33
CA GLY J 179 -22.08 3.11 18.69
C GLY J 179 -21.63 4.21 19.64
N GLU J 180 -21.52 3.90 20.94
CA GLU J 180 -21.11 4.86 22.00
C GLU J 180 -19.71 4.50 22.51
N ARG J 181 -19.53 3.26 22.99
CA ARG J 181 -18.25 2.76 23.54
C ARG J 181 -17.45 2.05 22.44
N TYR J 182 -18.12 1.47 21.43
CA TYR J 182 -17.45 0.71 20.33
C TYR J 182 -17.96 1.18 18.96
N GLU J 183 -17.01 1.63 18.13
CA GLU J 183 -17.25 2.26 16.80
C GLU J 183 -17.92 1.24 15.88
N ARG J 184 -18.96 1.68 15.17
CA ARG J 184 -19.70 0.91 14.14
C ARG J 184 -19.09 1.19 12.76
N GLU J 185 -19.38 0.34 11.77
CA GLU J 185 -18.89 0.50 10.37
C GLU J 185 -19.25 1.89 9.83
N GLU J 186 -20.47 2.38 10.12
CA GLU J 186 -20.96 3.71 9.68
C GLU J 186 -20.03 4.82 10.18
N GLN J 187 -19.62 4.73 11.45
CA GLN J 187 -18.82 5.78 12.16
C GLN J 187 -17.35 5.75 11.69
N SER J 188 -16.95 4.69 10.98
CA SER J 188 -15.53 4.41 10.61
C SER J 188 -14.94 5.58 9.82
N ARG J 189 -14.01 6.31 10.44
CA ARG J 189 -13.14 7.31 9.77
C ARG J 189 -11.78 6.64 9.53
N GLY J 190 -10.98 7.17 8.60
CA GLY J 190 -9.66 6.61 8.25
C GLY J 190 -9.78 5.19 7.72
N MET J 191 -9.10 4.24 8.35
CA MET J 191 -9.09 2.82 7.91
C MET J 191 -10.38 2.12 8.35
N ILE J 192 -10.57 0.90 7.85
CA ILE J 192 -11.75 0.04 8.12
C ILE J 192 -11.86 -0.21 9.63
N TYR J 193 -13.06 -0.12 10.18
CA TYR J 193 -13.37 -0.36 11.62
C TYR J 193 -13.03 -1.81 11.96
N THR J 194 -12.87 -2.07 13.26
CA THR J 194 -12.59 -3.41 13.83
C THR J 194 -13.68 -3.73 14.86
N PHE J 195 -14.19 -4.96 14.83
CA PHE J 195 -15.09 -5.53 15.85
C PHE J 195 -15.06 -7.05 15.75
N ARG J 196 -13.96 -7.65 16.22
CA ARG J 196 -13.61 -9.05 15.90
C ARG J 196 -12.78 -9.68 17.02
N ASP J 197 -12.40 -10.95 16.82
CA ASP J 197 -11.44 -11.71 17.66
C ASP J 197 -12.02 -11.84 19.07
N PRO J 198 -13.20 -12.50 19.21
CA PRO J 198 -13.80 -12.75 20.52
C PRO J 198 -13.01 -13.82 21.28
N TRP J 199 -12.48 -13.45 22.45
CA TRP J 199 -11.65 -14.34 23.30
C TRP J 199 -12.35 -14.57 24.63
N PHE J 200 -12.77 -15.81 24.91
CA PHE J 200 -13.47 -16.18 26.17
C PHE J 200 -12.46 -16.16 27.31
N PHE J 201 -12.89 -15.70 28.48
CA PHE J 201 -12.04 -15.54 29.69
C PHE J 201 -12.88 -15.54 30.96
N GLU J 202 -12.62 -16.52 31.83
CA GLU J 202 -13.15 -16.58 33.22
C GLU J 202 -12.10 -15.97 34.15
N ASP J 203 -12.47 -14.91 34.88
CA ASP J 203 -11.60 -14.27 35.90
C ASP J 203 -11.40 -15.25 37.04
N PRO J 204 -10.17 -15.77 37.28
CA PRO J 204 -9.94 -16.76 38.33
C PRO J 204 -10.22 -16.20 39.73
N ARG J 205 -10.25 -14.87 39.87
CA ARG J 205 -10.53 -14.18 41.16
C ARG J 205 -12.04 -14.07 41.36
N SER J 206 -12.73 -13.27 40.53
CA SER J 206 -14.18 -12.99 40.69
C SER J 206 -15.01 -14.24 40.40
N GLY J 207 -14.55 -15.11 39.49
CA GLY J 207 -15.36 -16.23 38.95
C GLY J 207 -16.31 -15.75 37.87
N LYS J 208 -16.38 -14.44 37.62
CA LYS J 208 -17.25 -13.83 36.58
C LYS J 208 -16.73 -14.22 35.21
N THR J 209 -17.62 -14.32 34.22
CA THR J 209 -17.30 -14.76 32.85
C THR J 209 -17.29 -13.54 31.93
N TYR J 210 -16.22 -13.35 31.17
CA TYR J 210 -16.03 -12.20 30.25
C TYR J 210 -15.69 -12.72 28.84
N LEU J 211 -15.89 -11.86 27.85
CA LEU J 211 -15.49 -12.08 26.44
C LEU J 211 -14.78 -10.81 25.96
N LEU J 212 -13.46 -10.90 25.76
CA LEU J 212 -12.65 -9.79 25.20
C LEU J 212 -12.78 -9.81 23.67
N PHE J 213 -12.57 -8.65 23.06
CA PHE J 213 -12.59 -8.49 21.58
C PHE J 213 -11.80 -7.24 21.21
N GLU J 214 -11.36 -7.20 19.95
CA GLU J 214 -10.77 -5.99 19.33
C GLU J 214 -11.91 -5.14 18.77
N ALA J 215 -11.89 -3.84 19.08
CA ALA J 215 -12.86 -2.85 18.58
C ALA J 215 -12.13 -1.54 18.32
N ASN J 216 -12.89 -0.55 17.88
CA ASN J 216 -12.47 0.87 17.81
C ASN J 216 -13.43 1.67 18.71
N THR J 217 -12.93 2.69 19.41
CA THR J 217 -13.75 3.62 20.23
C THR J 217 -14.07 4.84 19.39
N PRO J 218 -15.36 5.17 19.16
CA PRO J 218 -15.71 6.26 18.24
C PRO J 218 -15.17 7.60 18.74
N ILE J 219 -14.60 8.38 17.83
CA ILE J 219 -14.18 9.80 18.07
C ILE J 219 -14.92 10.67 17.05
N PRO J 220 -15.85 11.54 17.50
CA PRO J 220 -16.53 12.47 16.59
C PRO J 220 -15.52 13.32 15.80
N GLU J 221 -15.86 13.69 14.55
CA GLU J 221 -14.98 14.56 13.73
C GLU J 221 -14.94 15.93 14.39
N GLY J 222 -13.75 16.52 14.45
CA GLY J 222 -13.53 17.86 15.05
C GLY J 222 -13.71 17.84 16.55
N ALA J 223 -13.80 16.64 17.17
CA ALA J 223 -13.87 16.46 18.63
C ALA J 223 -12.69 17.12 19.34
N GLY J 224 -11.54 17.25 18.65
CA GLY J 224 -10.28 17.72 19.27
C GLY J 224 -9.82 16.73 20.33
N ALA J 225 -10.32 15.48 20.28
CA ALA J 225 -10.01 14.38 21.21
C ALA J 225 -8.53 14.03 21.14
N CYS J 226 -7.83 14.58 20.14
CA CYS J 226 -6.39 14.34 19.89
C CYS J 226 -5.68 15.65 19.53
N GLY J 227 -4.36 15.71 19.71
CA GLY J 227 -3.50 16.85 19.37
C GLY J 227 -3.31 17.02 17.87
N ASP J 228 -4.01 16.22 17.06
CA ASP J 228 -4.09 16.36 15.58
C ASP J 228 -5.34 15.61 15.10
N PRO J 229 -6.29 16.27 14.40
CA PRO J 229 -7.48 15.58 13.89
C PRO J 229 -7.24 14.26 13.12
N VAL J 230 -6.16 14.15 12.36
CA VAL J 230 -5.87 12.90 11.55
C VAL J 230 -5.60 11.74 12.52
N TRP J 231 -4.87 12.00 13.59
CA TRP J 231 -4.48 10.98 14.61
C TRP J 231 -5.73 10.29 15.17
N GLU J 232 -6.86 10.99 15.26
CA GLU J 232 -8.09 10.48 15.90
C GLU J 232 -8.71 9.36 15.03
N GLU J 233 -8.25 9.16 13.78
CA GLU J 233 -8.71 8.05 12.90
C GLU J 233 -8.21 6.71 13.44
N PHE J 234 -7.09 6.74 14.19
CA PHE J 234 -6.44 5.56 14.83
C PHE J 234 -6.99 5.40 16.24
N ASN J 235 -8.11 4.69 16.34
CA ASN J 235 -8.98 4.61 17.54
C ASN J 235 -9.10 3.16 17.99
N GLY J 236 -8.02 2.37 17.92
CA GLY J 236 -8.00 0.96 18.31
C GLY J 236 -8.23 0.80 19.80
N SER J 237 -8.93 -0.27 20.21
CA SER J 237 -9.30 -0.50 21.63
C SER J 237 -9.53 -1.99 21.88
N VAL J 238 -9.32 -2.41 23.12
CA VAL J 238 -9.65 -3.78 23.60
C VAL J 238 -10.98 -3.66 24.35
N GLY J 239 -12.07 -4.11 23.71
CA GLY J 239 -13.40 -4.16 24.33
C GLY J 239 -13.57 -5.42 25.14
N ILE J 240 -14.53 -5.41 26.07
CA ILE J 240 -14.87 -6.59 26.91
C ILE J 240 -16.38 -6.58 27.13
N ALA J 241 -16.98 -7.78 27.17
CA ALA J 241 -18.40 -8.01 27.52
C ALA J 241 -18.45 -8.96 28.72
N HIS J 242 -19.54 -8.92 29.47
CA HIS J 242 -19.76 -9.73 30.70
C HIS J 242 -21.00 -10.61 30.49
N SER J 243 -20.98 -11.83 31.00
CA SER J 243 -22.16 -12.72 31.14
C SER J 243 -22.54 -12.81 32.61
N PRO J 244 -23.67 -12.18 33.02
CA PRO J 244 -24.12 -12.28 34.42
C PRO J 244 -24.42 -13.73 34.82
N THR J 245 -25.05 -14.49 33.90
CA THR J 245 -25.44 -15.91 34.06
C THR J 245 -24.23 -16.84 33.96
N GLY J 246 -23.16 -16.41 33.28
CA GLY J 246 -22.00 -17.29 32.99
C GLY J 246 -22.23 -18.15 31.76
N ASP J 247 -23.48 -18.19 31.26
CA ASP J 247 -23.84 -18.76 29.93
C ASP J 247 -22.89 -18.18 28.89
N PRO J 248 -22.12 -19.03 28.15
CA PRO J 248 -21.23 -18.53 27.09
C PRO J 248 -21.92 -17.92 25.86
N THR J 249 -23.24 -17.71 25.88
CA THR J 249 -24.03 -17.19 24.74
C THR J 249 -24.81 -15.92 25.11
N ASP J 250 -24.75 -15.48 26.37
CA ASP J 250 -25.48 -14.28 26.87
C ASP J 250 -24.46 -13.25 27.35
N TRP J 251 -24.32 -12.14 26.63
CA TRP J 251 -23.27 -11.10 26.89
C TRP J 251 -23.89 -9.71 26.95
N GLU J 252 -23.33 -8.85 27.80
CA GLU J 252 -23.65 -7.41 27.89
C GLU J 252 -22.34 -6.63 27.75
N LEU J 253 -22.32 -5.61 26.90
CA LEU J 253 -21.10 -4.80 26.63
C LEU J 253 -20.69 -4.07 27.91
N CYS J 254 -19.40 -4.04 28.21
CA CYS J 254 -18.79 -3.23 29.30
C CYS J 254 -17.92 -2.15 28.68
N ASP J 255 -17.37 -1.24 29.50
CA ASP J 255 -16.40 -0.21 29.03
C ASP J 255 -15.12 -0.90 28.59
N PRO J 256 -14.40 -0.36 27.58
CA PRO J 256 -13.21 -1.00 27.05
C PRO J 256 -12.09 -1.05 28.10
N LEU J 257 -11.28 -2.11 28.06
CA LEU J 257 -10.16 -2.35 29.01
C LEU J 257 -9.04 -1.34 28.73
N LEU J 258 -8.79 -1.04 27.46
CA LEU J 258 -7.65 -0.19 27.04
C LEU J 258 -7.95 0.45 25.70
N GLU J 259 -7.51 1.69 25.49
CA GLU J 259 -7.68 2.48 24.24
C GLU J 259 -6.32 2.86 23.69
N GLY J 260 -6.09 2.64 22.40
CA GLY J 260 -4.88 3.13 21.70
C GLY J 260 -5.21 4.29 20.79
N ILE J 261 -5.99 5.26 21.28
CA ILE J 261 -6.45 6.41 20.45
C ILE J 261 -5.25 7.32 20.22
N CYS J 262 -5.07 7.76 18.98
CA CYS J 262 -3.92 8.61 18.54
C CYS J 262 -2.65 7.77 18.41
N VAL J 263 -2.74 6.43 18.54
CA VAL J 263 -1.53 5.55 18.54
C VAL J 263 -1.68 4.45 17.50
N ASN J 264 -2.75 3.65 17.53
CA ASN J 264 -2.89 2.49 16.61
C ASN J 264 -4.37 2.20 16.33
N GLN J 265 -4.69 1.73 15.12
CA GLN J 265 -6.08 1.42 14.67
C GLN J 265 -6.41 -0.03 15.04
N GLU J 266 -5.46 -0.95 14.91
CA GLU J 266 -5.69 -2.41 15.10
C GLU J 266 -4.96 -2.90 16.35
N LEU J 267 -5.69 -3.13 17.45
CA LEU J 267 -5.20 -3.85 18.66
C LEU J 267 -5.72 -5.28 18.58
N GLU J 268 -5.04 -6.13 17.80
CA GLU J 268 -5.61 -7.41 17.31
C GLU J 268 -5.46 -8.53 18.35
N ARG J 269 -6.36 -9.52 18.25
CA ARG J 269 -6.38 -10.78 19.04
C ARG J 269 -5.99 -10.46 20.47
N PRO J 270 -6.82 -9.69 21.20
CA PRO J 270 -6.56 -9.37 22.60
C PRO J 270 -6.86 -10.59 23.45
N HIS J 271 -6.08 -10.77 24.51
CA HIS J 271 -6.19 -11.91 25.45
C HIS J 271 -5.47 -11.55 26.75
N VAL J 272 -5.89 -12.17 27.84
CA VAL J 272 -5.35 -11.91 29.21
C VAL J 272 -4.71 -13.20 29.71
N VAL J 273 -3.49 -13.09 30.23
CA VAL J 273 -2.83 -14.15 31.03
C VAL J 273 -2.72 -13.61 32.46
N VAL J 274 -3.27 -14.34 33.42
CA VAL J 274 -3.18 -14.01 34.87
C VAL J 274 -1.98 -14.77 35.43
N ARG J 275 -1.07 -14.05 36.09
CA ARG J 275 0.16 -14.66 36.67
C ARG J 275 0.37 -14.14 38.08
N ASN J 276 0.24 -15.01 39.08
CA ASN J 276 0.49 -14.68 40.52
C ASN J 276 -0.13 -13.31 40.90
N GLY J 277 -1.40 -13.06 40.57
CA GLY J 277 -2.13 -11.89 41.06
C GLY J 277 -1.97 -10.66 40.18
N PHE J 278 -1.35 -10.79 39.01
CA PHE J 278 -1.37 -9.70 38.01
C PHE J 278 -2.04 -10.17 36.72
N TYR J 279 -2.70 -9.22 36.06
CA TYR J 279 -3.40 -9.39 34.76
C TYR J 279 -2.54 -8.77 33.67
N TYR J 280 -1.99 -9.62 32.80
CA TYR J 280 -1.23 -9.20 31.60
C TYR J 280 -2.20 -9.23 30.41
N LEU J 281 -2.41 -8.08 29.78
CA LEU J 281 -3.24 -7.94 28.57
C LEU J 281 -2.32 -7.82 27.36
N PHE J 282 -2.46 -8.74 26.40
CA PHE J 282 -1.62 -8.83 25.19
C PHE J 282 -2.48 -8.55 23.95
N VAL J 283 -1.91 -7.77 23.03
CA VAL J 283 -2.51 -7.46 21.69
C VAL J 283 -1.41 -7.52 20.64
N SER J 284 -1.70 -8.13 19.50
CA SER J 284 -0.84 -8.14 18.29
C SER J 284 -1.19 -6.88 17.47
N SER J 285 -0.19 -6.21 16.88
CA SER J 285 -0.43 -4.98 16.09
C SER J 285 0.58 -4.90 14.93
N HIS J 286 0.22 -4.15 13.89
CA HIS J 286 1.03 -3.97 12.66
C HIS J 286 1.84 -2.66 12.76
N ASP J 287 2.86 -2.54 11.91
CA ASP J 287 3.65 -1.29 11.76
C ASP J 287 2.82 -0.26 10.98
N HIS J 288 2.02 -0.73 10.01
CA HIS J 288 1.25 0.12 9.07
C HIS J 288 0.00 0.68 9.77
N THR J 289 -0.39 0.13 10.93
CA THR J 289 -1.60 0.56 11.67
C THR J 289 -1.25 1.59 12.74
N PHE J 290 0.02 2.03 12.81
CA PHE J 290 0.46 3.10 13.73
C PHE J 290 0.09 4.46 13.16
N ALA J 291 -0.37 5.37 14.03
CA ALA J 291 -0.67 6.79 13.70
C ALA J 291 0.60 7.45 13.18
N PRO J 292 0.48 8.49 12.33
CA PRO J 292 1.66 9.22 11.86
C PRO J 292 2.43 9.85 13.02
N GLY J 293 3.75 9.99 12.87
CA GLY J 293 4.65 10.49 13.92
C GLY J 293 5.16 9.37 14.80
N LEU J 294 4.57 8.18 14.69
CA LEU J 294 4.96 6.97 15.48
C LEU J 294 5.52 5.91 14.55
N GLU J 295 6.57 5.22 14.99
CA GLU J 295 7.26 4.13 14.24
C GLU J 295 7.41 2.91 15.16
N GLY J 296 6.58 1.89 14.95
CA GLY J 296 6.66 0.62 15.70
C GLY J 296 6.60 -0.56 14.75
N PRO J 297 7.21 -1.72 15.09
CA PRO J 297 7.17 -2.91 14.23
C PRO J 297 5.91 -3.77 14.44
N ASP J 298 5.58 -4.59 13.44
CA ASP J 298 4.71 -5.78 13.63
C ASP J 298 5.19 -6.48 14.90
N GLY J 299 4.33 -6.62 15.91
CA GLY J 299 4.74 -7.21 17.19
C GLY J 299 3.59 -7.49 18.14
N LEU J 300 3.88 -8.24 19.20
CA LEU J 300 2.99 -8.41 20.36
C LEU J 300 3.28 -7.31 21.36
N TYR J 301 2.29 -6.49 21.67
CA TYR J 301 2.36 -5.43 22.71
C TYR J 301 1.56 -5.89 23.93
N GLY J 302 1.95 -5.40 25.10
CA GLY J 302 1.47 -5.95 26.38
C GLY J 302 1.35 -4.88 27.46
N PHE J 303 0.37 -5.07 28.33
CA PHE J 303 0.06 -4.17 29.47
C PHE J 303 -0.25 -5.01 30.68
N VAL J 304 -0.11 -4.42 31.86
CA VAL J 304 -0.25 -5.15 33.15
C VAL J 304 -1.00 -4.28 34.15
N ALA J 305 -1.85 -4.90 34.95
CA ALA J 305 -2.64 -4.26 36.02
C ALA J 305 -2.87 -5.26 37.15
N ASP J 306 -3.28 -4.77 38.32
CA ASP J 306 -3.56 -5.59 39.53
C ASP J 306 -4.98 -6.15 39.47
N SER J 307 -5.78 -5.72 38.49
CA SER J 307 -7.20 -6.14 38.31
C SER J 307 -7.50 -6.31 36.81
N LEU J 308 -8.48 -7.14 36.46
CA LEU J 308 -8.86 -7.40 35.04
C LEU J 308 -9.26 -6.08 34.38
N ARG J 309 -10.04 -5.25 35.07
CA ARG J 309 -10.56 -3.97 34.53
C ARG J 309 -9.81 -2.80 35.18
N GLY J 310 -8.52 -3.01 35.49
CA GLY J 310 -7.69 -2.06 36.25
C GLY J 310 -6.99 -1.04 35.39
N GLU J 311 -6.10 -0.26 35.99
CA GLU J 311 -5.28 0.79 35.34
C GLU J 311 -4.08 0.10 34.66
N TYR J 312 -4.31 -0.40 33.45
CA TYR J 312 -3.28 -1.07 32.62
C TYR J 312 -2.15 -0.08 32.32
N ARG J 313 -0.92 -0.53 32.49
CA ARG J 313 0.32 0.23 32.14
C ARG J 313 1.14 -0.63 31.19
N PRO J 314 1.85 -0.02 30.22
CA PRO J 314 2.55 -0.78 29.19
C PRO J 314 3.77 -1.50 29.75
N LEU J 315 3.97 -2.75 29.30
CA LEU J 315 5.18 -3.56 29.63
C LEU J 315 6.41 -2.94 28.99
N ASN J 316 7.55 -3.01 29.66
CA ASN J 316 8.87 -2.52 29.14
C ASN J 316 8.77 -1.03 28.79
N GLY J 317 7.85 -0.28 29.41
CA GLY J 317 7.72 1.19 29.26
C GLY J 317 7.00 1.60 27.99
N SER J 318 7.30 0.95 26.85
CA SER J 318 6.77 1.30 25.50
C SER J 318 5.55 0.43 25.19
N GLY J 319 5.48 -0.79 25.73
CA GLY J 319 4.40 -1.75 25.45
C GLY J 319 4.88 -2.90 24.59
N LEU J 320 5.99 -2.73 23.86
CA LEU J 320 6.54 -3.78 22.98
C LEU J 320 7.04 -4.94 23.84
N VAL J 321 6.47 -6.12 23.64
CA VAL J 321 6.81 -7.37 24.40
C VAL J 321 7.66 -8.28 23.51
N LEU J 322 7.28 -8.41 22.24
CA LEU J 322 7.85 -9.43 21.34
C LEU J 322 7.72 -8.94 19.90
N THR J 323 8.76 -9.08 19.08
CA THR J 323 8.76 -8.63 17.67
C THR J 323 9.74 -9.45 16.85
N ASN J 324 9.66 -9.29 15.53
CA ASN J 324 10.52 -9.97 14.52
C ASN J 324 11.83 -9.19 14.38
N PRO J 325 12.93 -9.84 13.96
CA PRO J 325 14.19 -9.14 13.71
C PRO J 325 14.06 -8.18 12.51
N ALA J 326 14.89 -7.14 12.49
CA ALA J 326 14.91 -6.08 11.46
C ALA J 326 15.03 -6.69 10.06
N ASN J 327 15.83 -7.74 9.90
CA ASN J 327 16.17 -8.35 8.59
C ASN J 327 15.16 -9.45 8.21
N ALA J 328 14.06 -9.61 8.95
CA ALA J 328 12.91 -10.48 8.57
C ALA J 328 11.65 -10.00 9.28
N PRO J 329 11.26 -8.73 9.08
CA PRO J 329 10.37 -8.03 10.02
C PRO J 329 8.91 -8.49 10.00
N TYR J 330 8.53 -9.34 9.03
CA TYR J 330 7.14 -9.81 8.86
C TYR J 330 7.06 -11.34 8.98
N GLN J 331 8.04 -11.97 9.63
CA GLN J 331 8.19 -13.45 9.63
C GLN J 331 7.09 -14.10 10.47
N ALA J 332 6.52 -13.39 11.45
CA ALA J 332 5.46 -13.93 12.32
C ALA J 332 4.44 -12.84 12.66
N TYR J 333 3.23 -13.26 13.02
CA TYR J 333 2.14 -12.37 13.51
C TYR J 333 1.10 -13.19 14.28
N SER J 334 0.12 -12.50 14.87
CA SER J 334 -1.08 -13.08 15.52
C SER J 334 -0.64 -13.98 16.68
N TRP J 335 0.19 -13.43 17.57
CA TRP J 335 0.73 -14.14 18.75
C TRP J 335 -0.36 -14.27 19.81
N VAL J 336 -0.42 -15.45 20.45
CA VAL J 336 -1.27 -15.76 21.64
C VAL J 336 -0.36 -16.24 22.77
N ALA J 337 -0.38 -15.55 23.90
CA ALA J 337 0.39 -15.88 25.11
C ALA J 337 -0.44 -16.80 26.01
N PHE J 338 0.21 -17.75 26.68
CA PHE J 338 -0.43 -18.72 27.61
C PHE J 338 0.62 -19.20 28.63
N SER J 339 0.20 -19.44 29.86
CA SER J 339 1.08 -19.75 31.02
C SER J 339 1.48 -21.23 31.01
N HIS J 340 2.76 -21.49 31.25
CA HIS J 340 3.32 -22.85 31.45
C HIS J 340 4.25 -22.83 32.68
N ARG J 341 3.71 -23.23 33.83
CA ARG J 341 4.45 -23.38 35.12
C ARG J 341 4.95 -22.02 35.61
N GLU J 342 6.17 -21.66 35.24
CA GLU J 342 6.84 -20.41 35.68
C GLU J 342 7.06 -19.49 34.47
N GLU J 343 6.88 -20.03 33.26
CA GLU J 343 7.18 -19.34 31.99
C GLU J 343 5.89 -18.85 31.34
N LEU J 344 6.03 -17.96 30.35
CA LEU J 344 4.98 -17.58 29.39
C LEU J 344 5.40 -18.11 28.02
N LEU J 345 4.54 -18.90 27.37
CA LEU J 345 4.73 -19.38 25.99
C LEU J 345 3.87 -18.52 25.06
N VAL J 346 4.37 -18.28 23.86
CA VAL J 346 3.74 -17.36 22.85
C VAL J 346 3.78 -18.06 21.50
N SER J 347 2.61 -18.35 20.93
CA SER J 347 2.45 -19.02 19.61
C SER J 347 1.85 -18.06 18.59
N GLY J 348 2.64 -17.66 17.60
CA GLY J 348 2.16 -16.96 16.39
C GLY J 348 2.10 -17.92 15.22
N PHE J 349 1.97 -17.38 14.01
CA PHE J 349 2.01 -18.17 12.75
C PHE J 349 3.13 -17.61 11.88
N PHE J 350 3.66 -18.45 10.97
CA PHE J 350 4.80 -18.13 10.09
C PHE J 350 4.26 -17.35 8.88
N ASN J 351 4.55 -16.06 8.83
CA ASN J 351 3.83 -15.08 7.96
C ASN J 351 4.58 -14.87 6.64
N TYR J 352 5.53 -13.93 6.59
CA TYR J 352 6.19 -13.48 5.33
C TYR J 352 7.71 -13.44 5.53
N TYR J 353 8.45 -14.19 4.72
CA TYR J 353 9.92 -14.34 4.87
C TYR J 353 10.60 -14.22 3.51
N ASP J 354 11.92 -14.00 3.52
CA ASP J 354 12.79 -14.00 2.32
C ASP J 354 12.35 -12.86 1.40
N LEU J 355 11.96 -11.71 1.95
CA LEU J 355 11.49 -10.54 1.18
C LEU J 355 12.69 -9.85 0.51
N GLY J 356 13.88 -9.98 1.10
CA GLY J 356 15.13 -9.38 0.60
C GLY J 356 15.15 -7.86 0.75
N GLY J 357 14.11 -7.28 1.35
CA GLY J 357 13.99 -5.82 1.56
C GLY J 357 12.62 -5.28 1.20
N LEU J 358 11.82 -6.04 0.45
CA LEU J 358 10.49 -5.62 -0.08
C LEU J 358 9.54 -5.27 1.08
N THR J 359 8.69 -4.27 0.90
CA THR J 359 7.56 -3.94 1.81
C THR J 359 6.38 -4.84 1.46
N LEU J 360 5.36 -4.89 2.31
CA LEU J 360 4.22 -5.83 2.17
C LEU J 360 3.45 -5.48 0.89
N ASP J 361 3.27 -4.20 0.60
CA ASP J 361 2.56 -3.71 -0.59
C ASP J 361 3.32 -4.18 -1.85
N ASP J 362 4.66 -4.23 -1.78
CA ASP J 362 5.55 -4.66 -2.89
C ASP J 362 5.36 -6.15 -3.18
N VAL J 363 5.01 -6.94 -2.17
CA VAL J 363 4.86 -8.43 -2.33
C VAL J 363 3.74 -8.70 -3.35
N ALA J 364 2.66 -7.95 -3.28
CA ALA J 364 1.49 -8.04 -4.20
C ALA J 364 1.92 -7.93 -5.67
N THR J 365 3.06 -7.29 -5.95
CA THR J 365 3.60 -7.10 -7.32
C THR J 365 4.02 -8.44 -7.93
N LEU J 366 4.63 -9.30 -7.12
CA LEU J 366 5.36 -10.53 -7.56
C LEU J 366 4.40 -11.51 -8.24
N SER J 367 4.95 -12.42 -9.04
CA SER J 367 4.19 -13.52 -9.71
C SER J 367 3.48 -14.35 -8.65
N PRO J 368 2.34 -15.01 -8.98
CA PRO J 368 1.66 -15.85 -8.02
C PRO J 368 2.58 -16.87 -7.33
N ASP J 369 3.44 -17.56 -8.10
CA ASP J 369 4.41 -18.55 -7.57
C ASP J 369 5.36 -17.86 -6.57
N GLU J 370 5.88 -16.69 -6.93
CA GLU J 370 6.87 -15.94 -6.10
C GLU J 370 6.18 -15.45 -4.81
N GLN J 371 4.86 -15.22 -4.83
CA GLN J 371 4.10 -14.78 -3.62
C GLN J 371 3.88 -15.97 -2.69
N ARG J 372 3.41 -17.10 -3.22
CA ARG J 372 3.21 -18.34 -2.42
C ARG J 372 4.54 -18.80 -1.80
N ALA J 373 5.66 -18.60 -2.48
CA ALA J 373 6.99 -19.09 -2.03
C ALA J 373 7.49 -18.29 -0.80
N LYS J 374 6.83 -17.17 -0.48
CA LYS J 374 7.29 -16.17 0.53
C LYS J 374 6.32 -16.14 1.70
N PHE J 375 5.44 -17.13 1.80
CA PHE J 375 4.41 -17.26 2.85
C PHE J 375 4.51 -18.66 3.47
N GLY J 376 4.71 -18.70 4.79
CA GLY J 376 4.78 -19.94 5.58
C GLY J 376 3.44 -20.66 5.55
N GLY J 377 2.46 -20.12 6.28
CA GLY J 377 1.12 -20.72 6.42
C GLY J 377 1.16 -21.92 7.35
N THR J 378 2.03 -21.86 8.38
CA THR J 378 2.15 -22.88 9.44
C THR J 378 2.30 -22.17 10.78
N LEU J 379 2.44 -22.93 11.87
CA LEU J 379 2.72 -22.35 13.20
C LEU J 379 4.20 -21.99 13.29
N ALA J 380 4.48 -20.82 13.88
CA ALA J 380 5.83 -20.31 14.19
C ALA J 380 6.38 -21.10 15.38
N PRO J 381 7.72 -21.22 15.52
CA PRO J 381 8.33 -21.79 16.71
C PRO J 381 7.88 -21.02 17.96
N THR J 382 7.22 -21.71 18.91
CA THR J 382 6.57 -21.03 20.06
C THR J 382 7.68 -20.50 20.96
N VAL J 383 7.57 -19.23 21.33
CA VAL J 383 8.61 -18.47 22.05
C VAL J 383 8.40 -18.69 23.55
N ARG J 384 9.49 -18.88 24.28
CA ARG J 384 9.49 -18.93 25.76
C ARG J 384 9.93 -17.56 26.25
N VAL J 385 9.10 -16.91 27.07
CA VAL J 385 9.41 -15.59 27.68
C VAL J 385 9.23 -15.71 29.19
N ALA J 386 9.89 -14.82 29.93
CA ALA J 386 9.84 -14.70 31.40
C ALA J 386 9.30 -13.32 31.76
N LEU J 387 8.20 -13.29 32.52
CA LEU J 387 7.58 -12.04 33.04
C LEU J 387 8.19 -11.70 34.40
N SER J 388 8.42 -10.42 34.65
CA SER J 388 9.09 -9.88 35.86
C SER J 388 8.43 -8.57 36.26
N GLY J 389 7.17 -8.61 36.67
CA GLY J 389 6.38 -7.40 36.94
C GLY J 389 5.95 -6.74 35.64
N ASP J 390 6.40 -5.52 35.37
CA ASP J 390 6.07 -4.77 34.14
C ASP J 390 7.18 -4.94 33.10
N ARG J 391 8.05 -5.95 33.27
CA ARG J 391 9.22 -6.21 32.38
C ARG J 391 9.12 -7.63 31.83
N THR J 392 9.50 -7.82 30.56
CA THR J 392 9.53 -9.15 29.88
C THR J 392 10.91 -9.39 29.28
N ARG J 393 11.22 -10.65 28.97
CA ARG J 393 12.50 -11.09 28.37
C ARG J 393 12.27 -12.40 27.62
N ILE J 394 12.67 -12.46 26.35
CA ILE J 394 12.71 -13.70 25.53
C ILE J 394 13.77 -14.62 26.13
N THR J 395 13.42 -15.87 26.45
CA THR J 395 14.33 -16.84 27.11
C THR J 395 14.75 -17.92 26.10
N GLY J 396 13.93 -18.20 25.09
CA GLY J 396 14.28 -19.18 24.04
C GLY J 396 13.08 -19.51 23.17
N THR J 397 13.15 -20.62 22.45
CA THR J 397 12.05 -21.10 21.58
C THR J 397 11.91 -22.61 21.69
N LEU J 398 10.81 -23.15 21.17
CA LEU J 398 10.55 -24.60 21.03
C LEU J 398 10.37 -24.92 19.55
N SER J 399 10.04 -26.17 19.22
CA SER J 399 9.71 -26.61 17.84
C SER J 399 8.54 -25.77 17.31
N HIS J 400 8.35 -25.79 15.99
CA HIS J 400 7.25 -25.09 15.28
C HIS J 400 5.92 -25.50 15.91
N GLY J 401 5.13 -24.51 16.35
CA GLY J 401 3.77 -24.72 16.89
C GLY J 401 3.73 -25.81 17.95
N ARG J 402 4.67 -25.80 18.89
CA ARG J 402 4.57 -26.70 20.07
C ARG J 402 3.68 -26.03 21.10
N ILE J 403 2.52 -26.62 21.40
CA ILE J 403 1.61 -26.15 22.49
C ILE J 403 1.61 -27.22 23.59
N PRO J 404 2.48 -27.10 24.61
CA PRO J 404 2.55 -28.08 25.68
C PRO J 404 1.56 -27.81 26.83
N LEU J 405 1.20 -28.87 27.56
CA LEU J 405 0.45 -28.80 28.83
C LEU J 405 1.44 -28.48 29.96
N GLU J 406 0.92 -28.05 31.11
CA GLU J 406 1.73 -27.74 32.31
C GLU J 406 2.37 -29.03 32.85
N SER J 407 1.77 -30.18 32.54
CA SER J 407 2.24 -31.53 32.93
C SER J 407 3.54 -31.91 32.20
N GLU J 408 3.98 -31.12 31.21
CA GLU J 408 5.12 -31.48 30.33
C GLU J 408 6.33 -30.60 30.63
N GLU J 409 7.50 -31.22 30.79
CA GLU J 409 8.79 -30.54 31.13
C GLU J 409 9.42 -30.04 29.83
N LEU J 410 9.82 -28.77 29.78
CA LEU J 410 10.46 -28.17 28.58
C LEU J 410 11.98 -28.18 28.77
N PRO J 411 12.75 -28.20 27.66
CA PRO J 411 14.22 -28.17 27.75
C PRO J 411 14.78 -26.96 28.50
N ASP J 412 15.91 -27.11 29.21
CA ASP J 412 16.53 -26.01 29.99
C ASP J 412 17.50 -25.27 29.07
N LEU J 413 18.08 -24.15 29.54
CA LEU J 413 19.27 -23.49 28.94
C LEU J 413 20.27 -23.20 30.07
#